data_8CFZ
#
_entry.id   8CFZ
#
_cell.length_a   111.073
_cell.length_b   210.799
_cell.length_c   111.501
_cell.angle_alpha   90.000
_cell.angle_beta   105.835
_cell.angle_gamma   90.000
#
_symmetry.space_group_name_H-M   'P 1 21 1'
#
loop_
_entity.id
_entity.type
_entity.pdbx_description
1 polymer Adenosylhomocysteinase
2 non-polymer NICOTINAMIDE-ADENINE-DINUCLEOTIDE
3 non-polymer ADENINE
4 non-polymer 'PHOSPHATE ION'
5 non-polymer 'POTASSIUM ION'
6 non-polymer 1-[2,4-bis(fluoranyl)phenyl]-2-(3,4-dihydro-1,2,4-triazol-2-yl)ethanone
7 non-polymer GLYCEROL
8 water water
#
_entity_poly.entity_id   1
_entity_poly.type   'polypeptide(L)'
_entity_poly.pdbx_seq_one_letter_code
;SNAMSAVMTPAGFTDYKVADITLAAWGRRELIIAESEMPALMGLRRKYAGQQPLKGAKILGCIHMTIQTGVLIETLVALG
AEVRWSSCNIFSTQDQAAAAIAAAGIPVFAWKGETEEEYEWCIEQTILKDGQPWDANMVLDDGGDLTEILHKKYPQMLER
IHGITEETTTGVHRLLDMLKNGTLKVPAINVNDSVTKSKNDNKYGCRHSLNDAIKRGTDHLLSGKQALVIGYGDVGKGSS
QSLRQEGMIVKVAEVDPICAMQACMDGFEVVSPYKNGINDGTEASIDAALLGKIDLIVTTTGNVNVCDANMLKALKKRAV
VCNIGHFDNEIDTAFMRKNWAWEEVKPQVHKIHRTGKDGFDAHNDDYLILLAEGRLVNLGNATGHPSRIMDGSFANQVLA
QIHLFEQKYADLPAAEKAKRLSVEVLPKKLDEEVALEMVKGFGGVVTQLTPKQAEYIGVSVEGPFKPDTYRY
;
_entity_poly.pdbx_strand_id   A,B,C,D,H,I,J,K
#
# COMPACT_ATOMS: atom_id res chain seq x y z
N THR A 9 18.25 -46.00 -23.20
CA THR A 9 18.01 -47.35 -23.73
C THR A 9 19.06 -48.36 -23.27
N PRO A 10 18.62 -49.47 -22.65
CA PRO A 10 19.58 -50.47 -22.17
C PRO A 10 20.43 -51.02 -23.32
N ALA A 11 21.67 -51.40 -22.99
CA ALA A 11 22.64 -51.83 -23.98
C ALA A 11 22.19 -53.12 -24.64
N GLY A 12 22.15 -53.12 -25.98
CA GLY A 12 21.68 -54.27 -26.73
C GLY A 12 20.17 -54.34 -26.98
N PHE A 13 19.38 -53.40 -26.45
CA PHE A 13 17.92 -53.51 -26.58
C PHE A 13 17.50 -52.98 -27.94
N THR A 14 16.98 -53.88 -28.79
CA THR A 14 16.45 -53.54 -30.10
C THR A 14 15.03 -54.10 -30.33
N ASP A 15 14.36 -54.59 -29.28
CA ASP A 15 13.07 -55.29 -29.42
C ASP A 15 11.91 -54.29 -29.35
N TYR A 16 11.85 -53.42 -30.36
CA TYR A 16 10.83 -52.36 -30.37
C TYR A 16 10.85 -51.73 -31.77
N LYS A 17 9.86 -50.88 -32.05
CA LYS A 17 9.92 -50.07 -33.28
C LYS A 17 9.10 -48.82 -33.05
N VAL A 18 9.76 -47.67 -33.04
CA VAL A 18 9.08 -46.40 -32.77
C VAL A 18 9.59 -45.38 -33.79
N ALA A 19 8.90 -44.22 -33.84
CA ALA A 19 9.27 -43.17 -34.80
C ALA A 19 10.67 -42.67 -34.57
N ASP A 20 11.01 -42.36 -33.32
CA ASP A 20 12.26 -41.65 -33.04
C ASP A 20 12.60 -41.83 -31.55
N ILE A 21 13.54 -42.73 -31.27
CA ILE A 21 13.99 -43.03 -29.90
C ILE A 21 14.56 -41.79 -29.18
N THR A 22 15.08 -40.81 -29.91
CA THR A 22 15.64 -39.65 -29.25
C THR A 22 14.55 -38.80 -28.60
N LEU A 23 13.26 -39.12 -28.83
CA LEU A 23 12.21 -38.38 -28.12
C LEU A 23 12.00 -38.89 -26.69
N ALA A 24 12.83 -39.81 -26.20
CA ALA A 24 12.53 -40.51 -24.95
C ALA A 24 12.62 -39.59 -23.76
N ALA A 25 13.68 -38.75 -23.68
CA ALA A 25 13.80 -37.83 -22.54
C ALA A 25 12.55 -36.95 -22.41
N TRP A 26 12.06 -36.42 -23.53
CA TRP A 26 10.84 -35.62 -23.52
C TRP A 26 9.68 -36.43 -22.97
N GLY A 27 9.47 -37.63 -23.54
CA GLY A 27 8.42 -38.52 -23.01
C GLY A 27 8.53 -38.75 -21.52
N ARG A 28 9.75 -39.05 -21.03
CA ARG A 28 9.91 -39.28 -19.59
C ARG A 28 9.50 -38.05 -18.76
N ARG A 29 9.80 -36.83 -19.26
CA ARG A 29 9.39 -35.65 -18.50
C ARG A 29 7.88 -35.58 -18.44
N GLU A 30 7.22 -35.91 -19.54
CA GLU A 30 5.76 -35.93 -19.55
C GLU A 30 5.18 -37.08 -18.73
N LEU A 31 5.83 -38.23 -18.72
CA LEU A 31 5.40 -39.30 -17.82
C LEU A 31 5.44 -38.86 -16.35
N ILE A 32 6.50 -38.17 -15.93
CA ILE A 32 6.61 -37.73 -14.54
C ILE A 32 5.51 -36.72 -14.20
N ILE A 33 5.17 -35.82 -15.13
CA ILE A 33 4.02 -34.93 -14.90
C ILE A 33 2.72 -35.76 -14.81
N ALA A 34 2.57 -36.73 -15.71
CA ALA A 34 1.32 -37.49 -15.73
C ALA A 34 1.15 -38.30 -14.44
N GLU A 35 2.24 -38.83 -13.88
CA GLU A 35 2.12 -39.50 -12.59
C GLU A 35 1.47 -38.60 -11.53
N SER A 36 1.76 -37.30 -11.55
CA SER A 36 1.18 -36.45 -10.52
C SER A 36 -0.27 -36.16 -10.84
N GLU A 37 -0.73 -36.49 -12.06
CA GLU A 37 -2.13 -36.26 -12.41
C GLU A 37 -2.97 -37.54 -12.30
N MET A 38 -2.36 -38.65 -11.86
CA MET A 38 -3.03 -39.97 -11.88
C MET A 38 -2.95 -40.60 -10.51
N PRO A 39 -3.64 -40.03 -9.51
CA PRO A 39 -3.46 -40.55 -8.14
C PRO A 39 -4.01 -41.95 -7.91
N ALA A 40 -5.11 -42.32 -8.58
CA ALA A 40 -5.66 -43.67 -8.37
C ALA A 40 -4.67 -44.71 -8.88
N LEU A 41 -4.17 -44.48 -10.10
CA LEU A 41 -3.21 -45.40 -10.67
C LEU A 41 -1.92 -45.42 -9.87
N MET A 42 -1.41 -44.24 -9.49
N MET A 42 -1.40 -44.25 -9.47
CA MET A 42 -0.23 -44.18 -8.63
CA MET A 42 -0.19 -44.25 -8.66
C MET A 42 -0.49 -44.88 -7.29
C MET A 42 -0.44 -44.77 -7.22
N GLY A 43 -1.68 -44.66 -6.72
CA GLY A 43 -2.01 -45.28 -5.45
C GLY A 43 -1.97 -46.79 -5.52
N LEU A 44 -2.38 -47.37 -6.66
CA LEU A 44 -2.24 -48.83 -6.81
C LEU A 44 -0.77 -49.24 -6.90
N ARG A 45 0.02 -48.52 -7.70
CA ARG A 45 1.46 -48.75 -7.75
C ARG A 45 2.04 -48.79 -6.34
N ARG A 46 1.69 -47.80 -5.51
CA ARG A 46 2.20 -47.80 -4.13
C ARG A 46 1.60 -48.94 -3.28
N LYS A 47 0.32 -49.25 -3.47
CA LYS A 47 -0.30 -50.24 -2.57
C LYS A 47 0.21 -51.66 -2.85
N TYR A 48 0.46 -52.01 -4.12
CA TYR A 48 0.70 -53.39 -4.51
C TYR A 48 2.14 -53.69 -4.89
N ALA A 49 3.03 -52.71 -4.81
CA ALA A 49 4.41 -52.90 -5.24
C ALA A 49 5.10 -54.02 -4.45
N GLY A 50 4.97 -53.98 -3.12
CA GLY A 50 5.65 -54.99 -2.34
C GLY A 50 5.05 -56.37 -2.47
N GLN A 51 3.81 -56.46 -2.92
CA GLN A 51 3.16 -57.75 -3.06
C GLN A 51 3.42 -58.39 -4.43
N GLN A 52 3.86 -57.61 -5.42
CA GLN A 52 4.08 -58.10 -6.78
C GLN A 52 2.97 -59.02 -7.32
N PRO A 53 1.71 -58.56 -7.30
CA PRO A 53 0.62 -59.47 -7.70
C PRO A 53 0.66 -59.90 -9.19
N LEU A 54 1.43 -59.24 -10.08
CA LEU A 54 1.49 -59.64 -11.48
C LEU A 54 2.81 -60.33 -11.83
N LYS A 55 3.51 -60.82 -10.82
CA LYS A 55 4.73 -61.57 -11.05
C LYS A 55 4.39 -62.86 -11.79
N GLY A 56 4.99 -63.06 -12.95
CA GLY A 56 4.65 -64.17 -13.81
C GLY A 56 3.68 -63.81 -14.92
N ALA A 57 2.99 -62.67 -14.81
CA ALA A 57 2.10 -62.28 -15.87
C ALA A 57 2.89 -61.85 -17.10
N LYS A 58 2.39 -62.21 -18.28
CA LYS A 58 2.99 -61.82 -19.55
C LYS A 58 1.84 -61.30 -20.42
N ILE A 59 1.74 -59.97 -20.51
CA ILE A 59 0.56 -59.30 -21.04
C ILE A 59 0.82 -58.82 -22.44
N LEU A 60 -0.02 -59.25 -23.36
CA LEU A 60 -0.09 -58.59 -24.66
C LEU A 60 -1.02 -57.40 -24.48
N GLY A 61 -0.52 -56.19 -24.77
CA GLY A 61 -1.31 -54.97 -24.66
C GLY A 61 -1.49 -54.32 -26.03
N CYS A 62 -2.74 -53.95 -26.33
CA CYS A 62 -3.05 -53.22 -27.57
C CYS A 62 -3.96 -52.04 -27.23
N ILE A 63 -3.37 -50.86 -27.03
CA ILE A 63 -4.18 -49.66 -26.74
C ILE A 63 -3.31 -48.45 -27.02
N HIS A 64 -3.93 -47.43 -27.62
CA HIS A 64 -3.34 -46.13 -27.98
C HIS A 64 -2.10 -45.84 -27.14
N MET A 65 -0.94 -45.71 -27.78
CA MET A 65 0.35 -45.57 -27.08
C MET A 65 0.60 -44.10 -26.74
N THR A 66 -0.21 -43.57 -25.79
CA THR A 66 -0.12 -42.21 -25.28
C THR A 66 0.70 -42.18 -23.99
N ILE A 67 0.97 -40.96 -23.52
CA ILE A 67 1.58 -40.78 -22.21
C ILE A 67 0.76 -41.48 -21.13
N GLN A 68 -0.58 -41.37 -21.20
CA GLN A 68 -1.43 -42.02 -20.20
C GLN A 68 -1.23 -43.54 -20.20
N THR A 69 -1.21 -44.14 -21.39
CA THR A 69 -0.90 -45.56 -21.51
C THR A 69 0.47 -45.89 -20.98
N GLY A 70 1.45 -44.97 -21.15
CA GLY A 70 2.75 -45.24 -20.57
C GLY A 70 2.70 -45.41 -19.07
N VAL A 71 1.94 -44.55 -18.37
CA VAL A 71 1.83 -44.72 -16.93
C VAL A 71 1.14 -46.04 -16.59
N LEU A 72 0.16 -46.46 -17.42
CA LEU A 72 -0.46 -47.77 -17.19
C LEU A 72 0.59 -48.90 -17.37
N ILE A 73 1.30 -48.88 -18.52
CA ILE A 73 2.31 -49.91 -18.78
C ILE A 73 3.26 -50.01 -17.59
N GLU A 74 3.84 -48.86 -17.20
CA GLU A 74 4.83 -48.89 -16.11
C GLU A 74 4.20 -49.29 -14.78
N THR A 75 2.89 -49.08 -14.59
CA THR A 75 2.30 -49.60 -13.35
C THR A 75 2.22 -51.12 -13.38
N LEU A 76 1.83 -51.68 -14.52
CA LEU A 76 1.79 -53.15 -14.62
C LEU A 76 3.18 -53.73 -14.40
N VAL A 77 4.19 -53.11 -15.04
CA VAL A 77 5.57 -53.64 -14.87
C VAL A 77 6.00 -53.50 -13.42
N ALA A 78 5.66 -52.35 -12.80
CA ALA A 78 6.03 -52.15 -11.40
C ALA A 78 5.42 -53.18 -10.49
N LEU A 79 4.33 -53.83 -10.93
CA LEU A 79 3.62 -54.84 -10.15
C LEU A 79 4.06 -56.27 -10.47
N GLY A 80 5.03 -56.42 -11.37
CA GLY A 80 5.66 -57.72 -11.65
C GLY A 80 5.52 -58.14 -13.10
N ALA A 81 4.64 -57.54 -13.89
CA ALA A 81 4.31 -58.06 -15.22
C ALA A 81 5.45 -57.84 -16.23
N GLU A 82 5.54 -58.76 -17.18
CA GLU A 82 6.17 -58.40 -18.44
C GLU A 82 5.08 -58.09 -19.44
N VAL A 83 5.41 -57.25 -20.45
CA VAL A 83 4.44 -56.83 -21.44
C VAL A 83 5.10 -56.73 -22.82
N ARG A 84 4.26 -56.83 -23.86
CA ARG A 84 4.59 -56.44 -25.23
C ARG A 84 3.44 -55.59 -25.77
N TRP A 85 3.74 -54.39 -26.30
CA TRP A 85 2.71 -53.39 -26.52
C TRP A 85 2.62 -52.93 -27.96
N SER A 86 1.38 -52.57 -28.38
CA SER A 86 1.11 -51.90 -29.65
C SER A 86 -0.02 -50.93 -29.40
N SER A 87 -0.17 -49.96 -30.32
CA SER A 87 -1.36 -49.10 -30.33
C SER A 87 -2.55 -49.79 -31.00
N CYS A 88 -3.78 -49.41 -30.59
CA CYS A 88 -4.97 -49.94 -31.26
C CYS A 88 -5.51 -48.96 -32.32
N ASN A 89 -4.71 -47.94 -32.69
CA ASN A 89 -5.14 -47.04 -33.76
C ASN A 89 -3.90 -46.50 -34.50
N ILE A 90 -4.05 -46.32 -35.81
CA ILE A 90 -2.90 -45.90 -36.60
C ILE A 90 -2.46 -44.47 -36.34
N PHE A 91 -3.34 -43.58 -35.76
CA PHE A 91 -2.95 -42.20 -35.52
C PHE A 91 -2.88 -41.82 -34.03
N SER A 92 -3.13 -42.75 -33.08
CA SER A 92 -3.29 -42.33 -31.68
C SER A 92 -1.99 -42.31 -30.91
N THR A 93 -0.92 -42.89 -31.42
CA THR A 93 0.32 -42.88 -30.66
C THR A 93 0.85 -41.45 -30.46
N GLN A 94 1.38 -41.16 -29.26
CA GLN A 94 2.29 -40.03 -29.06
C GLN A 94 3.74 -40.54 -29.15
N ASP A 95 4.46 -40.08 -30.18
CA ASP A 95 5.77 -40.69 -30.40
C ASP A 95 6.73 -40.54 -29.21
N GLN A 96 6.58 -39.49 -28.39
CA GLN A 96 7.50 -39.39 -27.25
C GLN A 96 7.15 -40.39 -26.14
N ALA A 97 5.85 -40.70 -25.97
CA ALA A 97 5.45 -41.77 -25.05
C ALA A 97 6.04 -43.11 -25.49
N ALA A 98 5.85 -43.46 -26.77
CA ALA A 98 6.42 -44.73 -27.27
C ALA A 98 7.94 -44.78 -27.07
N ALA A 99 8.64 -43.69 -27.35
CA ALA A 99 10.10 -43.68 -27.20
C ALA A 99 10.49 -43.88 -25.74
N ALA A 100 9.75 -43.25 -24.81
CA ALA A 100 10.11 -43.39 -23.41
C ALA A 100 9.95 -44.83 -22.97
N ILE A 101 8.90 -45.51 -23.46
CA ILE A 101 8.66 -46.88 -23.07
C ILE A 101 9.74 -47.78 -23.69
N ALA A 102 10.01 -47.60 -24.99
CA ALA A 102 11.09 -48.38 -25.61
C ALA A 102 12.41 -48.16 -24.89
N ALA A 103 12.62 -46.93 -24.39
CA ALA A 103 13.92 -46.63 -23.80
C ALA A 103 14.03 -47.19 -22.40
N ALA A 104 12.90 -47.52 -21.76
CA ALA A 104 12.89 -48.25 -20.49
C ALA A 104 13.13 -49.76 -20.68
N GLY A 105 13.42 -50.21 -21.91
CA GLY A 105 13.59 -51.63 -22.16
C GLY A 105 12.30 -52.41 -22.30
N ILE A 106 11.20 -51.78 -22.69
CA ILE A 106 9.91 -52.45 -22.78
C ILE A 106 9.54 -52.59 -24.25
N PRO A 107 9.19 -53.78 -24.72
CA PRO A 107 8.87 -53.94 -26.17
C PRO A 107 7.60 -53.21 -26.54
N VAL A 108 7.72 -52.26 -27.46
CA VAL A 108 6.59 -51.47 -27.95
C VAL A 108 6.77 -51.29 -29.45
N PHE A 109 5.67 -51.40 -30.19
CA PHE A 109 5.66 -51.28 -31.65
C PHE A 109 4.53 -50.33 -32.01
N ALA A 110 4.90 -49.06 -32.21
CA ALA A 110 3.84 -48.06 -32.31
C ALA A 110 4.45 -46.74 -32.78
N TRP A 111 3.78 -46.07 -33.71
CA TRP A 111 4.12 -44.70 -34.04
C TRP A 111 2.90 -44.01 -34.61
N LYS A 112 2.93 -42.67 -34.60
CA LYS A 112 1.80 -41.90 -35.15
C LYS A 112 1.88 -41.93 -36.68
N GLY A 113 0.78 -42.29 -37.33
CA GLY A 113 0.78 -42.31 -38.79
C GLY A 113 1.15 -43.62 -39.45
N GLU A 114 0.84 -44.76 -38.82
CA GLU A 114 1.03 -46.07 -39.43
C GLU A 114 0.11 -46.25 -40.65
N THR A 115 0.52 -47.12 -41.60
CA THR A 115 -0.42 -47.66 -42.56
C THR A 115 -1.19 -48.84 -41.95
N GLU A 116 -2.22 -49.34 -42.65
CA GLU A 116 -2.94 -50.51 -42.13
C GLU A 116 -2.01 -51.71 -42.06
N GLU A 117 -1.11 -51.85 -43.05
CA GLU A 117 -0.18 -52.97 -43.04
C GLU A 117 0.75 -52.89 -41.84
N GLU A 118 1.27 -51.70 -41.55
CA GLU A 118 2.13 -51.49 -40.39
C GLU A 118 1.39 -51.74 -39.10
N TYR A 119 0.15 -51.24 -39.00
CA TYR A 119 -0.71 -51.50 -37.85
C TYR A 119 -0.77 -53.00 -37.51
N GLU A 120 -1.07 -53.84 -38.49
CA GLU A 120 -1.16 -55.29 -38.24
C GLU A 120 0.22 -55.87 -37.90
N TRP A 121 1.25 -55.43 -38.62
CA TRP A 121 2.60 -55.86 -38.29
C TRP A 121 2.93 -55.59 -36.82
N CYS A 122 2.54 -54.42 -36.31
CA CYS A 122 2.87 -54.06 -34.93
C CYS A 122 2.22 -55.02 -33.94
N ILE A 123 0.93 -55.32 -34.14
CA ILE A 123 0.24 -56.25 -33.24
C ILE A 123 0.94 -57.60 -33.28
N GLU A 124 1.32 -58.04 -34.50
CA GLU A 124 2.00 -59.33 -34.66
C GLU A 124 3.37 -59.33 -34.00
N GLN A 125 4.04 -58.16 -33.96
CA GLN A 125 5.33 -58.11 -33.25
C GLN A 125 5.13 -58.27 -31.74
N THR A 126 3.95 -57.87 -31.20
CA THR A 126 3.71 -58.20 -29.79
C THR A 126 3.49 -59.70 -29.61
N ILE A 127 2.72 -60.31 -30.53
CA ILE A 127 2.38 -61.74 -30.44
C ILE A 127 3.60 -62.63 -30.67
N LEU A 128 4.44 -62.28 -31.64
CA LEU A 128 5.58 -63.10 -32.01
C LEU A 128 6.84 -62.50 -31.41
N LYS A 129 7.58 -63.29 -30.64
CA LYS A 129 8.91 -62.88 -30.19
C LYS A 129 9.94 -63.78 -30.86
N ASP A 130 10.82 -63.16 -31.64
CA ASP A 130 11.85 -63.92 -32.36
C ASP A 130 11.22 -64.94 -33.30
N GLY A 131 10.11 -64.56 -33.93
CA GLY A 131 9.47 -65.36 -34.95
C GLY A 131 8.60 -66.49 -34.45
N GLN A 132 8.45 -66.63 -33.14
CA GLN A 132 7.65 -67.67 -32.53
C GLN A 132 6.70 -67.02 -31.53
N PRO A 133 5.53 -67.61 -31.26
CA PRO A 133 4.59 -67.01 -30.29
C PRO A 133 5.27 -66.80 -28.93
N TRP A 134 5.16 -65.58 -28.41
CA TRP A 134 5.56 -65.30 -27.04
C TRP A 134 4.71 -66.14 -26.07
N ASP A 135 5.23 -66.40 -24.87
CA ASP A 135 4.48 -67.15 -23.87
C ASP A 135 3.56 -66.25 -23.05
N ALA A 136 2.70 -65.54 -23.79
CA ALA A 136 1.70 -64.64 -23.20
C ALA A 136 0.71 -65.41 -22.34
N ASN A 137 0.22 -64.77 -21.27
CA ASN A 137 -0.81 -65.42 -20.46
C ASN A 137 -1.89 -64.42 -20.03
N MET A 138 -1.85 -63.19 -20.56
CA MET A 138 -2.85 -62.17 -20.26
C MET A 138 -2.98 -61.25 -21.48
N VAL A 139 -4.15 -60.64 -21.61
CA VAL A 139 -4.39 -59.72 -22.72
C VAL A 139 -5.06 -58.45 -22.19
N LEU A 140 -4.57 -57.30 -22.62
CA LEU A 140 -5.27 -56.04 -22.37
C LEU A 140 -5.57 -55.43 -23.74
N ASP A 141 -6.85 -55.12 -24.01
CA ASP A 141 -7.23 -54.74 -25.37
C ASP A 141 -8.12 -53.50 -25.33
N ASP A 142 -8.14 -52.79 -26.43
CA ASP A 142 -9.01 -51.64 -26.57
C ASP A 142 -9.59 -51.73 -27.98
N GLY A 143 -10.81 -52.26 -28.10
CA GLY A 143 -11.48 -52.37 -29.38
C GLY A 143 -11.60 -53.79 -29.94
N GLY A 144 -10.85 -54.76 -29.41
CA GLY A 144 -11.06 -56.13 -29.83
C GLY A 144 -10.18 -56.62 -30.98
N ASP A 145 -9.32 -55.77 -31.57
CA ASP A 145 -8.50 -56.23 -32.71
C ASP A 145 -7.49 -57.29 -32.29
N LEU A 146 -6.79 -57.07 -31.18
CA LEU A 146 -5.84 -58.06 -30.69
C LEU A 146 -6.56 -59.37 -30.30
N THR A 147 -7.68 -59.22 -29.58
CA THR A 147 -8.52 -60.35 -29.22
C THR A 147 -8.93 -61.14 -30.47
N GLU A 148 -9.33 -60.45 -31.52
CA GLU A 148 -9.81 -61.14 -32.72
C GLU A 148 -8.66 -61.87 -33.42
N ILE A 149 -7.50 -61.23 -33.55
CA ILE A 149 -6.33 -61.84 -34.18
C ILE A 149 -5.92 -63.10 -33.42
N LEU A 150 -5.92 -63.05 -32.09
CA LEU A 150 -5.57 -64.24 -31.32
C LEU A 150 -6.56 -65.36 -31.58
N HIS A 151 -7.85 -65.05 -31.49
CA HIS A 151 -8.86 -66.07 -31.73
C HIS A 151 -8.78 -66.61 -33.15
N LYS A 152 -8.57 -65.74 -34.15
CA LYS A 152 -8.66 -66.25 -35.52
C LYS A 152 -7.35 -66.93 -35.97
N LYS A 153 -6.21 -66.35 -35.63
CA LYS A 153 -4.93 -66.71 -36.25
C LYS A 153 -4.00 -67.47 -35.29
N TYR A 154 -4.11 -67.24 -34.00
CA TYR A 154 -3.26 -67.95 -33.03
C TYR A 154 -4.09 -68.63 -31.95
N PRO A 155 -5.07 -69.47 -32.33
CA PRO A 155 -5.95 -70.05 -31.29
C PRO A 155 -5.19 -70.81 -30.21
N GLN A 156 -4.11 -71.55 -30.57
CA GLN A 156 -3.36 -72.32 -29.59
C GLN A 156 -2.84 -71.45 -28.45
N MET A 157 -2.45 -70.20 -28.74
CA MET A 157 -1.95 -69.30 -27.69
C MET A 157 -3.01 -69.06 -26.62
N LEU A 158 -4.29 -69.03 -26.99
CA LEU A 158 -5.32 -68.79 -25.99
C LEU A 158 -5.38 -69.90 -24.96
N GLU A 159 -4.81 -71.08 -25.28
CA GLU A 159 -4.75 -72.15 -24.29
C GLU A 159 -4.00 -71.73 -23.02
N ARG A 160 -3.05 -70.79 -23.11
CA ARG A 160 -2.26 -70.37 -21.95
C ARG A 160 -2.69 -69.04 -21.37
N ILE A 161 -3.72 -68.42 -21.94
N ILE A 161 -3.73 -68.43 -21.89
CA ILE A 161 -4.15 -67.10 -21.54
CA ILE A 161 -4.08 -67.07 -21.51
C ILE A 161 -5.16 -67.24 -20.40
C ILE A 161 -5.18 -67.14 -20.47
N HIS A 162 -4.96 -66.45 -19.35
CA HIS A 162 -5.92 -66.46 -18.24
C HIS A 162 -7.09 -65.50 -18.42
N GLY A 163 -6.94 -64.43 -19.20
CA GLY A 163 -8.11 -63.61 -19.47
C GLY A 163 -7.78 -62.42 -20.35
N ILE A 164 -8.84 -61.70 -20.72
CA ILE A 164 -8.79 -60.46 -21.47
C ILE A 164 -9.40 -59.35 -20.60
N THR A 165 -8.74 -58.19 -20.51
CA THR A 165 -9.40 -57.02 -19.93
C THR A 165 -9.64 -55.99 -21.05
N GLU A 166 -10.90 -55.68 -21.33
CA GLU A 166 -11.25 -54.92 -22.53
C GLU A 166 -11.74 -53.52 -22.16
N GLU A 167 -11.17 -52.52 -22.87
CA GLU A 167 -11.26 -51.12 -22.51
C GLU A 167 -12.58 -50.49 -22.95
N THR A 168 -13.13 -50.85 -24.11
CA THR A 168 -14.08 -49.90 -24.71
C THR A 168 -15.37 -50.57 -25.20
N THR A 169 -16.39 -49.72 -25.35
CA THR A 169 -17.74 -50.18 -25.68
CA THR A 169 -17.73 -50.16 -25.70
C THR A 169 -17.71 -51.08 -26.91
N THR A 170 -17.04 -50.63 -27.97
CA THR A 170 -16.99 -51.47 -29.18
C THR A 170 -16.34 -52.83 -28.91
N GLY A 171 -15.25 -52.87 -28.14
CA GLY A 171 -14.60 -54.16 -27.87
C GLY A 171 -15.47 -55.05 -26.98
N VAL A 172 -16.18 -54.46 -26.00
CA VAL A 172 -17.13 -55.25 -25.22
C VAL A 172 -18.19 -55.88 -26.12
N HIS A 173 -18.75 -55.11 -27.05
CA HIS A 173 -19.74 -55.69 -27.97
C HIS A 173 -19.20 -56.94 -28.69
N ARG A 174 -17.98 -56.85 -29.18
CA ARG A 174 -17.39 -57.97 -29.89
C ARG A 174 -17.20 -59.18 -28.97
N LEU A 175 -16.84 -58.96 -27.70
CA LEU A 175 -16.69 -60.07 -26.74
C LEU A 175 -18.04 -60.73 -26.49
N LEU A 176 -19.07 -59.90 -26.32
CA LEU A 176 -20.38 -60.48 -26.04
C LEU A 176 -20.91 -61.25 -27.24
N ASP A 177 -20.55 -60.81 -28.45
CA ASP A 177 -20.94 -61.59 -29.61
C ASP A 177 -20.28 -62.94 -29.61
N MET A 178 -18.98 -62.97 -29.33
CA MET A 178 -18.27 -64.25 -29.28
C MET A 178 -18.83 -65.14 -28.18
N LEU A 179 -19.14 -64.55 -27.02
CA LEU A 179 -19.70 -65.31 -25.91
C LEU A 179 -21.01 -65.93 -26.33
N LYS A 180 -21.84 -65.14 -27.03
CA LYS A 180 -23.12 -65.64 -27.52
C LYS A 180 -22.93 -66.75 -28.57
N ASN A 181 -21.86 -66.70 -29.35
CA ASN A 181 -21.63 -67.73 -30.36
C ASN A 181 -20.83 -68.93 -29.86
N GLY A 182 -20.38 -68.91 -28.61
CA GLY A 182 -19.59 -70.04 -28.15
C GLY A 182 -18.17 -70.06 -28.64
N THR A 183 -17.63 -68.90 -29.10
CA THR A 183 -16.31 -68.83 -29.68
C THR A 183 -15.31 -68.04 -28.84
N LEU A 184 -15.75 -67.37 -27.78
CA LEU A 184 -14.83 -66.78 -26.82
C LEU A 184 -14.08 -67.89 -26.07
N LYS A 185 -12.75 -67.83 -26.00
CA LYS A 185 -12.02 -68.98 -25.47
C LYS A 185 -11.45 -68.76 -24.08
N VAL A 186 -11.49 -67.52 -23.57
CA VAL A 186 -10.99 -67.17 -22.23
C VAL A 186 -11.94 -66.16 -21.61
N PRO A 187 -12.00 -66.11 -20.27
CA PRO A 187 -12.87 -65.13 -19.61
C PRO A 187 -12.37 -63.70 -19.82
N ALA A 188 -13.24 -62.73 -19.63
CA ALA A 188 -12.89 -61.33 -19.84
C ALA A 188 -13.53 -60.46 -18.77
N ILE A 189 -12.91 -59.30 -18.54
CA ILE A 189 -13.51 -58.29 -17.71
C ILE A 189 -13.81 -57.11 -18.59
N ASN A 190 -15.07 -56.69 -18.53
CA ASN A 190 -15.52 -55.46 -19.20
C ASN A 190 -15.11 -54.31 -18.29
N VAL A 191 -13.99 -53.65 -18.62
CA VAL A 191 -13.55 -52.46 -17.91
C VAL A 191 -14.41 -51.26 -18.26
N ASN A 192 -14.93 -51.23 -19.48
CA ASN A 192 -15.73 -50.08 -19.92
C ASN A 192 -16.85 -49.73 -18.94
N ASP A 193 -17.56 -50.73 -18.39
CA ASP A 193 -18.77 -50.44 -17.62
C ASP A 193 -18.56 -50.26 -16.12
N SER A 194 -17.33 -50.15 -15.64
CA SER A 194 -17.16 -49.41 -14.37
C SER A 194 -17.74 -48.02 -14.54
N VAL A 195 -18.34 -47.50 -13.47
CA VAL A 195 -18.79 -46.09 -13.53
C VAL A 195 -17.62 -45.13 -13.67
N THR A 196 -16.51 -45.40 -12.96
CA THR A 196 -15.29 -44.60 -13.08
C THR A 196 -14.56 -44.78 -14.41
N LYS A 197 -15.11 -45.57 -15.29
CA LYS A 197 -14.67 -45.64 -16.68
C LYS A 197 -15.76 -45.01 -17.55
N SER A 198 -16.86 -45.73 -17.81
CA SER A 198 -17.87 -45.28 -18.77
C SER A 198 -18.32 -43.84 -18.51
N LYS A 199 -18.63 -43.50 -17.25
CA LYS A 199 -19.26 -42.21 -16.99
C LYS A 199 -18.23 -41.19 -16.66
N ASN A 200 -16.97 -41.49 -16.98
CA ASN A 200 -15.86 -40.60 -16.68
C ASN A 200 -15.12 -40.36 -17.98
N ASP A 201 -14.37 -41.38 -18.38
CA ASP A 201 -13.72 -41.48 -19.69
C ASP A 201 -14.67 -41.17 -20.86
N ASN A 202 -15.69 -42.03 -21.08
CA ASN A 202 -16.43 -41.95 -22.36
C ASN A 202 -17.10 -40.58 -22.50
N LYS A 203 -17.58 -40.03 -21.36
CA LYS A 203 -18.31 -38.75 -21.37
C LYS A 203 -17.33 -37.60 -21.14
N TYR A 204 -16.76 -37.49 -19.93
CA TYR A 204 -15.94 -36.28 -19.67
C TYR A 204 -14.62 -36.25 -20.49
N GLY A 205 -14.12 -37.40 -20.90
CA GLY A 205 -12.89 -37.38 -21.68
C GLY A 205 -13.12 -36.76 -23.05
N CYS A 206 -14.29 -37.07 -23.64
CA CYS A 206 -14.59 -36.47 -24.94
C CYS A 206 -14.97 -35.01 -24.78
N ARG A 207 -15.67 -34.65 -23.69
CA ARG A 207 -15.83 -33.22 -23.39
C ARG A 207 -14.51 -32.41 -23.49
N HIS A 208 -13.45 -32.91 -22.83
CA HIS A 208 -12.14 -32.24 -22.85
C HIS A 208 -11.50 -32.29 -24.22
N SER A 209 -11.59 -33.43 -24.90
CA SER A 209 -10.64 -33.62 -25.99
C SER A 209 -11.24 -33.40 -27.37
N LEU A 210 -12.58 -33.33 -27.48
CA LEU A 210 -13.13 -33.15 -28.82
C LEU A 210 -12.88 -31.72 -29.34
N ASN A 211 -13.29 -30.69 -28.59
CA ASN A 211 -13.00 -29.34 -29.06
CA ASN A 211 -12.99 -29.33 -29.04
C ASN A 211 -11.49 -29.10 -29.15
N ASP A 212 -10.70 -29.77 -28.31
CA ASP A 212 -9.25 -29.71 -28.37
C ASP A 212 -8.76 -30.14 -29.74
N ALA A 213 -9.21 -31.30 -30.18
CA ALA A 213 -8.72 -31.82 -31.46
C ALA A 213 -9.18 -30.93 -32.62
N ILE A 214 -10.41 -30.40 -32.54
CA ILE A 214 -10.89 -29.60 -33.69
C ILE A 214 -10.08 -28.29 -33.77
N LYS A 215 -9.81 -27.67 -32.62
CA LYS A 215 -8.93 -26.46 -32.59
C LYS A 215 -7.55 -26.76 -33.14
N ARG A 216 -6.92 -27.86 -32.70
CA ARG A 216 -5.57 -28.16 -33.17
C ARG A 216 -5.56 -28.41 -34.68
N GLY A 217 -6.59 -29.06 -35.20
CA GLY A 217 -6.63 -29.45 -36.60
C GLY A 217 -6.98 -28.32 -37.55
N THR A 218 -7.87 -27.41 -37.12
CA THR A 218 -8.40 -26.38 -38.01
C THR A 218 -8.19 -24.97 -37.50
N ASP A 219 -8.04 -24.81 -36.18
CA ASP A 219 -8.05 -23.50 -35.50
C ASP A 219 -9.32 -22.70 -35.82
N HIS A 220 -10.41 -23.40 -36.11
CA HIS A 220 -11.67 -22.72 -36.37
C HIS A 220 -12.32 -22.19 -35.09
N LEU A 221 -12.82 -20.97 -35.17
CA LEU A 221 -13.82 -20.51 -34.21
C LEU A 221 -15.02 -21.47 -34.24
N LEU A 222 -15.48 -21.87 -33.05
CA LEU A 222 -16.66 -22.71 -32.97
C LEU A 222 -17.86 -21.94 -32.51
N SER A 223 -17.68 -20.91 -31.66
CA SER A 223 -18.82 -20.12 -31.17
CA SER A 223 -18.84 -20.17 -31.19
C SER A 223 -19.65 -19.62 -32.37
N GLY A 224 -20.97 -19.74 -32.23
CA GLY A 224 -21.92 -19.21 -33.19
C GLY A 224 -22.13 -20.08 -34.42
N LYS A 225 -21.35 -21.14 -34.58
CA LYS A 225 -21.55 -22.05 -35.72
C LYS A 225 -22.48 -23.24 -35.36
N GLN A 226 -22.91 -23.99 -36.41
CA GLN A 226 -23.94 -25.04 -36.28
C GLN A 226 -23.24 -26.39 -36.26
N ALA A 227 -23.52 -27.18 -35.22
CA ALA A 227 -22.97 -28.53 -35.19
C ALA A 227 -24.11 -29.57 -35.18
N LEU A 228 -23.81 -30.72 -35.75
CA LEU A 228 -24.69 -31.89 -35.66
C LEU A 228 -23.91 -33.04 -35.06
N VAL A 229 -24.35 -33.54 -33.89
CA VAL A 229 -23.69 -34.63 -33.22
C VAL A 229 -24.57 -35.87 -33.44
N ILE A 230 -24.01 -36.89 -34.07
CA ILE A 230 -24.79 -38.09 -34.39
C ILE A 230 -24.54 -39.05 -33.23
N GLY A 231 -25.57 -39.30 -32.42
CA GLY A 231 -25.49 -40.16 -31.25
C GLY A 231 -25.46 -39.35 -29.94
N TYR A 232 -26.07 -39.92 -28.91
CA TYR A 232 -26.09 -39.24 -27.60
C TYR A 232 -25.99 -40.27 -26.46
N GLY A 233 -25.12 -41.32 -26.64
CA GLY A 233 -24.71 -42.18 -25.55
C GLY A 233 -23.67 -41.44 -24.76
N ASP A 234 -22.78 -42.17 -24.07
CA ASP A 234 -21.81 -41.45 -23.23
C ASP A 234 -20.91 -40.54 -24.08
N VAL A 235 -20.36 -41.08 -25.19
CA VAL A 235 -19.49 -40.25 -26.05
C VAL A 235 -20.26 -39.07 -26.65
N GLY A 236 -21.46 -39.33 -27.15
CA GLY A 236 -22.26 -38.24 -27.73
C GLY A 236 -22.61 -37.18 -26.71
N LYS A 237 -22.89 -37.60 -25.48
CA LYS A 237 -23.17 -36.59 -24.43
C LYS A 237 -21.96 -35.69 -24.20
N GLY A 238 -20.78 -36.29 -24.01
CA GLY A 238 -19.54 -35.54 -23.79
C GLY A 238 -19.19 -34.67 -24.98
N SER A 239 -19.40 -35.20 -26.19
CA SER A 239 -19.08 -34.49 -27.41
C SER A 239 -19.99 -33.26 -27.57
N SER A 240 -21.30 -33.45 -27.39
CA SER A 240 -22.24 -32.32 -27.47
C SER A 240 -21.84 -31.21 -26.50
N GLN A 241 -21.46 -31.60 -25.27
CA GLN A 241 -21.08 -30.60 -24.26
C GLN A 241 -19.77 -29.88 -24.68
N SER A 242 -18.82 -30.64 -25.22
CA SER A 242 -17.57 -30.05 -25.71
C SER A 242 -17.87 -28.88 -26.65
N LEU A 243 -18.87 -29.05 -27.52
CA LEU A 243 -19.18 -28.07 -28.54
C LEU A 243 -20.09 -26.98 -27.99
N ARG A 244 -21.13 -27.37 -27.24
N ARG A 244 -21.13 -27.34 -27.24
CA ARG A 244 -22.03 -26.35 -26.67
CA ARG A 244 -22.00 -26.30 -26.71
C ARG A 244 -21.29 -25.38 -25.74
C ARG A 244 -21.26 -25.36 -25.76
N GLN A 245 -20.35 -25.89 -24.94
CA GLN A 245 -19.66 -25.00 -24.01
C GLN A 245 -18.75 -24.01 -24.72
N GLU A 246 -18.38 -24.28 -26.00
CA GLU A 246 -17.67 -23.34 -26.84
C GLU A 246 -18.62 -22.34 -27.51
N GLY A 247 -19.92 -22.49 -27.35
CA GLY A 247 -20.86 -21.59 -28.00
C GLY A 247 -21.42 -22.10 -29.33
N MET A 248 -21.20 -23.36 -29.68
CA MET A 248 -21.82 -23.87 -30.91
C MET A 248 -23.33 -24.03 -30.66
N ILE A 249 -24.08 -23.89 -31.75
CA ILE A 249 -25.50 -24.27 -31.76
C ILE A 249 -25.51 -25.75 -32.16
N VAL A 250 -25.83 -26.61 -31.20
CA VAL A 250 -25.68 -28.07 -31.34
C VAL A 250 -27.03 -28.73 -31.57
N LYS A 251 -27.13 -29.52 -32.65
CA LYS A 251 -28.28 -30.39 -32.84
C LYS A 251 -27.79 -31.83 -32.66
N VAL A 252 -28.68 -32.70 -32.20
CA VAL A 252 -28.35 -34.10 -31.87
C VAL A 252 -29.25 -35.05 -32.66
N ALA A 253 -28.66 -36.12 -33.23
CA ALA A 253 -29.44 -37.20 -33.87
C ALA A 253 -29.32 -38.44 -32.99
N GLU A 254 -30.40 -39.23 -32.92
CA GLU A 254 -30.39 -40.46 -32.13
C GLU A 254 -31.41 -41.44 -32.70
N VAL A 255 -31.11 -42.72 -32.56
CA VAL A 255 -32.11 -43.75 -32.78
C VAL A 255 -32.73 -44.20 -31.48
N ASP A 256 -32.13 -43.82 -30.33
CA ASP A 256 -32.67 -44.30 -29.06
C ASP A 256 -33.55 -43.19 -28.47
N PRO A 257 -34.85 -43.39 -28.32
CA PRO A 257 -35.72 -42.30 -27.78
C PRO A 257 -35.34 -41.85 -26.37
N ILE A 258 -34.79 -42.74 -25.56
CA ILE A 258 -34.45 -42.33 -24.19
C ILE A 258 -33.26 -41.41 -24.23
N CYS A 259 -32.22 -41.76 -25.04
CA CYS A 259 -31.10 -40.81 -25.18
C CYS A 259 -31.55 -39.50 -25.83
N ALA A 260 -32.45 -39.57 -26.80
CA ALA A 260 -32.98 -38.35 -27.41
C ALA A 260 -33.69 -37.48 -26.38
N MET A 261 -34.50 -38.09 -25.51
N MET A 261 -34.49 -38.09 -25.52
CA MET A 261 -35.15 -37.32 -24.43
CA MET A 261 -35.17 -37.34 -24.44
C MET A 261 -34.14 -36.57 -23.59
C MET A 261 -34.15 -36.58 -23.58
N GLN A 262 -33.04 -37.25 -23.22
CA GLN A 262 -32.02 -36.59 -22.44
C GLN A 262 -31.45 -35.40 -23.22
N ALA A 263 -31.21 -35.56 -24.51
CA ALA A 263 -30.69 -34.45 -25.30
C ALA A 263 -31.67 -33.25 -25.31
N CYS A 264 -32.97 -33.49 -25.49
CA CYS A 264 -33.97 -32.41 -25.39
C CYS A 264 -33.87 -31.69 -24.05
N MET A 265 -33.94 -32.45 -22.96
CA MET A 265 -33.92 -31.84 -21.63
C MET A 265 -32.59 -31.16 -21.33
N ASP A 266 -31.48 -31.64 -21.94
CA ASP A 266 -30.19 -30.95 -21.83
C ASP A 266 -30.09 -29.68 -22.68
N GLY A 267 -31.13 -29.35 -23.42
CA GLY A 267 -31.15 -28.07 -24.15
C GLY A 267 -30.73 -28.17 -25.60
N PHE A 268 -30.82 -29.36 -26.22
CA PHE A 268 -30.47 -29.54 -27.64
C PHE A 268 -31.75 -29.81 -28.45
N GLU A 269 -31.74 -29.32 -29.69
CA GLU A 269 -32.75 -29.68 -30.67
C GLU A 269 -32.39 -31.07 -31.26
N VAL A 270 -33.34 -31.96 -31.29
CA VAL A 270 -33.12 -33.34 -31.77
C VAL A 270 -33.63 -33.46 -33.21
N VAL A 271 -32.71 -33.79 -34.15
CA VAL A 271 -33.05 -33.82 -35.57
C VAL A 271 -32.54 -35.12 -36.20
N SER A 272 -33.10 -35.43 -37.37
CA SER A 272 -32.59 -36.53 -38.19
C SER A 272 -32.00 -36.01 -39.49
N PRO A 273 -30.92 -36.62 -39.96
CA PRO A 273 -30.45 -36.27 -41.32
C PRO A 273 -31.46 -36.65 -42.36
N TYR A 274 -32.44 -37.51 -42.03
CA TYR A 274 -33.37 -38.04 -43.01
C TYR A 274 -34.77 -37.53 -42.73
N LYS A 275 -35.52 -37.23 -43.78
CA LYS A 275 -36.89 -36.74 -43.62
C LYS A 275 -37.72 -37.77 -42.84
N ASN A 276 -38.37 -37.31 -41.75
CA ASN A 276 -39.13 -38.18 -40.86
C ASN A 276 -38.30 -39.28 -40.24
N GLY A 277 -36.96 -39.19 -40.29
CA GLY A 277 -36.10 -40.19 -39.70
C GLY A 277 -35.93 -41.43 -40.54
N ILE A 278 -36.48 -41.46 -41.77
CA ILE A 278 -36.50 -42.69 -42.54
C ILE A 278 -35.38 -42.64 -43.61
N ASN A 279 -34.41 -43.55 -43.42
CA ASN A 279 -33.18 -43.72 -44.20
C ASN A 279 -33.45 -44.83 -45.21
N ASP A 280 -34.00 -44.47 -46.38
CA ASP A 280 -34.34 -45.46 -47.42
C ASP A 280 -33.28 -45.61 -48.52
N GLY A 281 -32.15 -44.94 -48.41
CA GLY A 281 -31.10 -45.06 -49.38
C GLY A 281 -31.16 -44.06 -50.51
N THR A 282 -32.30 -43.38 -50.70
CA THR A 282 -32.44 -42.38 -51.75
C THR A 282 -31.86 -41.02 -51.32
N GLU A 283 -31.37 -40.26 -52.31
CA GLU A 283 -31.05 -38.85 -52.08
C GLU A 283 -32.27 -38.06 -51.63
N ALA A 284 -33.44 -38.42 -52.13
CA ALA A 284 -34.65 -37.68 -51.78
C ALA A 284 -34.94 -37.78 -50.28
N SER A 285 -34.42 -38.82 -49.59
CA SER A 285 -34.66 -38.92 -48.16
C SER A 285 -33.85 -37.92 -47.33
N ILE A 286 -32.80 -37.29 -47.88
CA ILE A 286 -31.92 -36.45 -47.08
C ILE A 286 -32.61 -35.11 -46.81
N ASP A 287 -32.55 -34.64 -45.58
CA ASP A 287 -33.04 -33.31 -45.28
C ASP A 287 -31.94 -32.32 -45.72
N ALA A 288 -32.00 -31.97 -46.99
CA ALA A 288 -30.97 -31.13 -47.62
C ALA A 288 -30.92 -29.73 -46.97
N ALA A 289 -32.09 -29.18 -46.58
CA ALA A 289 -32.07 -27.86 -45.94
C ALA A 289 -31.34 -27.90 -44.62
N LEU A 290 -31.54 -28.94 -43.84
CA LEU A 290 -30.81 -29.07 -42.59
C LEU A 290 -29.31 -29.22 -42.82
N LEU A 291 -28.94 -30.21 -43.65
CA LEU A 291 -27.49 -30.48 -43.81
C LEU A 291 -26.76 -29.31 -44.43
N GLY A 292 -27.48 -28.51 -45.26
CA GLY A 292 -26.84 -27.36 -45.92
C GLY A 292 -26.55 -26.20 -44.96
N LYS A 293 -26.98 -26.31 -43.69
CA LYS A 293 -26.69 -25.33 -42.64
C LYS A 293 -25.67 -25.82 -41.61
N ILE A 294 -25.16 -27.07 -41.72
CA ILE A 294 -24.32 -27.63 -40.68
C ILE A 294 -22.84 -27.32 -40.97
N ASP A 295 -22.14 -26.71 -40.01
CA ASP A 295 -20.70 -26.41 -40.17
C ASP A 295 -19.82 -27.51 -39.64
N LEU A 296 -20.37 -28.44 -38.84
CA LEU A 296 -19.54 -29.45 -38.21
C LEU A 296 -20.41 -30.66 -37.90
N ILE A 297 -19.98 -31.86 -38.30
CA ILE A 297 -20.67 -33.09 -37.94
C ILE A 297 -19.64 -33.99 -37.24
N VAL A 298 -20.10 -34.63 -36.16
CA VAL A 298 -19.28 -35.50 -35.32
C VAL A 298 -20.07 -36.79 -35.14
N THR A 299 -19.48 -37.91 -35.44
CA THR A 299 -20.15 -39.18 -35.26
C THR A 299 -19.67 -39.83 -33.96
N THR A 300 -20.62 -40.42 -33.17
CA THR A 300 -20.25 -40.91 -31.85
C THR A 300 -20.85 -42.28 -31.54
N THR A 301 -21.28 -43.02 -32.55
CA THR A 301 -22.26 -44.10 -32.28
C THR A 301 -21.69 -45.49 -32.01
N GLY A 302 -20.50 -45.84 -32.56
CA GLY A 302 -20.08 -47.24 -32.61
C GLY A 302 -20.82 -48.06 -33.67
N ASN A 303 -21.56 -47.39 -34.55
CA ASN A 303 -22.40 -48.01 -35.56
C ASN A 303 -21.80 -47.74 -36.95
N VAL A 304 -22.46 -48.25 -38.00
CA VAL A 304 -21.87 -48.18 -39.35
C VAL A 304 -22.63 -47.17 -40.20
N ASN A 305 -21.88 -46.37 -40.94
CA ASN A 305 -22.42 -45.50 -41.99
CA ASN A 305 -22.41 -45.49 -41.99
C ASN A 305 -23.51 -44.59 -41.44
N VAL A 306 -23.20 -43.89 -40.33
CA VAL A 306 -24.17 -42.95 -39.79
C VAL A 306 -23.94 -41.56 -40.35
N CYS A 307 -22.83 -41.35 -41.10
CA CYS A 307 -22.68 -40.12 -41.89
C CYS A 307 -22.41 -40.63 -43.29
N ASP A 308 -23.47 -40.84 -44.06
CA ASP A 308 -23.37 -41.62 -45.28
C ASP A 308 -23.06 -40.71 -46.48
N ALA A 309 -22.98 -41.33 -47.67
CA ALA A 309 -22.54 -40.63 -48.86
C ALA A 309 -23.50 -39.51 -49.25
N ASN A 310 -24.81 -39.78 -49.19
CA ASN A 310 -25.82 -38.76 -49.49
C ASN A 310 -25.77 -37.60 -48.49
N MET A 311 -25.53 -37.88 -47.21
CA MET A 311 -25.26 -36.79 -46.26
C MET A 311 -24.03 -35.98 -46.65
N LEU A 312 -22.92 -36.66 -46.99
CA LEU A 312 -21.69 -35.95 -47.34
C LEU A 312 -21.90 -35.06 -48.57
N LYS A 313 -22.72 -35.49 -49.53
CA LYS A 313 -22.99 -34.66 -50.70
C LYS A 313 -23.80 -33.41 -50.33
N ALA A 314 -24.67 -33.52 -49.33
CA ALA A 314 -25.59 -32.43 -49.02
C ALA A 314 -25.02 -31.45 -47.99
N LEU A 315 -23.92 -31.80 -47.28
CA LEU A 315 -23.36 -30.91 -46.27
C LEU A 315 -22.98 -29.55 -46.85
N LYS A 316 -23.20 -28.52 -46.03
CA LYS A 316 -22.72 -27.16 -46.33
C LYS A 316 -21.26 -27.18 -46.82
N LYS A 317 -20.94 -26.36 -47.82
CA LYS A 317 -19.53 -26.20 -48.23
CA LYS A 317 -19.53 -26.20 -48.23
C LYS A 317 -18.65 -25.84 -47.04
N ARG A 318 -17.48 -26.47 -46.98
CA ARG A 318 -16.43 -26.21 -46.00
C ARG A 318 -16.80 -26.66 -44.62
N ALA A 319 -17.82 -27.52 -44.49
CA ALA A 319 -18.08 -28.14 -43.18
C ALA A 319 -16.93 -29.07 -42.78
N VAL A 320 -16.78 -29.23 -41.49
CA VAL A 320 -15.81 -30.14 -40.90
C VAL A 320 -16.56 -31.44 -40.61
N VAL A 321 -15.91 -32.55 -40.91
CA VAL A 321 -16.46 -33.89 -40.65
C VAL A 321 -15.46 -34.67 -39.78
N CYS A 322 -15.94 -35.30 -38.70
CA CYS A 322 -15.02 -36.11 -37.92
C CYS A 322 -15.80 -37.16 -37.16
N ASN A 323 -15.05 -38.08 -36.58
CA ASN A 323 -15.57 -39.28 -35.93
C ASN A 323 -14.80 -39.48 -34.65
N ILE A 324 -15.51 -39.61 -33.54
CA ILE A 324 -14.90 -39.91 -32.27
C ILE A 324 -15.35 -41.28 -31.71
N GLY A 325 -16.13 -42.08 -32.46
CA GLY A 325 -16.37 -43.46 -32.09
C GLY A 325 -15.13 -44.26 -32.44
N HIS A 326 -15.16 -45.52 -32.06
CA HIS A 326 -13.90 -46.32 -32.15
C HIS A 326 -13.37 -46.60 -33.59
N PHE A 327 -14.22 -46.87 -34.59
CA PHE A 327 -13.73 -47.24 -35.91
C PHE A 327 -14.16 -46.23 -36.95
N ASP A 328 -13.37 -46.14 -38.06
CA ASP A 328 -13.68 -45.12 -39.09
C ASP A 328 -14.89 -45.42 -40.02
N ASN A 329 -15.55 -46.57 -39.94
CA ASN A 329 -16.67 -46.81 -40.83
C ASN A 329 -17.95 -46.09 -40.36
N GLU A 330 -17.92 -45.25 -39.30
CA GLU A 330 -19.05 -44.35 -39.01
C GLU A 330 -19.33 -43.41 -40.17
N ILE A 331 -18.27 -42.95 -40.85
CA ILE A 331 -18.37 -42.01 -41.96
C ILE A 331 -18.05 -42.83 -43.21
N ASP A 332 -18.77 -42.57 -44.30
CA ASP A 332 -18.46 -43.28 -45.56
C ASP A 332 -17.24 -42.63 -46.24
N THR A 333 -16.06 -42.87 -45.63
CA THR A 333 -14.85 -42.34 -46.26
C THR A 333 -14.51 -43.09 -47.52
N ALA A 334 -14.91 -44.36 -47.61
CA ALA A 334 -14.66 -45.10 -48.85
C ALA A 334 -15.29 -44.40 -50.04
N PHE A 335 -16.50 -43.87 -49.87
CA PHE A 335 -17.14 -43.11 -50.94
C PHE A 335 -16.30 -41.89 -51.34
N MET A 336 -15.78 -41.16 -50.34
CA MET A 336 -14.98 -39.97 -50.64
C MET A 336 -13.68 -40.33 -51.32
N ARG A 337 -13.08 -41.45 -50.91
CA ARG A 337 -11.87 -41.86 -51.61
C ARG A 337 -12.18 -42.26 -53.03
N LYS A 338 -13.31 -42.94 -53.26
CA LYS A 338 -13.60 -43.35 -54.63
C LYS A 338 -13.90 -42.16 -55.55
N ASN A 339 -14.48 -41.07 -55.01
CA ASN A 339 -15.14 -40.07 -55.85
C ASN A 339 -14.50 -38.65 -55.83
N TRP A 340 -13.78 -38.26 -54.76
CA TRP A 340 -13.41 -36.87 -54.56
C TRP A 340 -11.89 -36.76 -54.34
N ALA A 341 -11.32 -35.58 -54.69
CA ALA A 341 -9.88 -35.37 -54.55
C ALA A 341 -9.53 -34.97 -53.12
N TRP A 342 -8.54 -35.64 -52.54
CA TRP A 342 -8.09 -35.31 -51.19
C TRP A 342 -6.85 -34.41 -51.25
N GLU A 343 -6.90 -33.30 -50.51
CA GLU A 343 -5.78 -32.37 -50.33
C GLU A 343 -5.31 -32.42 -48.89
N GLU A 344 -4.07 -32.82 -48.68
CA GLU A 344 -3.57 -32.81 -47.31
C GLU A 344 -3.21 -31.36 -46.91
N VAL A 345 -3.88 -30.84 -45.87
CA VAL A 345 -3.48 -29.54 -45.31
C VAL A 345 -2.20 -29.70 -44.50
N LYS A 346 -2.20 -30.69 -43.59
CA LYS A 346 -1.11 -31.09 -42.71
C LYS A 346 -1.52 -32.50 -42.22
N PRO A 347 -0.66 -33.22 -41.47
CA PRO A 347 -1.02 -34.58 -41.08
C PRO A 347 -2.36 -34.60 -40.36
N GLN A 348 -3.18 -35.57 -40.73
CA GLN A 348 -4.50 -35.82 -40.15
C GLN A 348 -5.48 -34.68 -40.39
N VAL A 349 -5.25 -33.84 -41.41
CA VAL A 349 -6.22 -32.82 -41.85
C VAL A 349 -6.27 -32.84 -43.37
N HIS A 350 -7.44 -33.21 -43.94
CA HIS A 350 -7.59 -33.18 -45.40
C HIS A 350 -8.78 -32.33 -45.82
N LYS A 351 -8.61 -31.55 -46.88
CA LYS A 351 -9.73 -30.98 -47.59
C LYS A 351 -10.14 -31.99 -48.66
N ILE A 352 -11.44 -32.28 -48.71
CA ILE A 352 -12.01 -33.24 -49.67
C ILE A 352 -12.80 -32.43 -50.66
N HIS A 353 -12.32 -32.37 -51.89
CA HIS A 353 -12.90 -31.50 -52.89
C HIS A 353 -13.96 -32.26 -53.66
N ARG A 354 -15.21 -31.76 -53.60
CA ARG A 354 -16.37 -32.43 -54.16
C ARG A 354 -16.54 -32.11 -55.63
N THR A 355 -15.58 -31.48 -56.26
CA THR A 355 -15.70 -31.16 -57.68
C THR A 355 -15.22 -32.26 -58.62
N GLY A 356 -14.55 -33.29 -58.14
CA GLY A 356 -14.11 -34.35 -59.03
C GLY A 356 -13.00 -35.12 -58.36
N LYS A 357 -12.46 -36.09 -59.09
CA LYS A 357 -11.53 -37.05 -58.50
C LYS A 357 -10.06 -36.71 -58.73
N ASP A 358 -9.70 -36.32 -59.96
CA ASP A 358 -8.30 -36.32 -60.37
C ASP A 358 -7.67 -34.93 -60.39
N GLY A 359 -8.32 -33.94 -59.82
CA GLY A 359 -7.69 -32.64 -59.64
C GLY A 359 -8.66 -31.76 -58.87
N PHE A 360 -8.12 -30.69 -58.30
CA PHE A 360 -8.96 -29.65 -57.70
C PHE A 360 -8.26 -28.30 -57.90
N ASP A 361 -9.07 -27.25 -58.06
CA ASP A 361 -8.55 -25.89 -58.05
C ASP A 361 -8.05 -25.54 -56.62
N ALA A 362 -6.82 -25.03 -56.50
CA ALA A 362 -6.28 -24.75 -55.14
C ALA A 362 -7.17 -23.77 -54.37
N HIS A 363 -7.90 -22.92 -55.10
CA HIS A 363 -8.84 -21.98 -54.49
C HIS A 363 -10.30 -22.42 -54.55
N ASN A 364 -10.56 -23.68 -54.87
CA ASN A 364 -11.93 -24.24 -54.84
C ASN A 364 -12.60 -23.90 -53.50
N ASP A 365 -13.87 -23.53 -53.54
CA ASP A 365 -14.59 -23.33 -52.30
C ASP A 365 -15.46 -24.52 -51.91
N ASP A 366 -15.61 -25.52 -52.78
CA ASP A 366 -16.53 -26.64 -52.50
C ASP A 366 -15.78 -27.90 -52.03
N TYR A 367 -15.41 -27.89 -50.74
CA TYR A 367 -14.68 -28.98 -50.12
C TYR A 367 -15.23 -29.19 -48.70
N LEU A 368 -14.95 -30.36 -48.14
CA LEU A 368 -15.21 -30.64 -46.74
C LEU A 368 -13.86 -30.78 -46.06
N ILE A 369 -13.75 -30.50 -44.75
CA ILE A 369 -12.50 -30.79 -44.03
C ILE A 369 -12.72 -32.07 -43.23
N LEU A 370 -11.91 -33.09 -43.48
CA LEU A 370 -12.05 -34.36 -42.78
C LEU A 370 -10.88 -34.44 -41.83
N LEU A 371 -11.13 -34.78 -40.56
CA LEU A 371 -10.05 -34.85 -39.60
C LEU A 371 -9.68 -36.31 -39.36
N ALA A 372 -8.36 -36.56 -39.26
CA ALA A 372 -7.82 -37.88 -38.94
C ALA A 372 -8.33 -38.97 -39.89
N GLU A 373 -8.64 -38.62 -41.15
CA GLU A 373 -9.13 -39.59 -42.14
C GLU A 373 -10.31 -40.42 -41.59
N GLY A 374 -11.11 -39.78 -40.71
CA GLY A 374 -12.27 -40.48 -40.19
C GLY A 374 -11.99 -41.39 -39.01
N ARG A 375 -10.76 -41.41 -38.49
CA ARG A 375 -10.40 -42.21 -37.30
C ARG A 375 -10.58 -41.35 -36.05
N LEU A 376 -10.56 -42.00 -34.88
CA LEU A 376 -10.83 -41.33 -33.59
C LEU A 376 -10.20 -39.95 -33.52
N VAL A 377 -11.01 -38.88 -33.58
CA VAL A 377 -10.43 -37.56 -33.85
C VAL A 377 -9.70 -37.02 -32.61
N ASN A 378 -10.18 -37.37 -31.38
CA ASN A 378 -9.51 -36.80 -30.19
C ASN A 378 -8.08 -37.30 -30.10
N LEU A 379 -7.86 -38.56 -30.46
CA LEU A 379 -6.52 -39.14 -30.40
C LEU A 379 -5.73 -38.85 -31.67
N GLY A 380 -6.40 -38.65 -32.81
CA GLY A 380 -5.68 -38.43 -34.06
C GLY A 380 -5.17 -37.00 -34.21
N ASN A 381 -5.95 -36.02 -33.74
CA ASN A 381 -5.66 -34.62 -33.93
C ASN A 381 -5.25 -33.89 -32.64
N ALA A 382 -5.35 -34.55 -31.51
CA ALA A 382 -4.87 -33.97 -30.24
C ALA A 382 -4.24 -35.12 -29.45
N THR A 383 -4.46 -35.23 -28.12
CA THR A 383 -3.76 -36.26 -27.35
C THR A 383 -4.78 -37.15 -26.61
N GLY A 384 -6.01 -37.19 -27.10
CA GLY A 384 -7.02 -38.05 -26.40
C GLY A 384 -7.36 -37.43 -25.04
N HIS A 385 -7.89 -38.27 -24.18
CA HIS A 385 -8.33 -37.81 -22.84
C HIS A 385 -7.13 -37.38 -21.99
N PRO A 386 -7.34 -36.46 -21.02
CA PRO A 386 -6.24 -36.07 -20.13
C PRO A 386 -5.94 -37.12 -19.10
N SER A 387 -4.71 -37.04 -18.62
CA SER A 387 -4.26 -37.94 -17.57
C SER A 387 -5.23 -38.10 -16.40
N ARG A 388 -5.74 -37.00 -15.83
CA ARG A 388 -6.58 -37.15 -14.63
C ARG A 388 -7.89 -37.91 -14.91
N ILE A 389 -8.32 -37.96 -16.17
CA ILE A 389 -9.47 -38.78 -16.55
C ILE A 389 -9.08 -40.23 -16.80
N MET A 390 -7.98 -40.45 -17.54
CA MET A 390 -7.56 -41.83 -17.84
C MET A 390 -7.17 -42.57 -16.57
N ASP A 391 -6.77 -41.82 -15.54
CA ASP A 391 -6.52 -42.41 -14.23
C ASP A 391 -7.64 -43.37 -13.82
N GLY A 392 -8.91 -42.94 -13.96
CA GLY A 392 -10.00 -43.85 -13.60
C GLY A 392 -10.00 -45.15 -14.42
N SER A 393 -10.08 -45.00 -15.74
CA SER A 393 -10.04 -46.14 -16.66
C SER A 393 -8.87 -47.06 -16.33
N PHE A 394 -7.68 -46.50 -16.14
CA PHE A 394 -6.49 -47.36 -16.07
C PHE A 394 -6.29 -47.94 -14.68
N ALA A 395 -6.80 -47.29 -13.63
CA ALA A 395 -6.86 -48.01 -12.33
C ALA A 395 -7.78 -49.25 -12.40
N ASN A 396 -8.94 -49.14 -13.08
CA ASN A 396 -9.77 -50.31 -13.32
C ASN A 396 -9.03 -51.38 -14.15
N GLN A 397 -8.29 -50.97 -15.19
CA GLN A 397 -7.52 -51.95 -15.96
C GLN A 397 -6.58 -52.74 -15.05
N VAL A 398 -5.91 -52.06 -14.13
CA VAL A 398 -4.92 -52.74 -13.30
C VAL A 398 -5.62 -53.73 -12.38
N LEU A 399 -6.68 -53.26 -11.72
CA LEU A 399 -7.47 -54.12 -10.87
C LEU A 399 -7.99 -55.32 -11.65
N ALA A 400 -8.43 -55.10 -12.90
CA ALA A 400 -9.01 -56.20 -13.69
C ALA A 400 -7.95 -57.23 -14.07
N GLN A 401 -6.75 -56.75 -14.46
CA GLN A 401 -5.62 -57.62 -14.75
C GLN A 401 -5.24 -58.46 -13.54
N ILE A 402 -5.10 -57.81 -12.38
CA ILE A 402 -4.84 -58.57 -11.15
C ILE A 402 -5.89 -59.65 -10.94
N HIS A 403 -7.16 -59.32 -11.12
CA HIS A 403 -8.17 -60.30 -10.74
C HIS A 403 -8.15 -61.53 -11.67
N LEU A 404 -8.08 -61.32 -13.01
CA LEU A 404 -8.07 -62.49 -13.90
C LEU A 404 -6.76 -63.26 -13.77
N PHE A 405 -5.64 -62.55 -13.56
CA PHE A 405 -4.36 -63.25 -13.46
C PHE A 405 -4.33 -64.11 -12.20
N GLU A 406 -4.93 -63.64 -11.10
CA GLU A 406 -4.93 -64.45 -9.90
C GLU A 406 -5.92 -65.62 -10.02
N GLN A 407 -6.94 -65.49 -10.89
CA GLN A 407 -7.92 -66.55 -11.00
C GLN A 407 -7.36 -67.77 -11.73
N LYS A 408 -6.37 -67.57 -12.61
CA LYS A 408 -5.58 -68.65 -13.22
C LYS A 408 -6.43 -69.57 -14.11
N TYR A 409 -7.31 -68.97 -14.91
CA TYR A 409 -8.27 -69.74 -15.73
C TYR A 409 -7.59 -70.81 -16.56
N ALA A 410 -6.46 -70.47 -17.18
CA ALA A 410 -5.82 -71.44 -18.07
C ALA A 410 -5.34 -72.68 -17.32
N ASP A 411 -5.16 -72.59 -15.99
CA ASP A 411 -4.70 -73.74 -15.22
C ASP A 411 -5.82 -74.63 -14.69
N LEU A 412 -7.09 -74.22 -14.82
CA LEU A 412 -8.18 -74.97 -14.20
C LEU A 412 -8.57 -76.17 -15.08
N PRO A 413 -9.08 -77.25 -14.47
CA PRO A 413 -9.58 -78.37 -15.27
C PRO A 413 -10.81 -77.95 -16.06
N ALA A 414 -11.10 -78.74 -17.10
CA ALA A 414 -12.21 -78.43 -18.00
C ALA A 414 -13.48 -78.10 -17.22
N ALA A 415 -13.71 -78.78 -16.10
CA ALA A 415 -14.94 -78.58 -15.32
C ALA A 415 -15.07 -77.14 -14.85
N GLU A 416 -14.03 -76.62 -14.19
CA GLU A 416 -14.13 -75.27 -13.66
C GLU A 416 -13.97 -74.21 -14.75
N LYS A 417 -13.57 -74.61 -15.97
CA LYS A 417 -13.42 -73.63 -17.05
C LYS A 417 -14.78 -73.20 -17.60
N ALA A 418 -15.67 -74.17 -17.86
CA ALA A 418 -17.02 -73.82 -18.29
C ALA A 418 -17.73 -72.91 -17.28
N LYS A 419 -17.49 -73.13 -15.99
CA LYS A 419 -18.10 -72.30 -14.96
C LYS A 419 -17.61 -70.87 -15.05
N ARG A 420 -16.34 -70.68 -15.39
CA ARG A 420 -15.73 -69.36 -15.30
C ARG A 420 -15.70 -68.64 -16.63
N LEU A 421 -16.17 -69.25 -17.71
CA LEU A 421 -16.11 -68.59 -19.01
C LEU A 421 -17.21 -67.54 -19.10
N SER A 422 -16.88 -66.28 -18.78
CA SER A 422 -17.88 -65.23 -18.65
C SER A 422 -17.28 -63.88 -19.06
N VAL A 423 -18.15 -62.87 -19.13
CA VAL A 423 -17.75 -61.48 -19.36
C VAL A 423 -18.34 -60.69 -18.20
N GLU A 424 -17.48 -60.19 -17.33
CA GLU A 424 -17.91 -59.66 -16.04
C GLU A 424 -17.38 -58.27 -15.87
N VAL A 425 -18.03 -57.52 -14.97
CA VAL A 425 -17.54 -56.21 -14.56
C VAL A 425 -16.91 -56.35 -13.18
N LEU A 426 -16.06 -55.36 -12.80
CA LEU A 426 -15.53 -55.25 -11.42
C LEU A 426 -16.63 -54.98 -10.40
N PRO A 427 -16.48 -55.45 -9.15
CA PRO A 427 -17.51 -55.16 -8.14
C PRO A 427 -17.54 -53.67 -7.76
N LYS A 428 -18.72 -53.24 -7.30
CA LYS A 428 -18.96 -51.82 -7.05
C LYS A 428 -18.02 -51.25 -6.00
N LYS A 429 -17.69 -52.05 -4.98
CA LYS A 429 -16.77 -51.55 -3.96
C LYS A 429 -15.47 -51.05 -4.57
N LEU A 430 -14.93 -51.78 -5.56
CA LEU A 430 -13.69 -51.37 -6.19
C LEU A 430 -13.88 -50.10 -7.01
N ASP A 431 -15.02 -50.03 -7.69
CA ASP A 431 -15.40 -48.82 -8.43
C ASP A 431 -15.39 -47.61 -7.49
N GLU A 432 -16.01 -47.76 -6.31
CA GLU A 432 -16.01 -46.66 -5.33
C GLU A 432 -14.61 -46.29 -4.88
N GLU A 433 -13.74 -47.31 -4.66
CA GLU A 433 -12.40 -47.01 -4.16
C GLU A 433 -11.59 -46.23 -5.19
N VAL A 434 -11.76 -46.55 -6.47
CA VAL A 434 -11.14 -45.76 -7.54
C VAL A 434 -11.68 -44.33 -7.50
N ALA A 435 -13.01 -44.20 -7.45
CA ALA A 435 -13.62 -42.88 -7.41
C ALA A 435 -13.07 -42.07 -6.23
N LEU A 436 -12.86 -42.71 -5.07
CA LEU A 436 -12.44 -41.94 -3.90
C LEU A 436 -11.06 -41.34 -4.12
N GLU A 437 -10.15 -42.10 -4.71
N GLU A 437 -10.14 -42.11 -4.72
CA GLU A 437 -8.83 -41.56 -5.03
CA GLU A 437 -8.82 -41.58 -5.05
C GLU A 437 -8.90 -40.44 -6.08
C GLU A 437 -8.91 -40.43 -6.06
N MET A 438 -9.82 -40.54 -7.03
CA MET A 438 -9.99 -39.44 -7.99
C MET A 438 -10.46 -38.18 -7.25
N VAL A 439 -11.46 -38.32 -6.40
CA VAL A 439 -11.98 -37.17 -5.66
C VAL A 439 -10.89 -36.50 -4.83
N LYS A 440 -10.13 -37.30 -4.05
CA LYS A 440 -9.01 -36.75 -3.31
C LYS A 440 -8.00 -36.01 -4.22
N GLY A 441 -7.86 -36.44 -5.48
CA GLY A 441 -6.92 -35.74 -6.36
C GLY A 441 -7.34 -34.31 -6.66
N PHE A 442 -8.63 -34.02 -6.63
CA PHE A 442 -9.19 -32.68 -6.78
C PHE A 442 -9.20 -31.91 -5.44
N GLY A 443 -8.80 -32.56 -4.37
CA GLY A 443 -8.88 -31.99 -3.03
C GLY A 443 -10.29 -32.04 -2.49
N GLY A 444 -11.13 -32.89 -3.09
CA GLY A 444 -12.50 -33.06 -2.58
C GLY A 444 -12.51 -33.86 -1.27
N VAL A 445 -13.51 -33.59 -0.44
CA VAL A 445 -13.64 -34.25 0.89
C VAL A 445 -14.99 -34.96 0.92
N VAL A 446 -14.97 -36.30 0.94
CA VAL A 446 -16.17 -37.12 1.02
C VAL A 446 -16.57 -37.22 2.48
N THR A 447 -17.86 -37.07 2.75
CA THR A 447 -18.37 -37.17 4.12
C THR A 447 -18.55 -38.64 4.52
N GLN A 448 -18.33 -38.95 5.81
CA GLN A 448 -18.56 -40.29 6.30
C GLN A 448 -19.95 -40.37 6.96
N LEU A 449 -20.75 -41.35 6.57
CA LEU A 449 -22.03 -41.61 7.24
C LEU A 449 -21.84 -41.88 8.71
N THR A 450 -22.77 -41.40 9.53
CA THR A 450 -22.83 -41.90 10.90
C THR A 450 -23.45 -43.29 10.88
N PRO A 451 -23.27 -44.07 11.95
CA PRO A 451 -23.97 -45.36 12.01
C PRO A 451 -25.47 -45.24 11.84
N LYS A 452 -26.11 -44.29 12.51
CA LYS A 452 -27.55 -44.16 12.36
C LYS A 452 -27.93 -43.80 10.93
N GLN A 453 -27.14 -42.94 10.26
CA GLN A 453 -27.48 -42.62 8.87
C GLN A 453 -27.32 -43.83 7.96
N ALA A 454 -26.25 -44.62 8.16
CA ALA A 454 -26.04 -45.80 7.32
C ALA A 454 -27.18 -46.81 7.48
N GLU A 455 -27.61 -47.03 8.73
CA GLU A 455 -28.80 -47.82 9.02
C GLU A 455 -30.04 -47.25 8.35
N TYR A 456 -30.21 -45.92 8.38
CA TYR A 456 -31.42 -45.32 7.82
C TYR A 456 -31.58 -45.63 6.32
N ILE A 457 -30.49 -45.54 5.56
CA ILE A 457 -30.56 -45.84 4.13
C ILE A 457 -30.14 -47.30 3.79
N GLY A 458 -29.77 -48.11 4.78
CA GLY A 458 -29.45 -49.51 4.58
C GLY A 458 -28.15 -49.82 3.85
N VAL A 459 -27.07 -49.08 4.14
CA VAL A 459 -25.75 -49.36 3.59
C VAL A 459 -24.78 -49.54 4.76
N SER A 460 -23.61 -50.13 4.50
CA SER A 460 -22.52 -50.02 5.48
C SER A 460 -21.89 -48.64 5.39
N VAL A 461 -21.29 -48.20 6.50
CA VAL A 461 -20.53 -46.96 6.49
C VAL A 461 -19.40 -47.02 5.48
N GLU A 462 -18.85 -48.21 5.22
CA GLU A 462 -17.78 -48.27 4.24
C GLU A 462 -18.29 -48.44 2.81
N GLY A 463 -19.61 -48.55 2.61
CA GLY A 463 -20.13 -48.82 1.31
C GLY A 463 -20.09 -50.31 0.98
N PRO A 464 -20.57 -50.70 -0.22
CA PRO A 464 -21.05 -49.91 -1.36
C PRO A 464 -22.29 -49.09 -0.98
N PHE A 465 -22.48 -47.93 -1.62
CA PHE A 465 -23.52 -46.98 -1.26
C PHE A 465 -24.78 -47.11 -2.11
N LYS A 466 -24.74 -47.87 -3.22
CA LYS A 466 -25.84 -47.97 -4.16
C LYS A 466 -26.05 -49.42 -4.51
N PRO A 467 -27.30 -49.82 -4.85
CA PRO A 467 -27.53 -51.16 -5.44
C PRO A 467 -26.86 -51.26 -6.81
N ASP A 468 -26.59 -52.52 -7.24
CA ASP A 468 -25.94 -52.71 -8.55
C ASP A 468 -26.77 -52.17 -9.71
N THR A 469 -28.09 -52.00 -9.51
CA THR A 469 -28.94 -51.43 -10.56
C THR A 469 -28.85 -49.93 -10.69
N TYR A 470 -28.15 -49.25 -9.79
CA TYR A 470 -28.16 -47.79 -9.78
C TYR A 470 -27.46 -47.22 -11.01
N ARG A 471 -28.03 -46.20 -11.61
CA ARG A 471 -27.55 -45.67 -12.89
C ARG A 471 -26.69 -44.42 -12.79
N TYR A 472 -26.63 -43.72 -11.63
CA TYR A 472 -25.84 -42.50 -11.45
C TYR A 472 -26.22 -41.45 -12.50
N GLY B 12 15.00 -13.90 -57.54
CA GLY B 12 16.14 -13.81 -56.62
C GLY B 12 15.82 -13.03 -55.35
N PHE B 13 14.64 -13.27 -54.79
CA PHE B 13 14.15 -12.54 -53.62
C PHE B 13 14.82 -13.08 -52.36
N THR B 14 15.53 -12.20 -51.65
CA THR B 14 16.22 -12.59 -50.44
C THR B 14 15.93 -11.65 -49.27
N ASP B 15 15.01 -10.69 -49.44
CA ASP B 15 14.85 -9.60 -48.46
C ASP B 15 13.88 -10.05 -47.36
N TYR B 16 14.31 -11.04 -46.58
CA TYR B 16 13.47 -11.61 -45.50
C TYR B 16 14.34 -12.46 -44.59
N LYS B 17 13.76 -12.91 -43.45
CA LYS B 17 14.45 -13.91 -42.61
C LYS B 17 13.38 -14.67 -41.84
N VAL B 18 13.26 -15.97 -42.10
CA VAL B 18 12.22 -16.81 -41.49
C VAL B 18 12.87 -18.15 -41.12
N ALA B 19 12.15 -18.93 -40.32
CA ALA B 19 12.74 -20.18 -39.82
C ALA B 19 13.03 -21.15 -40.96
N ASP B 20 12.11 -21.29 -41.90
CA ASP B 20 12.27 -22.34 -42.91
C ASP B 20 11.34 -22.02 -44.07
N ILE B 21 11.90 -21.52 -45.16
CA ILE B 21 11.11 -21.17 -46.32
C ILE B 21 10.31 -22.34 -46.89
N THR B 22 10.71 -23.60 -46.64
CA THR B 22 10.01 -24.74 -47.29
C THR B 22 8.63 -25.00 -46.69
N LEU B 23 8.30 -24.33 -45.61
CA LEU B 23 6.96 -24.37 -45.00
C LEU B 23 5.96 -23.54 -45.77
N ALA B 24 6.40 -22.83 -46.82
CA ALA B 24 5.56 -21.83 -47.51
C ALA B 24 4.28 -22.47 -48.07
N ALA B 25 4.39 -23.64 -48.72
CA ALA B 25 3.20 -24.26 -49.30
C ALA B 25 2.14 -24.59 -48.24
N TRP B 26 2.58 -25.12 -47.10
CA TRP B 26 1.69 -25.37 -45.98
C TRP B 26 1.07 -24.06 -45.48
N GLY B 27 1.89 -23.00 -45.31
CA GLY B 27 1.30 -21.71 -44.93
C GLY B 27 0.26 -21.22 -45.92
N ARG B 28 0.51 -21.46 -47.22
CA ARG B 28 -0.42 -21.02 -48.26
C ARG B 28 -1.74 -21.79 -48.17
N ARG B 29 -1.67 -23.10 -47.95
CA ARG B 29 -2.90 -23.88 -47.74
C ARG B 29 -3.69 -23.32 -46.56
N GLU B 30 -3.00 -22.97 -45.47
CA GLU B 30 -3.76 -22.42 -44.35
C GLU B 30 -4.28 -20.99 -44.61
N LEU B 31 -3.52 -20.16 -45.33
CA LEU B 31 -4.03 -18.82 -45.71
C LEU B 31 -5.32 -18.94 -46.50
N ILE B 32 -5.40 -19.89 -47.44
CA ILE B 32 -6.57 -20.03 -48.28
C ILE B 32 -7.78 -20.47 -47.44
N ILE B 33 -7.57 -21.37 -46.48
CA ILE B 33 -8.63 -21.68 -45.52
C ILE B 33 -9.03 -20.42 -44.74
N ALA B 34 -8.05 -19.67 -44.23
CA ALA B 34 -8.35 -18.50 -43.40
C ALA B 34 -9.14 -17.45 -44.20
N GLU B 35 -8.84 -17.28 -45.49
CA GLU B 35 -9.65 -16.36 -46.30
C GLU B 35 -11.14 -16.71 -46.22
N SER B 36 -11.49 -18.01 -46.20
CA SER B 36 -12.91 -18.33 -46.18
C SER B 36 -13.52 -18.07 -44.81
N GLU B 37 -12.68 -17.95 -43.77
CA GLU B 37 -13.11 -17.60 -42.39
C GLU B 37 -13.08 -16.10 -42.10
N MET B 38 -12.72 -15.26 -43.07
CA MET B 38 -12.52 -13.83 -42.80
C MET B 38 -13.31 -12.97 -43.77
N PRO B 39 -14.64 -13.01 -43.66
CA PRO B 39 -15.46 -12.36 -44.71
C PRO B 39 -15.38 -10.85 -44.69
N ALA B 40 -15.21 -10.22 -43.54
CA ALA B 40 -15.10 -8.76 -43.53
C ALA B 40 -13.81 -8.33 -44.25
N LEU B 41 -12.72 -9.01 -43.92
CA LEU B 41 -11.44 -8.68 -44.50
C LEU B 41 -11.48 -8.95 -46.01
N MET B 42 -12.00 -10.13 -46.40
N MET B 42 -12.06 -10.09 -46.42
CA MET B 42 -12.15 -10.46 -47.82
CA MET B 42 -12.08 -10.40 -47.84
C MET B 42 -13.04 -9.46 -48.54
C MET B 42 -13.09 -9.54 -48.59
N GLY B 43 -14.15 -9.08 -47.91
CA GLY B 43 -15.05 -8.12 -48.52
C GLY B 43 -14.37 -6.78 -48.79
N LEU B 44 -13.44 -6.37 -47.93
CA LEU B 44 -12.67 -5.13 -48.19
C LEU B 44 -11.75 -5.29 -49.39
N ARG B 45 -11.10 -6.46 -49.53
CA ARG B 45 -10.35 -6.77 -50.76
C ARG B 45 -11.20 -6.59 -51.98
N ARG B 46 -12.36 -7.24 -52.00
CA ARG B 46 -13.20 -7.14 -53.17
C ARG B 46 -13.69 -5.72 -53.39
N LYS B 47 -14.09 -5.03 -52.34
CA LYS B 47 -14.67 -3.71 -52.53
C LYS B 47 -13.62 -2.70 -53.04
N TYR B 48 -12.41 -2.72 -52.52
CA TYR B 48 -11.44 -1.63 -52.77
C TYR B 48 -10.34 -1.99 -53.76
N ALA B 49 -10.29 -3.22 -54.26
CA ALA B 49 -9.13 -3.60 -55.08
C ALA B 49 -9.09 -2.80 -56.39
N GLY B 50 -10.25 -2.51 -56.97
CA GLY B 50 -10.27 -1.66 -58.16
C GLY B 50 -9.74 -0.27 -57.89
N GLN B 51 -10.11 0.30 -56.75
CA GLN B 51 -9.76 1.68 -56.43
C GLN B 51 -8.29 1.86 -55.98
N GLN B 52 -7.64 0.82 -55.49
CA GLN B 52 -6.27 0.88 -54.98
C GLN B 52 -6.04 2.02 -54.00
N PRO B 53 -6.81 2.09 -52.90
CA PRO B 53 -6.71 3.24 -52.00
C PRO B 53 -5.38 3.33 -51.28
N LEU B 54 -4.59 2.25 -51.20
CA LEU B 54 -3.29 2.21 -50.54
C LEU B 54 -2.13 2.24 -51.55
N LYS B 55 -2.41 2.55 -52.81
CA LYS B 55 -1.35 2.75 -53.81
C LYS B 55 -0.45 3.90 -53.35
N GLY B 56 0.86 3.62 -53.22
CA GLY B 56 1.83 4.56 -52.68
C GLY B 56 2.10 4.39 -51.20
N ALA B 57 1.31 3.61 -50.51
CA ALA B 57 1.53 3.44 -49.08
C ALA B 57 2.67 2.44 -48.88
N LYS B 58 3.50 2.74 -47.89
CA LYS B 58 4.66 1.91 -47.56
C LYS B 58 4.55 1.73 -46.05
N ILE B 59 4.10 0.54 -45.67
CA ILE B 59 3.67 0.26 -44.31
C ILE B 59 4.75 -0.53 -43.59
N LEU B 60 5.27 0.03 -42.49
CA LEU B 60 6.02 -0.75 -41.52
C LEU B 60 4.99 -1.46 -40.64
N GLY B 61 5.05 -2.77 -40.58
CA GLY B 61 4.06 -3.52 -39.78
C GLY B 61 4.76 -4.31 -38.68
N CYS B 62 4.25 -4.25 -37.45
CA CYS B 62 4.81 -5.03 -36.33
C CYS B 62 3.65 -5.68 -35.56
N ILE B 63 3.32 -6.93 -35.91
CA ILE B 63 2.22 -7.62 -35.23
C ILE B 63 2.46 -9.11 -35.46
N HIS B 64 2.21 -9.90 -34.40
CA HIS B 64 2.27 -11.36 -34.41
C HIS B 64 2.12 -11.93 -35.82
N MET B 65 3.14 -12.67 -36.28
CA MET B 65 3.17 -13.12 -37.69
C MET B 65 2.49 -14.50 -37.77
N THR B 66 1.15 -14.47 -37.62
CA THR B 66 0.27 -15.65 -37.70
C THR B 66 -0.30 -15.76 -39.13
N ILE B 67 -1.07 -16.84 -39.35
CA ILE B 67 -1.85 -17.00 -40.57
C ILE B 67 -2.83 -15.83 -40.67
N GLN B 68 -3.40 -15.39 -39.55
CA GLN B 68 -4.40 -14.32 -39.65
C GLN B 68 -3.72 -13.02 -40.09
N THR B 69 -2.55 -12.73 -39.52
CA THR B 69 -1.79 -11.56 -39.97
C THR B 69 -1.38 -11.70 -41.43
N GLY B 70 -1.13 -12.92 -41.91
CA GLY B 70 -0.88 -13.08 -43.36
C GLY B 70 -2.04 -12.62 -44.22
N VAL B 71 -3.28 -12.90 -43.80
CA VAL B 71 -4.41 -12.42 -44.63
C VAL B 71 -4.51 -10.88 -44.59
N LEU B 72 -4.26 -10.27 -43.42
CA LEU B 72 -4.18 -8.81 -43.31
C LEU B 72 -3.13 -8.25 -44.25
N ILE B 73 -1.92 -8.81 -44.19
CA ILE B 73 -0.83 -8.32 -45.04
C ILE B 73 -1.23 -8.40 -46.50
N GLU B 74 -1.76 -9.56 -46.91
CA GLU B 74 -2.04 -9.66 -48.34
C GLU B 74 -3.23 -8.78 -48.75
N THR B 75 -4.15 -8.47 -47.80
CA THR B 75 -5.19 -7.49 -48.09
C THR B 75 -4.57 -6.09 -48.29
N LEU B 76 -3.67 -5.65 -47.39
CA LEU B 76 -3.01 -4.36 -47.62
C LEU B 76 -2.33 -4.32 -48.98
N VAL B 77 -1.66 -5.42 -49.34
CA VAL B 77 -0.93 -5.49 -50.61
C VAL B 77 -1.92 -5.47 -51.78
N ALA B 78 -3.03 -6.20 -51.65
CA ALA B 78 -4.01 -6.23 -52.74
C ALA B 78 -4.66 -4.86 -52.95
N LEU B 79 -4.63 -3.98 -51.93
CA LEU B 79 -5.18 -2.64 -52.07
C LEU B 79 -4.14 -1.60 -52.53
N GLY B 80 -2.91 -2.05 -52.77
CA GLY B 80 -1.89 -1.20 -53.38
C GLY B 80 -0.65 -0.98 -52.53
N ALA B 81 -0.62 -1.41 -51.26
CA ALA B 81 0.50 -1.09 -50.37
C ALA B 81 1.71 -1.97 -50.63
N GLU B 82 2.90 -1.45 -50.30
CA GLU B 82 4.07 -2.28 -50.02
C GLU B 82 4.28 -2.30 -48.51
N VAL B 83 4.85 -3.39 -47.99
CA VAL B 83 5.02 -3.52 -46.54
C VAL B 83 6.39 -4.12 -46.24
N ARG B 84 6.84 -3.89 -45.00
CA ARG B 84 7.97 -4.61 -44.43
C ARG B 84 7.54 -5.00 -43.02
N TRP B 85 7.68 -6.30 -42.68
CA TRP B 85 6.94 -6.84 -41.55
C TRP B 85 7.83 -7.55 -40.52
N SER B 86 7.46 -7.42 -39.24
CA SER B 86 8.05 -8.19 -38.14
C SER B 86 6.94 -8.57 -37.18
N SER B 87 7.24 -9.55 -36.31
CA SER B 87 6.29 -9.90 -35.26
C SER B 87 6.47 -8.93 -34.09
N CYS B 88 5.40 -8.78 -33.26
CA CYS B 88 5.57 -8.02 -32.02
C CYS B 88 5.76 -8.92 -30.79
N ASN B 89 6.06 -10.23 -30.97
CA ASN B 89 6.35 -11.07 -29.81
C ASN B 89 7.30 -12.17 -30.24
N ILE B 90 8.24 -12.53 -29.36
CA ILE B 90 9.26 -13.52 -29.72
C ILE B 90 8.73 -14.92 -29.94
N PHE B 91 7.55 -15.28 -29.35
CA PHE B 91 6.96 -16.60 -29.50
C PHE B 91 5.69 -16.66 -30.36
N SER B 92 5.21 -15.53 -30.90
CA SER B 92 3.86 -15.59 -31.47
C SER B 92 3.84 -15.93 -32.96
N THR B 93 4.97 -15.83 -33.66
CA THR B 93 4.99 -16.21 -35.09
C THR B 93 4.55 -17.66 -35.33
N GLN B 94 3.79 -17.88 -36.41
CA GLN B 94 3.59 -19.23 -36.95
C GLN B 94 4.54 -19.34 -38.14
N ASP B 95 5.52 -20.23 -38.05
CA ASP B 95 6.59 -20.20 -39.07
C ASP B 95 6.07 -20.48 -40.48
N GLN B 96 5.03 -21.31 -40.65
CA GLN B 96 4.50 -21.57 -42.01
C GLN B 96 3.87 -20.29 -42.57
N ALA B 97 3.32 -19.45 -41.69
CA ALA B 97 2.74 -18.19 -42.13
C ALA B 97 3.82 -17.23 -42.58
N ALA B 98 4.86 -17.08 -41.76
CA ALA B 98 5.98 -16.23 -42.16
C ALA B 98 6.58 -16.70 -43.50
N ALA B 99 6.76 -18.02 -43.64
CA ALA B 99 7.31 -18.60 -44.89
C ALA B 99 6.43 -18.31 -46.11
N ALA B 100 5.11 -18.46 -45.97
CA ALA B 100 4.24 -18.15 -47.12
C ALA B 100 4.34 -16.66 -47.50
N ILE B 101 4.47 -15.75 -46.51
CA ILE B 101 4.58 -14.33 -46.84
C ILE B 101 5.92 -14.04 -47.54
N ALA B 102 7.01 -14.61 -47.03
CA ALA B 102 8.31 -14.41 -47.67
C ALA B 102 8.30 -14.99 -49.09
N ALA B 103 7.66 -16.13 -49.28
CA ALA B 103 7.65 -16.77 -50.61
C ALA B 103 6.81 -15.97 -51.60
N ALA B 104 5.89 -15.12 -51.12
CA ALA B 104 5.16 -14.21 -52.00
C ALA B 104 5.94 -12.93 -52.37
N GLY B 105 7.19 -12.81 -51.96
CA GLY B 105 7.97 -11.64 -52.31
C GLY B 105 7.79 -10.47 -51.38
N ILE B 106 7.29 -10.73 -50.17
CA ILE B 106 7.02 -9.70 -49.18
C ILE B 106 8.09 -9.77 -48.10
N PRO B 107 8.78 -8.66 -47.78
CA PRO B 107 9.78 -8.67 -46.72
C PRO B 107 9.18 -8.89 -45.37
N VAL B 108 9.65 -9.94 -44.70
CA VAL B 108 9.19 -10.32 -43.37
C VAL B 108 10.40 -10.89 -42.62
N PHE B 109 10.52 -10.53 -41.34
CA PHE B 109 11.65 -10.89 -40.48
C PHE B 109 11.00 -11.42 -39.19
N ALA B 110 10.80 -12.76 -39.09
CA ALA B 110 9.99 -13.28 -37.98
C ALA B 110 10.11 -14.80 -37.93
N TRP B 111 10.27 -15.31 -36.71
CA TRP B 111 10.21 -16.75 -36.48
C TRP B 111 9.83 -16.99 -35.03
N LYS B 112 9.22 -18.16 -34.78
CA LYS B 112 8.88 -18.49 -33.40
C LYS B 112 10.13 -18.79 -32.59
N GLY B 113 10.23 -18.23 -31.39
CA GLY B 113 11.40 -18.57 -30.59
C GLY B 113 12.58 -17.64 -30.82
N GLU B 114 12.32 -16.37 -31.12
CA GLU B 114 13.39 -15.39 -31.20
C GLU B 114 14.00 -15.09 -29.83
N THR B 115 15.28 -14.74 -29.82
CA THR B 115 15.84 -14.10 -28.64
C THR B 115 15.45 -12.62 -28.63
N GLU B 116 15.73 -11.95 -27.51
CA GLU B 116 15.42 -10.53 -27.41
C GLU B 116 16.23 -9.73 -28.41
N GLU B 117 17.51 -10.08 -28.58
CA GLU B 117 18.34 -9.38 -29.56
C GLU B 117 17.82 -9.61 -30.98
N GLU B 118 17.44 -10.86 -31.32
CA GLU B 118 16.84 -11.12 -32.62
C GLU B 118 15.56 -10.32 -32.81
N TYR B 119 14.75 -10.24 -31.75
CA TYR B 119 13.51 -9.47 -31.82
C TYR B 119 13.77 -8.02 -32.30
N GLU B 120 14.72 -7.34 -31.66
CA GLU B 120 15.02 -5.95 -32.02
C GLU B 120 15.59 -5.87 -33.43
N TRP B 121 16.42 -6.85 -33.80
CA TRP B 121 17.01 -6.91 -35.13
C TRP B 121 15.94 -7.05 -36.20
N CYS B 122 14.94 -7.91 -35.97
CA CYS B 122 13.82 -8.03 -36.90
C CYS B 122 13.10 -6.70 -37.11
N ILE B 123 12.78 -6.00 -36.02
CA ILE B 123 12.14 -4.72 -36.22
C ILE B 123 13.06 -3.78 -37.01
N GLU B 124 14.33 -3.75 -36.66
CA GLU B 124 15.26 -2.89 -37.41
C GLU B 124 15.34 -3.27 -38.89
N GLN B 125 15.18 -4.56 -39.23
CA GLN B 125 15.21 -4.92 -40.65
C GLN B 125 13.99 -4.43 -41.39
N THR B 126 12.88 -4.18 -40.70
CA THR B 126 11.78 -3.56 -41.46
C THR B 126 12.04 -2.06 -41.68
N ILE B 127 12.63 -1.37 -40.68
CA ILE B 127 12.85 0.07 -40.73
C ILE B 127 13.90 0.42 -41.77
N LEU B 128 14.93 -0.42 -41.93
CA LEU B 128 16.05 -0.18 -42.82
C LEU B 128 15.97 -1.10 -44.03
N LYS B 129 16.22 -0.56 -45.21
CA LYS B 129 16.35 -1.38 -46.40
C LYS B 129 17.70 -1.03 -47.02
N ASP B 130 18.51 -2.05 -47.22
CA ASP B 130 19.85 -1.84 -47.79
C ASP B 130 20.65 -0.89 -46.90
N GLY B 131 20.47 -1.01 -45.59
CA GLY B 131 21.27 -0.24 -44.67
C GLY B 131 20.86 1.21 -44.50
N GLN B 132 19.76 1.66 -45.10
CA GLN B 132 19.32 3.02 -44.90
C GLN B 132 17.84 3.04 -44.59
N PRO B 133 17.34 4.13 -44.02
CA PRO B 133 15.90 4.23 -43.74
C PRO B 133 15.06 3.91 -44.96
N TRP B 134 14.14 2.93 -44.83
CA TRP B 134 13.15 2.70 -45.89
C TRP B 134 12.29 3.95 -46.08
N ASP B 135 11.65 4.08 -47.26
CA ASP B 135 10.77 5.25 -47.52
C ASP B 135 9.35 4.97 -46.98
N ALA B 136 9.31 4.62 -45.70
CA ALA B 136 8.02 4.30 -45.04
C ALA B 136 7.13 5.53 -44.99
N ASN B 137 5.80 5.33 -45.08
CA ASN B 137 4.94 6.46 -44.79
C ASN B 137 3.72 6.04 -43.95
N MET B 138 3.67 4.80 -43.47
CA MET B 138 2.55 4.37 -42.62
C MET B 138 3.11 3.39 -41.59
N VAL B 139 2.46 3.29 -40.41
CA VAL B 139 2.84 2.32 -39.38
C VAL B 139 1.60 1.55 -38.96
N LEU B 140 1.74 0.22 -38.79
CA LEU B 140 0.72 -0.61 -38.19
C LEU B 140 1.37 -1.38 -37.05
N ASP B 141 0.91 -1.17 -35.82
CA ASP B 141 1.66 -1.63 -34.67
C ASP B 141 0.72 -2.36 -33.71
N ASP B 142 1.30 -3.22 -32.90
CA ASP B 142 0.56 -4.01 -31.90
C ASP B 142 1.42 -3.99 -30.65
N GLY B 143 1.11 -3.07 -29.72
CA GLY B 143 1.81 -2.97 -28.45
C GLY B 143 2.75 -1.77 -28.33
N GLY B 144 3.02 -1.07 -29.44
CA GLY B 144 3.83 0.15 -29.41
C GLY B 144 5.35 -0.01 -29.47
N ASP B 145 5.90 -1.22 -29.69
CA ASP B 145 7.37 -1.33 -29.69
C ASP B 145 7.94 -0.65 -30.91
N LEU B 146 7.36 -0.91 -32.09
CA LEU B 146 7.87 -0.26 -33.33
C LEU B 146 7.66 1.24 -33.28
N THR B 147 6.48 1.69 -32.79
CA THR B 147 6.23 3.11 -32.59
C THR B 147 7.29 3.74 -31.70
N GLU B 148 7.62 3.06 -30.61
CA GLU B 148 8.62 3.60 -29.68
C GLU B 148 9.98 3.71 -30.35
N ILE B 149 10.38 2.69 -31.09
CA ILE B 149 11.72 2.71 -31.71
C ILE B 149 11.81 3.87 -32.71
N LEU B 150 10.74 4.09 -33.47
CA LEU B 150 10.74 5.17 -34.44
C LEU B 150 10.87 6.53 -33.75
N HIS B 151 10.11 6.77 -32.66
CA HIS B 151 10.20 8.06 -32.00
C HIS B 151 11.58 8.29 -31.38
N LYS B 152 12.20 7.24 -30.84
CA LYS B 152 13.43 7.44 -30.08
C LYS B 152 14.64 7.47 -31.01
N LYS B 153 14.59 6.70 -32.07
CA LYS B 153 15.79 6.44 -32.87
C LYS B 153 15.69 6.92 -34.33
N TYR B 154 14.48 7.06 -34.87
CA TYR B 154 14.30 7.43 -36.29
C TYR B 154 13.33 8.58 -36.44
N PRO B 155 13.50 9.69 -35.68
CA PRO B 155 12.55 10.80 -35.82
C PRO B 155 12.49 11.36 -37.23
N GLN B 156 13.61 11.34 -37.98
CA GLN B 156 13.54 11.90 -39.33
C GLN B 156 12.58 11.10 -40.19
N MET B 157 12.45 9.81 -39.91
CA MET B 157 11.50 8.97 -40.64
C MET B 157 10.05 9.34 -40.30
N LEU B 158 9.78 9.72 -39.04
CA LEU B 158 8.38 10.05 -38.71
C LEU B 158 7.89 11.31 -39.43
N GLU B 159 8.81 12.18 -39.82
CA GLU B 159 8.46 13.40 -40.53
C GLU B 159 7.63 13.07 -41.77
N ARG B 160 7.87 11.89 -42.35
CA ARG B 160 7.27 11.44 -43.62
C ARG B 160 6.19 10.39 -43.42
N ILE B 161 5.83 10.10 -42.19
CA ILE B 161 4.82 9.10 -41.91
C ILE B 161 3.47 9.78 -41.65
N HIS B 162 2.41 9.25 -42.28
CA HIS B 162 1.09 9.87 -42.20
C HIS B 162 0.29 9.44 -40.98
N GLY B 163 0.70 8.35 -40.33
CA GLY B 163 -0.11 7.87 -39.21
C GLY B 163 0.34 6.52 -38.70
N ILE B 164 -0.16 6.20 -37.49
CA ILE B 164 0.00 4.90 -36.85
C ILE B 164 -1.39 4.31 -36.68
N THR B 165 -1.57 3.01 -36.95
CA THR B 165 -2.85 2.33 -36.60
C THR B 165 -2.49 1.25 -35.59
N GLU B 166 -2.89 1.44 -34.34
CA GLU B 166 -2.44 0.63 -33.23
C GLU B 166 -3.50 -0.40 -32.76
N GLU B 167 -3.06 -1.67 -32.61
CA GLU B 167 -3.95 -2.84 -32.42
C GLU B 167 -4.52 -2.95 -31.00
N THR B 168 -3.73 -2.64 -29.95
CA THR B 168 -4.05 -3.29 -28.66
C THR B 168 -4.07 -2.29 -27.51
N THR B 169 -4.76 -2.69 -26.43
CA THR B 169 -4.96 -1.77 -25.32
C THR B 169 -3.64 -1.15 -24.82
N THR B 170 -2.62 -1.99 -24.60
CA THR B 170 -1.34 -1.47 -24.10
C THR B 170 -0.73 -0.46 -25.09
N GLY B 171 -0.74 -0.76 -26.40
CA GLY B 171 -0.23 0.19 -27.38
C GLY B 171 -0.94 1.55 -27.33
N VAL B 172 -2.26 1.54 -27.16
CA VAL B 172 -3.02 2.79 -27.13
C VAL B 172 -2.64 3.56 -25.88
N HIS B 173 -2.45 2.86 -24.75
CA HIS B 173 -2.04 3.59 -23.55
C HIS B 173 -0.70 4.31 -23.78
N ARG B 174 0.25 3.63 -24.43
CA ARG B 174 1.53 4.25 -24.70
C ARG B 174 1.36 5.44 -25.63
N LEU B 175 0.46 5.35 -26.62
CA LEU B 175 0.19 6.48 -27.50
C LEU B 175 -0.38 7.66 -26.72
N LEU B 176 -1.34 7.38 -25.84
CA LEU B 176 -1.96 8.47 -25.09
C LEU B 176 -0.96 9.14 -24.15
N ASP B 177 0.02 8.39 -23.58
CA ASP B 177 1.06 9.04 -22.78
C ASP B 177 1.91 9.97 -23.62
N MET B 178 2.25 9.57 -24.86
CA MET B 178 3.05 10.46 -25.70
C MET B 178 2.25 11.71 -26.08
N LEU B 179 0.98 11.52 -26.46
CA LEU B 179 0.12 12.66 -26.75
C LEU B 179 0.10 13.62 -25.56
N LYS B 180 -0.14 13.08 -24.37
CA LYS B 180 -0.22 13.90 -23.17
C LYS B 180 1.09 14.66 -22.96
N ASN B 181 2.22 14.03 -23.26
CA ASN B 181 3.52 14.64 -23.05
C ASN B 181 3.95 15.52 -24.22
N GLY B 182 3.20 15.61 -25.30
CA GLY B 182 3.68 16.38 -26.43
C GLY B 182 4.79 15.70 -27.20
N THR B 183 4.95 14.37 -27.06
CA THR B 183 6.02 13.70 -27.80
C THR B 183 5.52 12.84 -28.96
N LEU B 184 4.22 12.67 -29.12
CA LEU B 184 3.71 11.94 -30.28
C LEU B 184 3.90 12.78 -31.55
N LYS B 185 4.49 12.15 -32.59
CA LYS B 185 4.88 12.93 -33.78
C LYS B 185 3.92 12.80 -34.95
N VAL B 186 3.03 11.79 -34.93
CA VAL B 186 2.08 11.53 -36.02
C VAL B 186 0.77 11.05 -35.42
N PRO B 187 -0.36 11.26 -36.12
CA PRO B 187 -1.65 10.93 -35.55
C PRO B 187 -1.82 9.41 -35.55
N ALA B 188 -2.75 8.94 -34.70
CA ALA B 188 -2.95 7.50 -34.66
C ALA B 188 -4.44 7.21 -34.68
N ILE B 189 -4.80 6.04 -35.20
CA ILE B 189 -6.12 5.45 -34.95
C ILE B 189 -5.97 4.32 -33.93
N ASN B 190 -6.73 4.50 -32.85
CA ASN B 190 -6.95 3.46 -31.82
C ASN B 190 -7.88 2.42 -32.43
N VAL B 191 -7.30 1.33 -32.94
CA VAL B 191 -8.09 0.27 -33.54
C VAL B 191 -8.69 -0.59 -32.44
N ASN B 192 -8.00 -0.69 -31.30
CA ASN B 192 -8.51 -1.50 -30.19
C ASN B 192 -9.95 -1.18 -29.82
N ASP B 193 -10.32 0.10 -29.77
CA ASP B 193 -11.65 0.47 -29.20
C ASP B 193 -12.78 0.57 -30.22
N SER B 194 -12.63 0.06 -31.46
CA SER B 194 -13.84 -0.37 -32.18
C SER B 194 -14.54 -1.51 -31.40
N VAL B 195 -15.87 -1.52 -31.39
CA VAL B 195 -16.58 -2.61 -30.70
C VAL B 195 -16.27 -3.95 -31.37
N THR B 196 -16.18 -3.96 -32.70
CA THR B 196 -15.82 -5.20 -33.40
C THR B 196 -14.35 -5.56 -33.21
N LYS B 197 -13.59 -4.81 -32.39
CA LYS B 197 -12.27 -5.25 -31.97
C LYS B 197 -12.29 -5.57 -30.48
N SER B 198 -12.35 -4.55 -29.59
CA SER B 198 -12.28 -4.76 -28.13
C SER B 198 -13.27 -5.81 -27.62
N LYS B 199 -14.53 -5.77 -28.06
CA LYS B 199 -15.55 -6.66 -27.52
C LYS B 199 -15.76 -7.88 -28.36
N ASN B 200 -14.79 -8.20 -29.23
CA ASN B 200 -14.80 -9.34 -30.10
C ASN B 200 -13.47 -10.06 -29.86
N ASP B 201 -12.39 -9.45 -30.35
CA ASP B 201 -11.03 -9.99 -30.17
C ASP B 201 -10.66 -10.11 -28.67
N ASN B 202 -10.71 -9.01 -27.91
CA ASN B 202 -10.08 -9.07 -26.57
C ASN B 202 -10.84 -10.03 -25.66
N LYS B 203 -12.16 -10.10 -25.82
CA LYS B 203 -13.00 -10.97 -24.99
C LYS B 203 -13.14 -12.36 -25.63
N TYR B 204 -13.84 -12.46 -26.77
CA TYR B 204 -14.10 -13.79 -27.31
C TYR B 204 -12.84 -14.49 -27.86
N GLY B 205 -11.85 -13.75 -28.31
CA GLY B 205 -10.62 -14.40 -28.76
C GLY B 205 -9.92 -15.12 -27.61
N CYS B 206 -9.86 -14.48 -26.44
CA CYS B 206 -9.25 -15.15 -25.30
C CYS B 206 -10.13 -16.30 -24.79
N ARG B 207 -11.44 -16.16 -24.89
CA ARG B 207 -12.31 -17.30 -24.59
C ARG B 207 -11.93 -18.51 -25.46
N HIS B 208 -11.72 -18.30 -26.73
CA HIS B 208 -11.35 -19.42 -27.60
C HIS B 208 -9.95 -19.92 -27.28
N SER B 209 -8.97 -19.01 -27.14
CA SER B 209 -7.58 -19.46 -27.21
C SER B 209 -6.87 -19.67 -25.86
N LEU B 210 -7.44 -19.24 -24.73
CA LEU B 210 -6.76 -19.46 -23.46
C LEU B 210 -6.77 -20.94 -23.09
N ASN B 211 -7.98 -21.57 -23.02
CA ASN B 211 -7.96 -22.99 -22.67
CA ASN B 211 -8.00 -23.00 -22.71
C ASN B 211 -7.26 -23.78 -23.78
N ASP B 212 -7.26 -23.28 -25.02
CA ASP B 212 -6.55 -23.96 -26.11
C ASP B 212 -5.05 -24.07 -25.80
N ALA B 213 -4.41 -22.93 -25.52
CA ALA B 213 -2.98 -22.90 -25.17
C ALA B 213 -2.67 -23.77 -23.93
N ILE B 214 -3.54 -23.72 -22.91
CA ILE B 214 -3.23 -24.45 -21.69
C ILE B 214 -3.27 -25.98 -21.97
N LYS B 215 -4.23 -26.41 -22.80
CA LYS B 215 -4.29 -27.84 -23.19
C LYS B 215 -3.08 -28.23 -24.04
N ARG B 216 -2.70 -27.41 -25.03
CA ARG B 216 -1.54 -27.80 -25.84
C ARG B 216 -0.29 -27.83 -25.00
N GLY B 217 -0.15 -26.87 -24.07
CA GLY B 217 1.05 -26.80 -23.24
C GLY B 217 1.17 -27.95 -22.26
N THR B 218 0.04 -28.31 -21.59
CA THR B 218 0.10 -29.23 -20.48
C THR B 218 -0.75 -30.49 -20.65
N ASP B 219 -1.75 -30.46 -21.53
CA ASP B 219 -2.80 -31.48 -21.62
C ASP B 219 -3.46 -31.78 -20.27
N HIS B 220 -3.48 -30.77 -19.39
CA HIS B 220 -4.15 -30.91 -18.11
C HIS B 220 -5.67 -30.90 -18.26
N LEU B 221 -6.33 -31.82 -17.56
CA LEU B 221 -7.75 -31.69 -17.25
C LEU B 221 -7.98 -30.36 -16.53
N LEU B 222 -9.02 -29.63 -16.94
CA LEU B 222 -9.29 -28.37 -16.23
C LEU B 222 -10.52 -28.48 -15.36
N SER B 223 -11.50 -29.26 -15.79
CA SER B 223 -12.75 -29.46 -15.05
CA SER B 223 -12.74 -29.38 -15.03
C SER B 223 -12.46 -29.81 -13.60
N GLY B 224 -13.19 -29.19 -12.65
CA GLY B 224 -13.07 -29.58 -11.22
C GLY B 224 -11.88 -28.95 -10.49
N LYS B 225 -10.96 -28.29 -11.22
CA LYS B 225 -9.82 -27.59 -10.59
C LYS B 225 -10.07 -26.11 -10.37
N GLN B 226 -9.21 -25.52 -9.54
CA GLN B 226 -9.36 -24.14 -9.07
CA GLN B 226 -9.36 -24.13 -9.08
C GLN B 226 -8.47 -23.19 -9.89
N ALA B 227 -9.06 -22.13 -10.40
CA ALA B 227 -8.32 -21.12 -11.13
C ALA B 227 -8.49 -19.74 -10.48
N LEU B 228 -7.47 -18.92 -10.62
CA LEU B 228 -7.53 -17.51 -10.22
C LEU B 228 -7.15 -16.64 -11.42
N VAL B 229 -8.07 -15.79 -11.86
CA VAL B 229 -7.81 -14.86 -12.97
C VAL B 229 -7.61 -13.49 -12.37
N ILE B 230 -6.45 -12.86 -12.67
CA ILE B 230 -6.17 -11.52 -12.21
C ILE B 230 -6.62 -10.57 -13.31
N GLY B 231 -7.68 -9.82 -13.05
CA GLY B 231 -8.24 -8.85 -13.98
C GLY B 231 -9.58 -9.33 -14.54
N TYR B 232 -10.48 -8.37 -14.79
CA TYR B 232 -11.80 -8.66 -15.38
C TYR B 232 -12.19 -7.53 -16.32
N GLY B 233 -11.20 -7.04 -17.13
CA GLY B 233 -11.45 -6.18 -18.26
C GLY B 233 -11.90 -7.06 -19.42
N ASP B 234 -11.70 -6.60 -20.67
CA ASP B 234 -12.18 -7.48 -21.77
C ASP B 234 -11.46 -8.84 -21.82
N VAL B 235 -10.12 -8.84 -21.73
CA VAL B 235 -9.32 -10.08 -21.72
C VAL B 235 -9.65 -10.95 -20.51
N GLY B 236 -9.78 -10.36 -19.34
CA GLY B 236 -10.10 -11.15 -18.16
C GLY B 236 -11.51 -11.73 -18.19
N LYS B 237 -12.45 -10.98 -18.75
CA LYS B 237 -13.79 -11.57 -18.93
C LYS B 237 -13.74 -12.80 -19.84
N GLY B 238 -13.06 -12.67 -20.98
CA GLY B 238 -12.99 -13.78 -21.92
C GLY B 238 -12.21 -14.95 -21.34
N SER B 239 -11.12 -14.65 -20.64
CA SER B 239 -10.31 -15.70 -19.98
C SER B 239 -11.10 -16.44 -18.93
N SER B 240 -11.78 -15.68 -18.06
CA SER B 240 -12.58 -16.33 -17.03
C SER B 240 -13.60 -17.29 -17.65
N GLN B 241 -14.23 -16.90 -18.76
CA GLN B 241 -15.20 -17.76 -19.45
C GLN B 241 -14.50 -18.99 -20.09
N SER B 242 -13.31 -18.79 -20.63
CA SER B 242 -12.56 -19.90 -21.23
C SER B 242 -12.43 -21.04 -20.24
N LEU B 243 -12.21 -20.68 -18.98
CA LEU B 243 -11.92 -21.63 -17.92
C LEU B 243 -13.20 -22.14 -17.29
N ARG B 244 -14.15 -21.23 -17.01
N ARG B 244 -14.15 -21.25 -17.01
CA ARG B 244 -15.43 -21.67 -16.43
CA ARG B 244 -15.40 -21.73 -16.43
C ARG B 244 -16.16 -22.64 -17.37
C ARG B 244 -16.14 -22.66 -17.37
N GLN B 245 -16.09 -22.38 -18.69
CA GLN B 245 -16.83 -23.25 -19.62
C GLN B 245 -16.24 -24.66 -19.68
N GLU B 246 -14.98 -24.82 -19.28
CA GLU B 246 -14.33 -26.11 -19.15
C GLU B 246 -14.65 -26.78 -17.81
N GLY B 247 -15.38 -26.11 -16.92
CA GLY B 247 -15.64 -26.72 -15.61
C GLY B 247 -14.68 -26.34 -14.48
N MET B 248 -13.85 -25.30 -14.66
CA MET B 248 -13.01 -24.87 -13.58
C MET B 248 -13.88 -24.09 -12.57
N ILE B 249 -13.43 -24.10 -11.33
CA ILE B 249 -13.94 -23.20 -10.30
C ILE B 249 -13.06 -21.95 -10.34
N VAL B 250 -13.61 -20.85 -10.87
CA VAL B 250 -12.84 -19.66 -11.20
C VAL B 250 -13.10 -18.60 -10.15
N LYS B 251 -12.04 -18.02 -9.59
CA LYS B 251 -12.11 -16.83 -8.76
C LYS B 251 -11.41 -15.70 -9.54
N VAL B 252 -11.85 -14.46 -9.27
CA VAL B 252 -11.44 -13.28 -10.04
C VAL B 252 -10.93 -12.24 -9.05
N ALA B 253 -9.79 -11.61 -9.38
CA ALA B 253 -9.25 -10.45 -8.66
C ALA B 253 -9.39 -9.21 -9.53
N GLU B 254 -9.70 -8.08 -8.90
CA GLU B 254 -9.85 -6.83 -9.65
C GLU B 254 -9.48 -5.67 -8.75
N VAL B 255 -8.94 -4.59 -9.35
CA VAL B 255 -8.86 -3.31 -8.64
C VAL B 255 -10.04 -2.37 -8.98
N ASP B 256 -10.79 -2.69 -10.02
CA ASP B 256 -11.87 -1.84 -10.48
C ASP B 256 -13.18 -2.42 -9.92
N PRO B 257 -13.83 -1.75 -8.98
CA PRO B 257 -15.08 -2.28 -8.42
C PRO B 257 -16.21 -2.46 -9.43
N ILE B 258 -16.27 -1.66 -10.49
CA ILE B 258 -17.29 -1.92 -11.51
C ILE B 258 -17.04 -3.26 -12.20
N CYS B 259 -15.79 -3.50 -12.63
CA CYS B 259 -15.48 -4.81 -13.22
C CYS B 259 -15.68 -5.93 -12.22
N ALA B 260 -15.34 -5.71 -10.96
CA ALA B 260 -15.59 -6.74 -9.94
C ALA B 260 -17.09 -7.01 -9.75
N MET B 261 -17.92 -5.95 -9.78
N MET B 261 -17.92 -5.96 -9.78
CA MET B 261 -19.37 -6.15 -9.72
CA MET B 261 -19.37 -6.16 -9.71
C MET B 261 -19.86 -7.04 -10.85
C MET B 261 -19.85 -7.05 -10.85
N GLN B 262 -19.36 -6.80 -12.06
CA GLN B 262 -19.68 -7.70 -13.18
C GLN B 262 -19.25 -9.13 -12.88
N ALA B 263 -18.02 -9.32 -12.37
CA ALA B 263 -17.57 -10.70 -12.09
C ALA B 263 -18.53 -11.38 -11.10
N CYS B 264 -18.95 -10.64 -10.06
CA CYS B 264 -19.94 -11.22 -9.12
C CYS B 264 -21.21 -11.62 -9.84
N MET B 265 -21.77 -10.72 -10.64
CA MET B 265 -23.05 -11.01 -11.32
C MET B 265 -22.91 -12.11 -12.36
N ASP B 266 -21.71 -12.23 -12.94
CA ASP B 266 -21.49 -13.32 -13.89
C ASP B 266 -21.24 -14.66 -13.19
N GLY B 267 -21.32 -14.68 -11.85
CA GLY B 267 -21.23 -15.95 -11.13
C GLY B 267 -19.87 -16.36 -10.64
N PHE B 268 -18.94 -15.42 -10.49
CA PHE B 268 -17.62 -15.71 -9.94
C PHE B 268 -17.50 -15.14 -8.55
N GLU B 269 -16.71 -15.80 -7.72
CA GLU B 269 -16.29 -15.27 -6.44
C GLU B 269 -15.10 -14.30 -6.64
N VAL B 270 -15.19 -13.08 -6.10
CA VAL B 270 -14.14 -12.05 -6.28
C VAL B 270 -13.25 -12.07 -5.06
N VAL B 271 -11.95 -12.32 -5.27
CA VAL B 271 -11.00 -12.50 -4.15
C VAL B 271 -9.80 -11.63 -4.44
N SER B 272 -9.01 -11.37 -3.40
CA SER B 272 -7.73 -10.69 -3.56
C SER B 272 -6.62 -11.63 -3.15
N PRO B 273 -5.46 -11.61 -3.84
CA PRO B 273 -4.30 -12.33 -3.33
C PRO B 273 -3.88 -11.86 -1.95
N TYR B 274 -4.27 -10.65 -1.55
CA TYR B 274 -3.76 -9.98 -0.35
C TYR B 274 -4.89 -9.86 0.66
N LYS B 275 -4.58 -10.03 1.93
CA LYS B 275 -5.60 -9.83 2.95
C LYS B 275 -6.15 -8.40 2.91
N ASN B 276 -7.47 -8.29 2.85
CA ASN B 276 -8.18 -7.02 2.74
C ASN B 276 -7.83 -6.25 1.49
N GLY B 277 -7.23 -6.93 0.51
CA GLY B 277 -6.87 -6.29 -0.74
C GLY B 277 -5.67 -5.38 -0.64
N ILE B 278 -4.93 -5.41 0.48
CA ILE B 278 -3.89 -4.44 0.77
C ILE B 278 -2.54 -5.03 0.38
N ASN B 279 -1.99 -4.55 -0.73
CA ASN B 279 -0.74 -5.11 -1.25
C ASN B 279 0.42 -4.27 -0.67
N ASP B 280 0.83 -4.60 0.55
CA ASP B 280 1.84 -3.81 1.26
C ASP B 280 3.25 -4.35 1.08
N GLY B 281 3.43 -5.39 0.25
CA GLY B 281 4.74 -5.92 -0.07
C GLY B 281 5.29 -6.94 0.91
N THR B 282 4.51 -7.37 1.92
CA THR B 282 4.98 -8.33 2.90
C THR B 282 4.46 -9.71 2.60
N GLU B 283 5.20 -10.71 3.06
CA GLU B 283 4.72 -12.08 2.94
C GLU B 283 3.44 -12.26 3.73
N ALA B 284 3.39 -11.64 4.91
CA ALA B 284 2.20 -11.71 5.74
C ALA B 284 0.96 -11.21 4.99
N SER B 285 1.12 -10.30 4.04
CA SER B 285 -0.06 -9.85 3.30
C SER B 285 -0.75 -10.96 2.47
N ILE B 286 -0.04 -12.03 2.17
CA ILE B 286 -0.57 -12.97 1.18
C ILE B 286 -1.66 -13.81 1.82
N ASP B 287 -2.77 -13.99 1.12
CA ASP B 287 -3.77 -14.96 1.59
C ASP B 287 -3.25 -16.37 1.24
N ALA B 288 -2.51 -16.94 2.16
CA ALA B 288 -1.81 -18.21 1.89
C ALA B 288 -2.80 -19.35 1.71
N ALA B 289 -3.92 -19.32 2.45
CA ALA B 289 -4.91 -20.38 2.30
C ALA B 289 -5.52 -20.37 0.92
N LEU B 290 -5.79 -19.16 0.38
CA LEU B 290 -6.33 -19.05 -0.98
C LEU B 290 -5.30 -19.49 -2.01
N LEU B 291 -4.08 -18.97 -1.96
CA LEU B 291 -3.09 -19.30 -2.98
C LEU B 291 -2.75 -20.78 -2.95
N GLY B 292 -2.77 -21.40 -1.76
CA GLY B 292 -2.42 -22.78 -1.60
C GLY B 292 -3.44 -23.76 -2.19
N LYS B 293 -4.59 -23.24 -2.66
CA LYS B 293 -5.60 -24.07 -3.29
C LYS B 293 -5.73 -23.84 -4.78
N ILE B 294 -4.93 -22.92 -5.35
CA ILE B 294 -5.08 -22.53 -6.75
C ILE B 294 -4.22 -23.45 -7.65
N ASP B 295 -4.86 -24.05 -8.68
CA ASP B 295 -4.19 -24.90 -9.64
C ASP B 295 -3.70 -24.16 -10.86
N LEU B 296 -4.23 -22.96 -11.09
CA LEU B 296 -3.92 -22.21 -12.31
C LEU B 296 -4.16 -20.73 -12.05
N ILE B 297 -3.15 -19.89 -12.32
CA ILE B 297 -3.33 -18.47 -12.24
CA ILE B 297 -3.29 -18.45 -12.23
C ILE B 297 -3.06 -17.88 -13.62
N VAL B 298 -3.91 -16.96 -14.04
CA VAL B 298 -3.80 -16.27 -15.34
C VAL B 298 -3.83 -14.76 -15.11
N THR B 299 -2.84 -14.03 -15.65
CA THR B 299 -2.83 -12.57 -15.55
C THR B 299 -3.40 -11.94 -16.85
N THR B 300 -4.26 -10.91 -16.68
CA THR B 300 -4.98 -10.37 -17.84
C THR B 300 -5.00 -8.84 -17.84
N THR B 301 -4.10 -8.21 -17.12
CA THR B 301 -4.31 -6.79 -16.70
C THR B 301 -3.65 -5.72 -17.58
N GLY B 302 -2.56 -6.02 -18.29
CA GLY B 302 -1.75 -4.95 -18.86
C GLY B 302 -1.02 -4.11 -17.81
N ASN B 303 -1.00 -4.58 -16.57
CA ASN B 303 -0.33 -3.88 -15.48
C ASN B 303 0.96 -4.63 -15.14
N VAL B 304 1.65 -4.18 -14.11
CA VAL B 304 2.98 -4.68 -13.75
C VAL B 304 2.93 -5.41 -12.40
N ASN B 305 3.56 -6.59 -12.36
CA ASN B 305 3.79 -7.38 -11.14
C ASN B 305 2.49 -7.67 -10.39
N VAL B 306 1.50 -8.16 -11.16
CA VAL B 306 0.20 -8.55 -10.57
C VAL B 306 0.20 -10.01 -10.16
N CYS B 307 1.21 -10.79 -10.56
CA CYS B 307 1.46 -12.11 -9.98
C CYS B 307 2.87 -12.07 -9.44
N ASP B 308 3.02 -11.71 -8.16
CA ASP B 308 4.33 -11.28 -7.68
C ASP B 308 5.07 -12.44 -6.98
N ALA B 309 6.23 -12.12 -6.49
CA ALA B 309 7.12 -13.15 -5.95
C ALA B 309 6.48 -13.84 -4.75
N ASN B 310 5.79 -13.08 -3.89
CA ASN B 310 5.23 -13.69 -2.70
C ASN B 310 4.02 -14.55 -3.07
N MET B 311 3.23 -14.12 -4.06
CA MET B 311 2.19 -15.02 -4.55
C MET B 311 2.79 -16.33 -5.10
N LEU B 312 3.83 -16.20 -5.94
CA LEU B 312 4.47 -17.39 -6.52
C LEU B 312 5.02 -18.31 -5.43
N LYS B 313 5.56 -17.76 -4.35
CA LYS B 313 6.01 -18.64 -3.27
C LYS B 313 4.86 -19.37 -2.60
N ALA B 314 3.66 -18.78 -2.61
CA ALA B 314 2.56 -19.35 -1.84
C ALA B 314 1.64 -20.24 -2.68
N LEU B 315 1.84 -20.27 -4.00
CA LEU B 315 0.99 -21.09 -4.86
C LEU B 315 1.12 -22.57 -4.52
N LYS B 316 -0.02 -23.26 -4.64
CA LYS B 316 -0.07 -24.72 -4.54
C LYS B 316 0.99 -25.39 -5.40
N LYS B 317 1.61 -26.43 -4.88
CA LYS B 317 2.54 -27.20 -5.70
C LYS B 317 1.89 -27.60 -7.02
N ARG B 318 2.69 -27.52 -8.07
CA ARG B 318 2.37 -27.94 -9.41
C ARG B 318 1.32 -27.07 -10.08
N ALA B 319 1.01 -25.90 -9.51
CA ALA B 319 0.11 -24.98 -10.22
C ALA B 319 0.73 -24.54 -11.53
N VAL B 320 -0.15 -24.18 -12.49
CA VAL B 320 0.23 -23.61 -13.78
C VAL B 320 0.14 -22.09 -13.66
N VAL B 321 1.14 -21.41 -14.20
CA VAL B 321 1.21 -19.95 -14.16
C VAL B 321 1.30 -19.43 -15.61
N CYS B 322 0.41 -18.49 -15.99
CA CYS B 322 0.56 -17.92 -17.32
C CYS B 322 -0.03 -16.53 -17.39
N ASN B 323 0.29 -15.85 -18.49
CA ASN B 323 -0.03 -14.46 -18.70
C ASN B 323 -0.63 -14.36 -20.10
N ILE B 324 -1.76 -13.67 -20.20
CA ILE B 324 -2.34 -13.40 -21.50
C ILE B 324 -2.47 -11.88 -21.76
N GLY B 325 -1.93 -11.01 -20.85
CA GLY B 325 -1.78 -9.59 -21.15
C GLY B 325 -0.62 -9.42 -22.16
N HIS B 326 -0.40 -8.20 -22.66
CA HIS B 326 0.56 -8.03 -23.78
C HIS B 326 2.04 -8.31 -23.42
N PHE B 327 2.49 -7.96 -22.19
CA PHE B 327 3.90 -8.01 -21.84
C PHE B 327 4.11 -8.97 -20.66
N ASP B 328 5.31 -9.59 -20.57
CA ASP B 328 5.58 -10.64 -19.56
C ASP B 328 5.82 -10.10 -18.15
N ASN B 329 5.96 -8.81 -17.96
CA ASN B 329 6.16 -8.28 -16.62
C ASN B 329 4.87 -8.27 -15.76
N GLU B 330 3.77 -8.86 -16.23
CA GLU B 330 2.64 -9.11 -15.31
C GLU B 330 3.01 -10.10 -14.23
N ILE B 331 3.91 -11.05 -14.55
CA ILE B 331 4.37 -12.08 -13.63
C ILE B 331 5.81 -11.73 -13.29
N ASP B 332 6.21 -11.86 -12.01
CA ASP B 332 7.61 -11.64 -11.66
C ASP B 332 8.44 -12.85 -12.08
N THR B 333 8.58 -13.05 -13.40
CA THR B 333 9.51 -14.11 -13.86
C THR B 333 10.96 -13.82 -13.49
N ALA B 334 11.34 -12.53 -13.37
CA ALA B 334 12.72 -12.19 -13.01
C ALA B 334 13.08 -12.82 -11.68
N PHE B 335 12.18 -12.72 -10.71
CA PHE B 335 12.41 -13.37 -9.42
C PHE B 335 12.63 -14.86 -9.62
N MET B 336 11.84 -15.49 -10.50
CA MET B 336 11.99 -16.93 -10.67
C MET B 336 13.31 -17.27 -11.35
N ARG B 337 13.75 -16.45 -12.29
CA ARG B 337 15.03 -16.69 -12.94
C ARG B 337 16.16 -16.56 -11.94
N LYS B 338 16.00 -15.62 -11.01
CA LYS B 338 17.06 -15.39 -10.06
C LYS B 338 17.12 -16.43 -8.96
N ASN B 339 16.01 -17.13 -8.66
CA ASN B 339 15.99 -17.92 -7.43
C ASN B 339 15.73 -19.40 -7.63
N TRP B 340 15.13 -19.81 -8.73
CA TRP B 340 14.61 -21.14 -8.88
C TRP B 340 15.18 -21.79 -10.11
N ALA B 341 15.14 -23.10 -10.15
CA ALA B 341 15.79 -23.84 -11.23
C ALA B 341 14.76 -24.19 -12.31
N TRP B 342 15.06 -23.86 -13.57
CA TRP B 342 14.08 -24.06 -14.66
C TRP B 342 14.41 -25.33 -15.41
N GLU B 343 13.40 -26.16 -15.63
CA GLU B 343 13.51 -27.40 -16.39
C GLU B 343 12.58 -27.29 -17.60
N GLU B 344 13.14 -27.35 -18.79
CA GLU B 344 12.30 -27.27 -19.98
C GLU B 344 11.59 -28.59 -20.18
N VAL B 345 10.26 -28.58 -20.21
CA VAL B 345 9.51 -29.78 -20.58
C VAL B 345 9.55 -29.96 -22.08
N LYS B 346 9.23 -28.89 -22.84
CA LYS B 346 9.24 -28.83 -24.30
C LYS B 346 9.22 -27.33 -24.58
N PRO B 347 9.31 -26.89 -25.83
CA PRO B 347 9.40 -25.42 -26.06
C PRO B 347 8.17 -24.70 -25.49
N GLN B 348 8.43 -23.57 -24.80
CA GLN B 348 7.41 -22.72 -24.16
C GLN B 348 6.69 -23.43 -23.00
N VAL B 349 7.29 -24.46 -22.41
CA VAL B 349 6.77 -25.08 -21.20
C VAL B 349 7.93 -25.39 -20.27
N HIS B 350 7.93 -24.75 -19.10
CA HIS B 350 9.03 -24.92 -18.14
C HIS B 350 8.44 -25.30 -16.79
N LYS B 351 9.09 -26.27 -16.13
CA LYS B 351 8.88 -26.51 -14.70
C LYS B 351 9.86 -25.66 -13.92
N ILE B 352 9.35 -24.89 -12.95
CA ILE B 352 10.18 -23.99 -12.13
C ILE B 352 10.26 -24.64 -10.74
N HIS B 353 11.46 -25.09 -10.35
CA HIS B 353 11.66 -25.89 -9.13
C HIS B 353 11.97 -24.93 -7.97
N ARG B 354 11.03 -24.84 -7.04
CA ARG B 354 11.15 -23.90 -5.92
C ARG B 354 12.09 -24.40 -4.85
N THR B 355 12.77 -25.52 -5.10
CA THR B 355 13.77 -26.06 -4.17
C THR B 355 15.10 -25.28 -4.15
N GLY B 356 15.34 -24.38 -5.09
CA GLY B 356 16.64 -23.71 -5.14
C GLY B 356 17.02 -23.42 -6.59
N LYS B 357 18.19 -22.77 -6.75
CA LYS B 357 18.57 -22.26 -8.07
C LYS B 357 19.47 -23.20 -8.85
N ASP B 358 20.35 -23.89 -8.16
CA ASP B 358 21.42 -24.66 -8.78
C ASP B 358 20.99 -26.12 -8.84
N GLY B 359 20.36 -26.49 -9.96
CA GLY B 359 19.94 -27.85 -10.17
C GLY B 359 18.63 -28.18 -9.48
N PHE B 360 18.12 -29.37 -9.81
CA PHE B 360 16.83 -29.83 -9.29
C PHE B 360 16.82 -31.35 -9.37
N ASP B 361 16.00 -31.96 -8.52
CA ASP B 361 15.68 -33.36 -8.63
C ASP B 361 14.63 -33.58 -9.74
N ALA B 362 14.89 -34.51 -10.68
CA ALA B 362 13.93 -34.74 -11.77
C ALA B 362 12.56 -35.22 -11.25
N HIS B 363 12.51 -35.72 -10.02
CA HIS B 363 11.26 -36.17 -9.39
C HIS B 363 10.81 -35.23 -8.25
N ASN B 364 11.43 -34.06 -8.12
CA ASN B 364 10.87 -33.03 -7.24
C ASN B 364 9.38 -32.79 -7.54
N ASP B 365 8.59 -32.69 -6.48
CA ASP B 365 7.18 -32.40 -6.58
C ASP B 365 6.86 -30.93 -6.35
N ASP B 366 7.85 -30.14 -5.91
CA ASP B 366 7.61 -28.75 -5.55
C ASP B 366 8.09 -27.86 -6.69
N TYR B 367 7.24 -27.76 -7.72
CA TYR B 367 7.52 -26.94 -8.89
C TYR B 367 6.24 -26.28 -9.34
N LEU B 368 6.40 -25.21 -10.14
CA LEU B 368 5.32 -24.57 -10.86
C LEU B 368 5.55 -24.82 -12.36
N ILE B 369 4.48 -24.81 -13.13
CA ILE B 369 4.61 -24.91 -14.59
C ILE B 369 4.35 -23.53 -15.16
N LEU B 370 5.37 -22.94 -15.76
CA LEU B 370 5.23 -21.66 -16.43
C LEU B 370 5.03 -21.90 -17.93
N LEU B 371 4.07 -21.19 -18.53
CA LEU B 371 3.86 -21.29 -19.97
C LEU B 371 4.42 -20.08 -20.71
N ALA B 372 5.04 -20.33 -21.88
CA ALA B 372 5.54 -19.24 -22.76
C ALA B 372 6.48 -18.26 -22.03
N GLU B 373 7.20 -18.76 -21.02
CA GLU B 373 8.09 -17.93 -20.18
C GLU B 373 7.42 -16.63 -19.76
N GLY B 374 6.10 -16.72 -19.55
CA GLY B 374 5.35 -15.55 -19.13
C GLY B 374 4.92 -14.62 -20.25
N ARG B 375 5.29 -14.92 -21.52
CA ARG B 375 4.75 -14.10 -22.60
C ARG B 375 3.33 -14.56 -22.96
N LEU B 376 2.64 -13.74 -23.80
CA LEU B 376 1.26 -13.95 -24.20
C LEU B 376 1.00 -15.46 -24.48
N VAL B 377 0.18 -16.12 -23.64
CA VAL B 377 0.17 -17.57 -23.66
C VAL B 377 -0.64 -18.09 -24.83
N ASN B 378 -1.69 -17.38 -25.23
CA ASN B 378 -2.50 -17.90 -26.33
C ASN B 378 -1.70 -17.96 -27.62
N LEU B 379 -0.86 -16.95 -27.87
CA LEU B 379 -0.02 -16.98 -29.05
C LEU B 379 1.25 -17.81 -28.85
N GLY B 380 1.73 -17.89 -27.60
CA GLY B 380 3.01 -18.58 -27.37
C GLY B 380 2.84 -20.11 -27.35
N ASN B 381 1.71 -20.62 -26.82
CA ASN B 381 1.50 -22.07 -26.73
C ASN B 381 0.40 -22.58 -27.66
N ALA B 382 -0.30 -21.69 -28.39
CA ALA B 382 -1.31 -22.14 -29.35
C ALA B 382 -1.16 -21.22 -30.56
N THR B 383 -2.25 -20.80 -31.18
CA THR B 383 -2.13 -20.00 -32.40
C THR B 383 -2.87 -18.69 -32.23
N GLY B 384 -3.05 -18.23 -30.96
CA GLY B 384 -3.80 -17.02 -30.71
C GLY B 384 -5.24 -17.15 -31.17
N HIS B 385 -5.82 -15.98 -31.45
CA HIS B 385 -7.26 -15.95 -31.74
C HIS B 385 -7.54 -16.60 -33.11
N PRO B 386 -8.74 -17.12 -33.33
CA PRO B 386 -9.07 -17.76 -34.62
C PRO B 386 -9.40 -16.74 -35.70
N SER B 387 -9.19 -17.18 -36.95
CA SER B 387 -9.41 -16.31 -38.13
C SER B 387 -10.73 -15.53 -38.05
N ARG B 388 -11.84 -16.21 -37.75
CA ARG B 388 -13.14 -15.51 -37.82
C ARG B 388 -13.29 -14.40 -36.79
N ILE B 389 -12.56 -14.48 -35.66
CA ILE B 389 -12.51 -13.34 -34.73
C ILE B 389 -11.57 -12.24 -35.22
N MET B 390 -10.36 -12.61 -35.68
CA MET B 390 -9.38 -11.61 -36.11
C MET B 390 -9.87 -10.85 -37.33
N ASP B 391 -10.81 -11.43 -38.03
CA ASP B 391 -11.47 -10.79 -39.15
C ASP B 391 -11.94 -9.39 -38.78
N GLY B 392 -12.61 -9.27 -37.62
CA GLY B 392 -13.09 -7.96 -37.17
C GLY B 392 -11.94 -6.99 -36.92
N SER B 393 -10.97 -7.42 -36.10
CA SER B 393 -9.83 -6.57 -35.77
C SER B 393 -9.16 -6.07 -37.04
N PHE B 394 -8.94 -7.00 -37.99
CA PHE B 394 -8.13 -6.67 -39.13
C PHE B 394 -8.91 -5.92 -40.22
N ALA B 395 -10.21 -6.13 -40.36
CA ALA B 395 -10.98 -5.19 -41.18
C ALA B 395 -10.86 -3.75 -40.65
N ASN B 396 -10.99 -3.54 -39.33
CA ASN B 396 -10.73 -2.21 -38.74
C ASN B 396 -9.33 -1.70 -39.09
N GLN B 397 -8.28 -2.56 -38.97
CA GLN B 397 -6.93 -2.11 -39.33
C GLN B 397 -6.88 -1.55 -40.75
N VAL B 398 -7.45 -2.28 -41.71
CA VAL B 398 -7.40 -1.84 -43.10
C VAL B 398 -8.15 -0.53 -43.26
N LEU B 399 -9.35 -0.43 -42.66
CA LEU B 399 -10.07 0.83 -42.74
C LEU B 399 -9.26 1.98 -42.14
N ALA B 400 -8.60 1.72 -41.02
CA ALA B 400 -7.80 2.75 -40.36
C ALA B 400 -6.60 3.17 -41.23
N GLN B 401 -5.92 2.19 -41.84
CA GLN B 401 -4.81 2.48 -42.75
C GLN B 401 -5.29 3.35 -43.90
N ILE B 402 -6.44 3.00 -44.49
CA ILE B 402 -6.96 3.81 -45.60
C ILE B 402 -7.20 5.22 -45.13
N HIS B 403 -7.80 5.36 -43.94
CA HIS B 403 -8.19 6.69 -43.52
C HIS B 403 -6.97 7.58 -43.30
N LEU B 404 -5.95 7.10 -42.57
CA LEU B 404 -4.80 7.96 -42.27
C LEU B 404 -3.96 8.17 -43.53
N PHE B 405 -3.85 7.15 -44.37
CA PHE B 405 -3.05 7.33 -45.57
C PHE B 405 -3.69 8.39 -46.47
N GLU B 406 -5.03 8.40 -46.56
CA GLU B 406 -5.70 9.36 -47.44
C GLU B 406 -5.63 10.78 -46.86
N GLN B 407 -5.54 10.90 -45.53
CA GLN B 407 -5.43 12.19 -44.89
C GLN B 407 -4.08 12.85 -45.16
N LYS B 408 -3.01 12.04 -45.30
CA LYS B 408 -1.73 12.61 -45.76
C LYS B 408 -1.16 13.62 -44.76
N TYR B 409 -1.22 13.28 -43.46
CA TYR B 409 -0.74 14.19 -42.43
C TYR B 409 0.65 14.73 -42.71
N ALA B 410 1.56 13.87 -43.21
CA ALA B 410 2.96 14.29 -43.35
C ALA B 410 3.13 15.43 -44.33
N ASP B 411 2.20 15.58 -45.28
CA ASP B 411 2.27 16.64 -46.29
C ASP B 411 1.56 17.92 -45.88
N LEU B 412 0.94 17.94 -44.77
CA LEU B 412 0.20 19.10 -44.30
C LEU B 412 1.14 20.19 -43.79
N PRO B 413 0.77 21.45 -43.91
CA PRO B 413 1.53 22.49 -43.21
C PRO B 413 1.47 22.32 -41.68
N ALA B 414 2.50 22.89 -41.02
CA ALA B 414 2.66 22.72 -39.58
C ALA B 414 1.40 23.12 -38.83
N ALA B 415 0.78 24.23 -39.24
CA ALA B 415 -0.43 24.69 -38.53
C ALA B 415 -1.58 23.71 -38.67
N GLU B 416 -1.70 23.05 -39.83
CA GLU B 416 -2.74 22.04 -40.05
C GLU B 416 -2.44 20.75 -39.32
N LYS B 417 -1.19 20.28 -39.38
CA LYS B 417 -0.73 19.18 -38.52
C LYS B 417 -1.21 19.35 -37.08
N ALA B 418 -1.07 20.57 -36.51
CA ALA B 418 -1.39 20.77 -35.11
C ALA B 418 -2.87 20.52 -34.85
N LYS B 419 -3.73 20.82 -35.82
CA LYS B 419 -5.16 20.53 -35.71
C LYS B 419 -5.47 19.06 -35.82
N ARG B 420 -4.56 18.27 -36.35
CA ARG B 420 -4.86 16.89 -36.69
C ARG B 420 -4.10 15.90 -35.81
N LEU B 421 -3.26 16.38 -34.91
CA LEU B 421 -2.41 15.48 -34.12
C LEU B 421 -3.23 14.91 -32.95
N SER B 422 -3.72 13.67 -33.07
CA SER B 422 -4.66 13.14 -32.08
C SER B 422 -4.64 11.62 -32.19
N VAL B 423 -5.32 10.99 -31.23
CA VAL B 423 -5.52 9.54 -31.21
C VAL B 423 -7.02 9.33 -31.30
N GLU B 424 -7.51 8.82 -32.44
CA GLU B 424 -8.96 8.75 -32.62
C GLU B 424 -9.40 7.33 -32.91
N VAL B 425 -10.72 7.06 -32.75
CA VAL B 425 -11.28 5.78 -33.18
C VAL B 425 -12.02 5.97 -34.49
N LEU B 426 -12.29 4.86 -35.17
CA LEU B 426 -13.11 4.88 -36.39
C LEU B 426 -14.57 5.26 -36.07
N PRO B 427 -15.28 5.82 -37.04
CA PRO B 427 -16.70 6.18 -36.85
C PRO B 427 -17.55 4.93 -36.61
N LYS B 428 -18.61 5.11 -35.83
CA LYS B 428 -19.47 3.96 -35.51
C LYS B 428 -20.01 3.31 -36.79
N LYS B 429 -20.29 4.10 -37.83
CA LYS B 429 -20.89 3.55 -39.03
C LYS B 429 -20.00 2.45 -39.64
N LEU B 430 -18.66 2.64 -39.60
CA LEU B 430 -17.75 1.61 -40.12
C LEU B 430 -17.72 0.39 -39.18
N ASP B 431 -17.66 0.64 -37.88
CA ASP B 431 -17.77 -0.44 -36.88
C ASP B 431 -18.98 -1.33 -37.17
N GLU B 432 -20.15 -0.72 -37.45
CA GLU B 432 -21.38 -1.46 -37.81
C GLU B 432 -21.24 -2.24 -39.11
N GLU B 433 -20.59 -1.65 -40.13
CA GLU B 433 -20.46 -2.36 -41.41
C GLU B 433 -19.54 -3.57 -41.28
N VAL B 434 -18.47 -3.45 -40.51
CA VAL B 434 -17.64 -4.61 -40.18
C VAL B 434 -18.49 -5.69 -39.49
N ALA B 435 -19.19 -5.30 -38.44
CA ALA B 435 -20.03 -6.25 -37.73
C ALA B 435 -21.01 -6.96 -38.67
N LEU B 436 -21.66 -6.20 -39.56
CA LEU B 436 -22.63 -6.80 -40.47
C LEU B 436 -21.99 -7.92 -41.30
N GLU B 437 -20.82 -7.69 -41.82
CA GLU B 437 -20.18 -8.75 -42.59
C GLU B 437 -19.81 -9.94 -41.68
N MET B 438 -19.46 -9.66 -40.42
CA MET B 438 -19.18 -10.76 -39.49
C MET B 438 -20.46 -11.60 -39.27
N VAL B 439 -21.58 -10.91 -39.03
CA VAL B 439 -22.86 -11.62 -38.82
C VAL B 439 -23.24 -12.46 -40.01
N LYS B 440 -23.09 -11.92 -41.24
CA LYS B 440 -23.40 -12.69 -42.44
C LYS B 440 -22.49 -13.91 -42.57
N GLY B 441 -21.24 -13.81 -42.09
CA GLY B 441 -20.32 -14.96 -42.06
C GLY B 441 -20.87 -16.12 -41.26
N PHE B 442 -21.66 -15.85 -40.22
CA PHE B 442 -22.34 -16.92 -39.47
C PHE B 442 -23.65 -17.37 -40.09
N GLY B 443 -24.09 -16.77 -41.18
CA GLY B 443 -25.42 -17.01 -41.67
C GLY B 443 -26.50 -16.23 -40.97
N GLY B 444 -26.13 -15.27 -40.11
CA GLY B 444 -27.14 -14.45 -39.41
C GLY B 444 -27.82 -13.47 -40.35
N VAL B 445 -29.06 -13.10 -39.99
CA VAL B 445 -29.92 -12.23 -40.81
C VAL B 445 -30.29 -11.05 -39.92
N VAL B 446 -29.71 -9.86 -40.21
CA VAL B 446 -30.08 -8.66 -39.49
C VAL B 446 -31.42 -8.13 -40.03
N THR B 447 -32.32 -7.73 -39.13
CA THR B 447 -33.60 -7.15 -39.58
C THR B 447 -33.42 -5.67 -39.98
N GLN B 448 -34.20 -5.23 -40.95
CA GLN B 448 -34.22 -3.83 -41.36
C GLN B 448 -35.39 -3.11 -40.70
N LEU B 449 -35.10 -2.00 -40.02
CA LEU B 449 -36.16 -1.13 -39.48
C LEU B 449 -37.08 -0.63 -40.58
N THR B 450 -38.39 -0.57 -40.28
CA THR B 450 -39.30 0.21 -41.10
C THR B 450 -39.02 1.71 -40.90
N PRO B 451 -39.41 2.55 -41.85
CA PRO B 451 -39.29 4.02 -41.62
C PRO B 451 -39.95 4.49 -40.31
N LYS B 452 -41.17 4.01 -40.02
CA LYS B 452 -41.86 4.34 -38.76
C LYS B 452 -41.00 3.94 -37.55
N GLN B 453 -40.41 2.76 -37.61
CA GLN B 453 -39.66 2.29 -36.46
C GLN B 453 -38.40 3.11 -36.29
N ALA B 454 -37.74 3.45 -37.42
CA ALA B 454 -36.54 4.26 -37.30
C ALA B 454 -36.86 5.64 -36.74
N GLU B 455 -37.96 6.24 -37.19
CA GLU B 455 -38.37 7.51 -36.62
C GLU B 455 -38.64 7.38 -35.12
N TYR B 456 -39.29 6.28 -34.72
CA TYR B 456 -39.68 6.06 -33.33
C TYR B 456 -38.48 6.06 -32.40
N ILE B 457 -37.36 5.44 -32.81
CA ILE B 457 -36.18 5.45 -31.95
C ILE B 457 -35.17 6.51 -32.34
N GLY B 458 -35.44 7.26 -33.40
CA GLY B 458 -34.59 8.41 -33.69
C GLY B 458 -33.32 8.04 -34.43
N VAL B 459 -33.36 7.06 -35.33
CA VAL B 459 -32.16 6.69 -36.06
C VAL B 459 -32.51 6.64 -37.56
N SER B 460 -31.47 6.65 -38.38
CA SER B 460 -31.64 6.36 -39.79
C SER B 460 -31.84 4.85 -39.98
N VAL B 461 -32.60 4.49 -41.01
CA VAL B 461 -32.75 3.07 -41.33
C VAL B 461 -31.39 2.44 -41.60
N GLU B 462 -30.43 3.21 -42.09
CA GLU B 462 -29.11 2.63 -42.36
C GLU B 462 -28.16 2.66 -41.18
N GLY B 463 -28.59 3.20 -40.04
CA GLY B 463 -27.68 3.36 -38.93
C GLY B 463 -26.88 4.66 -39.09
N PRO B 464 -26.06 5.02 -38.11
CA PRO B 464 -25.73 4.24 -36.91
C PRO B 464 -26.94 4.11 -35.97
N PHE B 465 -26.95 3.02 -35.22
CA PHE B 465 -28.11 2.62 -34.45
C PHE B 465 -28.01 3.02 -32.98
N LYS B 466 -26.83 3.44 -32.53
CA LYS B 466 -26.57 3.80 -31.15
C LYS B 466 -25.82 5.12 -31.06
N PRO B 467 -26.01 5.87 -29.97
CA PRO B 467 -25.19 7.06 -29.73
C PRO B 467 -23.76 6.64 -29.43
N ASP B 468 -22.85 7.59 -29.63
CA ASP B 468 -21.44 7.27 -29.43
C ASP B 468 -21.13 6.84 -28.00
N THR B 469 -21.99 7.18 -27.04
CA THR B 469 -21.76 6.81 -25.65
C THR B 469 -22.20 5.37 -25.35
N TYR B 470 -22.79 4.66 -26.29
CA TYR B 470 -23.38 3.36 -25.97
C TYR B 470 -22.27 2.34 -25.67
N ARG B 471 -22.48 1.51 -24.63
CA ARG B 471 -21.39 0.61 -24.18
C ARG B 471 -21.54 -0.83 -24.66
N TYR B 472 -22.64 -1.18 -25.28
CA TYR B 472 -22.92 -2.58 -25.65
C TYR B 472 -22.70 -3.55 -24.50
N GLY C 12 -54.75 9.48 11.92
CA GLY C 12 -55.72 10.06 11.03
C GLY C 12 -55.21 10.29 9.61
N PHE C 13 -54.21 9.50 9.21
CA PHE C 13 -53.63 9.60 7.86
C PHE C 13 -54.55 8.94 6.83
N THR C 14 -55.00 9.73 5.83
CA THR C 14 -55.86 9.25 4.76
C THR C 14 -55.35 9.64 3.38
N ASP C 15 -54.14 10.20 3.27
CA ASP C 15 -53.65 10.78 2.02
C ASP C 15 -52.93 9.72 1.17
N TYR C 16 -53.67 8.64 0.83
CA TYR C 16 -53.09 7.53 0.08
C TYR C 16 -54.23 6.74 -0.59
N LYS C 17 -53.86 5.84 -1.49
CA LYS C 17 -54.86 4.93 -2.06
C LYS C 17 -54.14 3.63 -2.44
N VAL C 18 -54.42 2.56 -1.71
CA VAL C 18 -53.78 1.25 -1.95
C VAL C 18 -54.86 0.16 -1.96
N ALA C 19 -54.45 -1.05 -2.37
CA ALA C 19 -55.37 -2.18 -2.44
C ALA C 19 -55.88 -2.58 -1.07
N ASP C 20 -54.99 -2.67 -0.08
CA ASP C 20 -55.39 -3.28 1.18
C ASP C 20 -54.37 -2.87 2.24
N ILE C 21 -54.75 -1.89 3.06
CA ILE C 21 -53.82 -1.39 4.05
C ILE C 21 -53.42 -2.46 5.07
N THR C 22 -54.25 -3.52 5.25
CA THR C 22 -53.89 -4.53 6.23
C THR C 22 -52.73 -5.42 5.79
N LEU C 23 -52.21 -5.21 4.59
CA LEU C 23 -51.04 -5.94 4.13
C LEU C 23 -49.75 -5.28 4.61
N ALA C 24 -49.88 -4.25 5.45
CA ALA C 24 -48.72 -3.41 5.76
C ALA C 24 -47.68 -4.15 6.59
N ALA C 25 -48.11 -4.97 7.58
CA ALA C 25 -47.16 -5.72 8.40
C ALA C 25 -46.36 -6.68 7.54
N TRP C 26 -47.02 -7.35 6.59
CA TRP C 26 -46.31 -8.23 5.68
C TRP C 26 -45.33 -7.43 4.82
N GLY C 27 -45.77 -6.29 4.26
CA GLY C 27 -44.83 -5.43 3.52
C GLY C 27 -43.63 -5.02 4.35
N ARG C 28 -43.85 -4.76 5.64
CA ARG C 28 -42.75 -4.29 6.49
C ARG C 28 -41.74 -5.42 6.74
N ARG C 29 -42.23 -6.65 6.96
CA ARG C 29 -41.30 -7.76 7.12
C ARG C 29 -40.44 -7.92 5.87
N GLU C 30 -41.05 -7.78 4.68
CA GLU C 30 -40.23 -7.91 3.46
C GLU C 30 -39.29 -6.73 3.28
N LEU C 31 -39.70 -5.51 3.68
CA LEU C 31 -38.78 -4.38 3.58
C LEU C 31 -37.57 -4.61 4.49
N ILE C 32 -37.78 -5.15 5.68
CA ILE C 32 -36.65 -5.34 6.58
C ILE C 32 -35.69 -6.38 5.97
N ILE C 33 -36.24 -7.40 5.28
CA ILE C 33 -35.36 -8.34 4.58
C ILE C 33 -34.64 -7.63 3.44
N ALA C 34 -35.38 -6.80 2.68
CA ALA C 34 -34.79 -6.15 1.52
C ALA C 34 -33.64 -5.21 1.92
N GLU C 35 -33.73 -4.56 3.09
CA GLU C 35 -32.66 -3.70 3.56
C GLU C 35 -31.34 -4.46 3.68
N SER C 36 -31.38 -5.71 4.19
CA SER C 36 -30.18 -6.56 4.30
C SER C 36 -29.65 -7.00 2.94
N GLU C 37 -30.44 -6.88 1.86
CA GLU C 37 -30.01 -7.18 0.50
C GLU C 37 -29.55 -5.95 -0.29
N MET C 38 -29.58 -4.74 0.31
CA MET C 38 -29.35 -3.50 -0.43
C MET C 38 -28.27 -2.67 0.28
N PRO C 39 -27.04 -3.19 0.30
CA PRO C 39 -25.99 -2.50 1.10
C PRO C 39 -25.59 -1.14 0.53
N ALA C 40 -25.65 -0.92 -0.79
CA ALA C 40 -25.33 0.43 -1.29
C ALA C 40 -26.37 1.44 -0.78
N LEU C 41 -27.64 1.10 -0.94
CA LEU C 41 -28.69 2.02 -0.49
C LEU C 41 -28.61 2.24 1.01
N MET C 42 -28.47 1.16 1.79
N MET C 42 -28.44 1.18 1.80
CA MET C 42 -28.31 1.28 3.24
CA MET C 42 -28.34 1.35 3.23
C MET C 42 -27.08 2.10 3.60
C MET C 42 -27.06 2.06 3.64
N GLY C 43 -25.97 1.87 2.88
CA GLY C 43 -24.76 2.65 3.12
C GLY C 43 -24.98 4.13 2.92
N LEU C 44 -25.80 4.51 1.93
CA LEU C 44 -26.07 5.94 1.78
C LEU C 44 -26.92 6.46 2.94
N ARG C 45 -27.87 5.64 3.41
CA ARG C 45 -28.67 6.00 4.59
C ARG C 45 -27.78 6.27 5.77
N ARG C 46 -26.86 5.35 6.07
CA ARG C 46 -25.92 5.59 7.16
C ARG C 46 -25.05 6.82 6.92
N LYS C 47 -24.48 6.95 5.73
CA LYS C 47 -23.52 8.03 5.48
C LYS C 47 -24.16 9.42 5.55
N TYR C 48 -25.41 9.57 5.12
CA TYR C 48 -25.97 10.93 4.96
C TYR C 48 -27.06 11.29 5.95
N ALA C 49 -27.44 10.36 6.82
CA ALA C 49 -28.51 10.63 7.76
C ALA C 49 -28.24 11.89 8.57
N GLY C 50 -26.98 12.07 9.01
CA GLY C 50 -26.65 13.19 9.87
C GLY C 50 -26.73 14.51 9.13
N GLN C 51 -26.20 14.56 7.90
CA GLN C 51 -26.17 15.75 7.09
C GLN C 51 -27.57 16.16 6.59
N GLN C 52 -28.52 15.23 6.48
CA GLN C 52 -29.87 15.51 6.01
C GLN C 52 -29.84 16.25 4.66
N PRO C 53 -29.17 15.70 3.64
CA PRO C 53 -28.92 16.49 2.41
C PRO C 53 -30.18 16.75 1.63
N LEU C 54 -31.26 16.01 1.87
CA LEU C 54 -32.51 16.25 1.16
C LEU C 54 -33.55 16.98 2.03
N LYS C 55 -33.12 17.55 3.15
CA LYS C 55 -34.02 18.40 3.91
C LYS C 55 -34.47 19.58 3.03
N GLY C 56 -35.80 19.72 2.90
CA GLY C 56 -36.39 20.70 2.01
C GLY C 56 -36.85 20.14 0.68
N ALA C 57 -36.40 18.95 0.30
CA ALA C 57 -36.79 18.38 -0.98
C ALA C 57 -38.22 17.87 -0.93
N LYS C 58 -38.96 18.12 -2.02
CA LYS C 58 -40.35 17.66 -2.14
C LYS C 58 -40.42 16.93 -3.48
N ILE C 59 -40.35 15.60 -3.41
CA ILE C 59 -40.11 14.76 -4.57
C ILE C 59 -41.42 14.14 -5.05
N LEU C 60 -41.79 14.41 -6.30
CA LEU C 60 -42.78 13.61 -7.03
C LEU C 60 -42.09 12.38 -7.61
N GLY C 61 -42.51 11.20 -7.18
CA GLY C 61 -41.92 9.93 -7.60
C GLY C 61 -42.92 9.12 -8.39
N CYS C 62 -42.48 8.63 -9.55
CA CYS C 62 -43.33 7.73 -10.32
C CYS C 62 -42.51 6.51 -10.75
N ILE C 63 -42.60 5.40 -10.00
CA ILE C 63 -41.86 4.20 -10.36
C ILE C 63 -42.50 3.02 -9.66
N HIS C 64 -42.48 1.87 -10.34
CA HIS C 64 -43.04 0.61 -9.84
C HIS C 64 -43.01 0.51 -8.30
N MET C 65 -44.18 0.53 -7.65
CA MET C 65 -44.31 0.45 -6.17
C MET C 65 -44.05 -0.98 -5.69
N THR C 66 -42.78 -1.37 -5.80
CA THR C 66 -42.31 -2.64 -5.29
C THR C 66 -41.73 -2.52 -3.88
N ILE C 67 -41.40 -3.67 -3.28
CA ILE C 67 -40.58 -3.68 -2.07
C ILE C 67 -39.30 -2.89 -2.28
N GLN C 68 -38.66 -3.06 -3.46
CA GLN C 68 -37.38 -2.40 -3.67
C GLN C 68 -37.56 -0.87 -3.70
N THR C 69 -38.59 -0.41 -4.39
CA THR C 69 -38.93 1.01 -4.40
C THR C 69 -39.25 1.51 -3.00
N GLY C 70 -39.81 0.65 -2.14
CA GLY C 70 -40.05 1.07 -0.74
C GLY C 70 -38.75 1.40 -0.02
N VAL C 71 -37.72 0.58 -0.19
CA VAL C 71 -36.42 0.92 0.39
C VAL C 71 -35.89 2.25 -0.18
N LEU C 72 -36.04 2.47 -1.49
CA LEU C 72 -35.66 3.75 -2.09
C LEU C 72 -36.43 4.90 -1.44
N ILE C 73 -37.75 4.78 -1.38
CA ILE C 73 -38.57 5.84 -0.79
C ILE C 73 -38.11 6.14 0.62
N GLU C 74 -37.91 5.09 1.43
CA GLU C 74 -37.62 5.36 2.82
C GLU C 74 -36.19 5.86 3.02
N THR C 75 -35.29 5.59 2.07
CA THR C 75 -33.95 6.20 2.11
C THR C 75 -34.02 7.70 1.83
N LEU C 76 -34.83 8.09 0.84
CA LEU C 76 -35.04 9.51 0.58
C LEU C 76 -35.63 10.19 1.81
N VAL C 77 -36.64 9.56 2.42
CA VAL C 77 -37.27 10.19 3.60
C VAL C 77 -36.27 10.28 4.75
N ALA C 78 -35.48 9.21 4.94
CA ALA C 78 -34.47 9.24 5.98
C ALA C 78 -33.41 10.31 5.76
N LEU C 79 -33.26 10.80 4.51
CA LEU C 79 -32.27 11.84 4.24
C LEU C 79 -32.88 13.25 4.26
N GLY C 80 -34.17 13.36 4.59
CA GLY C 80 -34.81 14.66 4.73
C GLY C 80 -35.98 14.90 3.82
N ALA C 81 -36.22 14.05 2.83
CA ALA C 81 -37.19 14.39 1.80
C ALA C 81 -38.63 14.21 2.28
N GLU C 82 -39.53 14.97 1.67
CA GLU C 82 -40.93 14.57 1.57
C GLU C 82 -41.17 14.08 0.16
N VAL C 83 -42.09 13.11 0.01
CA VAL C 83 -42.42 12.54 -1.30
C VAL C 83 -43.92 12.31 -1.44
N ARG C 84 -44.37 12.19 -2.69
CA ARG C 84 -45.72 11.73 -3.02
C ARG C 84 -45.56 10.77 -4.20
N TRP C 85 -46.06 9.52 -4.08
CA TRP C 85 -45.60 8.44 -4.94
C TRP C 85 -46.72 7.80 -5.77
N SER C 86 -46.36 7.35 -6.95
CA SER C 86 -47.24 6.46 -7.72
C SER C 86 -46.36 5.46 -8.49
N SER C 87 -47.03 4.46 -9.04
CA SER C 87 -46.35 3.47 -9.87
C SER C 87 -46.31 3.94 -11.32
N CYS C 88 -45.31 3.46 -12.05
CA CYS C 88 -45.25 3.83 -13.46
C CYS C 88 -45.78 2.70 -14.36
N ASN C 89 -46.45 1.69 -13.78
CA ASN C 89 -47.05 0.65 -14.61
C ASN C 89 -48.24 0.07 -13.88
N ILE C 90 -49.29 -0.28 -14.63
CA ILE C 90 -50.54 -0.69 -14.00
C ILE C 90 -50.46 -2.05 -13.36
N PHE C 91 -49.48 -2.90 -13.74
CA PHE C 91 -49.39 -4.22 -13.11
C PHE C 91 -48.16 -4.37 -12.19
N SER C 92 -47.34 -3.35 -12.00
CA SER C 92 -46.04 -3.64 -11.34
C SER C 92 -46.05 -3.48 -9.81
N THR C 93 -47.08 -2.86 -9.24
CA THR C 93 -47.07 -2.66 -7.80
C THR C 93 -47.11 -4.00 -7.06
N GLN C 94 -46.36 -4.09 -5.94
CA GLN C 94 -46.58 -5.12 -4.92
C GLN C 94 -47.47 -4.49 -3.84
N ASP C 95 -48.68 -5.02 -3.67
CA ASP C 95 -49.63 -4.36 -2.77
C ASP C 95 -49.14 -4.32 -1.34
N GLN C 96 -48.38 -5.32 -0.88
CA GLN C 96 -47.88 -5.24 0.49
C GLN C 96 -46.82 -4.13 0.65
N ALA C 97 -46.12 -3.80 -0.44
CA ALA C 97 -45.17 -2.70 -0.40
C ALA C 97 -45.87 -1.34 -0.31
N ALA C 98 -46.82 -1.11 -1.22
CA ALA C 98 -47.66 0.07 -1.16
C ALA C 98 -48.27 0.24 0.23
N ALA C 99 -48.85 -0.83 0.80
CA ALA C 99 -49.45 -0.69 2.12
C ALA C 99 -48.43 -0.31 3.19
N ALA C 100 -47.23 -0.92 3.16
CA ALA C 100 -46.26 -0.60 4.22
C ALA C 100 -45.89 0.87 4.16
N ILE C 101 -45.82 1.41 2.94
CA ILE C 101 -45.43 2.80 2.77
C ILE C 101 -46.54 3.70 3.24
N ALA C 102 -47.77 3.42 2.80
CA ALA C 102 -48.89 4.22 3.29
C ALA C 102 -48.98 4.16 4.81
N ALA C 103 -48.74 2.97 5.41
CA ALA C 103 -48.83 2.77 6.86
C ALA C 103 -47.77 3.53 7.63
N ALA C 104 -46.67 3.94 6.96
CA ALA C 104 -45.65 4.80 7.52
C ALA C 104 -46.00 6.30 7.38
N GLY C 105 -47.18 6.61 6.86
CA GLY C 105 -47.61 8.00 6.68
C GLY C 105 -47.04 8.68 5.45
N ILE C 106 -46.74 7.95 4.39
CA ILE C 106 -46.18 8.50 3.16
C ILE C 106 -47.25 8.44 2.07
N PRO C 107 -47.54 9.54 1.37
CA PRO C 107 -48.55 9.49 0.30
C PRO C 107 -48.10 8.60 -0.87
N VAL C 108 -48.92 7.58 -1.15
CA VAL C 108 -48.68 6.65 -2.25
C VAL C 108 -50.04 6.25 -2.81
N PHE C 109 -50.14 6.24 -4.16
CA PHE C 109 -51.38 5.90 -4.85
C PHE C 109 -51.00 4.83 -5.89
N ALA C 110 -51.23 3.55 -5.56
CA ALA C 110 -50.68 2.46 -6.35
C ALA C 110 -51.32 1.15 -5.92
N TRP C 111 -51.70 0.35 -6.90
CA TRP C 111 -52.11 -1.03 -6.65
C TRP C 111 -51.88 -1.84 -7.92
N LYS C 112 -51.78 -3.16 -7.73
CA LYS C 112 -51.61 -4.07 -8.85
C LYS C 112 -52.95 -4.25 -9.55
N GLY C 113 -52.96 -4.08 -10.86
CA GLY C 113 -54.17 -4.25 -11.61
C GLY C 113 -54.95 -2.98 -11.81
N GLU C 114 -54.29 -1.84 -11.91
CA GLU C 114 -54.98 -0.56 -12.20
C GLU C 114 -55.55 -0.56 -13.63
N THR C 115 -56.63 0.22 -13.84
CA THR C 115 -57.01 0.53 -15.21
C THR C 115 -56.17 1.71 -15.73
N GLU C 116 -56.26 2.00 -17.03
CA GLU C 116 -55.52 3.16 -17.56
C GLU C 116 -56.00 4.46 -16.90
N GLU C 117 -57.31 4.57 -16.68
CA GLU C 117 -57.83 5.79 -16.08
C GLU C 117 -57.34 5.94 -14.64
N GLU C 118 -57.31 4.82 -13.90
CA GLU C 118 -56.81 4.79 -12.53
C GLU C 118 -55.32 5.11 -12.48
N TYR C 119 -54.56 4.59 -13.44
CA TYR C 119 -53.14 4.92 -13.52
C TYR C 119 -52.92 6.44 -13.61
N GLU C 120 -53.66 7.11 -14.49
CA GLU C 120 -53.54 8.57 -14.64
C GLU C 120 -54.00 9.28 -13.37
N TRP C 121 -55.11 8.83 -12.80
CA TRP C 121 -55.60 9.41 -11.55
C TRP C 121 -54.55 9.30 -10.44
N CYS C 122 -53.82 8.18 -10.39
CA CYS C 122 -52.77 8.01 -9.37
C CYS C 122 -51.65 9.04 -9.52
N ILE C 123 -51.12 9.22 -10.73
CA ILE C 123 -50.10 10.24 -10.93
C ILE C 123 -50.63 11.60 -10.47
N GLU C 124 -51.87 11.90 -10.82
CA GLU C 124 -52.37 13.23 -10.54
C GLU C 124 -52.60 13.43 -9.04
N GLN C 125 -52.83 12.34 -8.29
CA GLN C 125 -52.91 12.44 -6.82
C GLN C 125 -51.56 12.74 -6.19
N THR C 126 -50.45 12.35 -6.85
CA THR C 126 -49.15 12.83 -6.36
C THR C 126 -48.96 14.31 -6.68
N ILE C 127 -49.42 14.76 -7.86
CA ILE C 127 -49.21 16.15 -8.29
C ILE C 127 -50.08 17.12 -7.49
N LEU C 128 -51.28 16.71 -7.11
CA LEU C 128 -52.22 17.58 -6.41
C LEU C 128 -52.32 17.17 -4.95
N LYS C 129 -52.30 18.16 -4.06
CA LYS C 129 -52.53 17.93 -2.64
C LYS C 129 -53.63 18.89 -2.21
N ASP C 130 -54.76 18.34 -1.78
CA ASP C 130 -55.94 19.13 -1.42
C ASP C 130 -56.45 19.93 -2.62
N GLY C 131 -56.44 19.28 -3.80
CA GLY C 131 -56.98 19.86 -5.01
C GLY C 131 -56.12 20.94 -5.67
N GLN C 132 -54.99 21.30 -5.08
CA GLN C 132 -54.08 22.29 -5.64
C GLN C 132 -52.73 21.66 -5.91
N PRO C 133 -51.96 22.22 -6.85
CA PRO C 133 -50.64 21.64 -7.14
C PRO C 133 -49.76 21.64 -5.88
N TRP C 134 -49.21 20.47 -5.58
CA TRP C 134 -48.26 20.39 -4.48
C TRP C 134 -47.05 21.29 -4.79
N ASP C 135 -46.41 21.80 -3.73
CA ASP C 135 -45.19 22.60 -3.87
C ASP C 135 -43.97 21.68 -4.07
N ALA C 136 -44.01 20.92 -5.15
CA ALA C 136 -42.94 19.98 -5.51
C ALA C 136 -41.68 20.75 -5.92
N ASN C 137 -40.49 20.19 -5.66
CA ASN C 137 -39.31 20.82 -6.23
C ASN C 137 -38.33 19.77 -6.77
N MET C 138 -38.72 18.50 -6.80
CA MET C 138 -37.89 17.47 -7.40
C MET C 138 -38.78 16.40 -8.04
N VAL C 139 -38.22 15.72 -9.04
CA VAL C 139 -38.94 14.66 -9.77
C VAL C 139 -38.06 13.42 -9.93
N LEU C 140 -38.61 12.25 -9.58
CA LEU C 140 -37.98 10.96 -9.85
C LEU C 140 -38.95 10.18 -10.71
N ASP C 141 -38.47 9.71 -11.87
CA ASP C 141 -39.37 9.17 -12.89
C ASP C 141 -38.78 7.90 -13.50
N ASP C 142 -39.65 7.07 -14.03
CA ASP C 142 -39.20 5.82 -14.64
C ASP C 142 -40.08 5.63 -15.86
N GLY C 143 -39.57 6.06 -17.02
CA GLY C 143 -40.28 5.92 -18.26
C GLY C 143 -40.82 7.20 -18.82
N GLY C 144 -40.85 8.29 -18.02
CA GLY C 144 -41.18 9.61 -18.58
C GLY C 144 -42.64 10.01 -18.55
N ASP C 145 -43.53 9.21 -17.96
CA ASP C 145 -44.95 9.59 -17.99
C ASP C 145 -45.22 10.78 -17.08
N LEU C 146 -44.65 10.77 -15.87
CA LEU C 146 -44.84 11.91 -14.97
C LEU C 146 -44.18 13.15 -15.56
N THR C 147 -43.00 12.99 -16.15
CA THR C 147 -42.28 14.11 -16.73
C THR C 147 -43.12 14.76 -17.83
N GLU C 148 -43.75 13.90 -18.64
CA GLU C 148 -44.57 14.38 -19.74
C GLU C 148 -45.75 15.20 -19.22
N ILE C 149 -46.42 14.67 -18.19
CA ILE C 149 -47.61 15.29 -17.63
C ILE C 149 -47.27 16.66 -17.05
N LEU C 150 -46.16 16.75 -16.34
CA LEU C 150 -45.75 18.04 -15.80
C LEU C 150 -45.55 19.06 -16.93
N HIS C 151 -44.88 18.64 -18.01
CA HIS C 151 -44.60 19.57 -19.11
C HIS C 151 -45.87 19.93 -19.87
N LYS C 152 -46.79 18.98 -20.10
CA LYS C 152 -47.96 19.26 -20.93
C LYS C 152 -49.08 19.92 -20.12
N LYS C 153 -49.30 19.47 -18.89
CA LYS C 153 -50.49 19.81 -18.12
C LYS C 153 -50.21 20.70 -16.91
N TYR C 154 -48.98 20.74 -16.40
CA TYR C 154 -48.68 21.54 -15.21
C TYR C 154 -47.39 22.31 -15.39
N PRO C 155 -47.22 23.04 -16.49
CA PRO C 155 -45.91 23.61 -16.77
C PRO C 155 -45.50 24.65 -15.74
N GLN C 156 -46.45 25.33 -15.08
CA GLN C 156 -46.07 26.26 -14.02
C GLN C 156 -45.41 25.54 -12.86
N MET C 157 -45.77 24.28 -12.60
CA MET C 157 -45.10 23.57 -11.51
C MET C 157 -43.62 23.36 -11.80
N LEU C 158 -43.22 23.31 -13.07
CA LEU C 158 -41.79 23.12 -13.35
C LEU C 158 -40.95 24.37 -13.05
N GLU C 159 -41.58 25.53 -12.82
CA GLU C 159 -40.86 26.73 -12.40
C GLU C 159 -40.25 26.56 -11.01
N ARG C 160 -40.76 25.64 -10.20
CA ARG C 160 -40.27 25.39 -8.85
C ARG C 160 -39.38 24.15 -8.76
N ILE C 161 -39.23 23.40 -9.85
N ILE C 161 -39.19 23.41 -9.85
CA ILE C 161 -38.54 22.11 -9.87
CA ILE C 161 -38.57 22.09 -9.80
C ILE C 161 -37.06 22.34 -10.16
C ILE C 161 -37.11 22.18 -10.26
N HIS C 162 -36.19 21.60 -9.46
CA HIS C 162 -34.76 21.77 -9.68
C HIS C 162 -34.18 20.74 -10.63
N GLY C 163 -34.85 19.62 -10.81
CA GLY C 163 -34.42 18.61 -11.76
C GLY C 163 -35.27 17.36 -11.72
N ILE C 164 -35.03 16.51 -12.72
CA ILE C 164 -35.62 15.18 -12.89
C ILE C 164 -34.48 14.18 -12.84
N THR C 165 -34.69 13.07 -12.16
CA THR C 165 -33.75 11.93 -12.24
C THR C 165 -34.52 10.77 -12.85
N GLU C 166 -34.07 10.31 -14.02
CA GLU C 166 -34.83 9.36 -14.85
C GLU C 166 -34.15 7.99 -14.85
N GLU C 167 -34.93 6.96 -14.55
CA GLU C 167 -34.48 5.59 -14.33
C GLU C 167 -34.09 4.82 -15.61
N THR C 168 -34.83 4.97 -16.71
CA THR C 168 -34.77 3.87 -17.69
C THR C 168 -34.54 4.40 -19.11
N THR C 169 -34.08 3.47 -19.97
CA THR C 169 -33.68 3.81 -21.34
C THR C 169 -34.77 4.58 -22.08
N THR C 170 -36.01 4.09 -22.03
CA THR C 170 -37.08 4.75 -22.77
C THR C 170 -37.31 6.18 -22.24
N GLY C 171 -37.19 6.38 -20.93
CA GLY C 171 -37.39 7.73 -20.40
C GLY C 171 -36.24 8.66 -20.77
N VAL C 172 -35.02 8.15 -20.78
CA VAL C 172 -33.94 9.02 -21.24
C VAL C 172 -34.18 9.41 -22.69
N HIS C 173 -34.62 8.46 -23.53
CA HIS C 173 -34.86 8.83 -24.92
C HIS C 173 -35.82 10.02 -25.01
N ARG C 174 -36.89 9.98 -24.21
CA ARG C 174 -37.90 11.04 -24.25
C ARG C 174 -37.32 12.36 -23.74
N LEU C 175 -36.51 12.35 -22.66
CA LEU C 175 -35.84 13.58 -22.21
C LEU C 175 -34.99 14.18 -23.32
N LEU C 176 -34.18 13.35 -24.00
CA LEU C 176 -33.29 13.80 -25.07
C LEU C 176 -34.06 14.42 -26.23
N ASP C 177 -35.22 13.86 -26.56
CA ASP C 177 -36.05 14.49 -27.58
C ASP C 177 -36.51 15.87 -27.14
N MET C 178 -36.93 16.01 -25.89
CA MET C 178 -37.35 17.37 -25.46
C MET C 178 -36.17 18.32 -25.44
N LEU C 179 -35.02 17.86 -24.95
CA LEU C 179 -33.81 18.67 -24.99
C LEU C 179 -33.55 19.16 -26.41
N LYS C 180 -33.60 18.25 -27.38
CA LYS C 180 -33.32 18.63 -28.76
C LYS C 180 -34.39 19.55 -29.34
N ASN C 181 -35.62 19.48 -28.85
CA ASN C 181 -36.72 20.33 -29.28
C ASN C 181 -36.80 21.63 -28.48
N GLY C 182 -36.00 21.79 -27.44
CA GLY C 182 -36.10 23.01 -26.67
C GLY C 182 -37.27 23.02 -25.72
N THR C 183 -37.86 21.87 -25.46
CA THR C 183 -39.06 21.79 -24.64
C THR C 183 -38.80 21.29 -23.23
N LEU C 184 -37.60 20.78 -22.96
CA LEU C 184 -37.26 20.41 -21.59
C LEU C 184 -37.09 21.65 -20.72
N LYS C 185 -37.78 21.69 -19.58
CA LYS C 185 -37.76 22.94 -18.81
C LYS C 185 -36.84 22.89 -17.61
N VAL C 186 -36.39 21.71 -17.21
CA VAL C 186 -35.55 21.56 -16.03
C VAL C 186 -34.47 20.52 -16.32
N PRO C 187 -33.32 20.63 -15.65
CA PRO C 187 -32.21 19.70 -15.94
C PRO C 187 -32.54 18.28 -15.48
N ALA C 188 -31.78 17.31 -15.97
CA ALA C 188 -32.07 15.92 -15.60
C ALA C 188 -30.76 15.15 -15.44
N ILE C 189 -30.80 14.12 -14.61
CA ILE C 189 -29.75 13.14 -14.58
C ILE C 189 -30.28 11.86 -15.19
N ASN C 190 -29.55 11.37 -16.16
CA ASN C 190 -29.77 10.08 -16.80
C ASN C 190 -29.15 9.06 -15.86
N VAL C 191 -30.00 8.51 -14.97
CA VAL C 191 -29.55 7.46 -14.07
C VAL C 191 -29.30 6.12 -14.80
N ASN C 192 -30.06 5.84 -15.86
CA ASN C 192 -29.95 4.57 -16.60
C ASN C 192 -28.51 4.27 -16.98
N ASP C 193 -27.74 5.31 -17.38
CA ASP C 193 -26.44 5.02 -18.00
C ASP C 193 -25.26 5.03 -17.03
N SER C 194 -25.49 5.06 -15.71
CA SER C 194 -24.46 4.54 -14.80
C SER C 194 -24.19 3.09 -15.16
N VAL C 195 -22.93 2.64 -15.01
CA VAL C 195 -22.67 1.24 -15.35
C VAL C 195 -23.35 0.32 -14.32
N THR C 196 -23.35 0.74 -13.03
CA THR C 196 -24.05 0.04 -11.94
C THR C 196 -25.58 0.11 -12.08
N LYS C 197 -26.07 0.74 -13.14
CA LYS C 197 -27.50 0.65 -13.46
C LYS C 197 -27.63 -0.13 -14.77
N SER C 198 -27.28 0.46 -15.92
CA SER C 198 -27.53 -0.20 -17.21
C SER C 198 -26.94 -1.61 -17.26
N LYS C 199 -25.73 -1.80 -16.75
CA LYS C 199 -25.10 -3.10 -16.98
C LYS C 199 -25.28 -3.97 -15.79
N ASN C 200 -26.19 -3.61 -14.91
CA ASN C 200 -26.49 -4.36 -13.70
C ASN C 200 -27.97 -4.67 -13.76
N ASP C 201 -28.81 -3.65 -13.58
CA ASP C 201 -30.26 -3.75 -13.66
C ASP C 201 -30.73 -4.26 -15.03
N ASN C 202 -30.38 -3.54 -16.12
CA ASN C 202 -31.05 -3.84 -17.39
C ASN C 202 -30.70 -5.25 -17.87
N LYS C 203 -29.46 -5.69 -17.65
CA LYS C 203 -29.03 -7.01 -18.09
C LYS C 203 -29.32 -8.06 -17.01
N TYR C 204 -28.62 -7.98 -15.86
CA TYR C 204 -28.74 -9.08 -14.89
C TYR C 204 -30.13 -9.12 -14.23
N GLY C 205 -30.80 -7.95 -14.06
CA GLY C 205 -32.16 -8.01 -13.50
C GLY C 205 -33.08 -8.84 -14.38
N CYS C 206 -33.00 -8.63 -15.69
CA CYS C 206 -33.84 -9.39 -16.60
C CYS C 206 -33.42 -10.86 -16.66
N ARG C 207 -32.11 -11.15 -16.48
CA ARG C 207 -31.69 -12.54 -16.39
C ARG C 207 -32.38 -13.23 -15.19
N HIS C 208 -32.37 -12.61 -14.04
CA HIS C 208 -33.04 -13.16 -12.87
C HIS C 208 -34.56 -13.28 -13.06
N SER C 209 -35.20 -12.25 -13.65
CA SER C 209 -36.66 -12.11 -13.45
C SER C 209 -37.51 -12.52 -14.69
N LEU C 210 -36.90 -12.72 -15.86
CA LEU C 210 -37.69 -13.11 -17.02
C LEU C 210 -38.16 -14.56 -16.90
N ASN C 211 -37.22 -15.51 -16.71
CA ASN C 211 -37.69 -16.90 -16.52
CA ASN C 211 -37.67 -16.90 -16.51
C ASN C 211 -38.56 -17.03 -15.28
N ASP C 212 -38.30 -16.22 -14.25
CA ASP C 212 -39.15 -16.17 -13.05
C ASP C 212 -40.61 -15.92 -13.41
N ALA C 213 -40.83 -14.85 -14.17
CA ALA C 213 -42.18 -14.43 -14.53
C ALA C 213 -42.84 -15.45 -15.43
N ILE C 214 -42.09 -16.06 -16.37
CA ILE C 214 -42.71 -17.03 -17.26
C ILE C 214 -43.13 -18.28 -16.48
N LYS C 215 -42.28 -18.74 -15.54
CA LYS C 215 -42.62 -19.86 -14.66
C LYS C 215 -43.84 -19.54 -13.82
N ARG C 216 -43.87 -18.35 -13.19
CA ARG C 216 -45.04 -18.05 -12.36
C ARG C 216 -46.31 -18.01 -13.20
N GLY C 217 -46.23 -17.46 -14.42
CA GLY C 217 -47.45 -17.24 -15.19
C GLY C 217 -47.96 -18.55 -15.80
N THR C 218 -47.05 -19.42 -16.26
CA THR C 218 -47.42 -20.61 -17.01
C THR C 218 -46.97 -21.94 -16.39
N ASP C 219 -45.95 -21.94 -15.54
CA ASP C 219 -45.29 -23.16 -15.06
C ASP C 219 -44.85 -24.09 -16.22
N HIS C 220 -44.60 -23.51 -17.40
CA HIS C 220 -44.07 -24.28 -18.53
C HIS C 220 -42.62 -24.71 -18.29
N LEU C 221 -42.33 -25.98 -18.56
CA LEU C 221 -40.95 -26.36 -18.87
C LEU C 221 -40.37 -25.48 -19.97
N LEU C 222 -39.16 -24.93 -19.75
CA LEU C 222 -38.53 -24.16 -20.83
C LEU C 222 -37.44 -24.97 -21.55
N SER C 223 -36.76 -25.83 -20.83
CA SER C 223 -35.68 -26.66 -21.41
CA SER C 223 -35.68 -26.60 -21.44
C SER C 223 -36.18 -27.33 -22.69
N GLY C 224 -35.40 -27.27 -23.77
CA GLY C 224 -35.72 -28.06 -24.95
C GLY C 224 -36.63 -27.38 -25.95
N LYS C 225 -37.25 -26.29 -25.58
CA LYS C 225 -38.18 -25.52 -26.40
C LYS C 225 -37.46 -24.38 -27.09
N GLN C 226 -38.11 -23.83 -28.10
CA GLN C 226 -37.51 -22.82 -28.99
CA GLN C 226 -37.51 -22.82 -28.98
C GLN C 226 -37.96 -21.43 -28.56
N ALA C 227 -36.99 -20.50 -28.34
CA ALA C 227 -37.35 -19.13 -28.02
C ALA C 227 -36.84 -18.21 -29.12
N LEU C 228 -37.54 -17.08 -29.32
CA LEU C 228 -37.07 -15.97 -30.16
C LEU C 228 -37.07 -14.69 -29.33
N VAL C 229 -35.90 -14.13 -29.08
CA VAL C 229 -35.77 -12.87 -28.35
C VAL C 229 -35.56 -11.78 -29.39
N ILE C 230 -36.46 -10.80 -29.39
CA ILE C 230 -36.38 -9.69 -30.33
C ILE C 230 -35.58 -8.59 -29.65
N GLY C 231 -34.35 -8.36 -30.14
CA GLY C 231 -33.48 -7.35 -29.57
C GLY C 231 -32.36 -7.97 -28.73
N TYR C 232 -31.22 -7.28 -28.69
CA TYR C 232 -30.03 -7.77 -27.99
C TYR C 232 -29.21 -6.60 -27.49
N GLY C 233 -29.89 -5.56 -26.96
CA GLY C 233 -29.25 -4.55 -26.14
C GLY C 233 -29.10 -5.14 -24.75
N ASP C 234 -29.02 -4.29 -23.73
CA ASP C 234 -28.82 -4.83 -22.37
C ASP C 234 -29.97 -5.72 -21.94
N VAL C 235 -31.22 -5.28 -22.16
CA VAL C 235 -32.33 -6.16 -21.77
C VAL C 235 -32.35 -7.45 -22.60
N GLY C 236 -32.14 -7.33 -23.91
CA GLY C 236 -32.14 -8.52 -24.75
C GLY C 236 -31.03 -9.49 -24.36
N LYS C 237 -29.89 -8.96 -23.94
CA LYS C 237 -28.79 -9.82 -23.52
C LYS C 237 -29.16 -10.62 -22.27
N GLY C 238 -29.71 -9.92 -21.25
CA GLY C 238 -30.03 -10.60 -20.00
C GLY C 238 -31.20 -11.56 -20.19
N SER C 239 -32.14 -11.19 -21.04
CA SER C 239 -33.30 -12.04 -21.31
C SER C 239 -32.86 -13.31 -22.04
N SER C 240 -32.01 -13.15 -23.07
CA SER C 240 -31.52 -14.33 -23.79
C SER C 240 -30.81 -15.30 -22.83
N GLN C 241 -30.08 -14.75 -21.87
CA GLN C 241 -29.38 -15.62 -20.92
C GLN C 241 -30.36 -16.26 -19.95
N SER C 242 -31.40 -15.50 -19.54
CA SER C 242 -32.44 -16.07 -18.65
C SER C 242 -32.98 -17.37 -19.28
N LEU C 243 -33.14 -17.37 -20.59
CA LEU C 243 -33.81 -18.48 -21.28
C LEU C 243 -32.78 -19.57 -21.62
N ARG C 244 -31.63 -19.15 -22.10
N ARG C 244 -31.61 -19.20 -22.10
CA ARG C 244 -30.58 -20.15 -22.46
CA ARG C 244 -30.65 -20.23 -22.46
C ARG C 244 -30.13 -20.95 -21.25
C ARG C 244 -30.14 -20.98 -21.23
N GLN C 245 -30.00 -20.30 -20.08
CA GLN C 245 -29.51 -21.03 -18.92
C GLN C 245 -30.55 -22.04 -18.42
N GLU C 246 -31.81 -21.88 -18.80
CA GLU C 246 -32.82 -22.91 -18.53
C GLU C 246 -32.79 -24.05 -19.56
N GLY C 247 -31.97 -23.97 -20.56
CA GLY C 247 -31.93 -24.98 -21.61
C GLY C 247 -32.83 -24.68 -22.83
N MET C 248 -33.34 -23.46 -22.97
CA MET C 248 -34.03 -23.11 -24.23
C MET C 248 -33.03 -23.06 -25.40
N ILE C 249 -33.52 -23.41 -26.58
CA ILE C 249 -32.81 -23.14 -27.83
C ILE C 249 -33.25 -21.73 -28.27
N VAL C 250 -32.34 -20.76 -28.11
CA VAL C 250 -32.65 -19.31 -28.25
C VAL C 250 -32.12 -18.78 -29.56
N LYS C 251 -32.99 -18.12 -30.32
CA LYS C 251 -32.66 -17.37 -31.51
C LYS C 251 -32.88 -15.90 -31.17
N VAL C 252 -32.06 -15.04 -31.79
CA VAL C 252 -32.05 -13.61 -31.49
C VAL C 252 -32.30 -12.84 -32.79
N ALA C 253 -33.20 -11.84 -32.75
CA ALA C 253 -33.33 -10.86 -33.84
C ALA C 253 -32.73 -9.50 -33.45
N GLU C 254 -32.16 -8.80 -34.44
CA GLU C 254 -31.61 -7.49 -34.13
C GLU C 254 -31.65 -6.66 -35.40
N VAL C 255 -31.70 -5.34 -35.22
CA VAL C 255 -31.44 -4.41 -36.32
C VAL C 255 -30.04 -3.82 -36.25
N ASP C 256 -29.34 -4.00 -35.12
CA ASP C 256 -28.03 -3.42 -34.93
C ASP C 256 -27.00 -4.54 -35.19
N PRO C 257 -26.19 -4.42 -36.23
CA PRO C 257 -25.23 -5.50 -36.54
C PRO C 257 -24.20 -5.72 -35.46
N ILE C 258 -23.81 -4.68 -34.72
CA ILE C 258 -22.84 -4.93 -33.63
C ILE C 258 -23.48 -5.80 -32.54
N CYS C 259 -24.68 -5.42 -32.09
CA CYS C 259 -25.38 -6.28 -31.13
C CYS C 259 -25.60 -7.68 -31.69
N ALA C 260 -25.91 -7.79 -32.99
CA ALA C 260 -26.10 -9.14 -33.57
C ALA C 260 -24.80 -9.92 -33.57
N MET C 261 -23.67 -9.26 -33.79
N MET C 261 -23.68 -9.25 -33.79
CA MET C 261 -22.38 -9.94 -33.71
CA MET C 261 -22.39 -9.93 -33.71
C MET C 261 -22.14 -10.47 -32.31
C MET C 261 -22.15 -10.48 -32.31
N GLN C 262 -22.50 -9.69 -31.28
CA GLN C 262 -22.36 -10.19 -29.93
C GLN C 262 -23.24 -11.46 -29.74
N ALA C 263 -24.48 -11.44 -30.29
CA ALA C 263 -25.36 -12.63 -30.12
C ALA C 263 -24.71 -13.86 -30.75
N CYS C 264 -24.14 -13.70 -31.93
CA CYS C 264 -23.48 -14.86 -32.57
C CYS C 264 -22.34 -15.38 -31.71
N MET C 265 -21.45 -14.46 -31.25
CA MET C 265 -20.31 -14.89 -30.44
C MET C 265 -20.76 -15.50 -29.11
N ASP C 266 -21.93 -15.05 -28.56
CA ASP C 266 -22.45 -15.58 -27.32
C ASP C 266 -23.08 -16.94 -27.54
N GLY C 267 -23.11 -17.41 -28.80
CA GLY C 267 -23.64 -18.74 -29.09
C GLY C 267 -25.10 -18.84 -29.49
N PHE C 268 -25.68 -17.78 -30.01
CA PHE C 268 -27.07 -17.75 -30.50
C PHE C 268 -27.08 -17.67 -32.01
N GLU C 269 -28.11 -18.30 -32.60
CA GLU C 269 -28.35 -18.14 -34.03
C GLU C 269 -29.13 -16.82 -34.22
N VAL C 270 -28.71 -15.96 -35.16
CA VAL C 270 -29.35 -14.65 -35.35
C VAL C 270 -30.28 -14.78 -36.57
N VAL C 271 -31.58 -14.49 -36.39
CA VAL C 271 -32.59 -14.70 -37.41
C VAL C 271 -33.45 -13.44 -37.46
N SER C 272 -34.20 -13.27 -38.54
CA SER C 272 -35.21 -12.23 -38.68
C SER C 272 -36.60 -12.87 -38.83
N PRO C 273 -37.66 -12.27 -38.28
CA PRO C 273 -39.03 -12.75 -38.57
C PRO C 273 -39.40 -12.61 -40.05
N TYR C 274 -38.67 -11.77 -40.80
CA TYR C 274 -38.97 -11.42 -42.17
C TYR C 274 -37.96 -12.08 -43.10
N LYS C 275 -38.41 -12.50 -44.28
CA LYS C 275 -37.48 -13.05 -45.26
C LYS C 275 -36.42 -12.02 -45.63
N ASN C 276 -35.15 -12.41 -45.48
CA ASN C 276 -34.02 -11.53 -45.75
C ASN C 276 -34.05 -10.26 -44.91
N GLY C 277 -34.81 -10.23 -43.81
CA GLY C 277 -34.85 -9.08 -42.94
C GLY C 277 -35.72 -7.92 -43.40
N ILE C 278 -36.49 -8.06 -44.50
CA ILE C 278 -37.18 -6.93 -45.12
C ILE C 278 -38.66 -6.98 -44.72
N ASN C 279 -39.08 -6.00 -43.91
CA ASN C 279 -40.42 -5.89 -43.30
C ASN C 279 -41.29 -5.11 -44.29
N ASP C 280 -41.93 -5.88 -45.18
CA ASP C 280 -42.83 -5.44 -46.26
C ASP C 280 -44.15 -4.86 -45.79
N GLY C 281 -44.58 -5.23 -44.60
CA GLY C 281 -45.97 -5.15 -44.29
C GLY C 281 -46.84 -6.27 -44.84
N THR C 282 -46.39 -7.05 -45.82
CA THR C 282 -47.19 -8.15 -46.38
C THR C 282 -47.04 -9.44 -45.56
N GLU C 283 -48.06 -10.29 -45.61
CA GLU C 283 -47.91 -11.62 -45.04
C GLU C 283 -46.82 -12.40 -45.76
N ALA C 284 -46.62 -12.14 -47.05
CA ALA C 284 -45.62 -12.90 -47.77
C ALA C 284 -44.22 -12.65 -47.24
N SER C 285 -43.94 -11.51 -46.58
CA SER C 285 -42.60 -11.28 -46.06
C SER C 285 -42.29 -12.09 -44.80
N ILE C 286 -43.29 -12.73 -44.18
CA ILE C 286 -43.05 -13.38 -42.90
C ILE C 286 -42.36 -14.73 -43.14
N ASP C 287 -41.30 -14.99 -42.37
CA ASP C 287 -40.72 -16.33 -42.45
C ASP C 287 -41.57 -17.28 -41.64
N ALA C 288 -42.52 -17.92 -42.33
CA ALA C 288 -43.54 -18.71 -41.66
C ALA C 288 -42.97 -20.01 -41.14
N ALA C 289 -41.99 -20.59 -41.84
CA ALA C 289 -41.32 -21.79 -41.35
C ALA C 289 -40.65 -21.51 -40.01
N LEU C 290 -39.94 -20.40 -39.88
CA LEU C 290 -39.29 -20.08 -38.61
C LEU C 290 -40.31 -19.82 -37.50
N LEU C 291 -41.31 -18.97 -37.77
CA LEU C 291 -42.22 -18.61 -36.67
C LEU C 291 -43.08 -19.82 -36.25
N GLY C 292 -43.40 -20.69 -37.20
CA GLY C 292 -44.11 -21.94 -36.93
C GLY C 292 -43.42 -22.89 -35.99
N LYS C 293 -42.13 -22.68 -35.67
CA LYS C 293 -41.43 -23.52 -34.70
C LYS C 293 -41.16 -22.86 -33.37
N ILE C 294 -41.53 -21.58 -33.18
CA ILE C 294 -41.19 -20.85 -31.97
C ILE C 294 -42.21 -21.12 -30.86
N ASP C 295 -41.73 -21.54 -29.69
CA ASP C 295 -42.58 -21.74 -28.49
C ASP C 295 -42.72 -20.49 -27.61
N LEU C 296 -41.85 -19.49 -27.77
CA LEU C 296 -41.80 -18.36 -26.86
C LEU C 296 -41.16 -17.21 -27.57
N ILE C 297 -41.83 -16.07 -27.58
CA ILE C 297 -41.28 -14.85 -28.15
C ILE C 297 -41.28 -13.78 -27.06
N VAL C 298 -40.14 -13.08 -26.94
CA VAL C 298 -39.92 -12.06 -25.90
C VAL C 298 -39.42 -10.81 -26.59
N THR C 299 -40.08 -9.66 -26.37
CA THR C 299 -39.63 -8.41 -26.97
C THR C 299 -38.86 -7.58 -25.96
N THR C 300 -37.71 -6.98 -26.41
CA THR C 300 -36.78 -6.32 -25.50
C THR C 300 -36.30 -4.97 -26.05
N THR C 301 -37.02 -4.38 -27.01
CA THR C 301 -36.39 -3.36 -27.87
C THR C 301 -36.59 -1.91 -27.44
N GLY C 302 -37.68 -1.58 -26.74
CA GLY C 302 -38.02 -0.18 -26.60
C GLY C 302 -38.53 0.45 -27.89
N ASN C 303 -38.80 -0.36 -28.92
CA ASN C 303 -39.28 0.11 -30.21
C ASN C 303 -40.76 -0.27 -30.33
N VAL C 304 -41.36 0.02 -31.47
CA VAL C 304 -42.80 -0.11 -31.70
C VAL C 304 -43.05 -1.25 -32.71
N ASN C 305 -44.00 -2.13 -32.35
CA ASN C 305 -44.53 -3.14 -33.28
CA ASN C 305 -44.53 -3.15 -33.26
C ASN C 305 -43.42 -4.05 -33.78
N VAL C 306 -42.59 -4.56 -32.86
CA VAL C 306 -41.54 -5.49 -33.27
C VAL C 306 -42.06 -6.93 -33.15
N CYS C 307 -43.26 -7.14 -32.58
CA CYS C 307 -43.94 -8.43 -32.69
C CYS C 307 -45.31 -8.10 -33.27
N ASP C 308 -45.41 -8.13 -34.60
CA ASP C 308 -46.51 -7.45 -35.29
C ASP C 308 -47.63 -8.47 -35.60
N ALA C 309 -48.71 -7.98 -36.20
CA ALA C 309 -49.89 -8.85 -36.40
C ALA C 309 -49.57 -10.08 -37.27
N ASN C 310 -48.80 -9.89 -38.35
CA ASN C 310 -48.47 -11.01 -39.23
C ASN C 310 -47.57 -12.04 -38.56
N MET C 311 -46.67 -11.58 -37.70
CA MET C 311 -45.89 -12.50 -36.89
C MET C 311 -46.79 -13.29 -35.94
N LEU C 312 -47.70 -12.59 -35.21
CA LEU C 312 -48.63 -13.29 -34.33
C LEU C 312 -49.46 -14.34 -35.10
N LYS C 313 -49.96 -14.01 -36.30
CA LYS C 313 -50.72 -15.00 -37.05
C LYS C 313 -49.89 -16.25 -37.42
N ALA C 314 -48.58 -16.07 -37.65
CA ALA C 314 -47.70 -17.16 -38.06
C ALA C 314 -47.15 -18.01 -36.89
N LEU C 315 -47.20 -17.52 -35.66
CA LEU C 315 -46.56 -18.26 -34.57
C LEU C 315 -47.20 -19.66 -34.40
N LYS C 316 -46.35 -20.60 -33.97
CA LYS C 316 -46.75 -21.94 -33.55
C LYS C 316 -47.92 -21.88 -32.57
N LYS C 317 -48.91 -22.77 -32.74
CA LYS C 317 -50.02 -22.86 -31.78
C LYS C 317 -49.44 -23.00 -30.40
N ARG C 318 -50.07 -22.29 -29.46
CA ARG C 318 -49.79 -22.37 -28.03
C ARG C 318 -48.45 -21.75 -27.61
N ALA C 319 -47.82 -20.97 -28.50
CA ALA C 319 -46.63 -20.23 -28.14
C ALA C 319 -46.97 -19.20 -27.07
N VAL C 320 -45.95 -18.88 -26.22
CA VAL C 320 -46.08 -17.79 -25.25
C VAL C 320 -45.52 -16.49 -25.86
N VAL C 321 -46.21 -15.37 -25.64
CA VAL C 321 -45.82 -14.05 -26.13
C VAL C 321 -45.71 -13.14 -24.92
N CYS C 322 -44.59 -12.44 -24.81
CA CYS C 322 -44.46 -11.48 -23.73
C CYS C 322 -43.47 -10.40 -24.12
N ASN C 323 -43.53 -9.29 -23.36
CA ASN C 323 -42.73 -8.10 -23.58
C ASN C 323 -42.05 -7.70 -22.27
N ILE C 324 -40.75 -7.48 -22.32
CA ILE C 324 -40.06 -6.97 -21.14
C ILE C 324 -39.44 -5.58 -21.39
N GLY C 325 -39.71 -4.95 -22.57
CA GLY C 325 -39.42 -3.54 -22.76
C GLY C 325 -40.42 -2.66 -22.02
N HIS C 326 -40.21 -1.35 -22.00
CA HIS C 326 -40.94 -0.51 -21.02
C HIS C 326 -42.44 -0.38 -21.33
N PHE C 327 -42.84 -0.39 -22.61
CA PHE C 327 -44.23 -0.11 -23.00
C PHE C 327 -44.78 -1.26 -23.82
N ASP C 328 -46.12 -1.45 -23.74
CA ASP C 328 -46.77 -2.60 -24.38
C ASP C 328 -46.88 -2.51 -25.89
N ASN C 329 -46.58 -1.40 -26.50
CA ASN C 329 -46.73 -1.34 -27.95
C ASN C 329 -45.59 -2.05 -28.73
N GLU C 330 -44.65 -2.74 -28.04
CA GLU C 330 -43.71 -3.64 -28.73
C GLU C 330 -44.46 -4.74 -29.48
N ILE C 331 -45.56 -5.22 -28.86
CA ILE C 331 -46.41 -6.29 -29.38
C ILE C 331 -47.68 -5.62 -29.86
N ASP C 332 -48.22 -6.02 -31.03
CA ASP C 332 -49.48 -5.44 -31.51
C ASP C 332 -50.66 -6.10 -30.76
N THR C 333 -50.78 -5.75 -29.47
CA THR C 333 -51.91 -6.25 -28.67
C THR C 333 -53.24 -5.65 -29.16
N ALA C 334 -53.21 -4.46 -29.77
CA ALA C 334 -54.47 -3.86 -30.25
C ALA C 334 -55.08 -4.73 -31.36
N PHE C 335 -54.22 -5.26 -32.25
CA PHE C 335 -54.67 -6.20 -33.27
C PHE C 335 -55.33 -7.42 -32.62
N MET C 336 -54.72 -7.96 -31.55
CA MET C 336 -55.26 -9.15 -30.89
C MET C 336 -56.57 -8.87 -30.18
N ARG C 337 -56.68 -7.71 -29.52
CA ARG C 337 -57.98 -7.34 -28.91
C ARG C 337 -59.07 -7.21 -29.96
N LYS C 338 -58.73 -6.62 -31.11
CA LYS C 338 -59.78 -6.37 -32.11
C LYS C 338 -60.26 -7.66 -32.78
N ASN C 339 -59.36 -8.62 -33.01
CA ASN C 339 -59.59 -9.73 -33.93
C ASN C 339 -59.71 -11.10 -33.26
N TRP C 340 -59.23 -11.26 -32.04
CA TRP C 340 -59.16 -12.59 -31.43
C TRP C 340 -59.86 -12.56 -30.07
N ALA C 341 -60.27 -13.75 -29.61
CA ALA C 341 -61.05 -13.85 -28.38
C ALA C 341 -60.13 -14.13 -27.19
N TRP C 342 -60.20 -13.30 -26.15
CA TRP C 342 -59.33 -13.46 -24.99
C TRP C 342 -60.00 -14.30 -23.89
N GLU C 343 -59.26 -15.30 -23.38
CA GLU C 343 -59.65 -16.14 -22.26
C GLU C 343 -58.73 -15.87 -21.07
N GLU C 344 -59.27 -15.38 -19.96
CA GLU C 344 -58.42 -15.24 -18.79
C GLU C 344 -58.15 -16.59 -18.15
N VAL C 345 -56.87 -16.95 -18.03
CA VAL C 345 -56.50 -18.11 -17.26
C VAL C 345 -56.50 -17.76 -15.80
N LYS C 346 -55.82 -16.67 -15.48
CA LYS C 346 -55.75 -16.08 -14.15
C LYS C 346 -55.21 -14.68 -14.36
N PRO C 347 -55.13 -13.84 -13.32
CA PRO C 347 -54.69 -12.46 -13.54
C PRO C 347 -53.36 -12.41 -14.29
N GLN C 348 -53.30 -11.57 -15.32
CA GLN C 348 -52.13 -11.30 -16.12
C GLN C 348 -51.69 -12.51 -16.94
N VAL C 349 -52.59 -13.49 -17.19
CA VAL C 349 -52.31 -14.61 -18.10
C VAL C 349 -53.54 -14.83 -18.97
N HIS C 350 -53.43 -14.59 -20.29
CA HIS C 350 -54.60 -14.75 -21.17
C HIS C 350 -54.21 -15.71 -22.29
N LYS C 351 -55.13 -16.61 -22.62
CA LYS C 351 -55.06 -17.33 -23.90
C LYS C 351 -55.77 -16.48 -24.93
N ILE C 352 -55.14 -16.31 -26.08
CA ILE C 352 -55.68 -15.49 -27.16
C ILE C 352 -56.05 -16.46 -28.28
N HIS C 353 -57.33 -16.63 -28.47
CA HIS C 353 -57.83 -17.68 -29.36
C HIS C 353 -57.88 -17.14 -30.79
N ARG C 354 -57.09 -17.76 -31.69
CA ARG C 354 -56.99 -17.27 -33.06
C ARG C 354 -58.12 -17.79 -33.94
N THR C 355 -59.15 -18.38 -33.35
CA THR C 355 -60.31 -18.88 -34.07
C THR C 355 -61.29 -17.79 -34.49
N GLY C 356 -61.16 -16.57 -34.00
CA GLY C 356 -62.10 -15.53 -34.37
C GLY C 356 -62.39 -14.59 -33.21
N LYS C 357 -63.24 -13.60 -33.41
CA LYS C 357 -63.47 -12.65 -32.34
C LYS C 357 -64.63 -13.07 -31.45
N ASP C 358 -65.57 -13.84 -31.96
CA ASP C 358 -66.86 -13.93 -31.30
C ASP C 358 -66.96 -15.21 -30.46
N GLY C 359 -66.17 -15.21 -29.39
CA GLY C 359 -66.26 -16.31 -28.45
C GLY C 359 -65.20 -17.34 -28.76
N PHE C 360 -64.79 -18.08 -27.73
CA PHE C 360 -63.82 -19.16 -27.92
C PHE C 360 -64.42 -20.46 -27.39
N ASP C 361 -63.84 -21.55 -27.80
CA ASP C 361 -64.17 -22.83 -27.23
C ASP C 361 -63.14 -23.15 -26.14
N ALA C 362 -63.62 -23.57 -24.96
CA ALA C 362 -62.73 -23.87 -23.84
C ALA C 362 -61.64 -24.87 -24.23
N HIS C 363 -61.90 -25.74 -25.23
CA HIS C 363 -60.94 -26.77 -25.64
C HIS C 363 -60.25 -26.49 -26.97
N ASN C 364 -60.44 -25.32 -27.58
CA ASN C 364 -59.68 -24.96 -28.79
C ASN C 364 -58.19 -25.12 -28.55
N ASP C 365 -57.47 -25.67 -29.55
CA ASP C 365 -56.04 -25.79 -29.42
C ASP C 365 -55.29 -24.65 -30.10
N ASP C 366 -55.97 -23.77 -30.84
CA ASP C 366 -55.25 -22.73 -31.58
C ASP C 366 -55.34 -21.40 -30.85
N TYR C 367 -54.43 -21.22 -29.88
CA TYR C 367 -54.35 -20.00 -29.08
C TYR C 367 -52.87 -19.70 -28.82
N LEU C 368 -52.60 -18.43 -28.50
CA LEU C 368 -51.32 -18.00 -27.95
C LEU C 368 -51.51 -17.70 -26.47
N ILE C 369 -50.49 -17.89 -25.65
CA ILE C 369 -50.56 -17.37 -24.27
C ILE C 369 -49.85 -16.01 -24.18
N LEU C 370 -50.61 -14.94 -23.83
CA LEU C 370 -50.04 -13.60 -23.59
C LEU C 370 -49.87 -13.35 -22.10
N LEU C 371 -48.69 -12.89 -21.69
CA LEU C 371 -48.46 -12.56 -20.30
C LEU C 371 -48.57 -11.07 -20.05
N ALA C 372 -49.22 -10.71 -18.92
CA ALA C 372 -49.29 -9.32 -18.46
C ALA C 372 -49.90 -8.38 -19.52
N GLU C 373 -50.77 -8.91 -20.39
CA GLU C 373 -51.38 -8.12 -21.46
C GLU C 373 -50.33 -7.38 -22.29
N GLY C 374 -49.11 -7.90 -22.35
CA GLY C 374 -48.08 -7.27 -23.14
C GLY C 374 -47.29 -6.20 -22.41
N ARG C 375 -47.62 -5.90 -21.15
CA ARG C 375 -46.86 -4.98 -20.32
C ARG C 375 -45.63 -5.68 -19.73
N LEU C 376 -44.73 -4.88 -19.16
CA LEU C 376 -43.48 -5.38 -18.58
C LEU C 376 -43.68 -6.72 -17.84
N VAL C 377 -43.17 -7.83 -18.40
CA VAL C 377 -43.60 -9.16 -17.93
C VAL C 377 -42.95 -9.52 -16.58
N ASN C 378 -41.70 -9.08 -16.34
CA ASN C 378 -41.05 -9.45 -15.09
C ASN C 378 -41.76 -8.83 -13.89
N LEU C 379 -42.20 -7.56 -14.01
CA LEU C 379 -42.99 -6.90 -12.98
C LEU C 379 -44.46 -7.33 -12.99
N GLY C 380 -45.02 -7.66 -14.14
CA GLY C 380 -46.44 -7.98 -14.17
C GLY C 380 -46.78 -9.39 -13.65
N ASN C 381 -45.87 -10.35 -13.88
CA ASN C 381 -46.11 -11.76 -13.58
C ASN C 381 -45.20 -12.27 -12.47
N ALA C 382 -44.23 -11.46 -12.03
CA ALA C 382 -43.41 -11.83 -10.86
C ALA C 382 -43.18 -10.55 -10.05
N THR C 383 -41.96 -10.30 -9.54
CA THR C 383 -41.72 -9.14 -8.65
C THR C 383 -40.64 -8.21 -9.23
N GLY C 384 -40.38 -8.31 -10.53
CA GLY C 384 -39.30 -7.53 -11.15
C GLY C 384 -37.94 -8.02 -10.65
N HIS C 385 -36.97 -7.11 -10.72
CA HIS C 385 -35.61 -7.43 -10.37
C HIS C 385 -35.51 -7.69 -8.86
N PRO C 386 -34.51 -8.45 -8.42
CA PRO C 386 -34.32 -8.67 -6.98
C PRO C 386 -33.65 -7.45 -6.32
N SER C 387 -33.88 -7.36 -5.00
CA SER C 387 -33.36 -6.27 -4.16
C SER C 387 -31.88 -6.00 -4.41
N ARG C 388 -31.04 -7.06 -4.41
CA ARG C 388 -29.60 -6.85 -4.46
C ARG C 388 -29.16 -6.21 -5.79
N ILE C 389 -29.92 -6.41 -6.85
CA ILE C 389 -29.66 -5.74 -8.11
C ILE C 389 -30.23 -4.32 -8.10
N MET C 390 -31.49 -4.15 -7.63
CA MET C 390 -32.07 -2.77 -7.59
C MET C 390 -31.28 -1.84 -6.68
N ASP C 391 -30.56 -2.40 -5.72
CA ASP C 391 -29.63 -1.66 -4.89
C ASP C 391 -28.75 -0.73 -5.75
N GLY C 392 -28.17 -1.24 -6.85
CA GLY C 392 -27.30 -0.37 -7.67
C GLY C 392 -28.08 0.79 -8.30
N SER C 393 -29.22 0.47 -8.93
CA SER C 393 -30.04 1.50 -9.58
C SER C 393 -30.46 2.56 -8.59
N PHE C 394 -30.90 2.14 -7.42
CA PHE C 394 -31.52 3.08 -6.48
C PHE C 394 -30.48 3.87 -5.69
N ALA C 395 -29.28 3.33 -5.50
CA ALA C 395 -28.19 4.13 -4.95
C ALA C 395 -27.87 5.28 -5.90
N ASN C 396 -27.80 4.99 -7.20
CA ASN C 396 -27.60 6.01 -8.20
C ASN C 396 -28.74 7.03 -8.11
N GLN C 397 -29.99 6.56 -8.00
CA GLN C 397 -31.10 7.52 -7.89
C GLN C 397 -30.89 8.48 -6.74
N VAL C 398 -30.55 7.95 -5.56
CA VAL C 398 -30.35 8.82 -4.39
C VAL C 398 -29.25 9.83 -4.66
N LEU C 399 -28.13 9.38 -5.23
CA LEU C 399 -27.05 10.30 -5.47
C LEU C 399 -27.48 11.39 -6.45
N ALA C 400 -28.24 11.01 -7.48
CA ALA C 400 -28.71 11.97 -8.48
C ALA C 400 -29.68 12.99 -7.85
N GLN C 401 -30.54 12.51 -6.93
CA GLN C 401 -31.47 13.40 -6.24
C GLN C 401 -30.72 14.42 -5.40
N ILE C 402 -29.68 14.00 -4.68
CA ILE C 402 -28.90 14.91 -3.85
C ILE C 402 -28.20 15.92 -4.74
N HIS C 403 -27.63 15.44 -5.83
CA HIS C 403 -26.89 16.35 -6.68
C HIS C 403 -27.80 17.45 -7.25
N LEU C 404 -28.95 17.08 -7.84
CA LEU C 404 -29.77 18.11 -8.48
C LEU C 404 -30.42 19.01 -7.43
N PHE C 405 -30.82 18.43 -6.30
CA PHE C 405 -31.45 19.27 -5.28
C PHE C 405 -30.45 20.31 -4.78
N GLU C 406 -29.19 19.91 -4.57
CA GLU C 406 -28.19 20.86 -4.07
C GLU C 406 -27.84 21.91 -5.11
N GLN C 407 -27.96 21.57 -6.41
CA GLN C 407 -27.65 22.53 -7.46
C GLN C 407 -28.68 23.67 -7.50
N LYS C 408 -29.93 23.41 -7.07
CA LYS C 408 -30.93 24.47 -6.88
C LYS C 408 -31.25 25.23 -8.18
N TYR C 409 -31.36 24.48 -9.30
CA TYR C 409 -31.61 25.06 -10.63
C TYR C 409 -32.72 26.14 -10.62
N ALA C 410 -33.87 25.83 -10.02
CA ALA C 410 -35.03 26.74 -10.08
C ALA C 410 -34.79 28.07 -9.39
N ASP C 411 -33.80 28.13 -8.50
CA ASP C 411 -33.45 29.35 -7.77
C ASP C 411 -32.42 30.21 -8.50
N LEU C 412 -31.98 29.80 -9.72
CA LEU C 412 -30.88 30.49 -10.35
C LEU C 412 -31.39 31.57 -11.30
N PRO C 413 -30.59 32.63 -11.48
CA PRO C 413 -30.86 33.61 -12.55
C PRO C 413 -30.94 32.91 -13.90
N ALA C 414 -31.70 33.52 -14.81
CA ALA C 414 -31.93 32.84 -16.09
C ALA C 414 -30.62 32.63 -16.84
N ALA C 415 -29.63 33.49 -16.60
CA ALA C 415 -28.31 33.34 -17.22
C ALA C 415 -27.66 32.02 -16.80
N GLU C 416 -27.67 31.72 -15.50
CA GLU C 416 -27.15 30.45 -15.01
C GLU C 416 -28.02 29.27 -15.45
N LYS C 417 -29.29 29.52 -15.78
CA LYS C 417 -30.22 28.43 -16.08
C LYS C 417 -29.87 27.78 -17.42
N ALA C 418 -29.59 28.61 -18.44
CA ALA C 418 -29.29 28.09 -19.77
C ALA C 418 -28.00 27.26 -19.76
N LYS C 419 -27.06 27.61 -18.89
CA LYS C 419 -25.80 26.88 -18.79
C LYS C 419 -25.97 25.54 -18.10
N ARG C 420 -26.99 25.39 -17.25
CA ARG C 420 -27.17 24.15 -16.52
C ARG C 420 -28.30 23.29 -17.09
N LEU C 421 -28.99 23.72 -18.15
CA LEU C 421 -30.15 22.98 -18.65
C LEU C 421 -29.66 21.82 -19.53
N SER C 422 -29.47 20.64 -18.95
CA SER C 422 -28.85 19.56 -19.70
C SER C 422 -29.32 18.21 -19.17
N VAL C 423 -28.92 17.15 -19.86
CA VAL C 423 -29.19 15.79 -19.43
C VAL C 423 -27.82 15.15 -19.23
N GLU C 424 -27.44 14.92 -17.97
CA GLU C 424 -26.09 14.48 -17.58
C GLU C 424 -26.17 13.11 -16.92
N VAL C 425 -25.00 12.46 -16.83
CA VAL C 425 -24.85 11.24 -16.03
C VAL C 425 -24.03 11.58 -14.78
N LEU C 426 -24.06 10.67 -13.82
CA LEU C 426 -23.22 10.77 -12.63
C LEU C 426 -21.76 10.55 -13.00
N PRO C 427 -20.83 11.22 -12.28
CA PRO C 427 -19.41 10.98 -12.54
C PRO C 427 -18.99 9.56 -12.24
N LYS C 428 -17.93 9.12 -12.91
CA LYS C 428 -17.52 7.70 -12.81
C LYS C 428 -17.10 7.35 -11.39
N LYS C 429 -16.50 8.30 -10.67
CA LYS C 429 -16.10 8.04 -9.29
C LYS C 429 -17.28 7.55 -8.44
N LEU C 430 -18.47 8.14 -8.62
CA LEU C 430 -19.64 7.73 -7.83
C LEU C 430 -20.12 6.35 -8.28
N ASP C 431 -20.06 6.12 -9.59
CA ASP C 431 -20.44 4.83 -10.15
C ASP C 431 -19.57 3.73 -9.53
N GLU C 432 -18.25 3.99 -9.40
CA GLU C 432 -17.34 3.02 -8.78
C GLU C 432 -17.66 2.84 -7.30
N GLU C 433 -18.01 3.90 -6.60
CA GLU C 433 -18.28 3.75 -5.17
C GLU C 433 -19.55 2.92 -4.95
N VAL C 434 -20.54 3.07 -5.83
CA VAL C 434 -21.73 2.22 -5.74
C VAL C 434 -21.34 0.78 -5.99
N ALA C 435 -20.52 0.54 -7.05
CA ALA C 435 -20.11 -0.82 -7.37
C ALA C 435 -19.38 -1.46 -6.20
N LEU C 436 -18.51 -0.71 -5.54
CA LEU C 436 -17.76 -1.29 -4.42
C LEU C 436 -18.70 -1.77 -3.31
N GLU C 437 -19.74 -1.00 -3.01
CA GLU C 437 -20.64 -1.48 -1.96
C GLU C 437 -21.35 -2.75 -2.40
N MET C 438 -21.74 -2.82 -3.70
CA MET C 438 -22.37 -4.05 -4.18
C MET C 438 -21.41 -5.22 -4.05
N VAL C 439 -20.15 -5.01 -4.44
CA VAL C 439 -19.21 -6.13 -4.36
C VAL C 439 -19.06 -6.61 -2.92
N LYS C 440 -18.90 -5.67 -1.97
CA LYS C 440 -18.76 -6.10 -0.58
C LYS C 440 -19.99 -6.88 -0.12
N GLY C 441 -21.16 -6.58 -0.71
CA GLY C 441 -22.36 -7.32 -0.31
C GLY C 441 -22.34 -8.80 -0.71
N PHE C 442 -21.56 -9.16 -1.75
CA PHE C 442 -21.31 -10.56 -2.06
C PHE C 442 -20.14 -11.13 -1.25
N GLY C 443 -19.53 -10.34 -0.37
CA GLY C 443 -18.34 -10.80 0.30
C GLY C 443 -17.12 -10.71 -0.60
N GLY C 444 -17.23 -10.02 -1.73
CA GLY C 444 -16.07 -9.87 -2.60
C GLY C 444 -15.07 -8.88 -2.03
N VAL C 445 -13.79 -9.07 -2.37
CA VAL C 445 -12.68 -8.23 -1.92
C VAL C 445 -11.98 -7.64 -3.14
N VAL C 446 -12.05 -6.31 -3.28
CA VAL C 446 -11.37 -5.60 -4.36
C VAL C 446 -9.92 -5.34 -3.94
N THR C 447 -8.98 -5.51 -4.85
CA THR C 447 -7.56 -5.27 -4.57
C THR C 447 -7.23 -3.78 -4.69
N GLN C 448 -6.32 -3.27 -3.84
CA GLN C 448 -5.87 -1.88 -3.99
C GLN C 448 -4.57 -1.84 -4.78
N LEU C 449 -4.54 -0.98 -5.81
CA LEU C 449 -3.32 -0.79 -6.58
C LEU C 449 -2.21 -0.25 -5.67
N THR C 450 -0.95 -0.67 -5.92
CA THR C 450 0.17 0.01 -5.31
C THR C 450 0.42 1.35 -6.03
N PRO C 451 1.13 2.29 -5.38
CA PRO C 451 1.55 3.50 -6.09
C PRO C 451 2.20 3.24 -7.43
N LYS C 452 3.14 2.28 -7.48
CA LYS C 452 3.84 1.96 -8.71
C LYS C 452 2.89 1.42 -9.77
N GLN C 453 1.95 0.54 -9.40
CA GLN C 453 0.96 0.04 -10.35
C GLN C 453 0.02 1.13 -10.83
N ALA C 454 -0.39 2.03 -9.92
CA ALA C 454 -1.27 3.12 -10.33
C ALA C 454 -0.55 4.01 -11.33
N GLU C 455 0.72 4.34 -11.07
CA GLU C 455 1.53 5.13 -12.00
C GLU C 455 1.64 4.39 -13.34
N TYR C 456 1.83 3.06 -13.28
CA TYR C 456 2.07 2.26 -14.48
C TYR C 456 0.89 2.30 -15.45
N ILE C 457 -0.35 2.31 -14.94
CA ILE C 457 -1.51 2.39 -15.83
C ILE C 457 -2.12 3.79 -15.89
N GLY C 458 -1.51 4.80 -15.25
CA GLY C 458 -1.97 6.17 -15.27
C GLY C 458 -3.26 6.48 -14.53
N VAL C 459 -3.49 5.89 -13.37
CA VAL C 459 -4.71 6.19 -12.62
C VAL C 459 -4.30 6.51 -11.19
N SER C 460 -5.23 7.15 -10.48
CA SER C 460 -5.07 7.38 -9.04
C SER C 460 -5.40 6.10 -8.28
N VAL C 461 -4.68 5.86 -7.17
CA VAL C 461 -5.01 4.66 -6.41
C VAL C 461 -6.50 4.63 -6.03
N GLU C 462 -7.13 5.78 -5.86
CA GLU C 462 -8.53 5.75 -5.48
C GLU C 462 -9.46 5.78 -6.68
N GLY C 463 -8.95 5.72 -7.90
CA GLY C 463 -9.83 5.74 -9.06
C GLY C 463 -10.14 7.20 -9.39
N PRO C 464 -10.89 7.45 -10.48
CA PRO C 464 -11.49 6.44 -11.37
C PRO C 464 -10.46 5.57 -12.13
N PHE C 465 -10.82 4.31 -12.40
CA PHE C 465 -9.87 3.33 -12.95
C PHE C 465 -9.91 3.25 -14.47
N LYS C 466 -10.87 3.92 -15.11
CA LYS C 466 -11.12 3.79 -16.54
C LYS C 466 -11.44 5.17 -17.11
N PRO C 467 -11.09 5.41 -18.36
CA PRO C 467 -11.53 6.67 -19.02
C PRO C 467 -13.04 6.66 -19.19
N ASP C 468 -13.60 7.86 -19.38
CA ASP C 468 -15.07 7.93 -19.56
C ASP C 468 -15.57 7.15 -20.78
N THR C 469 -14.72 6.89 -21.78
CA THR C 469 -15.09 6.18 -23.01
C THR C 469 -15.13 4.66 -22.83
N TYR C 470 -14.70 4.16 -21.67
CA TYR C 470 -14.59 2.71 -21.49
C TYR C 470 -15.98 2.07 -21.48
N ARG C 471 -16.09 0.88 -22.06
CA ARG C 471 -17.40 0.25 -22.27
C ARG C 471 -17.69 -0.92 -21.33
N TYR C 472 -16.68 -1.44 -20.61
CA TYR C 472 -16.88 -2.60 -19.69
C TYR C 472 -17.50 -3.75 -20.44
N GLY D 12 -75.66 -34.20 -6.45
CA GLY D 12 -75.26 -33.60 -5.17
C GLY D 12 -74.00 -34.23 -4.58
N PHE D 13 -72.90 -34.05 -5.27
CA PHE D 13 -71.67 -34.71 -4.85
C PHE D 13 -71.08 -34.00 -3.62
N THR D 14 -70.91 -34.74 -2.51
CA THR D 14 -70.27 -34.21 -1.30
C THR D 14 -69.07 -35.04 -0.83
N ASP D 15 -68.65 -36.08 -1.55
CA ASP D 15 -67.65 -37.03 -1.07
C ASP D 15 -66.24 -36.47 -1.33
N TYR D 16 -65.89 -35.36 -0.68
CA TYR D 16 -64.59 -34.73 -0.93
C TYR D 16 -64.33 -33.74 0.18
N LYS D 17 -63.06 -33.26 0.26
CA LYS D 17 -62.79 -32.08 1.10
C LYS D 17 -61.62 -31.29 0.56
N VAL D 18 -61.86 -30.01 0.19
CA VAL D 18 -60.85 -29.16 -0.45
C VAL D 18 -60.95 -27.77 0.18
N ALA D 19 -59.93 -26.92 -0.08
CA ALA D 19 -59.92 -25.57 0.50
C ALA D 19 -61.10 -24.74 0.02
N ASP D 20 -61.37 -24.74 -1.29
CA ASP D 20 -62.34 -23.78 -1.81
C ASP D 20 -62.82 -24.30 -3.16
N ILE D 21 -64.03 -24.86 -3.16
CA ILE D 21 -64.52 -25.49 -4.37
C ILE D 21 -64.68 -24.47 -5.50
N THR D 22 -64.77 -23.16 -5.19
CA THR D 22 -65.00 -22.17 -6.23
C THR D 22 -63.76 -21.93 -7.07
N LEU D 23 -62.61 -22.51 -6.67
CA LEU D 23 -61.43 -22.46 -7.52
C LEU D 23 -61.48 -23.45 -8.69
N ALA D 24 -62.56 -24.24 -8.82
CA ALA D 24 -62.56 -25.36 -9.79
C ALA D 24 -62.37 -24.87 -11.22
N ALA D 25 -63.08 -23.80 -11.61
CA ALA D 25 -62.99 -23.31 -13.00
C ALA D 25 -61.56 -22.94 -13.38
N TRP D 26 -60.87 -22.21 -12.50
CA TRP D 26 -59.47 -21.89 -12.72
C TRP D 26 -58.66 -23.18 -12.82
N GLY D 27 -58.91 -24.12 -11.91
CA GLY D 27 -58.18 -25.37 -11.99
C GLY D 27 -58.41 -26.11 -13.31
N ARG D 28 -59.67 -26.14 -13.77
CA ARG D 28 -59.98 -26.74 -15.07
C ARG D 28 -59.19 -26.06 -16.21
N ARG D 29 -59.14 -24.71 -16.22
CA ARG D 29 -58.35 -24.00 -17.24
C ARG D 29 -56.91 -24.47 -17.25
N GLU D 30 -56.32 -24.60 -16.07
CA GLU D 30 -54.94 -25.06 -16.02
C GLU D 30 -54.80 -26.53 -16.40
N LEU D 31 -55.80 -27.38 -16.09
CA LEU D 31 -55.73 -28.78 -16.54
C LEU D 31 -55.69 -28.85 -18.06
N ILE D 32 -56.52 -28.04 -18.73
CA ILE D 32 -56.61 -28.03 -20.19
C ILE D 32 -55.30 -27.59 -20.81
N ILE D 33 -54.62 -26.60 -20.18
CA ILE D 33 -53.27 -26.24 -20.65
C ILE D 33 -52.30 -27.42 -20.40
N ALA D 34 -52.38 -28.03 -19.21
CA ALA D 34 -51.46 -29.11 -18.89
C ALA D 34 -51.60 -30.29 -19.84
N GLU D 35 -52.83 -30.62 -20.23
CA GLU D 35 -53.00 -31.71 -21.19
C GLU D 35 -52.14 -31.47 -22.46
N SER D 36 -52.08 -30.21 -22.92
CA SER D 36 -51.32 -29.97 -24.14
C SER D 36 -49.83 -30.04 -23.88
N GLU D 37 -49.40 -30.05 -22.61
CA GLU D 37 -48.01 -30.18 -22.23
C GLU D 37 -47.65 -31.61 -21.88
N MET D 38 -48.59 -32.55 -21.98
CA MET D 38 -48.36 -33.91 -21.50
C MET D 38 -48.73 -34.89 -22.61
N PRO D 39 -47.94 -34.92 -23.69
CA PRO D 39 -48.30 -35.79 -24.84
C PRO D 39 -48.21 -37.30 -24.53
N ALA D 40 -47.30 -37.77 -23.69
CA ALA D 40 -47.23 -39.21 -23.42
C ALA D 40 -48.49 -39.66 -22.70
N LEU D 41 -48.90 -38.89 -21.71
CA LEU D 41 -50.08 -39.25 -20.94
C LEU D 41 -51.35 -39.15 -21.81
N MET D 42 -51.48 -38.04 -22.56
N MET D 42 -51.48 -38.06 -22.58
CA MET D 42 -52.58 -37.90 -23.50
CA MET D 42 -52.65 -37.97 -23.44
C MET D 42 -52.57 -39.01 -24.55
C MET D 42 -52.58 -38.97 -24.60
N GLY D 43 -51.37 -39.40 -25.03
CA GLY D 43 -51.31 -40.50 -25.98
C GLY D 43 -51.90 -41.79 -25.41
N LEU D 44 -51.66 -42.04 -24.13
CA LEU D 44 -52.23 -43.23 -23.47
C LEU D 44 -53.75 -43.16 -23.40
N ARG D 45 -54.30 -41.97 -23.08
CA ARG D 45 -55.75 -41.76 -23.17
C ARG D 45 -56.29 -42.17 -24.51
N ARG D 46 -55.68 -41.70 -25.57
CA ARG D 46 -56.20 -41.96 -26.90
C ARG D 46 -56.00 -43.41 -27.29
N LYS D 47 -54.88 -43.99 -26.91
CA LYS D 47 -54.61 -45.35 -27.31
C LYS D 47 -55.50 -46.36 -26.55
N TYR D 48 -55.78 -46.12 -25.28
CA TYR D 48 -56.40 -47.16 -24.44
C TYR D 48 -57.85 -46.87 -24.09
N ALA D 49 -58.39 -45.73 -24.53
CA ALA D 49 -59.75 -45.35 -24.12
C ALA D 49 -60.77 -46.38 -24.57
N GLY D 50 -60.69 -46.84 -25.81
CA GLY D 50 -61.67 -47.83 -26.27
C GLY D 50 -61.53 -49.18 -25.59
N GLN D 51 -60.32 -49.56 -25.23
CA GLN D 51 -60.10 -50.83 -24.56
C GLN D 51 -60.55 -50.81 -23.09
N GLN D 52 -60.59 -49.66 -22.43
CA GLN D 52 -60.93 -49.58 -21.00
C GLN D 52 -60.12 -50.56 -20.14
N PRO D 53 -58.80 -50.54 -20.24
CA PRO D 53 -58.04 -51.55 -19.49
C PRO D 53 -58.14 -51.41 -17.98
N LEU D 54 -58.62 -50.29 -17.45
CA LEU D 54 -58.78 -50.16 -16.01
C LEU D 54 -60.24 -50.23 -15.59
N LYS D 55 -61.11 -50.74 -16.44
CA LYS D 55 -62.49 -50.92 -15.99
C LYS D 55 -62.51 -51.90 -14.82
N GLY D 56 -63.13 -51.48 -13.72
CA GLY D 56 -63.16 -52.26 -12.51
C GLY D 56 -62.04 -51.98 -11.54
N ALA D 57 -60.99 -51.25 -11.98
CA ALA D 57 -59.97 -50.80 -11.03
C ALA D 57 -60.55 -49.77 -10.07
N LYS D 58 -60.17 -49.89 -8.82
CA LYS D 58 -60.55 -48.95 -7.78
C LYS D 58 -59.25 -48.61 -7.09
N ILE D 59 -58.74 -47.40 -7.36
CA ILE D 59 -57.37 -47.06 -7.05
C ILE D 59 -57.37 -46.10 -5.87
N LEU D 60 -56.68 -46.47 -4.81
CA LEU D 60 -56.34 -45.49 -3.78
C LEU D 60 -55.09 -44.75 -4.23
N GLY D 61 -55.14 -43.41 -4.26
CA GLY D 61 -54.00 -42.64 -4.75
C GLY D 61 -53.54 -41.68 -3.68
N CYS D 62 -52.23 -41.65 -3.41
CA CYS D 62 -51.66 -40.68 -2.47
C CYS D 62 -50.44 -40.04 -3.13
N ILE D 63 -50.61 -38.84 -3.68
CA ILE D 63 -49.50 -38.12 -4.30
C ILE D 63 -49.92 -36.64 -4.45
N HIS D 64 -48.97 -35.76 -4.20
CA HIS D 64 -49.12 -34.29 -4.35
C HIS D 64 -50.26 -33.91 -5.27
N MET D 65 -51.29 -33.23 -4.76
CA MET D 65 -52.49 -32.91 -5.52
C MET D 65 -52.28 -31.60 -6.33
N THR D 66 -51.42 -31.71 -7.36
CA THR D 66 -51.10 -30.65 -8.31
C THR D 66 -51.93 -30.81 -9.57
N ILE D 67 -51.85 -29.78 -10.41
CA ILE D 67 -52.45 -29.84 -11.73
C ILE D 67 -51.95 -31.09 -12.47
N GLN D 68 -50.64 -31.41 -12.34
CA GLN D 68 -50.10 -32.56 -13.07
C GLN D 68 -50.72 -33.85 -12.57
N THR D 69 -50.85 -33.98 -11.25
CA THR D 69 -51.56 -35.14 -10.72
C THR D 69 -53.00 -35.17 -11.21
N GLY D 70 -53.64 -34.00 -11.38
CA GLY D 70 -55.00 -34.00 -11.94
C GLY D 70 -55.09 -34.66 -13.31
N VAL D 71 -54.13 -34.39 -14.20
CA VAL D 71 -54.11 -35.04 -15.52
C VAL D 71 -53.90 -36.55 -15.38
N LEU D 72 -53.05 -36.96 -14.44
CA LEU D 72 -52.87 -38.38 -14.13
C LEU D 72 -54.19 -39.02 -13.66
N ILE D 73 -54.86 -38.40 -12.68
CA ILE D 73 -56.14 -38.94 -12.19
C ILE D 73 -57.13 -39.12 -13.35
N GLU D 74 -57.28 -38.08 -14.16
CA GLU D 74 -58.32 -38.15 -15.18
C GLU D 74 -57.95 -39.08 -16.32
N THR D 75 -56.64 -39.35 -16.53
CA THR D 75 -56.25 -40.41 -17.46
C THR D 75 -56.67 -41.78 -16.91
N LEU D 76 -56.41 -42.04 -15.62
CA LEU D 76 -56.84 -43.32 -15.04
C LEU D 76 -58.35 -43.48 -15.16
N VAL D 77 -59.08 -42.42 -14.81
CA VAL D 77 -60.53 -42.46 -14.91
C VAL D 77 -60.97 -42.66 -16.35
N ALA D 78 -60.30 -41.96 -17.31
CA ALA D 78 -60.64 -42.14 -18.72
C ALA D 78 -60.48 -43.59 -19.18
N LEU D 79 -59.53 -44.32 -18.59
CA LEU D 79 -59.28 -45.71 -18.95
C LEU D 79 -60.18 -46.66 -18.17
N GLY D 80 -61.09 -46.15 -17.33
CA GLY D 80 -62.07 -47.02 -16.66
C GLY D 80 -62.00 -47.05 -15.15
N ALA D 81 -60.95 -46.51 -14.53
CA ALA D 81 -60.76 -46.61 -13.08
C ALA D 81 -61.74 -45.70 -12.31
N GLU D 82 -62.08 -46.11 -11.08
CA GLU D 82 -62.52 -45.15 -10.05
C GLU D 82 -61.38 -44.93 -9.05
N VAL D 83 -61.31 -43.74 -8.45
CA VAL D 83 -60.21 -43.43 -7.55
C VAL D 83 -60.76 -42.78 -6.30
N ARG D 84 -59.96 -42.81 -5.23
CA ARG D 84 -60.14 -41.92 -4.08
C ARG D 84 -58.77 -41.37 -3.74
N TRP D 85 -58.64 -40.04 -3.64
CA TRP D 85 -57.34 -39.41 -3.69
C TRP D 85 -57.02 -38.56 -2.47
N SER D 86 -55.73 -38.51 -2.12
CA SER D 86 -55.21 -37.53 -1.18
C SER D 86 -53.80 -37.13 -1.60
N SER D 87 -53.28 -36.09 -0.96
CA SER D 87 -51.89 -35.65 -1.24
C SER D 87 -50.92 -36.39 -0.33
N CYS D 88 -49.67 -36.57 -0.78
CA CYS D 88 -48.67 -37.18 0.08
C CYS D 88 -47.81 -36.13 0.79
N ASN D 89 -48.22 -34.86 0.78
CA ASN D 89 -47.51 -33.88 1.57
C ASN D 89 -48.47 -32.76 2.01
N ILE D 90 -48.22 -32.20 3.21
CA ILE D 90 -49.12 -31.18 3.77
C ILE D 90 -49.09 -29.82 3.02
N PHE D 91 -48.05 -29.52 2.23
CA PHE D 91 -47.94 -28.22 1.59
C PHE D 91 -47.91 -28.32 0.06
N SER D 92 -48.08 -29.51 -0.52
CA SER D 92 -47.83 -29.65 -1.96
C SER D 92 -49.09 -29.53 -2.82
N THR D 93 -50.28 -29.57 -2.21
CA THR D 93 -51.50 -29.42 -3.02
C THR D 93 -51.58 -28.04 -3.67
N GLN D 94 -52.07 -28.01 -4.92
CA GLN D 94 -52.50 -26.76 -5.56
C GLN D 94 -54.02 -26.71 -5.43
N ASP D 95 -54.54 -25.73 -4.64
CA ASP D 95 -55.95 -25.86 -4.25
C ASP D 95 -56.88 -25.80 -5.47
N GLN D 96 -56.49 -25.09 -6.55
CA GLN D 96 -57.35 -25.07 -7.74
C GLN D 96 -57.40 -26.46 -8.41
N ALA D 97 -56.31 -27.26 -8.31
CA ALA D 97 -56.32 -28.60 -8.90
C ALA D 97 -57.23 -29.52 -8.09
N ALA D 98 -57.10 -29.47 -6.75
CA ALA D 98 -58.01 -30.22 -5.91
C ALA D 98 -59.47 -29.85 -6.19
N ALA D 99 -59.77 -28.55 -6.33
CA ALA D 99 -61.15 -28.14 -6.59
C ALA D 99 -61.66 -28.70 -7.91
N ALA D 100 -60.83 -28.62 -8.97
CA ALA D 100 -61.26 -29.07 -10.27
C ALA D 100 -61.56 -30.55 -10.26
N ILE D 101 -60.75 -31.32 -9.53
CA ILE D 101 -60.98 -32.76 -9.44
C ILE D 101 -62.26 -33.05 -8.66
N ALA D 102 -62.44 -32.38 -7.50
CA ALA D 102 -63.69 -32.58 -6.74
C ALA D 102 -64.89 -32.19 -7.58
N ALA D 103 -64.79 -31.07 -8.34
CA ALA D 103 -65.95 -30.63 -9.12
C ALA D 103 -66.28 -31.61 -10.22
N ALA D 104 -65.32 -32.44 -10.64
CA ALA D 104 -65.56 -33.50 -11.61
C ALA D 104 -66.25 -34.72 -11.00
N GLY D 105 -66.60 -34.68 -9.73
CA GLY D 105 -67.21 -35.83 -9.09
C GLY D 105 -66.21 -36.86 -8.60
N ILE D 106 -64.96 -36.48 -8.36
CA ILE D 106 -63.93 -37.46 -8.01
C ILE D 106 -63.57 -37.26 -6.55
N PRO D 107 -63.61 -38.31 -5.71
CA PRO D 107 -63.33 -38.10 -4.27
C PRO D 107 -61.87 -37.71 -4.07
N VAL D 108 -61.66 -36.50 -3.53
CA VAL D 108 -60.31 -36.02 -3.24
C VAL D 108 -60.35 -35.29 -1.88
N PHE D 109 -59.32 -35.52 -1.06
CA PHE D 109 -59.21 -34.94 0.29
C PHE D 109 -57.83 -34.32 0.40
N ALA D 110 -57.75 -32.99 0.19
CA ALA D 110 -56.43 -32.40 0.01
C ALA D 110 -56.54 -30.87 0.01
N TRP D 111 -55.63 -30.20 0.72
CA TRP D 111 -55.48 -28.75 0.58
C TRP D 111 -54.06 -28.35 0.96
N LYS D 112 -53.66 -27.16 0.53
CA LYS D 112 -52.36 -26.64 0.90
C LYS D 112 -52.40 -26.17 2.34
N GLY D 113 -51.41 -26.59 3.13
CA GLY D 113 -51.36 -26.14 4.50
C GLY D 113 -52.10 -27.02 5.48
N GLU D 114 -52.18 -28.33 5.22
CA GLU D 114 -52.77 -29.24 6.22
C GLU D 114 -51.93 -29.26 7.49
N THR D 115 -52.58 -29.56 8.63
CA THR D 115 -51.85 -30.04 9.79
C THR D 115 -51.53 -31.53 9.60
N GLU D 116 -50.70 -32.08 10.48
CA GLU D 116 -50.39 -33.52 10.38
C GLU D 116 -51.63 -34.39 10.66
N GLU D 117 -52.46 -33.99 11.64
CA GLU D 117 -53.68 -34.74 11.90
C GLU D 117 -54.60 -34.71 10.68
N GLU D 118 -54.73 -33.54 10.04
CA GLU D 118 -55.53 -33.43 8.84
C GLU D 118 -54.96 -34.30 7.73
N TYR D 119 -53.63 -34.38 7.67
CA TYR D 119 -52.96 -35.19 6.67
C TYR D 119 -53.37 -36.65 6.79
N GLU D 120 -53.34 -37.18 8.02
CA GLU D 120 -53.75 -38.56 8.30
C GLU D 120 -55.24 -38.76 8.08
N TRP D 121 -56.06 -37.79 8.47
CA TRP D 121 -57.51 -37.86 8.21
C TRP D 121 -57.80 -37.96 6.70
N CYS D 122 -57.06 -37.20 5.89
CA CYS D 122 -57.31 -37.21 4.45
C CYS D 122 -57.01 -38.59 3.88
N ILE D 123 -55.87 -39.20 4.24
CA ILE D 123 -55.60 -40.56 3.77
C ILE D 123 -56.71 -41.53 4.20
N GLU D 124 -57.15 -41.42 5.45
CA GLU D 124 -58.23 -42.30 5.93
C GLU D 124 -59.52 -42.07 5.15
N GLN D 125 -59.79 -40.84 4.71
CA GLN D 125 -60.99 -40.61 3.91
C GLN D 125 -60.91 -41.32 2.55
N THR D 126 -59.70 -41.53 2.00
CA THR D 126 -59.64 -42.36 0.79
C THR D 126 -59.88 -43.83 1.11
N ILE D 127 -59.37 -44.32 2.24
CA ILE D 127 -59.43 -45.72 2.59
C ILE D 127 -60.88 -46.17 2.92
N LEU D 128 -61.63 -45.32 3.62
CA LEU D 128 -62.98 -45.62 4.07
C LEU D 128 -63.98 -44.83 3.25
N LYS D 129 -65.04 -45.49 2.81
CA LYS D 129 -66.16 -44.80 2.18
C LYS D 129 -67.37 -45.06 3.06
N ASP D 130 -68.06 -44.00 3.50
CA ASP D 130 -69.20 -44.16 4.39
C ASP D 130 -68.84 -45.00 5.61
N GLY D 131 -67.64 -44.78 6.14
CA GLY D 131 -67.25 -45.40 7.38
C GLY D 131 -66.80 -46.85 7.29
N GLN D 132 -66.69 -47.43 6.09
CA GLN D 132 -66.27 -48.81 5.95
C GLN D 132 -65.19 -48.88 4.88
N PRO D 133 -64.36 -49.92 4.90
CA PRO D 133 -63.32 -50.02 3.86
C PRO D 133 -63.94 -49.92 2.47
N TRP D 134 -63.36 -49.06 1.65
CA TRP D 134 -63.74 -49.00 0.25
C TRP D 134 -63.35 -50.31 -0.44
N ASP D 135 -64.05 -50.65 -1.54
CA ASP D 135 -63.66 -51.85 -2.28
C ASP D 135 -62.44 -51.61 -3.17
N ALA D 136 -61.36 -51.14 -2.55
CA ALA D 136 -60.11 -50.85 -3.27
C ALA D 136 -59.53 -52.12 -3.88
N ASN D 137 -58.87 -51.99 -5.04
CA ASN D 137 -58.09 -53.14 -5.54
C ASN D 137 -56.77 -52.71 -6.17
N MET D 138 -56.40 -51.41 -6.09
CA MET D 138 -55.10 -50.92 -6.55
C MET D 138 -54.61 -49.75 -5.68
N VAL D 139 -53.28 -49.57 -5.64
CA VAL D 139 -52.65 -48.52 -4.84
C VAL D 139 -51.66 -47.79 -5.72
N LEU D 140 -51.73 -46.45 -5.69
CA LEU D 140 -50.76 -45.58 -6.36
C LEU D 140 -50.20 -44.66 -5.26
N ASP D 141 -48.88 -44.74 -5.01
CA ASP D 141 -48.34 -44.07 -3.84
C ASP D 141 -47.07 -43.27 -4.19
N ASP D 142 -46.78 -42.30 -3.33
CA ASP D 142 -45.60 -41.42 -3.50
C ASP D 142 -45.00 -41.24 -2.13
N GLY D 143 -43.99 -42.03 -1.80
CA GLY D 143 -43.35 -41.92 -0.52
C GLY D 143 -43.66 -43.05 0.42
N GLY D 144 -44.72 -43.82 0.18
CA GLY D 144 -45.03 -45.00 0.97
C GLY D 144 -45.94 -44.79 2.19
N ASP D 145 -46.52 -43.61 2.38
CA ASP D 145 -47.32 -43.41 3.60
C ASP D 145 -48.63 -44.20 3.54
N LEU D 146 -49.30 -44.16 2.41
CA LEU D 146 -50.55 -44.92 2.27
C LEU D 146 -50.25 -46.41 2.33
N THR D 147 -49.20 -46.86 1.63
CA THR D 147 -48.75 -48.26 1.70
C THR D 147 -48.53 -48.69 3.17
N GLU D 148 -47.84 -47.84 3.95
CA GLU D 148 -47.57 -48.21 5.35
C GLU D 148 -48.88 -48.33 6.15
N ILE D 149 -49.79 -47.36 5.98
CA ILE D 149 -51.03 -47.38 6.75
C ILE D 149 -51.87 -48.60 6.40
N LEU D 150 -51.93 -48.96 5.10
CA LEU D 150 -52.70 -50.16 4.73
C LEU D 150 -52.11 -51.40 5.38
N HIS D 151 -50.77 -51.55 5.35
CA HIS D 151 -50.17 -52.75 5.92
C HIS D 151 -50.34 -52.79 7.43
N LYS D 152 -50.25 -51.62 8.08
CA LYS D 152 -50.29 -51.67 9.53
C LYS D 152 -51.70 -51.74 10.08
N LYS D 153 -52.68 -51.13 9.39
CA LYS D 153 -54.02 -50.98 9.98
C LYS D 153 -55.13 -51.65 9.19
N TYR D 154 -54.92 -51.92 7.88
CA TYR D 154 -55.96 -52.49 7.02
C TYR D 154 -55.49 -53.71 6.24
N PRO D 155 -54.88 -54.69 6.90
CA PRO D 155 -54.39 -55.86 6.15
C PRO D 155 -55.49 -56.57 5.39
N GLN D 156 -56.74 -56.49 5.86
CA GLN D 156 -57.81 -57.22 5.18
C GLN D 156 -58.09 -56.60 3.83
N MET D 157 -57.89 -55.28 3.71
CA MET D 157 -58.07 -54.65 2.41
C MET D 157 -56.98 -55.10 1.43
N LEU D 158 -55.77 -55.37 1.92
CA LEU D 158 -54.70 -55.72 1.01
C LEU D 158 -54.89 -57.12 0.40
N GLU D 159 -55.68 -58.00 1.04
CA GLU D 159 -56.00 -59.30 0.43
C GLU D 159 -56.62 -59.12 -0.93
N ARG D 160 -57.33 -58.02 -1.15
CA ARG D 160 -58.08 -57.81 -2.37
C ARG D 160 -57.39 -56.81 -3.28
N ILE D 161 -56.19 -56.36 -2.92
N ILE D 161 -56.18 -56.37 -2.94
CA ILE D 161 -55.41 -55.42 -3.73
CA ILE D 161 -55.46 -55.37 -3.76
C ILE D 161 -54.56 -56.23 -4.71
C ILE D 161 -54.43 -56.08 -4.65
N HIS D 162 -54.45 -55.76 -5.95
CA HIS D 162 -53.60 -56.44 -6.92
C HIS D 162 -52.15 -55.92 -6.94
N GLY D 163 -51.90 -54.70 -6.48
CA GLY D 163 -50.53 -54.17 -6.53
C GLY D 163 -50.49 -52.70 -6.10
N ILE D 164 -49.24 -52.20 -5.98
CA ILE D 164 -48.87 -50.83 -5.61
C ILE D 164 -47.95 -50.30 -6.72
N THR D 165 -48.17 -49.07 -7.20
CA THR D 165 -47.23 -48.46 -8.14
C THR D 165 -46.65 -47.28 -7.40
N GLU D 166 -45.35 -47.35 -7.08
CA GLU D 166 -44.74 -46.36 -6.18
C GLU D 166 -43.85 -45.40 -6.96
N GLU D 167 -44.02 -44.11 -6.66
CA GLU D 167 -43.46 -43.01 -7.47
C GLU D 167 -41.98 -42.72 -7.17
N THR D 168 -41.53 -42.85 -5.92
CA THR D 168 -40.34 -42.12 -5.56
C THR D 168 -39.32 -43.00 -4.83
N THR D 169 -38.07 -42.52 -4.89
CA THR D 169 -36.95 -43.27 -4.34
CA THR D 169 -36.93 -43.24 -4.34
C THR D 169 -37.22 -43.69 -2.91
N THR D 170 -37.64 -42.75 -2.07
CA THR D 170 -37.86 -43.08 -0.67
C THR D 170 -38.92 -44.18 -0.49
N GLY D 171 -40.04 -44.08 -1.20
CA GLY D 171 -41.05 -45.14 -1.14
C GLY D 171 -40.55 -46.49 -1.64
N VAL D 172 -39.72 -46.50 -2.70
CA VAL D 172 -39.20 -47.78 -3.16
C VAL D 172 -38.33 -48.39 -2.09
N HIS D 173 -37.50 -47.55 -1.43
CA HIS D 173 -36.66 -48.06 -0.36
C HIS D 173 -37.51 -48.71 0.72
N ARG D 174 -38.64 -48.08 1.04
CA ARG D 174 -39.50 -48.65 2.09
C ARG D 174 -40.09 -49.97 1.63
N LEU D 175 -40.47 -50.06 0.35
CA LEU D 175 -41.03 -51.31 -0.18
C LEU D 175 -40.01 -52.44 -0.13
N LEU D 176 -38.75 -52.14 -0.47
CA LEU D 176 -37.73 -53.21 -0.47
C LEU D 176 -37.45 -53.70 0.94
N ASP D 177 -37.53 -52.80 1.91
CA ASP D 177 -37.37 -53.20 3.29
C ASP D 177 -38.47 -54.17 3.72
N MET D 178 -39.73 -53.86 3.39
CA MET D 178 -40.82 -54.81 3.62
C MET D 178 -40.57 -56.14 2.90
N LEU D 179 -40.21 -56.07 1.59
CA LEU D 179 -39.94 -57.32 0.87
C LEU D 179 -38.87 -58.15 1.58
N LYS D 180 -37.79 -57.49 2.02
CA LYS D 180 -36.71 -58.19 2.70
C LYS D 180 -37.18 -58.81 4.01
N ASN D 181 -38.07 -58.12 4.73
CA ASN D 181 -38.58 -58.67 5.99
C ASN D 181 -39.76 -59.59 5.82
N GLY D 182 -40.25 -59.78 4.61
CA GLY D 182 -41.37 -60.65 4.38
C GLY D 182 -42.69 -60.07 4.82
N THR D 183 -42.76 -58.75 4.99
CA THR D 183 -44.01 -58.10 5.41
C THR D 183 -44.75 -57.45 4.25
N LEU D 184 -44.18 -57.45 3.05
CA LEU D 184 -44.87 -56.87 1.91
C LEU D 184 -45.99 -57.82 1.48
N LYS D 185 -47.24 -57.29 1.37
CA LYS D 185 -48.42 -58.14 1.15
C LYS D 185 -48.89 -58.23 -0.31
N VAL D 186 -48.48 -57.30 -1.17
CA VAL D 186 -48.90 -57.29 -2.59
C VAL D 186 -47.70 -56.86 -3.42
N PRO D 187 -47.66 -57.26 -4.70
CA PRO D 187 -46.52 -56.88 -5.54
C PRO D 187 -46.55 -55.39 -5.87
N ALA D 188 -45.40 -54.91 -6.32
CA ALA D 188 -45.27 -53.48 -6.60
C ALA D 188 -44.46 -53.27 -7.87
N ILE D 189 -44.74 -52.15 -8.53
CA ILE D 189 -43.87 -51.67 -9.60
C ILE D 189 -43.20 -50.43 -9.07
N ASN D 190 -41.86 -50.44 -9.19
CA ASN D 190 -40.97 -49.32 -8.92
C ASN D 190 -41.04 -48.40 -10.13
N VAL D 191 -41.86 -47.34 -10.05
CA VAL D 191 -42.00 -46.42 -11.18
C VAL D 191 -40.80 -45.52 -11.23
N ASN D 192 -40.26 -45.19 -10.04
CA ASN D 192 -39.11 -44.27 -9.93
C ASN D 192 -38.02 -44.67 -10.89
N ASP D 193 -37.74 -45.97 -11.05
CA ASP D 193 -36.52 -46.34 -11.79
C ASP D 193 -36.71 -46.61 -13.27
N SER D 194 -37.85 -46.28 -13.88
CA SER D 194 -37.83 -46.03 -15.32
C SER D 194 -36.86 -44.89 -15.58
N VAL D 195 -36.16 -44.92 -16.73
CA VAL D 195 -35.26 -43.81 -17.03
C VAL D 195 -36.05 -42.54 -17.30
N THR D 196 -37.23 -42.70 -17.95
CA THR D 196 -38.12 -41.56 -18.18
C THR D 196 -38.79 -41.06 -16.90
N LYS D 197 -38.47 -41.67 -15.74
CA LYS D 197 -38.85 -41.08 -14.46
C LYS D 197 -37.60 -40.56 -13.76
N SER D 198 -36.75 -41.46 -13.19
CA SER D 198 -35.58 -41.05 -12.40
C SER D 198 -34.68 -40.04 -13.12
N LYS D 199 -34.35 -40.28 -14.39
CA LYS D 199 -33.40 -39.38 -15.06
C LYS D 199 -34.10 -38.30 -15.84
N ASN D 200 -35.36 -38.03 -15.53
CA ASN D 200 -36.17 -36.98 -16.12
C ASN D 200 -36.74 -36.14 -14.95
N ASP D 201 -37.67 -36.75 -14.21
CA ASP D 201 -38.31 -36.11 -13.05
C ASP D 201 -37.30 -35.74 -11.96
N ASN D 202 -36.57 -36.75 -11.44
CA ASN D 202 -35.74 -36.51 -10.24
C ASN D 202 -34.68 -35.46 -10.48
N LYS D 203 -34.03 -35.50 -11.69
CA LYS D 203 -32.98 -34.54 -12.03
C LYS D 203 -33.57 -33.26 -12.65
N TYR D 204 -34.12 -33.38 -13.88
CA TYR D 204 -34.51 -32.15 -14.60
C TYR D 204 -35.65 -31.44 -13.91
N GLY D 205 -36.55 -32.20 -13.25
CA GLY D 205 -37.66 -31.57 -12.51
C GLY D 205 -37.14 -30.62 -11.46
N CYS D 206 -36.13 -31.08 -10.70
CA CYS D 206 -35.53 -30.24 -9.65
C CYS D 206 -34.73 -29.09 -10.25
N ARG D 207 -34.14 -29.29 -11.40
CA ARG D 207 -33.46 -28.21 -12.09
C ARG D 207 -34.42 -27.07 -12.36
N HIS D 208 -35.60 -27.41 -12.87
CA HIS D 208 -36.62 -26.40 -13.17
C HIS D 208 -37.14 -25.74 -11.89
N SER D 209 -37.41 -26.54 -10.86
CA SER D 209 -38.33 -26.07 -9.79
C SER D 209 -37.62 -25.65 -8.50
N LEU D 210 -36.34 -26.03 -8.28
CA LEU D 210 -35.66 -25.56 -7.06
C LEU D 210 -35.44 -24.04 -7.08
N ASN D 211 -34.73 -23.49 -8.11
CA ASN D 211 -34.59 -22.03 -8.11
CA ASN D 211 -34.59 -22.03 -8.15
C ASN D 211 -35.96 -21.34 -8.21
N ASP D 212 -36.94 -21.95 -8.89
CA ASP D 212 -38.31 -21.40 -8.93
C ASP D 212 -38.84 -21.16 -7.49
N ALA D 213 -38.80 -22.20 -6.66
CA ALA D 213 -39.31 -22.07 -5.27
C ALA D 213 -38.51 -21.04 -4.48
N ILE D 214 -37.19 -21.04 -4.64
CA ILE D 214 -36.39 -20.09 -3.86
C ILE D 214 -36.73 -18.66 -4.25
N LYS D 215 -36.95 -18.41 -5.54
CA LYS D 215 -37.33 -17.05 -5.98
C LYS D 215 -38.70 -16.67 -5.44
N ARG D 216 -39.69 -17.58 -5.54
CA ARG D 216 -41.05 -17.27 -5.06
C ARG D 216 -41.05 -16.98 -3.57
N GLY D 217 -40.24 -17.73 -2.80
CA GLY D 217 -40.17 -17.61 -1.36
C GLY D 217 -39.44 -16.37 -0.83
N THR D 218 -38.30 -16.00 -1.44
CA THR D 218 -37.42 -14.96 -0.93
C THR D 218 -37.21 -13.80 -1.90
N ASP D 219 -37.38 -14.04 -3.21
CA ASP D 219 -37.02 -13.11 -4.27
C ASP D 219 -35.57 -12.69 -4.15
N HIS D 220 -34.74 -13.57 -3.58
CA HIS D 220 -33.31 -13.27 -3.48
C HIS D 220 -32.63 -13.42 -4.84
N LEU D 221 -31.76 -12.44 -5.16
CA LEU D 221 -30.72 -12.70 -6.16
C LEU D 221 -29.92 -13.96 -5.79
N LEU D 222 -29.71 -14.87 -6.77
CA LEU D 222 -28.87 -16.02 -6.51
C LEU D 222 -27.50 -15.86 -7.12
N SER D 223 -27.38 -15.15 -8.24
CA SER D 223 -26.08 -15.05 -8.94
CA SER D 223 -26.09 -15.08 -8.93
C SER D 223 -25.05 -14.44 -8.00
N GLY D 224 -23.83 -15.01 -7.98
CA GLY D 224 -22.78 -14.47 -7.16
C GLY D 224 -22.76 -14.92 -5.72
N LYS D 225 -23.80 -15.61 -5.24
CA LYS D 225 -23.85 -16.07 -3.86
C LYS D 225 -23.39 -17.53 -3.75
N GLN D 226 -23.15 -17.95 -2.51
CA GLN D 226 -22.57 -19.25 -2.19
CA GLN D 226 -22.58 -19.26 -2.22
C GLN D 226 -23.67 -20.23 -1.77
N ALA D 227 -23.73 -21.39 -2.43
CA ALA D 227 -24.67 -22.43 -2.08
C ALA D 227 -23.93 -23.71 -1.64
N LEU D 228 -24.59 -24.50 -0.79
CA LEU D 228 -24.07 -25.80 -0.42
C LEU D 228 -25.20 -26.81 -0.66
N VAL D 229 -25.01 -27.73 -1.61
CA VAL D 229 -26.00 -28.78 -1.86
C VAL D 229 -25.52 -30.08 -1.18
N ILE D 230 -26.33 -30.62 -0.30
CA ILE D 230 -26.03 -31.89 0.38
C ILE D 230 -26.60 -33.01 -0.46
N GLY D 231 -25.72 -33.78 -1.12
CA GLY D 231 -26.13 -34.90 -1.94
C GLY D 231 -25.95 -34.61 -3.44
N TYR D 232 -25.64 -35.67 -4.20
CA TYR D 232 -25.44 -35.52 -5.64
C TYR D 232 -25.91 -36.80 -6.36
N GLY D 233 -27.05 -37.37 -5.90
CA GLY D 233 -27.77 -38.38 -6.66
C GLY D 233 -28.59 -37.65 -7.70
N ASP D 234 -29.71 -38.20 -8.14
CA ASP D 234 -30.44 -37.51 -9.21
C ASP D 234 -30.99 -36.15 -8.78
N VAL D 235 -31.61 -36.07 -7.58
CA VAL D 235 -32.14 -34.80 -7.11
C VAL D 235 -31.01 -33.82 -6.85
N GLY D 236 -29.90 -34.30 -6.25
CA GLY D 236 -28.77 -33.40 -6.00
C GLY D 236 -28.11 -32.88 -7.28
N LYS D 237 -28.06 -33.72 -8.32
CA LYS D 237 -27.53 -33.27 -9.63
C LYS D 237 -28.39 -32.15 -10.21
N GLY D 238 -29.72 -32.34 -10.18
CA GLY D 238 -30.60 -31.36 -10.76
C GLY D 238 -30.67 -30.08 -9.94
N SER D 239 -30.64 -30.24 -8.62
CA SER D 239 -30.61 -29.07 -7.72
C SER D 239 -29.33 -28.25 -7.91
N SER D 240 -28.19 -28.92 -7.97
CA SER D 240 -26.94 -28.18 -8.17
C SER D 240 -26.94 -27.44 -9.49
N GLN D 241 -27.50 -28.03 -10.57
CA GLN D 241 -27.62 -27.32 -11.86
C GLN D 241 -28.62 -26.15 -11.74
N SER D 242 -29.76 -26.37 -11.08
CA SER D 242 -30.71 -25.28 -10.84
C SER D 242 -30.01 -24.05 -10.29
N LEU D 243 -29.07 -24.27 -9.38
CA LEU D 243 -28.42 -23.11 -8.74
C LEU D 243 -27.25 -22.60 -9.61
N ARG D 244 -26.41 -23.53 -10.10
N ARG D 244 -26.40 -23.50 -10.12
CA ARG D 244 -25.25 -23.10 -10.91
CA ARG D 244 -25.26 -23.02 -10.88
C ARG D 244 -25.68 -22.31 -12.13
C ARG D 244 -25.69 -22.27 -12.14
N GLN D 245 -26.79 -22.71 -12.76
CA GLN D 245 -27.23 -22.03 -13.96
C GLN D 245 -27.73 -20.62 -13.67
N GLU D 246 -28.07 -20.32 -12.41
CA GLU D 246 -28.38 -18.96 -11.99
C GLU D 246 -27.13 -18.14 -11.63
N GLY D 247 -25.92 -18.70 -11.73
CA GLY D 247 -24.73 -17.97 -11.30
C GLY D 247 -24.31 -18.19 -9.84
N MET D 248 -24.93 -19.13 -9.11
CA MET D 248 -24.42 -19.40 -7.75
C MET D 248 -23.09 -20.13 -7.84
N ILE D 249 -22.27 -19.90 -6.82
CA ILE D 249 -21.06 -20.68 -6.60
C ILE D 249 -21.48 -21.85 -5.72
N VAL D 250 -21.52 -23.04 -6.29
CA VAL D 250 -22.11 -24.21 -5.67
C VAL D 250 -21.00 -25.16 -5.21
N LYS D 251 -21.08 -25.57 -3.94
CA LYS D 251 -20.27 -26.66 -3.40
C LYS D 251 -21.21 -27.81 -3.11
N VAL D 252 -20.65 -29.02 -3.12
CA VAL D 252 -21.47 -30.23 -3.09
C VAL D 252 -20.90 -31.14 -2.02
N ALA D 253 -21.78 -31.74 -1.20
CA ALA D 253 -21.31 -32.72 -0.25
C ALA D 253 -21.86 -34.07 -0.66
N GLU D 254 -21.10 -35.13 -0.36
CA GLU D 254 -21.56 -36.48 -0.67
C GLU D 254 -20.87 -37.49 0.26
N VAL D 255 -21.55 -38.63 0.43
CA VAL D 255 -20.93 -39.77 1.07
C VAL D 255 -20.53 -40.81 0.04
N ASP D 256 -21.05 -40.72 -1.17
CA ASP D 256 -20.78 -41.74 -2.19
C ASP D 256 -19.66 -41.20 -3.10
N PRO D 257 -18.46 -41.82 -3.09
CA PRO D 257 -17.31 -41.23 -3.85
C PRO D 257 -17.56 -41.20 -5.34
N ILE D 258 -18.39 -42.13 -5.86
CA ILE D 258 -18.67 -42.09 -7.29
C ILE D 258 -19.51 -40.85 -7.59
N CYS D 259 -20.56 -40.60 -6.82
CA CYS D 259 -21.31 -39.37 -7.06
C CYS D 259 -20.45 -38.13 -6.83
N ALA D 260 -19.53 -38.17 -5.88
CA ALA D 260 -18.67 -37.01 -5.67
C ALA D 260 -17.72 -36.81 -6.84
N MET D 261 -17.22 -37.91 -7.43
N MET D 261 -17.23 -37.92 -7.42
CA MET D 261 -16.40 -37.79 -8.62
CA MET D 261 -16.40 -37.80 -8.63
C MET D 261 -17.18 -37.10 -9.73
C MET D 261 -17.18 -37.10 -9.73
N GLN D 262 -18.46 -37.43 -9.87
CA GLN D 262 -19.26 -36.82 -10.91
C GLN D 262 -19.37 -35.31 -10.66
N ALA D 263 -19.54 -34.91 -9.38
CA ALA D 263 -19.66 -33.47 -9.08
C ALA D 263 -18.36 -32.73 -9.43
N CYS D 264 -17.22 -33.35 -9.11
CA CYS D 264 -15.93 -32.74 -9.46
C CYS D 264 -15.84 -32.51 -10.96
N MET D 265 -16.10 -33.57 -11.73
CA MET D 265 -16.06 -33.52 -13.20
C MET D 265 -17.11 -32.60 -13.77
N ASP D 266 -18.24 -32.43 -13.06
CA ASP D 266 -19.23 -31.46 -13.48
C ASP D 266 -18.86 -30.02 -13.11
N GLY D 267 -17.73 -29.80 -12.47
CA GLY D 267 -17.27 -28.43 -12.26
C GLY D 267 -17.56 -27.91 -10.86
N PHE D 268 -17.89 -28.80 -9.88
CA PHE D 268 -18.18 -28.36 -8.52
C PHE D 268 -17.03 -28.71 -7.57
N GLU D 269 -16.86 -27.87 -6.56
CA GLU D 269 -15.94 -28.15 -5.47
C GLU D 269 -16.67 -29.02 -4.45
N VAL D 270 -16.05 -30.15 -4.06
CA VAL D 270 -16.72 -31.15 -3.20
C VAL D 270 -16.18 -31.00 -1.79
N VAL D 271 -17.05 -30.64 -0.83
CA VAL D 271 -16.66 -30.29 0.53
C VAL D 271 -17.54 -31.09 1.48
N SER D 272 -17.12 -31.16 2.74
CA SER D 272 -17.95 -31.70 3.81
C SER D 272 -18.24 -30.63 4.87
N PRO D 273 -19.44 -30.66 5.46
CA PRO D 273 -19.69 -29.80 6.64
C PRO D 273 -18.79 -30.13 7.82
N TYR D 274 -18.19 -31.34 7.86
CA TYR D 274 -17.38 -31.79 8.98
C TYR D 274 -15.92 -31.81 8.59
N LYS D 275 -15.06 -31.49 9.56
CA LYS D 275 -13.62 -31.54 9.31
C LYS D 275 -13.19 -32.96 8.93
N ASN D 276 -12.59 -33.07 7.74
CA ASN D 276 -12.15 -34.35 7.19
C ASN D 276 -13.31 -35.32 6.99
N GLY D 277 -14.53 -34.80 6.91
CA GLY D 277 -15.73 -35.57 6.69
C GLY D 277 -16.18 -36.43 7.83
N ILE D 278 -15.65 -36.25 9.04
CA ILE D 278 -16.00 -37.08 10.19
C ILE D 278 -17.00 -36.36 11.09
N ASN D 279 -18.21 -36.93 11.17
CA ASN D 279 -19.38 -36.34 11.81
C ASN D 279 -19.44 -37.08 13.14
N ASP D 280 -18.74 -36.57 14.14
CA ASP D 280 -18.66 -37.22 15.44
C ASP D 280 -19.65 -36.64 16.46
N GLY D 281 -20.51 -35.69 16.05
CA GLY D 281 -21.53 -35.16 16.92
C GLY D 281 -21.11 -33.98 17.79
N THR D 282 -19.82 -33.64 17.83
CA THR D 282 -19.32 -32.47 18.55
C THR D 282 -19.32 -31.23 17.67
N GLU D 283 -19.49 -30.07 18.32
CA GLU D 283 -19.38 -28.80 17.59
C GLU D 283 -17.99 -28.60 17.00
N ALA D 284 -16.96 -29.08 17.68
CA ALA D 284 -15.60 -29.03 17.17
C ALA D 284 -15.46 -29.65 15.78
N SER D 285 -16.30 -30.62 15.44
CA SER D 285 -16.18 -31.27 14.15
C SER D 285 -16.74 -30.42 13.01
N ILE D 286 -17.47 -29.34 13.30
CA ILE D 286 -18.10 -28.54 12.25
C ILE D 286 -17.05 -27.63 11.59
N ASP D 287 -16.99 -27.62 10.28
CA ASP D 287 -16.15 -26.66 9.56
C ASP D 287 -16.87 -25.30 9.58
N ALA D 288 -16.65 -24.56 10.68
CA ALA D 288 -17.33 -23.29 10.87
C ALA D 288 -16.92 -22.25 9.82
N ALA D 289 -15.66 -22.28 9.38
CA ALA D 289 -15.23 -21.35 8.35
C ALA D 289 -16.05 -21.55 7.08
N LEU D 290 -16.13 -22.78 6.59
CA LEU D 290 -16.93 -23.08 5.40
C LEU D 290 -18.40 -22.67 5.58
N LEU D 291 -19.02 -23.11 6.69
CA LEU D 291 -20.47 -22.86 6.83
C LEU D 291 -20.77 -21.36 7.04
N GLY D 292 -19.85 -20.65 7.67
CA GLY D 292 -19.98 -19.20 7.86
C GLY D 292 -19.98 -18.39 6.55
N LYS D 293 -19.72 -19.02 5.43
CA LYS D 293 -19.72 -18.37 4.10
C LYS D 293 -20.89 -18.79 3.24
N ILE D 294 -21.75 -19.70 3.71
CA ILE D 294 -22.77 -20.28 2.85
C ILE D 294 -24.04 -19.44 2.94
N ASP D 295 -24.60 -19.08 1.79
CA ASP D 295 -25.81 -18.26 1.75
C ASP D 295 -27.06 -19.10 1.61
N LEU D 296 -26.90 -20.36 1.21
CA LEU D 296 -28.05 -21.18 0.87
C LEU D 296 -27.63 -22.64 1.01
N ILE D 297 -28.36 -23.42 1.81
CA ILE D 297 -28.11 -24.84 1.90
C ILE D 297 -29.37 -25.58 1.48
N VAL D 298 -29.18 -26.63 0.66
CA VAL D 298 -30.27 -27.42 0.12
C VAL D 298 -29.93 -28.88 0.37
N THR D 299 -30.84 -29.60 1.05
CA THR D 299 -30.68 -31.04 1.29
C THR D 299 -31.41 -31.86 0.22
N THR D 300 -30.72 -32.94 -0.28
CA THR D 300 -31.26 -33.71 -1.40
C THR D 300 -31.12 -35.22 -1.21
N THR D 301 -30.99 -35.73 0.02
CA THR D 301 -30.43 -37.08 0.20
C THR D 301 -31.45 -38.18 0.37
N GLY D 302 -32.64 -37.91 0.88
CA GLY D 302 -33.44 -39.03 1.36
C GLY D 302 -32.92 -39.66 2.64
N ASN D 303 -31.93 -39.05 3.29
CA ASN D 303 -31.35 -39.57 4.49
C ASN D 303 -31.85 -38.71 5.68
N VAL D 304 -31.31 -38.93 6.86
CA VAL D 304 -31.78 -38.26 8.09
C VAL D 304 -30.69 -37.32 8.66
N ASN D 305 -31.11 -36.12 9.06
CA ASN D 305 -30.23 -35.21 9.78
CA ASN D 305 -30.23 -35.19 9.78
C ASN D 305 -28.92 -34.93 9.02
N VAL D 306 -29.03 -34.57 7.76
CA VAL D 306 -27.84 -34.22 7.00
C VAL D 306 -27.59 -32.71 7.04
N CYS D 307 -28.52 -31.93 7.62
CA CYS D 307 -28.29 -30.53 7.93
C CYS D 307 -28.67 -30.43 9.40
N ASP D 308 -27.70 -30.69 10.27
CA ASP D 308 -27.98 -30.99 11.67
C ASP D 308 -27.88 -29.71 12.51
N ALA D 309 -28.04 -29.86 13.83
CA ALA D 309 -28.14 -28.71 14.74
C ALA D 309 -26.84 -27.87 14.71
N ASN D 310 -25.68 -28.54 14.79
CA ASN D 310 -24.42 -27.83 14.81
C ASN D 310 -24.17 -27.09 13.48
N MET D 311 -24.59 -27.67 12.36
CA MET D 311 -24.47 -26.94 11.09
C MET D 311 -25.36 -25.71 11.09
N LEU D 312 -26.59 -25.87 11.59
CA LEU D 312 -27.49 -24.72 11.63
C LEU D 312 -26.95 -23.60 12.52
N LYS D 313 -26.31 -23.97 13.65
CA LYS D 313 -25.71 -22.96 14.52
C LYS D 313 -24.57 -22.24 13.81
N ALA D 314 -23.90 -22.91 12.87
CA ALA D 314 -22.70 -22.39 12.23
C ALA D 314 -22.97 -21.63 10.93
N LEU D 315 -24.18 -21.75 10.35
CA LEU D 315 -24.43 -21.09 9.07
C LEU D 315 -24.32 -19.58 9.18
N LYS D 316 -23.86 -18.97 8.09
CA LYS D 316 -23.81 -17.51 7.95
C LYS D 316 -25.16 -16.89 8.30
N LYS D 317 -25.15 -15.73 8.99
CA LYS D 317 -26.39 -15.01 9.27
C LYS D 317 -27.16 -14.77 7.97
N ARG D 318 -28.49 -14.96 8.05
CA ARG D 318 -29.47 -14.74 6.99
C ARG D 318 -29.36 -15.74 5.85
N ALA D 319 -28.69 -16.87 6.08
CA ALA D 319 -28.70 -17.95 5.10
C ALA D 319 -30.11 -18.54 4.93
N VAL D 320 -30.39 -19.01 3.73
CA VAL D 320 -31.65 -19.70 3.43
C VAL D 320 -31.41 -21.19 3.58
N VAL D 321 -32.38 -21.91 4.19
CA VAL D 321 -32.27 -23.35 4.44
C VAL D 321 -33.50 -24.01 3.82
N CYS D 322 -33.29 -25.07 3.01
CA CYS D 322 -34.46 -25.79 2.51
C CYS D 322 -34.10 -27.23 2.16
N ASN D 323 -35.15 -28.02 1.97
CA ASN D 323 -35.01 -29.45 1.71
C ASN D 323 -35.83 -29.77 0.47
N ILE D 324 -35.25 -30.53 -0.45
CA ILE D 324 -36.00 -30.99 -1.60
C ILE D 324 -36.07 -32.53 -1.64
N GLY D 325 -35.57 -33.20 -0.59
CA GLY D 325 -35.84 -34.62 -0.40
C GLY D 325 -37.26 -34.87 0.05
N HIS D 326 -37.67 -36.13 0.07
CA HIS D 326 -39.10 -36.41 0.27
C HIS D 326 -39.60 -36.04 1.68
N PHE D 327 -38.76 -36.17 2.72
CA PHE D 327 -39.25 -35.95 4.08
C PHE D 327 -38.43 -34.87 4.77
N ASP D 328 -39.09 -34.16 5.72
CA ASP D 328 -38.47 -33.03 6.41
C ASP D 328 -37.41 -33.39 7.48
N ASN D 329 -37.19 -34.65 7.84
CA ASN D 329 -36.11 -34.94 8.79
C ASN D 329 -34.68 -34.86 8.20
N GLU D 330 -34.50 -34.55 6.92
CA GLU D 330 -33.16 -34.20 6.43
C GLU D 330 -32.57 -33.02 7.19
N ILE D 331 -33.40 -32.07 7.64
CA ILE D 331 -32.95 -30.91 8.40
C ILE D 331 -33.47 -31.07 9.82
N ASP D 332 -32.64 -30.71 10.82
CA ASP D 332 -33.05 -30.84 12.21
C ASP D 332 -33.90 -29.62 12.58
N THR D 333 -35.11 -29.57 12.03
CA THR D 333 -36.06 -28.50 12.34
C THR D 333 -36.58 -28.62 13.79
N ALA D 334 -36.68 -29.85 14.32
CA ALA D 334 -37.01 -30.05 15.73
C ALA D 334 -36.12 -29.22 16.65
N PHE D 335 -34.80 -29.30 16.45
CA PHE D 335 -33.89 -28.46 17.22
C PHE D 335 -34.30 -27.00 17.12
N MET D 336 -34.66 -26.54 15.91
CA MET D 336 -34.96 -25.12 15.74
C MET D 336 -36.25 -24.75 16.45
N ARG D 337 -37.27 -25.63 16.40
CA ARG D 337 -38.50 -25.37 17.15
C ARG D 337 -38.23 -25.35 18.66
N LYS D 338 -37.37 -26.24 19.15
CA LYS D 338 -37.14 -26.28 20.59
C LYS D 338 -36.35 -25.05 21.08
N ASN D 339 -35.46 -24.45 20.25
CA ASN D 339 -34.49 -23.50 20.78
C ASN D 339 -34.60 -22.05 20.25
N TRP D 340 -35.22 -21.84 19.10
CA TRP D 340 -35.16 -20.56 18.41
C TRP D 340 -36.57 -20.07 18.09
N ALA D 341 -36.72 -18.77 17.95
CA ALA D 341 -38.04 -18.14 17.74
C ALA D 341 -38.34 -17.99 16.26
N TRP D 342 -39.56 -18.39 15.88
CA TRP D 342 -39.99 -18.42 14.48
C TRP D 342 -40.84 -17.19 14.19
N GLU D 343 -40.48 -16.46 13.15
CA GLU D 343 -41.24 -15.32 12.67
C GLU D 343 -41.75 -15.66 11.30
N GLU D 344 -43.07 -15.77 11.14
CA GLU D 344 -43.61 -16.02 9.80
C GLU D 344 -43.47 -14.77 8.93
N VAL D 345 -42.74 -14.90 7.81
CA VAL D 345 -42.71 -13.83 6.81
C VAL D 345 -44.02 -13.80 6.02
N LYS D 346 -44.39 -14.93 5.44
CA LYS D 346 -45.61 -15.22 4.67
C LYS D 346 -45.74 -16.74 4.69
N PRO D 347 -46.82 -17.32 4.18
CA PRO D 347 -46.95 -18.79 4.27
C PRO D 347 -45.76 -19.54 3.66
N GLN D 348 -45.30 -20.57 4.39
CA GLN D 348 -44.14 -21.41 4.03
C GLN D 348 -42.81 -20.63 3.97
N VAL D 349 -42.71 -19.49 4.65
CA VAL D 349 -41.47 -18.70 4.71
C VAL D 349 -41.30 -18.19 6.14
N HIS D 350 -40.29 -18.69 6.85
CA HIS D 350 -40.07 -18.33 8.24
C HIS D 350 -38.66 -17.80 8.47
N LYS D 351 -38.55 -16.74 9.28
CA LYS D 351 -37.26 -16.34 9.83
C LYS D 351 -37.09 -17.06 11.14
N ILE D 352 -35.91 -17.62 11.34
CA ILE D 352 -35.66 -18.38 12.57
C ILE D 352 -34.58 -17.63 13.31
N HIS D 353 -34.95 -17.01 14.42
CA HIS D 353 -34.09 -16.09 15.15
C HIS D 353 -33.22 -16.87 16.14
N ARG D 354 -31.91 -16.87 15.91
CA ARG D 354 -31.00 -17.65 16.73
C ARG D 354 -30.64 -16.95 18.04
N THR D 355 -31.28 -15.83 18.35
CA THR D 355 -31.08 -15.11 19.60
C THR D 355 -31.84 -15.73 20.79
N GLY D 356 -32.70 -16.71 20.55
CA GLY D 356 -33.31 -17.39 21.67
C GLY D 356 -34.72 -17.80 21.28
N LYS D 357 -35.45 -18.43 22.21
CA LYS D 357 -36.82 -18.89 22.05
C LYS D 357 -37.84 -17.83 22.47
N ASP D 358 -37.40 -16.88 23.29
CA ASP D 358 -38.18 -15.90 24.06
C ASP D 358 -38.60 -14.70 23.20
N GLY D 359 -39.52 -14.94 22.27
CA GLY D 359 -39.74 -13.82 21.32
C GLY D 359 -38.44 -13.43 20.57
N PHE D 360 -38.51 -12.29 19.88
CA PHE D 360 -37.41 -11.87 19.00
C PHE D 360 -37.54 -10.36 18.73
N ASP D 361 -36.40 -9.73 18.41
CA ASP D 361 -36.41 -8.34 17.95
C ASP D 361 -36.71 -8.30 16.45
N ALA D 362 -37.71 -7.49 16.05
CA ALA D 362 -38.14 -7.48 14.63
C ALA D 362 -37.00 -7.09 13.71
N HIS D 363 -36.02 -6.33 14.22
CA HIS D 363 -34.85 -5.95 13.44
C HIS D 363 -33.62 -6.79 13.74
N ASN D 364 -33.79 -8.00 14.27
CA ASN D 364 -32.63 -8.82 14.58
C ASN D 364 -31.97 -9.26 13.27
N ASP D 365 -30.64 -9.28 13.26
CA ASP D 365 -29.90 -9.66 12.05
C ASP D 365 -29.49 -11.13 12.06
N ASP D 366 -29.61 -11.81 13.21
CA ASP D 366 -29.09 -13.17 13.35
C ASP D 366 -30.28 -14.13 13.26
N TYR D 367 -30.70 -14.38 12.02
CA TYR D 367 -31.75 -15.35 11.71
C TYR D 367 -31.36 -16.16 10.48
N LEU D 368 -32.06 -17.29 10.28
CA LEU D 368 -32.02 -18.04 9.04
C LEU D 368 -33.40 -17.96 8.42
N ILE D 369 -33.48 -18.11 7.10
CA ILE D 369 -34.79 -18.25 6.43
C ILE D 369 -35.00 -19.71 6.09
N LEU D 370 -36.01 -20.33 6.71
CA LEU D 370 -36.41 -21.69 6.39
C LEU D 370 -37.60 -21.66 5.43
N LEU D 371 -37.51 -22.44 4.34
CA LEU D 371 -38.60 -22.55 3.38
C LEU D 371 -39.48 -23.78 3.67
N ALA D 372 -40.81 -23.61 3.60
CA ALA D 372 -41.74 -24.76 3.66
C ALA D 372 -41.57 -25.56 4.94
N GLU D 373 -41.08 -24.92 6.02
CA GLU D 373 -40.86 -25.63 7.27
C GLU D 373 -40.04 -26.90 7.07
N GLY D 374 -39.14 -26.89 6.08
CA GLY D 374 -38.29 -28.06 5.83
C GLY D 374 -38.92 -29.18 4.97
N ARG D 375 -40.21 -29.06 4.61
CA ARG D 375 -40.88 -29.96 3.67
C ARG D 375 -40.41 -29.69 2.22
N LEU D 376 -40.66 -30.63 1.29
CA LEU D 376 -40.12 -30.49 -0.09
C LEU D 376 -40.37 -29.10 -0.63
N VAL D 377 -39.28 -28.34 -0.88
CA VAL D 377 -39.43 -26.90 -1.13
C VAL D 377 -40.02 -26.61 -2.51
N ASN D 378 -39.66 -27.41 -3.56
CA ASN D 378 -40.20 -27.12 -4.88
C ASN D 378 -41.74 -27.16 -4.89
N LEU D 379 -42.36 -28.18 -4.25
CA LEU D 379 -43.81 -28.20 -4.15
C LEU D 379 -44.36 -27.26 -3.06
N GLY D 380 -43.60 -27.05 -1.98
CA GLY D 380 -44.13 -26.21 -0.90
C GLY D 380 -44.14 -24.72 -1.22
N ASN D 381 -43.10 -24.23 -1.91
CA ASN D 381 -42.96 -22.81 -2.22
C ASN D 381 -43.20 -22.44 -3.69
N ALA D 382 -43.44 -23.43 -4.53
CA ALA D 382 -43.83 -23.19 -5.92
C ALA D 382 -44.82 -24.28 -6.35
N THR D 383 -44.65 -24.86 -7.54
CA THR D 383 -45.66 -25.80 -8.03
C THR D 383 -45.04 -27.15 -8.39
N GLY D 384 -43.85 -27.43 -7.87
CA GLY D 384 -43.16 -28.68 -8.19
C GLY D 384 -42.78 -28.71 -9.65
N HIS D 385 -42.60 -29.93 -10.15
CA HIS D 385 -42.11 -30.11 -11.52
C HIS D 385 -43.14 -29.63 -12.56
N PRO D 386 -42.67 -29.17 -13.71
CA PRO D 386 -43.62 -28.73 -14.76
C PRO D 386 -44.30 -29.92 -15.46
N SER D 387 -45.46 -29.62 -16.04
CA SER D 387 -46.24 -30.66 -16.72
C SER D 387 -45.43 -31.53 -17.70
N ARG D 388 -44.65 -30.91 -18.59
CA ARG D 388 -43.97 -31.69 -19.62
C ARG D 388 -42.95 -32.67 -19.05
N ILE D 389 -42.44 -32.42 -17.84
CA ILE D 389 -41.57 -33.39 -17.16
C ILE D 389 -42.40 -34.46 -16.47
N MET D 390 -43.48 -34.06 -15.76
CA MET D 390 -44.28 -35.04 -15.03
C MET D 390 -44.97 -36.00 -16.00
N ASP D 391 -45.14 -35.55 -17.24
CA ASP D 391 -45.65 -36.39 -18.30
C ASP D 391 -44.93 -37.76 -18.31
N GLY D 392 -43.59 -37.77 -18.27
CA GLY D 392 -42.87 -39.04 -18.27
C GLY D 392 -43.21 -39.87 -17.04
N SER D 393 -43.09 -39.29 -15.84
CA SER D 393 -43.36 -40.07 -14.63
C SER D 393 -44.77 -40.66 -14.66
N PHE D 394 -45.77 -39.88 -15.10
CA PHE D 394 -47.16 -40.30 -14.97
C PHE D 394 -47.61 -41.22 -16.11
N ALA D 395 -46.96 -41.15 -17.29
CA ALA D 395 -47.24 -42.19 -18.28
C ALA D 395 -46.75 -43.56 -17.76
N ASN D 396 -45.61 -43.55 -17.04
CA ASN D 396 -45.15 -44.80 -16.43
C ASN D 396 -46.12 -45.26 -15.38
N GLN D 397 -46.61 -44.34 -14.52
CA GLN D 397 -47.61 -44.72 -13.51
C GLN D 397 -48.80 -45.40 -14.16
N VAL D 398 -49.32 -44.81 -15.25
CA VAL D 398 -50.50 -45.39 -15.92
C VAL D 398 -50.18 -46.79 -16.45
N LEU D 399 -49.05 -46.95 -17.15
CA LEU D 399 -48.65 -48.27 -17.67
C LEU D 399 -48.46 -49.27 -16.52
N ALA D 400 -47.89 -48.81 -15.40
CA ALA D 400 -47.71 -49.70 -14.26
C ALA D 400 -49.05 -50.14 -13.68
N GLN D 401 -50.01 -49.21 -13.59
CA GLN D 401 -51.31 -49.61 -13.05
C GLN D 401 -51.98 -50.65 -13.95
N ILE D 402 -51.93 -50.42 -15.26
CA ILE D 402 -52.48 -51.37 -16.20
C ILE D 402 -51.83 -52.72 -16.01
N HIS D 403 -50.50 -52.75 -15.87
CA HIS D 403 -49.82 -54.04 -15.80
C HIS D 403 -50.25 -54.81 -14.56
N LEU D 404 -50.22 -54.17 -13.37
CA LEU D 404 -50.59 -54.91 -12.14
C LEU D 404 -52.08 -55.23 -12.10
N PHE D 405 -52.93 -54.31 -12.57
CA PHE D 405 -54.36 -54.57 -12.58
C PHE D 405 -54.68 -55.77 -13.46
N GLU D 406 -54.06 -55.85 -14.65
CA GLU D 406 -54.34 -57.00 -15.51
C GLU D 406 -53.77 -58.29 -14.98
N GLN D 407 -52.75 -58.24 -14.13
CA GLN D 407 -52.18 -59.47 -13.58
C GLN D 407 -53.05 -60.06 -12.47
N LYS D 408 -53.92 -59.23 -11.84
CA LYS D 408 -54.94 -59.73 -10.90
C LYS D 408 -54.32 -60.57 -9.78
N TYR D 409 -53.18 -60.10 -9.23
CA TYR D 409 -52.52 -60.84 -8.14
C TYR D 409 -53.48 -61.31 -7.04
N ALA D 410 -54.43 -60.45 -6.62
CA ALA D 410 -55.29 -60.82 -5.48
C ALA D 410 -56.10 -62.07 -5.77
N ASP D 411 -56.44 -62.29 -7.02
CA ASP D 411 -57.27 -63.43 -7.43
C ASP D 411 -56.49 -64.71 -7.65
N LEU D 412 -55.19 -64.71 -7.47
CA LEU D 412 -54.35 -65.87 -7.75
C LEU D 412 -54.36 -66.85 -6.58
N PRO D 413 -54.19 -68.14 -6.84
CA PRO D 413 -53.93 -69.07 -5.74
C PRO D 413 -52.63 -68.74 -5.02
N ALA D 414 -52.55 -69.21 -3.77
CA ALA D 414 -51.45 -68.84 -2.88
C ALA D 414 -50.10 -69.25 -3.47
N ALA D 415 -50.01 -70.45 -4.06
CA ALA D 415 -48.75 -70.85 -4.69
C ALA D 415 -48.35 -69.94 -5.84
N GLU D 416 -49.31 -69.41 -6.57
CA GLU D 416 -48.99 -68.50 -7.67
C GLU D 416 -48.61 -67.11 -7.17
N LYS D 417 -49.29 -66.62 -6.13
CA LYS D 417 -48.88 -65.36 -5.50
C LYS D 417 -47.41 -65.40 -5.10
N ALA D 418 -46.99 -66.48 -4.48
CA ALA D 418 -45.63 -66.60 -3.99
C ALA D 418 -44.64 -66.43 -5.12
N LYS D 419 -45.02 -66.82 -6.33
CA LYS D 419 -44.12 -66.62 -7.45
C LYS D 419 -44.08 -65.19 -7.96
N ARG D 420 -45.09 -64.37 -7.65
CA ARG D 420 -45.16 -63.04 -8.23
C ARG D 420 -44.97 -61.94 -7.21
N LEU D 421 -44.74 -62.26 -5.94
CA LEU D 421 -44.65 -61.22 -4.94
C LEU D 421 -43.27 -60.60 -5.02
N SER D 422 -43.17 -59.43 -5.68
CA SER D 422 -41.86 -58.84 -5.98
C SER D 422 -42.04 -57.36 -6.17
N VAL D 423 -40.91 -56.67 -6.32
CA VAL D 423 -40.87 -55.27 -6.63
C VAL D 423 -40.09 -55.16 -7.93
N GLU D 424 -40.77 -54.80 -9.03
CA GLU D 424 -40.17 -54.80 -10.38
C GLU D 424 -40.28 -53.43 -11.02
N VAL D 425 -39.54 -53.27 -12.13
CA VAL D 425 -39.62 -52.07 -12.98
C VAL D 425 -40.36 -52.46 -14.26
N LEU D 426 -40.83 -51.46 -14.99
CA LEU D 426 -41.39 -51.70 -16.32
C LEU D 426 -40.32 -52.16 -17.31
N PRO D 427 -40.70 -52.94 -18.33
CA PRO D 427 -39.71 -53.34 -19.38
C PRO D 427 -39.16 -52.12 -20.13
N LYS D 428 -37.95 -52.25 -20.63
CA LYS D 428 -37.28 -51.10 -21.29
C LYS D 428 -38.08 -50.62 -22.51
N LYS D 429 -38.69 -51.57 -23.25
CA LYS D 429 -39.49 -51.23 -24.42
C LYS D 429 -40.53 -50.15 -24.09
N LEU D 430 -41.20 -50.26 -22.94
CA LEU D 430 -42.20 -49.25 -22.56
C LEU D 430 -41.54 -47.93 -22.18
N ASP D 431 -40.44 -47.99 -21.42
CA ASP D 431 -39.61 -46.81 -21.11
C ASP D 431 -39.27 -46.05 -22.40
N GLU D 432 -38.84 -46.78 -23.43
CA GLU D 432 -38.55 -46.15 -24.73
C GLU D 432 -39.80 -45.56 -25.40
N GLU D 433 -40.94 -46.26 -25.34
CA GLU D 433 -42.13 -45.70 -25.97
C GLU D 433 -42.61 -44.45 -25.26
N VAL D 434 -42.46 -44.40 -23.93
CA VAL D 434 -42.76 -43.14 -23.23
C VAL D 434 -41.80 -42.02 -23.69
N ALA D 435 -40.51 -42.32 -23.73
CA ALA D 435 -39.52 -41.32 -24.17
C ALA D 435 -39.80 -40.80 -25.60
N LEU D 436 -40.20 -41.69 -26.50
CA LEU D 436 -40.48 -41.26 -27.89
C LEU D 436 -41.62 -40.22 -27.94
N GLU D 437 -42.69 -40.45 -27.17
CA GLU D 437 -43.78 -39.46 -27.13
C GLU D 437 -43.26 -38.14 -26.55
N MET D 438 -42.38 -38.22 -25.55
CA MET D 438 -41.81 -36.99 -24.97
C MET D 438 -40.99 -36.23 -26.02
N VAL D 439 -40.12 -36.95 -26.73
CA VAL D 439 -39.29 -36.31 -27.77
C VAL D 439 -40.16 -35.66 -28.82
N LYS D 440 -41.16 -36.39 -29.31
CA LYS D 440 -42.08 -35.78 -30.28
C LYS D 440 -42.77 -34.53 -29.74
N GLY D 441 -43.02 -34.45 -28.42
CA GLY D 441 -43.65 -33.24 -27.90
C GLY D 441 -42.74 -32.02 -28.04
N PHE D 442 -41.44 -32.23 -28.06
CA PHE D 442 -40.51 -31.13 -28.34
C PHE D 442 -40.34 -30.87 -29.84
N GLY D 443 -41.03 -31.64 -30.69
CA GLY D 443 -40.77 -31.57 -32.13
C GLY D 443 -39.53 -32.34 -32.55
N GLY D 444 -38.94 -33.17 -31.69
CA GLY D 444 -37.72 -33.88 -32.06
C GLY D 444 -38.04 -35.03 -33.03
N VAL D 445 -37.07 -35.37 -33.86
CA VAL D 445 -37.23 -36.41 -34.89
C VAL D 445 -36.19 -37.50 -34.57
N VAL D 446 -36.66 -38.68 -34.15
CA VAL D 446 -35.75 -39.80 -33.87
C VAL D 446 -35.46 -40.52 -35.19
N THR D 447 -34.19 -40.90 -35.37
CA THR D 447 -33.82 -41.60 -36.61
C THR D 447 -34.19 -43.09 -36.51
N GLN D 448 -34.59 -43.69 -37.63
CA GLN D 448 -34.81 -45.13 -37.68
C GLN D 448 -33.56 -45.87 -38.19
N LEU D 449 -33.14 -46.91 -37.48
CA LEU D 449 -32.03 -47.75 -37.93
C LEU D 449 -32.37 -48.43 -39.24
N THR D 450 -31.36 -48.63 -40.10
CA THR D 450 -31.57 -49.48 -41.27
C THR D 450 -31.45 -50.95 -40.81
N PRO D 451 -31.97 -51.91 -41.57
CA PRO D 451 -31.76 -53.30 -41.12
C PRO D 451 -30.28 -53.63 -40.93
N LYS D 452 -29.39 -53.12 -41.82
CA LYS D 452 -27.96 -53.40 -41.71
C LYS D 452 -27.36 -52.80 -40.44
N GLN D 453 -27.76 -51.58 -40.09
CA GLN D 453 -27.29 -50.93 -38.86
C GLN D 453 -27.79 -51.66 -37.62
N ALA D 454 -29.07 -52.08 -37.61
CA ALA D 454 -29.59 -52.79 -36.46
C ALA D 454 -28.85 -54.12 -36.28
N GLU D 455 -28.62 -54.85 -37.37
CA GLU D 455 -27.79 -56.05 -37.30
C GLU D 455 -26.39 -55.71 -36.76
N TYR D 456 -25.78 -54.64 -37.29
CA TYR D 456 -24.42 -54.27 -36.87
C TYR D 456 -24.30 -54.10 -35.36
N ILE D 457 -25.27 -53.41 -34.72
CA ILE D 457 -25.17 -53.23 -33.27
C ILE D 457 -25.98 -54.26 -32.47
N GLY D 458 -26.64 -55.19 -33.12
CA GLY D 458 -27.30 -56.27 -32.39
C GLY D 458 -28.64 -55.92 -31.74
N VAL D 459 -29.49 -55.16 -32.41
CA VAL D 459 -30.77 -54.74 -31.86
C VAL D 459 -31.81 -54.89 -32.94
N SER D 460 -33.07 -54.97 -32.52
CA SER D 460 -34.17 -54.83 -33.45
C SER D 460 -34.36 -53.36 -33.83
N VAL D 461 -34.80 -53.15 -35.07
CA VAL D 461 -35.10 -51.79 -35.57
C VAL D 461 -36.10 -51.10 -34.64
N GLU D 462 -37.00 -51.88 -34.01
CA GLU D 462 -38.00 -51.31 -33.09
C GLU D 462 -37.49 -51.15 -31.65
N GLY D 463 -36.27 -51.58 -31.36
CA GLY D 463 -35.75 -51.60 -30.03
C GLY D 463 -36.27 -52.81 -29.24
N PRO D 464 -35.88 -52.94 -27.97
CA PRO D 464 -35.08 -51.96 -27.19
C PRO D 464 -33.67 -51.78 -27.73
N PHE D 465 -33.12 -50.60 -27.49
CA PHE D 465 -31.83 -50.24 -28.09
C PHE D 465 -30.63 -50.47 -27.18
N LYS D 466 -30.88 -50.73 -25.89
CA LYS D 466 -29.82 -50.87 -24.89
C LYS D 466 -30.06 -52.10 -24.03
N PRO D 467 -29.00 -52.76 -23.56
CA PRO D 467 -29.19 -53.84 -22.58
C PRO D 467 -29.72 -53.28 -21.26
N ASP D 468 -30.34 -54.18 -20.47
CA ASP D 468 -30.94 -53.71 -19.23
C ASP D 468 -29.94 -53.07 -18.27
N THR D 469 -28.66 -53.40 -18.39
CA THR D 469 -27.62 -52.85 -17.53
C THR D 469 -27.19 -51.44 -17.92
N TYR D 470 -27.68 -50.91 -19.03
CA TYR D 470 -27.19 -49.59 -19.52
C TYR D 470 -27.57 -48.49 -18.53
N ARG D 471 -26.64 -47.52 -18.27
CA ARG D 471 -26.91 -46.50 -17.27
C ARG D 471 -27.35 -45.13 -17.81
N TYR D 472 -27.25 -44.88 -19.13
CA TYR D 472 -27.61 -43.61 -19.73
C TYR D 472 -26.84 -42.47 -19.04
N GLY E 12 63.46 44.24 -12.73
CA GLY E 12 64.04 43.56 -11.60
C GLY E 12 63.57 44.13 -10.27
N PHE E 13 62.33 43.83 -9.89
CA PHE E 13 61.81 44.27 -8.61
C PHE E 13 62.39 43.38 -7.52
N THR E 14 63.09 44.00 -6.55
CA THR E 14 63.80 43.28 -5.49
C THR E 14 63.41 43.77 -4.10
N ASP E 15 62.44 44.68 -4.00
CA ASP E 15 62.14 45.38 -2.75
C ASP E 15 61.16 44.58 -1.89
N TYR E 16 61.58 43.36 -1.55
CA TYR E 16 60.73 42.46 -0.77
C TYR E 16 61.59 41.37 -0.14
N LYS E 17 61.00 40.67 0.83
CA LYS E 17 61.58 39.45 1.37
C LYS E 17 60.46 38.49 1.76
N VAL E 18 60.38 37.35 1.05
CA VAL E 18 59.38 36.30 1.28
C VAL E 18 60.11 34.96 1.34
N ALA E 19 59.37 33.93 1.76
CA ALA E 19 59.96 32.61 1.94
C ALA E 19 60.34 31.99 0.59
N ASP E 20 59.45 32.11 -0.40
CA ASP E 20 59.65 31.45 -1.69
C ASP E 20 58.76 32.15 -2.72
N ILE E 21 59.38 32.96 -3.58
CA ILE E 21 58.64 33.69 -4.60
C ILE E 21 57.92 32.75 -5.57
N THR E 22 58.35 31.49 -5.71
CA THR E 22 57.71 30.62 -6.70
C THR E 22 56.31 30.20 -6.26
N LEU E 23 55.92 30.54 -5.04
CA LEU E 23 54.57 30.29 -4.55
C LEU E 23 53.54 31.31 -5.06
N ALA E 24 53.93 32.25 -5.91
CA ALA E 24 53.06 33.38 -6.22
C ALA E 24 51.85 32.97 -7.05
N ALA E 25 52.05 32.09 -8.06
CA ALA E 25 50.93 31.60 -8.87
C ALA E 25 49.88 30.91 -8.02
N TRP E 26 50.30 30.10 -7.07
CA TRP E 26 49.36 29.47 -6.17
C TRP E 26 48.64 30.53 -5.31
N GLY E 27 49.38 31.51 -4.77
CA GLY E 27 48.74 32.55 -3.96
C GLY E 27 47.75 33.39 -4.75
N ARG E 28 48.05 33.63 -6.04
CA ARG E 28 47.12 34.34 -6.91
C ARG E 28 45.87 33.52 -7.20
N ARG E 29 45.99 32.20 -7.34
CA ARG E 29 44.77 31.38 -7.45
C ARG E 29 43.88 31.56 -6.22
N GLU E 30 44.47 31.50 -5.01
CA GLU E 30 43.69 31.70 -3.79
C GLU E 30 43.12 33.13 -3.64
N LEU E 31 43.86 34.16 -4.07
CA LEU E 31 43.34 35.53 -4.00
C LEU E 31 42.08 35.70 -4.85
N ILE E 32 42.06 35.09 -6.04
CA ILE E 32 40.91 35.16 -6.95
C ILE E 32 39.69 34.46 -6.35
N ILE E 33 39.88 33.30 -5.69
CA ILE E 33 38.79 32.71 -4.91
C ILE E 33 38.37 33.66 -3.80
N ALA E 34 39.34 34.19 -3.07
CA ALA E 34 38.97 35.01 -1.91
C ALA E 34 38.20 36.26 -2.32
N GLU E 35 38.55 36.86 -3.46
CA GLU E 35 37.78 37.99 -3.99
C GLU E 35 36.28 37.67 -4.09
N SER E 36 35.96 36.45 -4.50
CA SER E 36 34.56 36.07 -4.61
C SER E 36 33.96 35.77 -3.25
N GLU E 37 34.78 35.66 -2.20
CA GLU E 37 34.27 35.49 -0.84
C GLU E 37 34.18 36.82 -0.07
N MET E 38 34.49 37.96 -0.70
CA MET E 38 34.65 39.24 0.01
C MET E 38 33.84 40.32 -0.68
N PRO E 39 32.51 40.16 -0.69
CA PRO E 39 31.67 41.13 -1.44
C PRO E 39 31.78 42.55 -0.90
N ALA E 40 31.90 42.75 0.42
CA ALA E 40 31.99 44.14 0.92
C ALA E 40 33.26 44.81 0.41
N LEU E 41 34.39 44.12 0.57
CA LEU E 41 35.67 44.70 0.15
C LEU E 41 35.71 44.95 -1.36
N MET E 42 35.30 43.95 -2.15
N MET E 42 35.26 43.98 -2.17
CA MET E 42 35.22 44.11 -3.61
CA MET E 42 35.27 44.18 -3.62
C MET E 42 34.29 45.24 -3.99
C MET E 42 34.25 45.22 -4.05
N GLY E 43 33.13 45.30 -3.33
CA GLY E 43 32.19 46.39 -3.55
C GLY E 43 32.85 47.75 -3.42
N LEU E 44 33.71 47.91 -2.41
CA LEU E 44 34.45 49.17 -2.24
C LEU E 44 35.39 49.42 -3.39
N ARG E 45 36.22 48.43 -3.69
CA ARG E 45 37.16 48.52 -4.80
C ARG E 45 36.45 48.96 -6.06
N ARG E 46 35.29 48.37 -6.33
CA ARG E 46 34.46 48.79 -7.46
C ARG E 46 33.99 50.24 -7.32
N LYS E 47 33.29 50.55 -6.22
CA LYS E 47 32.65 51.86 -6.09
C LYS E 47 33.64 53.01 -6.18
N TYR E 48 34.87 52.80 -5.67
CA TYR E 48 35.81 53.90 -5.49
C TYR E 48 36.96 53.90 -6.47
N ALA E 49 37.06 52.89 -7.32
CA ALA E 49 38.19 52.82 -8.24
C ALA E 49 38.27 54.08 -9.09
N GLY E 50 37.12 54.59 -9.55
CA GLY E 50 37.14 55.72 -10.44
C GLY E 50 37.66 56.97 -9.75
N GLN E 51 37.21 57.20 -8.52
CA GLN E 51 37.57 58.39 -7.78
C GLN E 51 39.03 58.39 -7.33
N GLN E 52 39.63 57.21 -7.15
CA GLN E 52 41.00 57.11 -6.64
C GLN E 52 41.16 57.88 -5.31
N PRO E 53 40.34 57.58 -4.28
CA PRO E 53 40.37 58.38 -3.05
C PRO E 53 41.67 58.28 -2.28
N LEU E 54 42.50 57.28 -2.55
CA LEU E 54 43.77 57.13 -1.86
C LEU E 54 44.95 57.48 -2.77
N LYS E 55 44.71 58.19 -3.88
CA LYS E 55 45.79 58.74 -4.67
C LYS E 55 46.65 59.64 -3.80
N GLY E 56 47.92 59.29 -3.68
CA GLY E 56 48.86 60.05 -2.87
C GLY E 56 49.10 59.45 -1.50
N ALA E 57 48.30 58.47 -1.11
CA ALA E 57 48.51 57.86 0.19
C ALA E 57 49.70 56.91 0.13
N LYS E 58 50.49 56.93 1.20
CA LYS E 58 51.64 56.05 1.33
C LYS E 58 51.50 55.35 2.69
N ILE E 59 51.03 54.10 2.66
CA ILE E 59 50.57 53.40 3.86
C ILE E 59 51.65 52.42 4.29
N LEU E 60 52.06 52.53 5.56
CA LEU E 60 52.77 51.49 6.28
C LEU E 60 51.76 50.50 6.89
N GLY E 61 51.82 49.23 6.46
CA GLY E 61 50.90 48.20 6.91
C GLY E 61 51.58 47.12 7.75
N CYS E 62 50.99 46.86 8.92
CA CYS E 62 51.48 45.77 9.78
C CYS E 62 50.30 44.90 10.24
N ILE E 63 49.99 43.85 9.47
CA ILE E 63 48.93 42.90 9.85
C ILE E 63 49.25 41.56 9.19
N HIS E 64 48.86 40.49 9.88
CA HIS E 64 49.05 39.12 9.38
C HIS E 64 48.99 39.01 7.86
N MET E 65 50.09 38.56 7.24
CA MET E 65 50.16 38.49 5.77
C MET E 65 49.50 37.22 5.26
N THR E 66 48.17 37.20 5.37
CA THR E 66 47.32 36.14 4.85
C THR E 66 46.78 36.46 3.46
N ILE E 67 46.10 35.47 2.87
CA ILE E 67 45.34 35.72 1.65
C ILE E 67 44.33 36.85 1.87
N GLN E 68 43.70 36.89 3.06
CA GLN E 68 42.69 37.92 3.27
C GLN E 68 43.33 39.30 3.26
N THR E 69 44.51 39.41 3.87
CA THR E 69 45.25 40.67 3.88
C THR E 69 45.73 41.02 2.47
N GLY E 70 46.10 40.02 1.67
CA GLY E 70 46.35 40.29 0.24
C GLY E 70 45.20 41.00 -0.47
N VAL E 71 43.95 40.58 -0.19
CA VAL E 71 42.83 41.23 -0.87
C VAL E 71 42.66 42.65 -0.35
N LEU E 72 42.89 42.85 0.96
CA LEU E 72 42.91 44.20 1.51
C LEU E 72 43.96 45.08 0.82
N ILE E 73 45.21 44.57 0.76
CA ILE E 73 46.33 45.32 0.18
C ILE E 73 46.00 45.75 -1.25
N GLU E 74 45.49 44.80 -2.05
CA GLU E 74 45.27 45.19 -3.44
C GLU E 74 44.05 46.11 -3.58
N THR E 75 43.14 46.11 -2.60
CA THR E 75 42.06 47.09 -2.61
C THR E 75 42.62 48.49 -2.38
N LEU E 76 43.48 48.65 -1.38
CA LEU E 76 44.12 49.94 -1.13
C LEU E 76 44.85 50.41 -2.35
N VAL E 77 45.56 49.51 -3.05
CA VAL E 77 46.32 49.90 -4.23
C VAL E 77 45.38 50.26 -5.37
N ALA E 78 44.38 49.42 -5.62
CA ALA E 78 43.34 49.75 -6.60
C ALA E 78 42.69 51.12 -6.31
N LEU E 79 42.69 51.59 -5.06
CA LEU E 79 42.07 52.90 -4.84
C LEU E 79 43.04 54.08 -4.96
N GLY E 80 44.29 53.84 -5.35
CA GLY E 80 45.30 54.90 -5.48
C GLY E 80 46.49 54.78 -4.55
N ALA E 81 46.47 53.92 -3.51
CA ALA E 81 47.53 53.95 -2.52
C ALA E 81 48.85 53.31 -3.02
N GLU E 82 49.96 53.71 -2.39
CA GLU E 82 51.17 52.90 -2.29
C GLU E 82 51.33 52.36 -0.87
N VAL E 83 51.94 51.19 -0.75
CA VAL E 83 52.10 50.58 0.57
C VAL E 83 53.44 49.89 0.71
N ARG E 84 53.81 49.64 1.97
CA ARG E 84 54.93 48.78 2.32
C ARG E 84 54.47 47.98 3.54
N TRP E 85 54.61 46.66 3.47
CA TRP E 85 53.81 45.81 4.33
C TRP E 85 54.66 44.85 5.14
N SER E 86 54.19 44.52 6.37
CA SER E 86 54.81 43.46 7.16
C SER E 86 53.72 42.72 7.94
N SER E 87 54.05 41.52 8.45
CA SER E 87 53.13 40.77 9.30
C SER E 87 53.22 41.26 10.75
N CYS E 88 52.10 41.19 11.49
CA CYS E 88 52.17 41.55 12.90
C CYS E 88 52.36 40.31 13.81
N ASN E 89 52.69 39.17 13.23
CA ASN E 89 53.00 37.98 14.02
C ASN E 89 53.98 37.09 13.28
N ILE E 90 54.87 36.45 14.06
CA ILE E 90 55.95 35.64 13.47
C ILE E 90 55.44 34.36 12.82
N PHE E 91 54.24 33.85 13.17
CA PHE E 91 53.71 32.59 12.61
C PHE E 91 52.48 32.80 11.72
N SER E 92 52.01 34.02 11.56
CA SER E 92 50.69 34.18 10.93
C SER E 92 50.74 34.34 9.42
N THR E 93 51.90 34.59 8.83
CA THR E 93 51.95 34.76 7.38
C THR E 93 51.61 33.45 6.66
N GLN E 94 50.85 33.55 5.55
CA GLN E 94 50.72 32.49 4.56
C GLN E 94 51.72 32.78 3.43
N ASP E 95 52.73 31.92 3.26
CA ASP E 95 53.83 32.27 2.35
C ASP E 95 53.35 32.45 0.92
N GLN E 96 52.32 31.70 0.48
CA GLN E 96 51.84 31.93 -0.90
C GLN E 96 51.15 33.31 -1.05
N ALA E 97 50.58 33.86 0.04
CA ALA E 97 50.00 35.20 -0.01
C ALA E 97 51.09 36.27 -0.12
N ALA E 98 52.10 36.20 0.76
CA ALA E 98 53.26 37.08 0.64
C ALA E 98 53.87 37.04 -0.76
N ALA E 99 54.02 35.84 -1.35
CA ALA E 99 54.67 35.74 -2.67
C ALA E 99 53.81 36.38 -3.76
N ALA E 100 52.48 36.13 -3.73
CA ALA E 100 51.61 36.74 -4.72
C ALA E 100 51.74 38.26 -4.69
N ILE E 101 51.84 38.84 -3.47
CA ILE E 101 51.90 40.29 -3.31
C ILE E 101 53.23 40.83 -3.82
N ALA E 102 54.33 40.21 -3.43
CA ALA E 102 55.64 40.61 -3.98
C ALA E 102 55.63 40.55 -5.49
N ALA E 103 55.16 39.41 -6.02
CA ALA E 103 55.15 39.22 -7.47
C ALA E 103 54.34 40.29 -8.17
N ALA E 104 53.40 40.91 -7.48
CA ALA E 104 52.67 42.02 -8.04
C ALA E 104 53.46 43.31 -7.98
N GLY E 105 54.70 43.28 -7.50
CA GLY E 105 55.47 44.50 -7.37
C GLY E 105 55.18 45.35 -6.14
N ILE E 106 54.64 44.76 -5.08
CA ILE E 106 54.31 45.48 -3.85
C ILE E 106 55.32 45.08 -2.78
N PRO E 107 55.99 46.04 -2.13
CA PRO E 107 56.94 45.69 -1.06
C PRO E 107 56.23 45.04 0.12
N VAL E 108 56.67 43.82 0.44
CA VAL E 108 56.18 43.06 1.59
C VAL E 108 57.37 42.32 2.19
N PHE E 109 57.48 42.35 3.53
CA PHE E 109 58.54 41.63 4.23
C PHE E 109 57.89 40.72 5.27
N ALA E 110 57.76 39.42 4.95
CA ALA E 110 56.95 38.55 5.77
C ALA E 110 57.18 37.08 5.41
N TRP E 111 57.29 36.23 6.44
CA TRP E 111 57.22 34.79 6.18
C TRP E 111 56.80 34.05 7.44
N LYS E 112 56.28 32.82 7.24
CA LYS E 112 55.85 31.99 8.36
C LYS E 112 57.07 31.45 9.08
N GLY E 113 57.09 31.63 10.40
CA GLY E 113 58.20 31.17 11.20
C GLY E 113 59.37 32.14 11.32
N GLU E 114 59.12 33.44 11.35
CA GLU E 114 60.18 34.41 11.63
C GLU E 114 60.75 34.21 13.03
N THR E 115 62.02 34.54 13.20
CA THR E 115 62.53 34.78 14.54
C THR E 115 62.06 36.15 15.02
N GLU E 116 62.25 36.41 16.33
CA GLU E 116 61.89 37.73 16.85
C GLU E 116 62.74 38.82 16.20
N GLU E 117 64.02 38.55 16.01
CA GLU E 117 64.87 39.56 15.36
C GLU E 117 64.35 39.86 13.96
N GLU E 118 63.92 38.81 13.24
CA GLU E 118 63.45 38.95 11.87
C GLU E 118 62.13 39.70 11.82
N TYR E 119 61.29 39.47 12.82
CA TYR E 119 60.06 40.21 12.95
C TYR E 119 60.34 41.72 13.00
N GLU E 120 61.30 42.14 13.86
CA GLU E 120 61.66 43.56 13.95
C GLU E 120 62.21 44.07 12.62
N TRP E 121 63.11 43.28 12.03
CA TRP E 121 63.72 43.70 10.78
C TRP E 121 62.69 43.92 9.69
N CYS E 122 61.67 43.04 9.61
CA CYS E 122 60.63 43.18 8.60
C CYS E 122 59.88 44.50 8.76
N ILE E 123 59.48 44.82 9.99
CA ILE E 123 58.80 46.10 10.23
C ILE E 123 59.72 47.24 9.76
N GLU E 124 61.00 47.14 10.11
CA GLU E 124 61.95 48.20 9.81
C GLU E 124 62.13 48.38 8.31
N GLN E 125 61.98 47.29 7.54
CA GLN E 125 62.10 47.43 6.08
C GLN E 125 60.88 48.14 5.49
N THR E 126 59.70 48.03 6.11
CA THR E 126 58.60 48.85 5.62
C THR E 126 58.87 50.32 5.90
N ILE E 127 59.43 50.62 7.09
CA ILE E 127 59.65 52.00 7.51
C ILE E 127 60.78 52.66 6.70
N LEU E 128 61.88 51.95 6.48
CA LEU E 128 63.05 52.48 5.79
C LEU E 128 63.02 52.08 4.33
N LYS E 129 63.23 53.06 3.44
CA LYS E 129 63.31 52.79 2.01
C LYS E 129 64.66 53.33 1.53
N ASP E 130 65.51 52.41 1.08
CA ASP E 130 66.87 52.71 0.66
C ASP E 130 67.67 53.31 1.81
N GLY E 131 67.53 52.70 2.99
CA GLY E 131 68.23 53.16 4.18
C GLY E 131 67.72 54.45 4.78
N GLN E 132 66.78 55.14 4.16
CA GLN E 132 66.20 56.36 4.71
C GLN E 132 64.74 56.14 5.02
N PRO E 133 64.18 56.94 5.94
CA PRO E 133 62.74 56.80 6.24
C PRO E 133 61.87 57.07 5.02
N TRP E 134 60.95 56.14 4.74
CA TRP E 134 59.98 56.32 3.67
C TRP E 134 59.08 57.53 3.98
N ASP E 135 58.58 58.20 2.93
CA ASP E 135 57.66 59.35 3.10
C ASP E 135 56.22 58.87 3.36
N ALA E 136 56.09 58.05 4.40
CA ALA E 136 54.79 57.52 4.78
C ALA E 136 53.89 58.64 5.25
N ASN E 137 52.59 58.46 5.01
CA ASN E 137 51.61 59.42 5.51
C ASN E 137 50.36 58.72 6.03
N MET E 138 50.34 57.39 6.11
CA MET E 138 49.24 56.63 6.68
C MET E 138 49.79 55.36 7.33
N VAL E 139 49.16 54.95 8.42
CA VAL E 139 49.52 53.71 9.10
C VAL E 139 48.28 52.81 9.23
N LEU E 140 48.42 51.51 8.88
CA LEU E 140 47.41 50.50 9.15
C LEU E 140 48.05 49.47 10.08
N ASP E 141 47.41 49.19 11.21
CA ASP E 141 48.11 48.44 12.24
C ASP E 141 47.18 47.41 12.88
N ASP E 142 47.77 46.32 13.34
CA ASP E 142 47.02 45.23 14.00
C ASP E 142 47.82 44.86 15.24
N GLY E 143 47.48 45.47 16.38
CA GLY E 143 48.10 45.13 17.63
C GLY E 143 49.04 46.18 18.18
N GLY E 144 49.41 47.17 17.38
CA GLY E 144 50.13 48.32 17.90
C GLY E 144 51.64 48.27 17.87
N ASP E 145 52.26 47.18 17.37
CA ASP E 145 53.73 47.14 17.36
C ASP E 145 54.30 48.21 16.45
N LEU E 146 53.73 48.34 15.23
CA LEU E 146 54.25 49.33 14.29
C LEU E 146 54.01 50.73 14.81
N THR E 147 52.85 50.94 15.47
CA THR E 147 52.55 52.24 16.06
C THR E 147 53.57 52.60 17.14
N GLU E 148 53.89 51.61 18.00
CA GLU E 148 54.88 51.79 19.06
C GLU E 148 56.24 52.19 18.50
N ILE E 149 56.74 51.42 17.52
CA ILE E 149 58.07 51.70 16.95
C ILE E 149 58.13 53.10 16.32
N LEU E 150 57.08 53.51 15.61
CA LEU E 150 57.11 54.85 15.03
C LEU E 150 57.18 55.93 16.10
N HIS E 151 56.39 55.79 17.18
CA HIS E 151 56.39 56.80 18.23
C HIS E 151 57.70 56.79 19.01
N LYS E 152 58.26 55.61 19.27
CA LYS E 152 59.44 55.47 20.11
C LYS E 152 60.75 55.72 19.33
N LYS E 153 60.82 55.23 18.08
CA LYS E 153 62.08 55.19 17.35
C LYS E 153 62.13 56.12 16.15
N TYR E 154 61.00 56.42 15.53
CA TYR E 154 60.97 57.31 14.35
C TYR E 154 59.96 58.43 14.53
N PRO E 155 59.99 59.14 15.67
CA PRO E 155 58.92 60.12 15.94
C PRO E 155 58.82 61.22 14.88
N GLN E 156 59.95 61.57 14.23
CA GLN E 156 59.90 62.53 13.14
C GLN E 156 58.95 62.13 12.03
N MET E 157 58.89 60.82 11.70
CA MET E 157 58.06 60.40 10.57
C MET E 157 56.59 60.67 10.82
N LEU E 158 56.17 60.61 12.09
CA LEU E 158 54.79 60.89 12.44
C LEU E 158 54.37 62.31 12.07
N GLU E 159 55.32 63.24 11.92
CA GLU E 159 54.98 64.62 11.58
C GLU E 159 54.27 64.70 10.22
N ARG E 160 54.43 63.69 9.36
CA ARG E 160 53.76 63.66 8.06
C ARG E 160 52.61 62.66 7.97
N ILE E 161 52.32 61.91 9.04
N ILE E 161 52.30 61.91 9.03
CA ILE E 161 51.27 60.90 9.04
CA ILE E 161 51.28 60.88 8.98
C ILE E 161 49.94 61.56 9.37
C ILE E 161 49.94 61.46 9.41
N HIS E 162 48.91 61.23 8.59
CA HIS E 162 47.59 61.80 8.80
C HIS E 162 46.80 61.02 9.84
N GLY E 163 47.00 59.71 9.91
CA GLY E 163 46.16 58.87 10.76
C GLY E 163 46.67 57.46 10.86
N ILE E 164 46.16 56.76 11.88
CA ILE E 164 46.40 55.34 12.11
C ILE E 164 45.05 54.65 12.08
N THR E 165 44.95 53.48 11.44
CA THR E 165 43.72 52.68 11.50
C THR E 165 44.07 51.33 12.14
N GLU E 166 43.55 51.09 13.34
CA GLU E 166 44.00 50.01 14.19
C GLU E 166 42.95 48.90 14.24
N GLU E 167 43.39 47.67 14.05
CA GLU E 167 42.52 46.54 13.80
C GLU E 167 42.00 45.88 15.08
N THR E 168 42.81 45.76 16.14
CA THR E 168 42.38 44.78 17.15
C THR E 168 42.26 45.39 18.55
N THR E 169 41.55 44.65 19.41
CA THR E 169 41.24 45.17 20.74
CA THR E 169 41.24 45.14 20.76
C THR E 169 42.52 45.57 21.48
N THR E 170 43.56 44.71 21.42
CA THR E 170 44.80 45.02 22.13
C THR E 170 45.46 46.31 21.60
N GLY E 171 45.45 46.51 20.28
CA GLY E 171 46.08 47.72 19.73
C GLY E 171 45.30 48.94 20.13
N VAL E 172 43.96 48.83 20.20
CA VAL E 172 43.13 49.97 20.59
C VAL E 172 43.41 50.34 22.03
N HIS E 173 43.61 49.34 22.87
CA HIS E 173 43.94 49.60 24.26
C HIS E 173 45.25 50.39 24.38
N ARG E 174 46.27 50.04 23.59
CA ARG E 174 47.53 50.79 23.61
C ARG E 174 47.34 52.22 23.11
N LEU E 175 46.49 52.41 22.09
CA LEU E 175 46.19 53.77 21.63
C LEU E 175 45.58 54.60 22.74
N LEU E 176 44.63 54.02 23.49
CA LEU E 176 43.93 54.84 24.46
C LEU E 176 44.83 55.20 25.62
N ASP E 177 45.82 54.34 25.94
CA ASP E 177 46.80 54.71 26.96
C ASP E 177 47.70 55.86 26.50
N MET E 178 48.13 55.86 25.23
CA MET E 178 48.94 56.98 24.73
C MET E 178 48.13 58.27 24.67
N LEU E 179 46.91 58.19 24.12
CA LEU E 179 46.01 59.34 24.14
C LEU E 179 45.87 59.89 25.55
N LYS E 180 45.69 59.02 26.53
CA LYS E 180 45.50 59.42 27.92
C LYS E 180 46.75 60.05 28.52
N ASN E 181 47.95 59.59 28.12
CA ASN E 181 49.23 60.14 28.54
C ASN E 181 49.70 61.28 27.66
N GLY E 182 48.90 61.68 26.69
CA GLY E 182 49.32 62.74 25.80
C GLY E 182 50.53 62.36 24.96
N THR E 183 50.71 61.08 24.67
CA THR E 183 51.84 60.66 23.84
C THR E 183 51.43 60.25 22.43
N LEU E 184 50.13 60.22 22.13
CA LEU E 184 49.65 59.91 20.78
C LEU E 184 49.87 61.10 19.86
N LYS E 185 50.58 60.88 18.75
CA LYS E 185 50.99 62.02 17.92
C LYS E 185 50.08 62.22 16.73
N VAL E 186 49.24 61.25 16.38
CA VAL E 186 48.33 61.40 15.25
C VAL E 186 47.01 60.74 15.59
N PRO E 187 45.91 61.23 14.99
CA PRO E 187 44.59 60.63 15.25
C PRO E 187 44.51 59.17 14.78
N ALA E 188 43.49 58.47 15.27
CA ALA E 188 43.33 57.08 14.88
C ALA E 188 41.84 56.72 14.81
N ILE E 189 41.52 55.75 13.96
CA ILE E 189 40.19 55.17 13.91
C ILE E 189 40.28 53.77 14.51
N ASN E 190 39.49 53.56 15.55
CA ASN E 190 39.28 52.24 16.14
C ASN E 190 38.39 51.44 15.19
N VAL E 191 39.01 50.61 14.34
CA VAL E 191 38.29 49.70 13.45
C VAL E 191 37.68 48.56 14.24
N ASN E 192 38.33 48.14 15.33
CA ASN E 192 37.86 46.96 16.07
C ASN E 192 36.38 47.09 16.46
N ASP E 193 35.96 48.26 16.87
CA ASP E 193 34.64 48.42 17.47
C ASP E 193 33.53 48.82 16.48
N SER E 194 33.78 48.73 15.17
CA SER E 194 32.66 48.56 14.26
C SER E 194 31.95 47.26 14.64
N VAL E 195 30.62 47.23 14.53
CA VAL E 195 29.91 45.97 14.83
C VAL E 195 30.27 44.91 13.79
N THR E 196 30.37 45.33 12.53
CA THR E 196 30.81 44.39 11.48
C THR E 196 32.29 43.99 11.61
N LYS E 197 33.03 44.50 12.61
CA LYS E 197 34.34 43.97 12.97
C LYS E 197 34.22 43.15 14.24
N SER E 198 34.09 43.82 15.40
CA SER E 198 34.13 43.17 16.71
C SER E 198 33.16 41.99 16.81
N LYS E 199 31.90 42.19 16.39
CA LYS E 199 30.91 41.15 16.63
C LYS E 199 30.77 40.26 15.45
N ASN E 200 31.79 40.25 14.57
CA ASN E 200 31.82 39.39 13.39
C ASN E 200 33.15 38.62 13.41
N ASP E 201 34.22 39.36 13.17
CA ASP E 201 35.59 38.86 13.27
C ASP E 201 35.91 38.27 14.66
N ASN E 202 35.92 39.10 15.72
CA ASN E 202 36.42 38.65 17.01
C ASN E 202 35.65 37.41 17.49
N LYS E 203 34.33 37.36 17.25
CA LYS E 203 33.50 36.24 17.72
C LYS E 203 33.41 35.12 16.68
N TYR E 204 32.74 35.39 15.57
CA TYR E 204 32.51 34.33 14.60
C TYR E 204 33.81 33.84 13.99
N GLY E 205 34.80 34.73 13.82
CA GLY E 205 36.06 34.32 13.24
C GLY E 205 36.73 33.24 14.08
N CYS E 206 36.72 33.43 15.41
CA CYS E 206 37.34 32.44 16.26
C CYS E 206 36.49 31.17 16.31
N ARG E 207 35.16 31.30 16.19
CA ARG E 207 34.33 30.11 16.11
C ARG E 207 34.77 29.19 14.94
N HIS E 208 35.05 29.80 13.75
CA HIS E 208 35.48 29.05 12.58
C HIS E 208 36.86 28.45 12.80
N SER E 209 37.80 29.26 13.33
CA SER E 209 39.23 28.97 13.16
C SER E 209 39.92 28.36 14.37
N LEU E 210 39.30 28.41 15.56
CA LEU E 210 39.96 27.76 16.72
C LEU E 210 39.93 26.23 16.61
N ASN E 211 38.75 25.59 16.44
CA ASN E 211 38.81 24.13 16.33
CA ASN E 211 38.76 24.12 16.28
C ASN E 211 39.54 23.70 15.05
N ASP E 212 39.53 24.58 14.00
CA ASP E 212 40.33 24.36 12.79
C ASP E 212 41.81 24.16 13.13
N ALA E 213 42.39 25.13 13.86
CA ALA E 213 43.80 25.04 14.26
C ALA E 213 44.09 23.86 15.19
N ILE E 214 43.21 23.59 16.16
CA ILE E 214 43.48 22.46 17.03
C ILE E 214 43.50 21.15 16.22
N LYS E 215 42.58 20.98 15.26
CA LYS E 215 42.59 19.76 14.46
C LYS E 215 43.85 19.67 13.62
N ARG E 216 44.23 20.78 13.00
CA ARG E 216 45.43 20.76 12.15
C ARG E 216 46.66 20.43 12.95
N GLY E 217 46.77 21.01 14.18
CA GLY E 217 47.97 20.82 14.97
C GLY E 217 48.10 19.44 15.59
N THR E 218 46.96 18.86 16.06
CA THR E 218 46.94 17.62 16.81
C THR E 218 46.11 16.49 16.19
N ASP E 219 45.17 16.81 15.30
CA ASP E 219 44.10 15.88 14.89
C ASP E 219 43.40 15.16 16.05
N HIS E 220 43.42 15.76 17.24
CA HIS E 220 42.66 15.22 18.37
C HIS E 220 41.16 15.25 18.17
N LEU E 221 40.52 14.12 18.52
CA LEU E 221 39.07 14.20 18.78
C LEU E 221 38.79 15.20 19.90
N LEU E 222 37.81 16.07 19.69
CA LEU E 222 37.38 17.04 20.70
C LEU E 222 36.11 16.62 21.41
N SER E 223 35.19 15.95 20.71
CA SER E 223 33.94 15.46 21.30
CA SER E 223 33.95 15.52 21.35
C SER E 223 34.22 14.67 22.59
N GLY E 224 33.46 14.96 23.66
CA GLY E 224 33.54 14.19 24.90
C GLY E 224 34.65 14.60 25.86
N LYS E 225 35.56 15.50 25.45
CA LYS E 225 36.69 15.88 26.30
C LYS E 225 36.36 17.19 27.00
N GLN E 226 37.17 17.54 28.03
CA GLN E 226 36.93 18.75 28.86
C GLN E 226 37.81 19.90 28.41
N ALA E 227 37.19 21.06 28.18
CA ALA E 227 37.91 22.27 27.84
C ALA E 227 37.70 23.31 28.93
N LEU E 228 38.72 24.15 29.11
CA LEU E 228 38.61 25.36 29.92
C LEU E 228 38.97 26.57 29.07
N VAL E 229 38.00 27.46 28.85
CA VAL E 229 38.29 28.70 28.11
C VAL E 229 38.47 29.82 29.13
N ILE E 230 39.63 30.44 29.12
CA ILE E 230 39.90 31.59 29.98
C ILE E 230 39.45 32.84 29.22
N GLY E 231 38.42 33.49 29.72
CA GLY E 231 37.84 34.70 29.17
C GLY E 231 36.54 34.40 28.40
N TYR E 232 35.64 35.40 28.39
CA TYR E 232 34.37 35.29 27.67
C TYR E 232 33.94 36.65 27.12
N GLY E 233 34.92 37.40 26.56
CA GLY E 233 34.68 38.55 25.69
C GLY E 233 34.31 38.03 24.32
N ASP E 234 34.52 38.84 23.28
CA ASP E 234 34.05 38.37 21.98
C ASP E 234 34.86 37.15 21.52
N VAL E 235 36.18 37.20 21.70
CA VAL E 235 37.02 36.03 21.36
C VAL E 235 36.65 34.80 22.21
N GLY E 236 36.49 34.98 23.52
CA GLY E 236 36.15 33.83 24.37
C GLY E 236 34.78 33.26 24.05
N LYS E 237 33.85 34.12 23.67
CA LYS E 237 32.53 33.64 23.26
C LYS E 237 32.66 32.79 22.00
N GLY E 238 33.32 33.32 20.98
CA GLY E 238 33.50 32.55 19.77
C GLY E 238 34.29 31.28 20.02
N SER E 239 35.34 31.36 20.85
CA SER E 239 36.17 30.17 21.09
C SER E 239 35.38 29.10 21.82
N SER E 240 34.58 29.51 22.81
CA SER E 240 33.79 28.53 23.55
C SER E 240 32.81 27.81 22.61
N GLN E 241 32.21 28.56 21.69
CA GLN E 241 31.27 27.95 20.75
C GLN E 241 32.00 26.98 19.80
N SER E 242 33.20 27.39 19.37
CA SER E 242 34.04 26.53 18.50
C SER E 242 34.19 25.13 19.11
N LEU E 243 34.34 25.08 20.42
CA LEU E 243 34.63 23.85 21.10
C LEU E 243 33.35 23.12 21.44
N ARG E 244 32.37 23.86 21.97
N ARG E 244 32.36 23.83 21.96
CA ARG E 244 31.09 23.23 22.35
CA ARG E 244 31.13 23.13 22.35
C ARG E 244 30.40 22.61 21.15
C ARG E 244 30.40 22.58 21.14
N GLN E 245 30.44 23.30 20.00
CA GLN E 245 29.74 22.77 18.83
C GLN E 245 30.41 21.48 18.29
N GLU E 246 31.63 21.18 18.73
CA GLU E 246 32.29 19.92 18.42
C GLU E 246 31.96 18.85 19.48
N GLY E 247 31.21 19.22 20.53
CA GLY E 247 30.88 18.27 21.57
C GLY E 247 31.79 18.28 22.79
N MET E 248 32.67 19.25 22.93
CA MET E 248 33.45 19.37 24.16
C MET E 248 32.54 19.79 25.31
N ILE E 249 32.91 19.38 26.50
CA ILE E 249 32.29 19.86 27.75
C ILE E 249 33.14 21.07 28.14
N VAL E 250 32.60 22.28 27.93
CA VAL E 250 33.37 23.51 28.05
C VAL E 250 33.06 24.18 29.37
N LYS E 251 34.12 24.56 30.09
CA LYS E 251 34.01 25.41 31.28
C LYS E 251 34.65 26.74 30.95
N VAL E 252 34.14 27.79 31.57
CA VAL E 252 34.56 29.15 31.25
C VAL E 252 35.04 29.83 32.54
N ALA E 253 36.19 30.55 32.46
CA ALA E 253 36.61 31.45 33.52
C ALA E 253 36.50 32.93 33.10
N GLU E 254 36.19 33.79 34.08
CA GLU E 254 36.07 35.21 33.77
C GLU E 254 36.33 35.99 35.05
N VAL E 255 36.80 37.22 34.87
CA VAL E 255 36.84 38.20 35.95
C VAL E 255 35.67 39.19 35.90
N ASP E 256 34.99 39.27 34.75
CA ASP E 256 33.88 40.18 34.54
C ASP E 256 32.56 39.44 34.80
N PRO E 257 31.82 39.78 35.85
CA PRO E 257 30.61 39.04 36.19
C PRO E 257 29.53 39.12 35.14
N ILE E 258 29.47 40.19 34.38
CA ILE E 258 28.49 40.29 33.29
C ILE E 258 28.82 39.26 32.20
N CYS E 259 30.08 39.22 31.75
CA CYS E 259 30.47 38.18 30.77
C CYS E 259 30.27 36.79 31.35
N ALA E 260 30.53 36.63 32.67
CA ALA E 260 30.30 35.31 33.26
C ALA E 260 28.83 34.95 33.25
N MET E 261 27.97 35.94 33.45
N MET E 261 27.97 35.95 33.45
CA MET E 261 26.53 35.68 33.43
CA MET E 261 26.53 35.69 33.42
C MET E 261 26.12 35.21 32.04
C MET E 261 26.12 35.21 32.05
N GLN E 262 26.66 35.83 30.99
CA GLN E 262 26.37 35.38 29.64
C GLN E 262 26.80 33.93 29.44
N ALA E 263 27.98 33.54 29.97
CA ALA E 263 28.47 32.15 29.81
C ALA E 263 27.53 31.17 30.50
N CYS E 264 27.05 31.52 31.70
CA CYS E 264 26.08 30.66 32.36
C CYS E 264 24.83 30.46 31.51
N MET E 265 24.23 31.58 31.06
CA MET E 265 23.00 31.51 30.26
C MET E 265 23.22 30.80 28.93
N ASP E 266 24.43 30.86 28.39
CA ASP E 266 24.73 30.18 27.13
C ASP E 266 24.94 28.67 27.35
N GLY E 267 24.88 28.23 28.59
CA GLY E 267 24.96 26.82 28.91
C GLY E 267 26.31 26.31 29.34
N PHE E 268 27.19 27.16 29.81
CA PHE E 268 28.50 26.78 30.27
C PHE E 268 28.57 26.87 31.77
N GLU E 269 29.39 26.00 32.37
CA GLU E 269 29.71 26.07 33.78
C GLU E 269 30.87 27.06 34.01
N VAL E 270 30.72 27.99 34.95
CA VAL E 270 31.72 29.05 35.17
C VAL E 270 32.60 28.66 36.34
N VAL E 271 33.92 28.54 36.11
CA VAL E 271 34.81 28.05 37.16
C VAL E 271 36.01 28.98 37.20
N SER E 272 36.76 28.88 38.31
CA SER E 272 38.03 29.59 38.43
C SER E 272 39.20 28.61 38.54
N PRO E 273 40.38 28.93 37.98
CA PRO E 273 41.55 28.08 38.26
C PRO E 273 41.94 28.10 39.73
N TYR E 274 41.49 29.12 40.49
CA TYR E 274 41.91 29.34 41.86
C TYR E 274 40.74 29.06 42.80
N LYS E 275 41.05 28.47 43.95
CA LYS E 275 40.02 28.23 44.97
C LYS E 275 39.36 29.56 45.34
N ASN E 276 38.06 29.61 45.16
CA ASN E 276 37.28 30.80 45.46
C ASN E 276 37.65 31.98 44.60
N GLY E 277 38.36 31.73 43.49
CA GLY E 277 38.69 32.81 42.57
C GLY E 277 39.88 33.65 43.00
N ILE E 278 40.57 33.28 44.07
CA ILE E 278 41.60 34.15 44.68
C ILE E 278 43.00 33.65 44.29
N ASN E 279 43.67 34.42 43.43
CA ASN E 279 44.99 34.12 42.83
C ASN E 279 46.04 34.79 43.71
N ASP E 280 46.39 34.10 44.81
CA ASP E 280 47.39 34.66 45.74
C ASP E 280 48.84 34.26 45.40
N GLY E 281 49.07 33.55 44.30
CA GLY E 281 50.44 33.24 43.89
C GLY E 281 51.00 31.91 44.39
N THR E 282 50.31 31.24 45.30
CA THR E 282 50.77 29.98 45.85
C THR E 282 50.17 28.80 45.11
N GLU E 283 50.86 27.66 45.22
CA GLU E 283 50.32 26.43 44.68
C GLU E 283 49.05 26.00 45.42
N ALA E 284 49.00 26.24 46.72
CA ALA E 284 47.79 25.91 47.48
C ALA E 284 46.55 26.60 46.94
N SER E 285 46.69 27.71 46.20
CA SER E 285 45.50 28.39 45.68
C SER E 285 44.94 27.70 44.43
N ILE E 286 45.68 26.81 43.78
CA ILE E 286 45.21 26.17 42.56
C ILE E 286 44.13 25.13 42.88
N ASP E 287 43.02 25.17 42.15
CA ASP E 287 42.05 24.07 42.19
C ASP E 287 42.59 22.91 41.36
N ALA E 288 43.39 22.06 42.03
CA ALA E 288 44.08 20.93 41.41
C ALA E 288 43.10 19.88 40.91
N ALA E 289 41.97 19.69 41.61
CA ALA E 289 40.98 18.72 41.17
C ALA E 289 40.41 19.14 39.82
N LEU E 290 40.04 20.42 39.70
CA LEU E 290 39.50 20.97 38.44
C LEU E 290 40.55 20.86 37.31
N LEU E 291 41.76 21.43 37.51
CA LEU E 291 42.74 21.45 36.42
C LEU E 291 43.18 20.02 36.01
N GLY E 292 43.13 19.06 36.94
CA GLY E 292 43.52 17.71 36.68
C GLY E 292 42.54 16.94 35.79
N LYS E 293 41.42 17.57 35.42
CA LYS E 293 40.41 16.97 34.54
C LYS E 293 40.36 17.67 33.18
N ILE E 294 41.14 18.71 32.99
CA ILE E 294 41.03 19.54 31.81
C ILE E 294 41.91 18.99 30.68
N ASP E 295 41.30 18.73 29.52
CA ASP E 295 42.05 18.22 28.34
C ASP E 295 42.59 19.32 27.42
N LEU E 296 42.06 20.53 27.55
CA LEU E 296 42.40 21.63 26.64
C LEU E 296 42.17 22.92 27.37
N ILE E 297 43.14 23.82 27.33
CA ILE E 297 42.94 25.15 27.87
C ILE E 297 43.22 26.15 26.75
N VAL E 298 42.34 27.14 26.61
CA VAL E 298 42.46 28.20 25.59
C VAL E 298 42.37 29.57 26.29
N THR E 299 43.37 30.44 26.07
CA THR E 299 43.34 31.78 26.67
C THR E 299 42.87 32.79 25.62
N THR E 300 41.93 33.69 26.02
CA THR E 300 41.28 34.59 25.10
C THR E 300 41.20 36.05 25.62
N THR E 301 42.06 36.41 26.58
CA THR E 301 41.80 37.59 27.44
C THR E 301 42.42 38.90 26.98
N GLY E 302 43.52 38.87 26.23
CA GLY E 302 44.33 40.07 26.09
C GLY E 302 45.01 40.51 27.37
N ASN E 303 45.02 39.69 28.41
CA ASN E 303 45.61 40.03 29.70
C ASN E 303 46.92 39.25 29.85
N VAL E 304 47.57 39.40 31.00
CA VAL E 304 48.88 38.78 31.20
C VAL E 304 48.80 37.61 32.19
N ASN E 305 49.45 36.50 31.84
CA ASN E 305 49.62 35.37 32.76
CA ASN E 305 49.62 35.37 32.76
C ASN E 305 48.29 34.86 33.32
N VAL E 306 47.33 34.61 32.41
CA VAL E 306 46.08 34.02 32.85
C VAL E 306 46.12 32.48 32.77
N CYS E 307 47.18 31.89 32.20
CA CYS E 307 47.47 30.45 32.33
C CYS E 307 48.88 30.41 32.89
N ASP E 308 49.00 30.47 34.23
CA ASP E 308 50.28 30.68 34.89
C ASP E 308 50.99 29.36 35.19
N ALA E 309 52.18 29.48 35.81
CA ALA E 309 53.04 28.32 36.02
C ALA E 309 52.36 27.26 36.88
N ASN E 310 51.68 27.69 37.96
CA ASN E 310 51.04 26.74 38.86
C ASN E 310 49.87 26.03 38.18
N MET E 311 49.14 26.74 37.31
CA MET E 311 48.08 26.08 36.54
C MET E 311 48.68 25.00 35.63
N LEU E 312 49.78 25.35 34.97
CA LEU E 312 50.42 24.43 34.03
C LEU E 312 50.92 23.18 34.75
N LYS E 313 51.44 23.35 35.98
CA LYS E 313 51.88 22.19 36.76
C LYS E 313 50.74 21.27 37.14
N ALA E 314 49.51 21.81 37.29
CA ALA E 314 48.37 21.03 37.76
C ALA E 314 47.52 20.42 36.64
N LEU E 315 47.67 20.89 35.39
CA LEU E 315 46.91 20.37 34.28
C LEU E 315 47.07 18.87 34.14
N LYS E 316 45.97 18.24 33.74
CA LYS E 316 45.95 16.83 33.37
C LYS E 316 47.09 16.51 32.39
N LYS E 317 47.71 15.34 32.56
CA LYS E 317 48.70 14.87 31.59
C LYS E 317 48.14 14.89 30.18
N ARG E 318 48.96 15.41 29.25
CA ARG E 318 48.70 15.36 27.80
C ARG E 318 47.63 16.34 27.39
N ALA E 319 47.27 17.27 28.28
CA ALA E 319 46.41 18.37 27.90
C ALA E 319 47.07 19.27 26.84
N VAL E 320 46.24 19.84 25.99
CA VAL E 320 46.62 20.82 25.01
C VAL E 320 46.47 22.22 25.58
N VAL E 321 47.49 23.05 25.34
CA VAL E 321 47.56 24.43 25.83
C VAL E 321 47.68 25.34 24.61
N CYS E 322 46.79 26.34 24.51
CA CYS E 322 46.97 27.30 23.43
C CYS E 322 46.32 28.66 23.76
N ASN E 323 46.69 29.65 22.95
CA ASN E 323 46.35 31.06 23.15
C ASN E 323 45.81 31.58 21.82
N ILE E 324 44.67 32.25 21.87
CA ILE E 324 44.11 32.90 20.71
C ILE E 324 43.94 34.41 20.94
N GLY E 325 44.44 34.95 22.08
CA GLY E 325 44.59 36.38 22.27
C GLY E 325 45.78 36.90 21.48
N HIS E 326 45.94 38.21 21.45
CA HIS E 326 46.93 38.81 20.51
C HIS E 326 48.40 38.50 20.84
N PHE E 327 48.76 38.37 22.13
CA PHE E 327 50.17 38.25 22.50
C PHE E 327 50.36 36.96 23.27
N ASP E 328 51.57 36.37 23.17
CA ASP E 328 51.83 35.09 23.83
C ASP E 328 51.98 35.15 25.36
N ASN E 329 52.15 36.30 25.94
CA ASN E 329 52.31 36.38 27.42
C ASN E 329 50.94 36.05 28.20
N GLU E 330 49.87 35.56 27.54
CA GLU E 330 48.72 35.00 28.25
C GLU E 330 49.09 33.74 28.99
N ILE E 331 50.03 32.96 28.44
CA ILE E 331 50.50 31.70 28.98
C ILE E 331 51.92 31.93 29.46
N ASP E 332 52.27 31.35 30.61
CA ASP E 332 53.63 31.53 31.09
C ASP E 332 54.55 30.53 30.35
N THR E 333 54.79 30.82 29.06
CA THR E 333 55.70 29.98 28.29
C THR E 333 57.14 30.17 28.75
N ALA E 334 57.50 31.34 29.32
CA ALA E 334 58.88 31.48 29.82
C ALA E 334 59.17 30.47 30.91
N PHE E 335 58.22 30.24 31.83
CA PHE E 335 58.40 29.24 32.87
C PHE E 335 58.64 27.85 32.27
N MET E 336 57.89 27.52 31.21
CA MET E 336 58.03 26.21 30.55
C MET E 336 59.37 26.07 29.87
N ARG E 337 59.87 27.15 29.24
CA ARG E 337 61.19 27.06 28.61
C ARG E 337 62.27 26.85 29.64
N LYS E 338 62.11 27.45 30.81
CA LYS E 338 63.17 27.40 31.80
C LYS E 338 63.21 26.07 32.54
N ASN E 339 62.06 25.45 32.74
CA ASN E 339 61.94 24.33 33.68
C ASN E 339 61.66 22.98 33.05
N TRP E 340 61.15 22.93 31.82
CA TRP E 340 60.66 21.70 31.21
C TRP E 340 61.32 21.55 29.85
N ALA E 341 61.28 20.34 29.32
CA ALA E 341 62.04 20.00 28.12
C ALA E 341 61.12 19.97 26.92
N TRP E 342 61.47 20.71 25.88
CA TRP E 342 60.58 20.84 24.72
C TRP E 342 60.93 19.84 23.62
N GLU E 343 59.93 19.10 23.14
CA GLU E 343 60.07 18.17 22.01
C GLU E 343 59.25 18.67 20.85
N GLU E 344 59.88 19.02 19.73
CA GLU E 344 59.09 19.46 18.58
C GLU E 344 58.40 18.25 17.91
N VAL E 345 57.07 18.29 17.79
CA VAL E 345 56.33 17.26 17.04
C VAL E 345 56.43 17.54 15.56
N LYS E 346 56.08 18.76 15.22
CA LYS E 346 56.18 19.34 13.89
C LYS E 346 56.15 20.84 14.09
N PRO E 347 56.36 21.64 13.05
CA PRO E 347 56.34 23.10 13.26
C PRO E 347 55.06 23.58 13.95
N GLN E 348 55.24 24.47 14.94
CA GLN E 348 54.16 25.04 15.74
C GLN E 348 53.43 24.00 16.58
N VAL E 349 54.06 22.84 16.86
CA VAL E 349 53.49 21.84 17.77
C VAL E 349 54.62 21.29 18.65
N HIS E 350 54.56 21.57 19.95
CA HIS E 350 55.62 21.11 20.85
C HIS E 350 54.97 20.32 22.00
N LYS E 351 55.56 19.16 22.32
CA LYS E 351 55.27 18.47 23.58
C LYS E 351 56.21 19.07 24.63
N ILE E 352 55.67 19.43 25.79
CA ILE E 352 56.43 20.05 26.87
C ILE E 352 56.49 19.01 27.99
N HIS E 353 57.64 18.37 28.16
CA HIS E 353 57.81 17.28 29.08
C HIS E 353 58.00 17.80 30.51
N ARG E 354 57.07 17.44 31.42
CA ARG E 354 57.16 18.00 32.76
C ARG E 354 58.06 17.21 33.70
N THR E 355 58.79 16.23 33.16
CA THR E 355 59.75 15.46 33.92
C THR E 355 60.99 16.24 34.26
N GLY E 356 61.15 17.41 33.75
CA GLY E 356 62.29 18.19 34.16
C GLY E 356 62.93 18.84 32.97
N LYS E 357 64.06 19.45 33.20
CA LYS E 357 64.67 20.28 32.17
C LYS E 357 65.68 19.51 31.30
N ASP E 358 66.29 18.45 31.80
CA ASP E 358 67.51 18.01 31.17
C ASP E 358 67.25 16.73 30.37
N GLY E 359 66.51 16.95 29.30
CA GLY E 359 66.28 15.85 28.41
C GLY E 359 64.91 15.27 28.70
N PHE E 360 64.28 14.69 27.67
CA PHE E 360 63.03 13.96 27.81
C PHE E 360 63.20 12.55 27.25
N ASP E 361 62.30 11.67 27.69
CA ASP E 361 62.18 10.34 27.13
C ASP E 361 61.11 10.42 26.04
N ALA E 362 61.44 9.89 24.85
CA ALA E 362 60.50 9.93 23.75
C ALA E 362 59.17 9.24 24.08
N HIS E 363 59.16 8.35 25.07
CA HIS E 363 57.94 7.65 25.48
C HIS E 363 57.40 8.14 26.82
N ASN E 364 57.91 9.27 27.33
CA ASN E 364 57.28 9.84 28.54
C ASN E 364 55.79 10.16 28.34
N ASP E 365 54.97 9.84 29.34
CA ASP E 365 53.54 10.18 29.25
C ASP E 365 53.18 11.50 29.95
N ASP E 366 54.11 12.15 30.63
CA ASP E 366 53.77 13.36 31.38
C ASP E 366 54.28 14.60 30.62
N TYR E 367 53.51 15.01 29.62
CA TYR E 367 53.79 16.21 28.82
C TYR E 367 52.50 16.97 28.59
N LEU E 368 52.63 18.24 28.21
CA LEU E 368 51.54 19.01 27.67
C LEU E 368 51.84 19.25 26.19
N ILE E 369 50.82 19.46 25.38
CA ILE E 369 51.01 19.88 24.00
C ILE E 369 50.71 21.37 23.92
N LEU E 370 51.74 22.14 23.54
CA LEU E 370 51.65 23.58 23.32
C LEU E 370 51.55 23.86 21.81
N LEU E 371 50.57 24.66 21.40
CA LEU E 371 50.43 25.02 19.99
C LEU E 371 50.98 26.42 19.72
N ALA E 372 51.67 26.57 18.57
CA ALA E 372 52.20 27.84 18.09
C ALA E 372 53.07 28.52 19.13
N GLU E 373 53.70 27.73 19.99
CA GLU E 373 54.52 28.24 21.09
C GLU E 373 53.80 29.33 21.90
N GLY E 374 52.47 29.25 22.05
CA GLY E 374 51.74 30.29 22.81
C GLY E 374 51.27 31.49 21.98
N ARG E 375 51.68 31.61 20.71
CA ARG E 375 51.23 32.68 19.84
C ARG E 375 49.84 32.39 19.30
N LEU E 376 49.22 33.39 18.67
CA LEU E 376 47.82 33.24 18.24
C LEU E 376 47.63 31.93 17.49
N VAL E 377 46.78 31.04 18.02
CA VAL E 377 46.80 29.66 17.53
C VAL E 377 46.05 29.55 16.19
N ASN E 378 44.97 30.33 16.00
CA ASN E 378 44.21 30.21 14.74
C ASN E 378 45.08 30.58 13.54
N LEU E 379 45.93 31.60 13.69
CA LEU E 379 46.82 32.00 12.62
C LEU E 379 48.10 31.18 12.60
N GLY E 380 48.56 30.69 13.77
CA GLY E 380 49.79 29.90 13.82
C GLY E 380 49.62 28.48 13.27
N ASN E 381 48.52 27.81 13.58
CA ASN E 381 48.35 26.41 13.24
C ASN E 381 47.33 26.18 12.13
N ALA E 382 46.64 27.23 11.69
CA ALA E 382 45.73 27.10 10.55
C ALA E 382 45.87 28.40 9.73
N THR E 383 44.76 29.02 9.25
CA THR E 383 44.89 30.17 8.37
C THR E 383 44.10 31.37 8.90
N GLY E 384 43.84 31.41 10.21
CA GLY E 384 43.06 32.55 10.72
C GLY E 384 41.61 32.47 10.27
N HIS E 385 40.96 33.64 10.38
CA HIS E 385 39.56 33.77 10.00
C HIS E 385 39.39 33.55 8.51
N PRO E 386 38.21 33.10 8.06
CA PRO E 386 37.97 32.94 6.61
C PRO E 386 37.65 34.25 5.92
N SER E 387 37.88 34.25 4.61
CA SER E 387 37.68 35.44 3.77
C SER E 387 36.33 36.13 4.01
N ARG E 388 35.24 35.35 4.09
CA ARG E 388 33.94 35.97 4.13
C ARG E 388 33.73 36.69 5.46
N ILE E 389 34.44 36.28 6.50
CA ILE E 389 34.40 37.01 7.76
C ILE E 389 35.33 38.24 7.73
N MET E 390 36.55 38.06 7.22
CA MET E 390 37.51 39.18 7.16
C MET E 390 37.05 40.31 6.24
N ASP E 391 36.20 39.98 5.26
CA ASP E 391 35.56 40.97 4.40
C ASP E 391 35.02 42.16 5.22
N GLY E 392 34.31 41.88 6.31
CA GLY E 392 33.77 42.94 7.16
C GLY E 392 34.85 43.78 7.80
N SER E 393 35.81 43.14 8.46
CA SER E 393 36.90 43.90 9.09
C SER E 393 37.61 44.78 8.07
N PHE E 394 37.90 44.24 6.89
CA PHE E 394 38.77 44.95 5.99
C PHE E 394 38.00 45.95 5.15
N ALA E 395 36.71 45.73 4.90
CA ALA E 395 35.95 46.85 4.34
C ALA E 395 35.98 48.03 5.32
N ASN E 396 35.84 47.75 6.62
CA ASN E 396 35.95 48.85 7.60
C ASN E 396 37.32 49.50 7.52
N GLN E 397 38.39 48.69 7.42
CA GLN E 397 39.74 49.24 7.29
C GLN E 397 39.83 50.20 6.11
N VAL E 398 39.31 49.80 4.93
CA VAL E 398 39.41 50.67 3.75
C VAL E 398 38.68 52.00 4.00
N LEU E 399 37.49 51.94 4.58
CA LEU E 399 36.71 53.16 4.80
C LEU E 399 37.43 54.08 5.77
N ALA E 400 38.09 53.50 6.78
CA ALA E 400 38.85 54.26 7.76
C ALA E 400 40.06 54.95 7.11
N GLN E 401 40.79 54.22 6.28
CA GLN E 401 41.94 54.82 5.61
C GLN E 401 41.52 55.98 4.72
N ILE E 402 40.40 55.81 4.00
CA ILE E 402 39.91 56.89 3.15
C ILE E 402 39.55 58.10 4.00
N HIS E 403 38.87 57.86 5.14
CA HIS E 403 38.41 58.97 5.94
C HIS E 403 39.59 59.75 6.52
N LEU E 404 40.52 59.07 7.22
CA LEU E 404 41.66 59.79 7.79
C LEU E 404 42.54 60.41 6.72
N PHE E 405 42.72 59.73 5.58
CA PHE E 405 43.57 60.30 4.54
C PHE E 405 42.93 61.57 3.98
N GLU E 406 41.61 61.55 3.73
CA GLU E 406 40.99 62.75 3.19
C GLU E 406 40.96 63.89 4.18
N GLN E 407 41.02 63.58 5.49
CA GLN E 407 41.01 64.62 6.52
C GLN E 407 42.32 65.40 6.58
N LYS E 408 43.44 64.79 6.17
CA LYS E 408 44.73 65.50 6.01
C LYS E 408 45.18 66.17 7.31
N TYR E 409 45.15 65.40 8.41
CA TYR E 409 45.58 65.91 9.72
C TYR E 409 47.00 66.49 9.69
N ALA E 410 47.94 65.81 9.01
CA ALA E 410 49.32 66.27 9.06
C ALA E 410 49.50 67.65 8.44
N ASP E 411 48.55 68.10 7.60
CA ASP E 411 48.63 69.38 6.91
C ASP E 411 47.82 70.48 7.60
N LEU E 412 47.41 70.28 8.91
CA LEU E 412 46.67 71.33 9.60
C LEU E 412 47.61 72.22 10.41
N PRO E 413 47.23 73.47 10.69
CA PRO E 413 47.95 74.24 11.70
C PRO E 413 47.76 73.64 13.09
N ALA E 414 48.73 73.95 13.97
CA ALA E 414 48.79 73.33 15.29
C ALA E 414 47.46 73.45 16.05
N ALA E 415 46.72 74.54 15.82
CA ALA E 415 45.47 74.78 16.54
C ALA E 415 44.41 73.74 16.18
N GLU E 416 44.06 73.64 14.89
CA GLU E 416 43.04 72.68 14.50
C GLU E 416 43.48 71.25 14.75
N LYS E 417 44.81 71.01 14.86
CA LYS E 417 45.31 69.66 15.13
C LYS E 417 44.87 69.17 16.51
N ALA E 418 44.99 70.03 17.53
CA ALA E 418 44.51 69.65 18.86
C ALA E 418 43.03 69.31 18.84
N LYS E 419 42.24 70.02 18.02
CA LYS E 419 40.81 69.71 17.87
C LYS E 419 40.59 68.28 17.39
N ARG E 420 41.49 67.75 16.58
CA ARG E 420 41.24 66.48 15.89
C ARG E 420 42.07 65.32 16.41
N LEU E 421 42.87 65.51 17.46
CA LEU E 421 43.71 64.42 17.97
C LEU E 421 42.87 63.49 18.86
N SER E 422 42.18 62.53 18.23
CA SER E 422 41.27 61.63 18.94
C SER E 422 41.41 60.19 18.45
N VAL E 423 40.82 59.26 19.21
CA VAL E 423 40.59 57.89 18.75
C VAL E 423 39.09 57.73 18.55
N GLU E 424 38.67 57.43 17.31
CA GLU E 424 37.26 57.46 16.94
C GLU E 424 36.87 56.18 16.23
N VAL E 425 35.58 55.91 16.18
CA VAL E 425 35.05 54.80 15.40
C VAL E 425 34.36 55.36 14.15
N LEU E 426 34.03 54.45 13.18
CA LEU E 426 33.29 54.90 12.01
C LEU E 426 31.82 55.16 12.37
N PRO E 427 31.13 55.99 11.59
CA PRO E 427 29.68 56.18 11.82
C PRO E 427 28.86 54.92 11.61
N LYS E 428 27.79 54.78 12.39
CA LYS E 428 26.93 53.60 12.26
C LYS E 428 26.42 53.42 10.83
N LYS E 429 26.12 54.53 10.12
CA LYS E 429 25.60 54.40 8.77
C LYS E 429 26.52 53.53 7.90
N LEU E 430 27.85 53.73 7.99
CA LEU E 430 28.80 52.93 7.19
C LEU E 430 28.87 51.48 7.70
N ASP E 431 28.78 51.32 9.03
CA ASP E 431 28.72 50.00 9.63
C ASP E 431 27.55 49.22 9.03
N GLU E 432 26.39 49.87 8.88
CA GLU E 432 25.25 49.16 8.28
C GLU E 432 25.51 48.85 6.81
N GLU E 433 26.17 49.76 6.09
CA GLU E 433 26.40 49.55 4.67
C GLU E 433 27.32 48.38 4.43
N VAL E 434 28.35 48.24 5.24
CA VAL E 434 29.17 47.02 5.23
C VAL E 434 28.30 45.79 5.51
N ALA E 435 27.49 45.82 6.59
CA ALA E 435 26.68 44.65 6.90
C ALA E 435 25.78 44.25 5.74
N LEU E 436 25.16 45.22 5.05
CA LEU E 436 24.21 44.88 4.00
C LEU E 436 24.92 44.12 2.87
N GLU E 437 26.13 44.52 2.52
N GLU E 437 26.13 44.54 2.51
CA GLU E 437 26.82 43.77 1.49
CA GLU E 437 26.90 43.81 1.51
C GLU E 437 27.15 42.36 1.97
C GLU E 437 27.18 42.38 1.98
N MET E 438 27.51 42.22 3.26
CA MET E 438 27.74 40.87 3.82
C MET E 438 26.49 40.04 3.67
N VAL E 439 25.32 40.62 4.03
CA VAL E 439 24.08 39.85 3.99
C VAL E 439 23.75 39.42 2.55
N LYS E 440 23.91 40.33 1.58
CA LYS E 440 23.69 40.00 0.18
C LYS E 440 24.64 38.89 -0.29
N GLY E 441 25.89 38.89 0.20
CA GLY E 441 26.79 37.77 -0.08
C GLY E 441 26.26 36.41 0.33
N PHE E 442 25.46 36.33 1.41
CA PHE E 442 24.78 35.07 1.76
C PHE E 442 23.49 34.83 0.97
N GLY E 443 23.08 35.76 0.12
CA GLY E 443 21.78 35.67 -0.50
C GLY E 443 20.66 36.14 0.40
N GLY E 444 20.96 36.75 1.55
CA GLY E 444 19.91 37.25 2.42
C GLY E 444 19.20 38.46 1.83
N VAL E 445 17.93 38.64 2.21
CA VAL E 445 17.09 39.72 1.68
C VAL E 445 16.61 40.56 2.89
N VAL E 446 17.07 41.81 2.94
CA VAL E 446 16.72 42.72 4.02
C VAL E 446 15.39 43.35 3.66
N THR E 447 14.46 43.44 4.60
CA THR E 447 13.17 44.07 4.35
C THR E 447 13.34 45.60 4.43
N GLN E 448 12.59 46.33 3.62
CA GLN E 448 12.61 47.80 3.69
C GLN E 448 11.42 48.29 4.51
N LEU E 449 11.67 49.19 5.44
CA LEU E 449 10.55 49.78 6.22
C LEU E 449 9.60 50.59 5.33
N THR E 450 8.26 50.53 5.62
CA THR E 450 7.36 51.54 5.04
C THR E 450 7.52 52.88 5.73
N PRO E 451 7.14 54.00 5.06
CA PRO E 451 7.14 55.29 5.76
C PRO E 451 6.47 55.27 7.13
N LYS E 452 5.27 54.69 7.24
CA LYS E 452 4.59 54.60 8.53
C LYS E 452 5.42 53.84 9.56
N GLN E 453 6.01 52.72 9.14
CA GLN E 453 6.81 51.94 10.09
C GLN E 453 8.06 52.71 10.51
N ALA E 454 8.72 53.41 9.58
CA ALA E 454 9.90 54.18 9.94
C ALA E 454 9.54 55.28 10.93
N GLU E 455 8.47 56.01 10.63
CA GLU E 455 7.89 56.96 11.56
C GLU E 455 7.58 56.32 12.91
N TYR E 456 6.98 55.12 12.91
CA TYR E 456 6.52 54.51 14.15
C TYR E 456 7.69 54.29 15.10
N ILE E 457 8.85 53.90 14.57
CA ILE E 457 9.98 53.60 15.46
C ILE E 457 11.01 54.72 15.49
N GLY E 458 10.81 55.79 14.72
CA GLY E 458 11.66 56.95 14.76
C GLY E 458 12.99 56.85 14.02
N VAL E 459 13.00 56.24 12.85
CA VAL E 459 14.23 56.15 12.06
C VAL E 459 13.90 56.55 10.63
N SER E 460 14.97 56.84 9.84
CA SER E 460 14.79 56.93 8.39
C SER E 460 14.56 55.55 7.77
N VAL E 461 13.87 55.52 6.63
CA VAL E 461 13.81 54.25 5.92
C VAL E 461 15.21 53.76 5.52
N GLU E 462 16.18 54.65 5.30
CA GLU E 462 17.49 54.11 4.93
C GLU E 462 18.45 53.99 6.10
N GLY E 463 17.99 54.28 7.30
CA GLY E 463 18.80 54.05 8.47
C GLY E 463 19.57 55.31 8.77
N PRO E 464 20.38 55.30 9.84
CA PRO E 464 20.68 54.22 10.78
C PRO E 464 19.45 53.73 11.60
N PHE E 465 19.43 52.43 11.91
CA PHE E 465 18.24 51.82 12.51
C PHE E 465 18.30 51.80 14.02
N LYS E 466 19.45 52.09 14.62
CA LYS E 466 19.66 51.93 16.06
C LYS E 466 20.39 53.17 16.58
N PRO E 467 20.14 53.57 17.82
CA PRO E 467 20.97 54.59 18.44
C PRO E 467 22.40 54.07 18.62
N ASP E 468 23.32 55.02 18.81
CA ASP E 468 24.72 54.63 18.96
C ASP E 468 24.98 53.85 20.22
N THR E 469 24.10 53.92 21.22
CA THR E 469 24.24 53.09 22.42
C THR E 469 23.81 51.62 22.25
N TYR E 470 23.24 51.23 21.12
CA TYR E 470 22.71 49.88 20.97
C TYR E 470 23.83 48.84 20.95
N ARG E 471 23.59 47.70 21.62
CA ARG E 471 24.68 46.73 21.78
C ARG E 471 24.58 45.52 20.87
N TYR E 472 23.47 45.33 20.15
CA TYR E 472 23.30 44.15 19.28
C TYR E 472 23.51 42.82 20.04
N GLY F 12 69.39 -3.20 5.90
CA GLY F 12 69.23 -3.60 4.50
C GLY F 12 67.77 -3.94 4.12
N PHE F 13 66.81 -3.32 4.79
CA PHE F 13 65.40 -3.55 4.47
C PHE F 13 65.04 -2.71 3.26
N THR F 14 64.51 -3.34 2.20
CA THR F 14 64.10 -2.61 0.99
C THR F 14 62.72 -3.00 0.49
N ASP F 15 62.00 -3.82 1.25
CA ASP F 15 60.75 -4.44 0.81
C ASP F 15 59.57 -3.51 1.17
N TYR F 16 59.57 -2.33 0.53
CA TYR F 16 58.56 -1.29 0.78
C TYR F 16 58.65 -0.28 -0.36
N LYS F 17 57.65 0.60 -0.44
CA LYS F 17 57.73 1.73 -1.36
C LYS F 17 56.90 2.85 -0.77
N VAL F 18 57.55 3.98 -0.40
CA VAL F 18 56.86 5.10 0.23
C VAL F 18 57.38 6.39 -0.42
N ALA F 19 56.68 7.51 -0.17
CA ALA F 19 57.07 8.80 -0.75
C ALA F 19 58.45 9.18 -0.28
N ASP F 20 58.69 9.13 1.04
CA ASP F 20 59.91 9.73 1.58
C ASP F 20 60.20 9.12 2.95
N ILE F 21 61.20 8.23 2.98
CA ILE F 21 61.49 7.46 4.17
C ILE F 21 62.00 8.38 5.28
N THR F 22 62.52 9.56 4.93
CA THR F 22 63.06 10.49 5.92
C THR F 22 61.97 11.09 6.77
N LEU F 23 60.72 10.84 6.41
CA LEU F 23 59.63 11.34 7.25
C LEU F 23 59.34 10.39 8.42
N ALA F 24 60.15 9.35 8.57
CA ALA F 24 59.82 8.29 9.53
C ALA F 24 59.80 8.81 10.97
N ALA F 25 60.79 9.63 11.36
CA ALA F 25 60.81 10.11 12.76
C ALA F 25 59.60 10.97 13.11
N TRP F 26 59.22 11.89 12.23
CA TRP F 26 57.96 12.61 12.42
C TRP F 26 56.78 11.62 12.55
N GLY F 27 56.70 10.63 11.64
CA GLY F 27 55.57 9.68 11.76
C GLY F 27 55.60 8.96 13.11
N ARG F 28 56.82 8.61 13.58
CA ARG F 28 56.93 7.95 14.88
C ARG F 28 56.46 8.84 16.03
N ARG F 29 56.84 10.13 16.03
CA ARG F 29 56.31 11.06 17.03
C ARG F 29 54.80 11.03 17.03
N GLU F 30 54.18 11.05 15.86
CA GLU F 30 52.72 11.06 15.84
C GLU F 30 52.13 9.71 16.22
N LEU F 31 52.81 8.57 15.92
CA LEU F 31 52.35 7.27 16.40
C LEU F 31 52.30 7.23 17.92
N ILE F 32 53.30 7.82 18.58
CA ILE F 32 53.41 7.74 20.02
C ILE F 32 52.32 8.56 20.66
N ILE F 33 51.97 9.70 20.05
CA ILE F 33 50.76 10.45 20.51
C ILE F 33 49.48 9.65 20.25
N ALA F 34 49.34 9.08 19.05
CA ALA F 34 48.13 8.33 18.74
C ALA F 34 47.93 7.17 19.72
N GLU F 35 49.01 6.50 20.12
CA GLU F 35 48.86 5.42 21.12
C GLU F 35 48.14 5.91 22.38
N SER F 36 48.45 7.14 22.83
CA SER F 36 47.83 7.65 24.05
C SER F 36 46.36 8.01 23.80
N GLU F 37 45.94 8.11 22.54
CA GLU F 37 44.55 8.41 22.19
C GLU F 37 43.74 7.13 21.86
N MET F 38 44.38 5.94 21.91
CA MET F 38 43.76 4.69 21.46
C MET F 38 43.83 3.64 22.55
N PRO F 39 43.12 3.88 23.66
CA PRO F 39 43.22 2.95 24.80
C PRO F 39 42.63 1.55 24.55
N ALA F 40 41.58 1.39 23.76
CA ALA F 40 41.06 0.03 23.53
C ALA F 40 42.10 -0.80 22.75
N LEU F 41 42.66 -0.19 21.72
CA LEU F 41 43.69 -0.87 20.93
C LEU F 41 44.95 -1.12 21.77
N MET F 42 45.45 -0.09 22.47
N MET F 42 45.45 -0.10 22.49
CA MET F 42 46.59 -0.32 23.39
CA MET F 42 46.63 -0.39 23.35
C MET F 42 46.26 -1.39 24.41
C MET F 42 46.31 -1.32 24.51
N GLY F 43 45.04 -1.35 24.98
CA GLY F 43 44.66 -2.36 25.96
C GLY F 43 44.75 -3.77 25.39
N LEU F 44 44.43 -3.95 24.11
CA LEU F 44 44.55 -5.26 23.49
C LEU F 44 45.99 -5.69 23.39
N ARG F 45 46.88 -4.76 23.00
CA ARG F 45 48.33 -5.02 23.04
C ARG F 45 48.79 -5.54 24.39
N ARG F 46 48.43 -4.84 25.45
CA ARG F 46 48.83 -5.26 26.80
C ARG F 46 48.21 -6.61 27.19
N LYS F 47 46.93 -6.81 26.90
CA LYS F 47 46.29 -8.04 27.35
C LYS F 47 46.88 -9.25 26.64
N TYR F 48 47.16 -9.13 25.36
CA TYR F 48 47.44 -10.29 24.49
C TYR F 48 48.89 -10.45 24.10
N ALA F 49 49.76 -9.49 24.44
CA ALA F 49 51.19 -9.59 24.16
C ALA F 49 51.77 -10.95 24.52
N GLY F 50 51.59 -11.37 25.78
CA GLY F 50 52.18 -12.61 26.23
C GLY F 50 51.67 -13.82 25.47
N GLN F 51 50.36 -13.86 25.20
CA GLN F 51 49.83 -15.05 24.54
C GLN F 51 50.25 -15.17 23.09
N GLN F 52 50.56 -14.05 22.43
CA GLN F 52 50.89 -14.08 21.00
C GLN F 52 49.82 -14.82 20.18
N PRO F 53 48.56 -14.34 20.24
CA PRO F 53 47.47 -15.05 19.55
C PRO F 53 47.56 -14.99 18.03
N LEU F 54 48.36 -14.10 17.46
CA LEU F 54 48.51 -14.05 16.02
C LEU F 54 49.87 -14.59 15.56
N LYS F 55 50.58 -15.31 16.42
CA LYS F 55 51.80 -15.98 15.98
C LYS F 55 51.50 -16.95 14.85
N GLY F 56 52.20 -16.81 13.73
CA GLY F 56 51.89 -17.56 12.55
C GLY F 56 50.94 -16.88 11.57
N ALA F 57 50.25 -15.81 11.98
CA ALA F 57 49.34 -15.14 11.08
C ALA F 57 50.17 -14.34 10.07
N LYS F 58 49.75 -14.38 8.80
CA LYS F 58 50.42 -13.59 7.75
C LYS F 58 49.30 -12.84 7.05
N ILE F 59 49.18 -11.54 7.35
CA ILE F 59 48.00 -10.75 7.04
C ILE F 59 48.28 -9.87 5.84
N LEU F 60 47.50 -10.03 4.78
CA LEU F 60 47.47 -8.98 3.73
C LEU F 60 46.50 -7.89 4.20
N GLY F 61 46.99 -6.63 4.29
CA GLY F 61 46.16 -5.52 4.76
C GLY F 61 45.99 -4.45 3.70
N CYS F 62 44.75 -3.99 3.44
CA CYS F 62 44.52 -2.92 2.45
C CYS F 62 43.57 -1.93 3.10
N ILE F 63 44.14 -0.87 3.67
CA ILE F 63 43.34 0.18 4.32
C ILE F 63 44.17 1.45 4.41
N HIS F 64 43.51 2.58 4.18
CA HIS F 64 44.10 3.93 4.30
C HIS F 64 45.33 4.03 5.17
N MET F 65 46.51 4.34 4.58
CA MET F 65 47.76 4.25 5.36
C MET F 65 48.01 5.52 6.18
N THR F 66 47.20 5.66 7.25
CA THR F 66 47.26 6.78 8.18
C THR F 66 48.02 6.41 9.45
N ILE F 67 48.26 7.44 10.28
CA ILE F 67 48.77 7.25 11.62
C ILE F 67 47.93 6.23 12.39
N GLN F 68 46.62 6.30 12.25
CA GLN F 68 45.76 5.39 13.00
C GLN F 68 45.97 3.98 12.52
N THR F 69 46.05 3.78 11.21
CA THR F 69 46.35 2.47 10.67
C THR F 69 47.70 1.99 11.12
N GLY F 70 48.66 2.89 11.28
CA GLY F 70 49.99 2.50 11.77
C GLY F 70 49.89 1.86 13.15
N VAL F 71 49.08 2.44 14.04
CA VAL F 71 48.89 1.84 15.38
C VAL F 71 48.21 0.48 15.26
N LEU F 72 47.20 0.37 14.40
CA LEU F 72 46.62 -0.95 14.11
C LEU F 72 47.69 -1.97 13.63
N ILE F 73 48.46 -1.61 12.63
CA ILE F 73 49.48 -2.54 12.10
C ILE F 73 50.38 -3.00 13.23
N GLU F 74 50.87 -2.05 14.04
CA GLU F 74 51.85 -2.44 15.04
C GLU F 74 51.23 -3.25 16.18
N THR F 75 49.92 -3.08 16.44
CA THR F 75 49.22 -3.98 17.39
C THR F 75 49.18 -5.40 16.85
N LEU F 76 48.84 -5.56 15.55
CA LEU F 76 48.85 -6.90 14.94
C LEU F 76 50.22 -7.53 15.07
N VAL F 77 51.27 -6.77 14.75
CA VAL F 77 52.63 -7.30 14.80
C VAL F 77 53.00 -7.65 16.24
N ALA F 78 52.64 -6.76 17.20
CA ALA F 78 52.91 -6.99 18.62
C ALA F 78 52.29 -8.29 19.13
N LEU F 79 51.14 -8.69 18.59
CA LEU F 79 50.45 -9.93 18.92
C LEU F 79 50.94 -11.13 18.10
N GLY F 80 52.00 -10.96 17.27
CA GLY F 80 52.65 -12.08 16.62
C GLY F 80 52.57 -12.08 15.10
N ALA F 81 51.73 -11.26 14.49
CA ALA F 81 51.50 -11.33 13.06
C ALA F 81 52.68 -10.80 12.24
N GLU F 82 52.78 -11.31 11.00
CA GLU F 82 53.47 -10.60 9.95
C GLU F 82 52.43 -10.04 8.99
N VAL F 83 52.78 -8.91 8.36
CA VAL F 83 51.87 -8.19 7.48
C VAL F 83 52.62 -7.71 6.25
N ARG F 84 51.85 -7.49 5.19
CA ARG F 84 52.22 -6.72 4.01
C ARG F 84 51.06 -5.79 3.70
N TRP F 85 51.33 -4.49 3.53
CA TRP F 85 50.30 -3.46 3.64
C TRP F 85 50.26 -2.57 2.40
N SER F 86 49.04 -2.14 2.04
CA SER F 86 48.83 -1.07 1.06
C SER F 86 47.66 -0.18 1.51
N SER F 87 47.55 1.00 0.91
CA SER F 87 46.36 1.83 1.14
C SER F 87 45.19 1.37 0.29
N CYS F 88 43.95 1.63 0.76
CA CYS F 88 42.81 1.35 -0.08
C CYS F 88 42.31 2.62 -0.78
N ASN F 89 43.10 3.70 -0.76
CA ASN F 89 42.73 4.87 -1.55
C ASN F 89 43.96 5.62 -2.01
N ILE F 90 43.87 6.22 -3.21
CA ILE F 90 45.03 6.84 -3.84
C ILE F 90 45.44 8.10 -3.11
N PHE F 91 44.54 8.71 -2.33
CA PHE F 91 44.82 10.01 -1.70
C PHE F 91 44.85 9.94 -0.17
N SER F 92 44.64 8.78 0.44
CA SER F 92 44.36 8.77 1.89
C SER F 92 45.60 8.51 2.75
N THR F 93 46.72 8.11 2.15
CA THR F 93 47.93 7.85 2.93
C THR F 93 48.43 9.15 3.57
N GLN F 94 48.92 9.05 4.81
CA GLN F 94 49.78 10.08 5.39
C GLN F 94 51.21 9.59 5.21
N ASP F 95 52.00 10.32 4.44
CA ASP F 95 53.31 9.81 4.06
C ASP F 95 54.20 9.58 5.27
N GLN F 96 54.03 10.39 6.34
CA GLN F 96 54.88 10.19 7.51
C GLN F 96 54.51 8.89 8.22
N ALA F 97 53.22 8.48 8.17
CA ALA F 97 52.83 7.18 8.72
C ALA F 97 53.42 6.04 7.89
N ALA F 98 53.27 6.12 6.58
CA ALA F 98 53.86 5.09 5.71
C ALA F 98 55.35 4.92 5.99
N ALA F 99 56.07 6.05 6.16
CA ALA F 99 57.51 6.01 6.35
C ALA F 99 57.87 5.39 7.68
N ALA F 100 57.19 5.81 8.76
CA ALA F 100 57.42 5.21 10.07
C ALA F 100 57.27 3.69 10.01
N ILE F 101 56.22 3.20 9.31
CA ILE F 101 55.98 1.75 9.24
C ILE F 101 57.09 1.04 8.43
N ALA F 102 57.45 1.60 7.28
CA ALA F 102 58.52 0.98 6.50
C ALA F 102 59.82 0.98 7.29
N ALA F 103 60.09 2.08 8.03
CA ALA F 103 61.34 2.19 8.77
C ALA F 103 61.39 1.22 9.95
N ALA F 104 60.25 0.68 10.34
CA ALA F 104 60.20 -0.36 11.35
C ALA F 104 60.36 -1.76 10.78
N GLY F 105 60.76 -1.89 9.51
CA GLY F 105 60.92 -3.20 8.92
C GLY F 105 59.64 -3.86 8.45
N ILE F 106 58.57 -3.10 8.24
CA ILE F 106 57.29 -3.68 7.85
C ILE F 106 57.01 -3.37 6.39
N PRO F 107 56.70 -4.37 5.54
CA PRO F 107 56.45 -4.07 4.11
C PRO F 107 55.17 -3.24 3.93
N VAL F 108 55.32 -2.06 3.33
CA VAL F 108 54.19 -1.16 3.05
C VAL F 108 54.45 -0.50 1.70
N PHE F 109 53.39 -0.36 0.90
CA PHE F 109 53.48 0.17 -0.46
C PHE F 109 52.34 1.20 -0.51
N ALA F 110 52.67 2.48 -0.26
CA ALA F 110 51.62 3.49 -0.10
C ALA F 110 52.23 4.88 -0.09
N TRP F 111 51.57 5.79 -0.80
CA TRP F 111 51.89 7.20 -0.73
C TRP F 111 50.68 8.01 -1.15
N LYS F 112 50.64 9.26 -0.69
CA LYS F 112 49.54 10.15 -1.04
C LYS F 112 49.66 10.58 -2.49
N GLY F 113 48.59 10.47 -3.26
CA GLY F 113 48.73 10.91 -4.66
C GLY F 113 49.17 9.85 -5.65
N GLU F 114 48.77 8.59 -5.41
CA GLU F 114 49.05 7.52 -6.33
C GLU F 114 48.23 7.69 -7.61
N THR F 115 48.77 7.21 -8.74
CA THR F 115 47.90 6.99 -9.90
C THR F 115 47.13 5.69 -9.70
N GLU F 116 46.14 5.47 -10.56
CA GLU F 116 45.38 4.22 -10.48
C GLU F 116 46.28 3.02 -10.81
N GLU F 117 47.21 3.17 -11.76
CA GLU F 117 48.08 2.04 -12.05
C GLU F 117 48.95 1.75 -10.84
N GLU F 118 49.46 2.81 -10.19
CA GLU F 118 50.27 2.62 -9.00
C GLU F 118 49.48 2.01 -7.86
N TYR F 119 48.22 2.44 -7.70
CA TYR F 119 47.36 1.81 -6.69
C TYR F 119 47.28 0.30 -6.86
N GLU F 120 47.05 -0.16 -8.08
CA GLU F 120 46.96 -1.58 -8.32
C GLU F 120 48.32 -2.25 -8.07
N TRP F 121 49.40 -1.57 -8.45
CA TRP F 121 50.74 -2.12 -8.27
C TRP F 121 51.04 -2.28 -6.78
N CYS F 122 50.61 -1.30 -5.95
CA CYS F 122 50.83 -1.42 -4.50
C CYS F 122 50.12 -2.66 -3.95
N ILE F 123 48.87 -2.91 -4.33
CA ILE F 123 48.20 -4.09 -3.79
C ILE F 123 48.94 -5.35 -4.22
N GLU F 124 49.38 -5.40 -5.48
CA GLU F 124 50.11 -6.55 -5.98
C GLU F 124 51.42 -6.73 -5.21
N GLN F 125 52.06 -5.64 -4.78
CA GLN F 125 53.29 -5.80 -4.01
C GLN F 125 53.03 -6.46 -2.66
N THR F 126 51.82 -6.29 -2.07
CA THR F 126 51.54 -7.05 -0.85
C THR F 126 51.28 -8.52 -1.16
N ILE F 127 50.57 -8.80 -2.25
CA ILE F 127 50.18 -10.15 -2.60
C ILE F 127 51.40 -10.99 -3.01
N LEU F 128 52.35 -10.38 -3.72
CA LEU F 128 53.53 -11.09 -4.22
C LEU F 128 54.75 -10.74 -3.36
N LYS F 129 55.57 -11.74 -3.07
CA LYS F 129 56.84 -11.47 -2.40
C LYS F 129 57.92 -12.15 -3.21
N ASP F 130 58.90 -11.38 -3.64
CA ASP F 130 59.94 -11.87 -4.54
C ASP F 130 59.31 -12.53 -5.76
N GLY F 131 58.24 -11.96 -6.28
CA GLY F 131 57.68 -12.45 -7.53
C GLY F 131 56.80 -13.66 -7.42
N GLN F 132 56.47 -14.13 -6.23
CA GLN F 132 55.63 -15.30 -6.11
C GLN F 132 54.60 -14.99 -5.04
N PRO F 133 53.45 -15.68 -5.04
CA PRO F 133 52.44 -15.43 -3.99
C PRO F 133 53.07 -15.55 -2.60
N TRP F 134 52.87 -14.53 -1.78
CA TRP F 134 53.25 -14.60 -0.38
C TRP F 134 52.49 -15.74 0.29
N ASP F 135 53.04 -16.24 1.41
CA ASP F 135 52.32 -17.31 2.15
C ASP F 135 51.30 -16.69 3.14
N ALA F 136 50.42 -15.93 2.55
CA ALA F 136 49.40 -15.25 3.32
C ALA F 136 48.39 -16.25 3.90
N ASN F 137 47.79 -15.89 5.07
CA ASN F 137 46.72 -16.74 5.58
C ASN F 137 45.61 -15.90 6.23
N MET F 138 45.67 -14.58 6.12
CA MET F 138 44.62 -13.67 6.64
C MET F 138 44.56 -12.44 5.76
N VAL F 139 43.37 -11.85 5.69
CA VAL F 139 43.08 -10.66 4.92
C VAL F 139 42.39 -9.64 5.83
N LEU F 140 42.89 -8.40 5.82
CA LEU F 140 42.22 -7.26 6.42
C LEU F 140 41.99 -6.22 5.33
N ASP F 141 40.72 -5.87 5.07
CA ASP F 141 40.37 -5.09 3.90
C ASP F 141 39.41 -3.95 4.26
N ASP F 142 39.44 -2.89 3.45
CA ASP F 142 38.58 -1.72 3.65
C ASP F 142 38.08 -1.36 2.27
N GLY F 143 36.88 -1.82 1.93
CA GLY F 143 36.24 -1.51 0.67
C GLY F 143 36.16 -2.67 -0.30
N GLY F 144 36.92 -3.77 -0.05
CA GLY F 144 36.81 -4.94 -0.90
C GLY F 144 37.77 -5.06 -2.07
N ASP F 145 38.67 -4.07 -2.31
CA ASP F 145 39.49 -4.14 -3.53
C ASP F 145 40.50 -5.30 -3.44
N LEU F 146 41.22 -5.39 -2.33
CA LEU F 146 42.14 -6.53 -2.15
C LEU F 146 41.37 -7.85 -2.24
N THR F 147 40.19 -7.90 -1.61
CA THR F 147 39.39 -9.13 -1.59
C THR F 147 39.00 -9.54 -3.01
N GLU F 148 38.59 -8.55 -3.83
CA GLU F 148 38.18 -8.82 -5.19
C GLU F 148 39.36 -9.36 -6.02
N ILE F 149 40.54 -8.74 -5.88
CA ILE F 149 41.70 -9.14 -6.68
C ILE F 149 42.09 -10.58 -6.35
N LEU F 150 42.02 -10.92 -5.05
CA LEU F 150 42.38 -12.28 -4.67
C LEU F 150 41.43 -13.27 -5.29
N HIS F 151 40.11 -12.97 -5.28
CA HIS F 151 39.12 -13.92 -5.81
C HIS F 151 39.25 -14.04 -7.33
N LYS F 152 39.49 -12.93 -8.02
CA LYS F 152 39.55 -12.99 -9.48
C LYS F 152 40.88 -13.53 -9.95
N LYS F 153 42.00 -13.11 -9.31
CA LYS F 153 43.31 -13.36 -9.87
C LYS F 153 44.17 -14.34 -9.08
N TYR F 154 43.88 -14.58 -7.79
CA TYR F 154 44.72 -15.44 -6.95
C TYR F 154 43.90 -16.46 -6.15
N PRO F 155 42.98 -17.21 -6.78
CA PRO F 155 42.16 -18.14 -5.98
C PRO F 155 42.99 -19.21 -5.26
N GLN F 156 44.17 -19.60 -5.79
CA GLN F 156 44.94 -20.60 -5.07
C GLN F 156 45.39 -20.07 -3.71
N MET F 157 45.69 -18.75 -3.62
CA MET F 157 46.08 -18.17 -2.34
C MET F 157 44.92 -18.22 -1.34
N LEU F 158 43.68 -18.06 -1.84
CA LEU F 158 42.54 -18.05 -0.93
C LEU F 158 42.29 -19.41 -0.29
N GLU F 159 42.73 -20.50 -0.96
CA GLU F 159 42.65 -21.83 -0.35
C GLU F 159 43.34 -21.84 1.01
N ARG F 160 44.37 -21.03 1.19
CA ARG F 160 45.18 -21.07 2.40
C ARG F 160 44.86 -19.91 3.35
N ILE F 161 43.81 -19.12 3.08
CA ILE F 161 43.49 -17.97 3.92
C ILE F 161 42.28 -18.33 4.80
N HIS F 162 42.41 -18.08 6.08
CA HIS F 162 41.40 -18.41 7.08
C HIS F 162 40.23 -17.44 7.12
N GLY F 163 40.37 -16.26 6.57
CA GLY F 163 39.27 -15.31 6.66
C GLY F 163 39.67 -13.91 6.30
N ILE F 164 38.62 -13.08 6.21
CA ILE F 164 38.69 -11.68 5.79
C ILE F 164 38.05 -10.88 6.93
N THR F 165 38.66 -9.78 7.34
CA THR F 165 38.02 -8.88 8.30
C THR F 165 37.84 -7.55 7.56
N GLU F 166 36.58 -7.21 7.25
CA GLU F 166 36.25 -6.11 6.35
C GLU F 166 35.74 -4.89 7.12
N GLU F 167 36.32 -3.73 6.83
CA GLU F 167 36.16 -2.50 7.61
C GLU F 167 34.83 -1.77 7.32
N THR F 168 34.39 -1.69 6.07
CA THR F 168 33.43 -0.65 5.74
C THR F 168 32.19 -1.17 5.02
N THR F 169 31.11 -0.36 5.12
CA THR F 169 29.82 -0.79 4.61
CA THR F 169 29.80 -0.74 4.59
C THR F 169 29.89 -1.25 3.15
N THR F 170 30.58 -0.49 2.30
CA THR F 170 30.70 -0.92 0.90
C THR F 170 31.39 -2.30 0.79
N GLY F 171 32.49 -2.51 1.49
CA GLY F 171 33.16 -3.82 1.41
C GLY F 171 32.24 -4.94 1.88
N VAL F 172 31.45 -4.69 2.94
CA VAL F 172 30.56 -5.77 3.39
C VAL F 172 29.52 -6.05 2.32
N HIS F 173 29.04 -5.01 1.63
CA HIS F 173 28.04 -5.26 0.60
C HIS F 173 28.59 -6.21 -0.47
N ARG F 174 29.81 -5.93 -0.90
CA ARG F 174 30.42 -6.78 -1.90
C ARG F 174 30.61 -8.20 -1.36
N LEU F 175 30.92 -8.33 -0.05
CA LEU F 175 31.06 -9.67 0.49
C LEU F 175 29.74 -10.42 0.44
N LEU F 176 28.64 -9.75 0.80
CA LEU F 176 27.33 -10.40 0.78
C LEU F 176 26.89 -10.74 -0.62
N ASP F 177 27.27 -9.95 -1.62
CA ASP F 177 26.93 -10.32 -2.99
C ASP F 177 27.60 -11.62 -3.40
N MET F 178 28.89 -11.72 -3.10
CA MET F 178 29.62 -12.95 -3.41
C MET F 178 29.04 -14.12 -2.64
N LEU F 179 28.71 -13.90 -1.35
CA LEU F 179 28.15 -15.01 -0.57
C LEU F 179 26.86 -15.49 -1.20
N LYS F 180 26.00 -14.55 -1.61
CA LYS F 180 24.73 -14.89 -2.24
C LYS F 180 24.94 -15.62 -3.56
N ASN F 181 25.95 -15.22 -4.34
CA ASN F 181 26.28 -15.88 -5.61
C ASN F 181 27.10 -17.15 -5.46
N GLY F 182 27.56 -17.47 -4.25
CA GLY F 182 28.36 -18.67 -4.07
C GLY F 182 29.78 -18.52 -4.54
N THR F 183 30.25 -17.29 -4.68
CA THR F 183 31.60 -17.05 -5.14
C THR F 183 32.53 -16.65 -4.01
N LEU F 184 32.01 -16.50 -2.80
CA LEU F 184 32.87 -16.16 -1.66
C LEU F 184 33.64 -17.42 -1.25
N LYS F 185 34.97 -17.30 -1.15
CA LYS F 185 35.81 -18.48 -0.91
C LYS F 185 36.23 -18.64 0.54
N VAL F 186 36.19 -17.58 1.35
CA VAL F 186 36.60 -17.69 2.76
C VAL F 186 35.63 -16.89 3.60
N PRO F 187 35.48 -17.26 4.88
CA PRO F 187 34.54 -16.53 5.77
C PRO F 187 35.04 -15.12 6.11
N ALA F 188 34.10 -14.25 6.52
CA ALA F 188 34.51 -12.88 6.84
C ALA F 188 33.84 -12.45 8.17
N ILE F 189 34.47 -11.52 8.86
CA ILE F 189 33.85 -10.79 9.98
C ILE F 189 33.54 -9.42 9.39
N ASN F 190 32.27 -9.04 9.47
CA ASN F 190 31.79 -7.71 9.20
C ASN F 190 32.18 -6.84 10.40
N VAL F 191 33.33 -6.14 10.31
CA VAL F 191 33.78 -5.29 11.40
C VAL F 191 32.91 -4.01 11.44
N ASN F 192 32.44 -3.58 10.26
CA ASN F 192 31.65 -2.35 10.16
C ASN F 192 30.48 -2.36 11.14
N ASP F 193 29.80 -3.50 11.29
CA ASP F 193 28.57 -3.48 12.09
C ASP F 193 28.71 -3.80 13.60
N SER F 194 29.93 -3.79 14.17
CA SER F 194 30.05 -3.52 15.60
C SER F 194 29.49 -2.13 15.88
N VAL F 195 28.77 -1.98 17.01
CA VAL F 195 28.24 -0.65 17.32
C VAL F 195 29.39 0.31 17.58
N THR F 196 30.48 -0.21 18.18
CA THR F 196 31.67 0.60 18.38
C THR F 196 32.45 0.84 17.09
N LYS F 197 31.93 0.41 15.96
CA LYS F 197 32.46 0.84 14.67
C LYS F 197 31.40 1.71 13.97
N SER F 198 30.33 1.10 13.46
CA SER F 198 29.31 1.80 12.66
C SER F 198 28.79 3.09 13.34
N LYS F 199 28.46 2.99 14.61
CA LYS F 199 27.81 4.14 15.26
C LYS F 199 28.79 4.99 15.96
N ASN F 200 30.08 4.78 15.70
CA ASN F 200 31.15 5.59 16.24
C ASN F 200 31.94 6.15 15.06
N ASP F 201 32.70 5.30 14.38
CA ASP F 201 33.46 5.68 13.18
C ASP F 201 32.56 6.33 12.11
N ASN F 202 31.57 5.59 11.59
CA ASN F 202 30.83 6.06 10.41
C ASN F 202 30.14 7.39 10.66
N LYS F 203 29.61 7.60 11.88
CA LYS F 203 28.86 8.80 12.20
C LYS F 203 29.77 9.89 12.80
N TYR F 204 30.26 9.66 14.02
CA TYR F 204 31.05 10.71 14.70
C TYR F 204 32.37 11.00 14.00
N GLY F 205 32.96 9.99 13.33
CA GLY F 205 34.20 10.24 12.58
C GLY F 205 33.96 11.27 11.48
N CYS F 206 32.87 11.10 10.76
CA CYS F 206 32.54 12.06 9.68
C CYS F 206 32.11 13.41 10.24
N ARG F 207 31.45 13.44 11.41
CA ARG F 207 31.19 14.73 12.05
C ARG F 207 32.49 15.49 12.27
N HIS F 208 33.50 14.80 12.82
CA HIS F 208 34.80 15.44 13.10
C HIS F 208 35.50 15.86 11.81
N SER F 209 35.48 14.98 10.78
CA SER F 209 36.47 15.13 9.71
C SER F 209 35.93 15.75 8.43
N LEU F 210 34.60 15.79 8.24
CA LEU F 210 34.08 16.41 7.03
C LEU F 210 34.35 17.91 7.04
N ASN F 211 33.92 18.64 8.09
CA ASN F 211 34.18 20.07 8.04
CA ASN F 211 34.19 20.08 8.10
C ASN F 211 35.68 20.34 8.12
N ASP F 212 36.44 19.43 8.75
CA ASP F 212 37.91 19.55 8.80
C ASP F 212 38.48 19.59 7.37
N ALA F 213 38.09 18.60 6.56
CA ALA F 213 38.58 18.53 5.17
C ALA F 213 38.12 19.73 4.36
N ILE F 214 36.86 20.15 4.51
CA ILE F 214 36.44 21.30 3.71
C ILE F 214 37.24 22.58 4.09
N LYS F 215 37.47 22.81 5.40
CA LYS F 215 38.27 23.98 5.81
C LYS F 215 39.67 23.91 5.22
N ARG F 216 40.35 22.74 5.32
CA ARG F 216 41.72 22.65 4.82
C ARG F 216 41.75 22.85 3.33
N GLY F 217 40.74 22.34 2.59
CA GLY F 217 40.79 22.48 1.12
C GLY F 217 40.52 23.87 0.60
N THR F 218 39.54 24.56 1.23
CA THR F 218 38.97 25.81 0.70
C THR F 218 39.09 26.98 1.68
N ASP F 219 39.26 26.71 2.98
CA ASP F 219 39.17 27.76 4.02
C ASP F 219 37.93 28.62 3.88
N HIS F 220 36.85 28.06 3.30
CA HIS F 220 35.57 28.76 3.24
C HIS F 220 34.89 28.82 4.60
N LEU F 221 34.31 29.99 4.90
CA LEU F 221 33.26 30.09 5.92
C LEU F 221 32.10 29.18 5.54
N LEU F 222 31.65 28.37 6.50
CA LEU F 222 30.45 27.54 6.29
C LEU F 222 29.21 28.16 6.92
N SER F 223 29.37 28.88 8.05
CA SER F 223 28.19 29.45 8.73
CA SER F 223 28.19 29.42 8.71
C SER F 223 27.38 30.30 7.75
N GLY F 224 26.06 30.11 7.74
CA GLY F 224 25.17 30.97 6.94
C GLY F 224 24.93 30.49 5.52
N LYS F 225 25.67 29.46 5.09
CA LYS F 225 25.61 28.96 3.72
C LYS F 225 24.73 27.71 3.63
N GLN F 226 24.35 27.34 2.38
CA GLN F 226 23.37 26.30 2.12
CA GLN F 226 23.37 26.30 2.12
C GLN F 226 24.10 25.02 1.74
N ALA F 227 23.85 23.93 2.46
CA ALA F 227 24.42 22.64 2.08
C ALA F 227 23.32 21.69 1.67
N LEU F 228 23.64 20.75 0.77
CA LEU F 228 22.81 19.59 0.47
C LEU F 228 23.61 18.32 0.73
N VAL F 229 23.13 17.49 1.63
CA VAL F 229 23.77 16.23 1.92
C VAL F 229 22.95 15.13 1.28
N ILE F 230 23.56 14.33 0.41
CA ILE F 230 22.81 13.24 -0.24
C ILE F 230 23.02 12.01 0.63
N GLY F 231 21.93 11.55 1.25
CA GLY F 231 22.11 10.40 2.12
C GLY F 231 22.01 10.76 3.59
N TYR F 232 21.39 9.85 4.36
CA TYR F 232 21.25 10.05 5.80
C TYR F 232 21.28 8.70 6.52
N GLY F 233 22.24 7.81 6.10
CA GLY F 233 22.64 6.68 6.90
C GLY F 233 23.64 7.16 7.95
N ASP F 234 24.54 6.27 8.39
CA ASP F 234 25.44 6.70 9.46
C ASP F 234 26.37 7.83 8.99
N VAL F 235 26.94 7.69 7.79
CA VAL F 235 27.82 8.73 7.27
C VAL F 235 27.07 10.04 6.99
N GLY F 236 25.87 9.93 6.40
CA GLY F 236 25.07 11.15 6.16
C GLY F 236 24.57 11.81 7.43
N LYS F 237 24.26 11.02 8.46
CA LYS F 237 23.96 11.61 9.77
C LYS F 237 25.16 12.39 10.31
N GLY F 238 26.36 11.77 10.30
CA GLY F 238 27.52 12.48 10.84
C GLY F 238 27.94 13.69 10.01
N SER F 239 27.83 13.56 8.69
CA SER F 239 28.17 14.64 7.75
C SER F 239 27.22 15.83 7.93
N SER F 240 25.92 15.54 8.01
CA SER F 240 24.93 16.63 8.20
C SER F 240 25.24 17.38 9.48
N GLN F 241 25.62 16.65 10.54
CA GLN F 241 25.92 17.29 11.83
C GLN F 241 27.22 18.10 11.73
N SER F 242 28.20 17.57 10.99
CA SER F 242 29.48 18.29 10.81
C SER F 242 29.22 19.69 10.26
N LEU F 243 28.27 19.79 9.33
CA LEU F 243 27.99 21.08 8.70
C LEU F 243 27.01 21.91 9.54
N ARG F 244 25.97 21.28 10.09
N ARG F 244 25.96 21.29 10.09
CA ARG F 244 24.97 22.06 10.83
CA ARG F 244 24.99 22.08 10.84
C ARG F 244 25.61 22.67 12.08
C ARG F 244 25.63 22.70 12.06
N GLN F 245 26.56 21.98 12.69
CA GLN F 245 27.17 22.53 13.91
C GLN F 245 28.08 23.71 13.60
N GLU F 246 28.48 23.85 12.34
CA GLU F 246 29.21 25.02 11.89
C GLU F 246 28.28 26.15 11.51
N GLY F 247 26.96 25.97 11.57
CA GLY F 247 26.03 27.01 11.19
C GLY F 247 25.52 26.93 9.76
N MET F 248 25.78 25.83 9.03
CA MET F 248 25.19 25.76 7.70
C MET F 248 23.71 25.51 7.80
N ILE F 249 23.00 25.97 6.78
CA ILE F 249 21.61 25.59 6.58
C ILE F 249 21.63 24.32 5.72
N VAL F 250 21.28 23.17 6.32
CA VAL F 250 21.53 21.86 5.69
C VAL F 250 20.21 21.27 5.25
N LYS F 251 20.13 20.84 4.00
CA LYS F 251 19.02 20.02 3.52
C LYS F 251 19.53 18.63 3.21
N VAL F 252 18.64 17.64 3.32
CA VAL F 252 19.01 16.22 3.25
C VAL F 252 18.17 15.52 2.21
N ALA F 253 18.80 14.68 1.36
CA ALA F 253 18.08 13.85 0.42
C ALA F 253 18.19 12.37 0.85
N GLU F 254 17.13 11.60 0.61
CA GLU F 254 17.17 10.18 0.97
C GLU F 254 16.19 9.43 0.11
N VAL F 255 16.53 8.15 -0.15
CA VAL F 255 15.58 7.22 -0.76
C VAL F 255 14.90 6.37 0.30
N ASP F 256 15.42 6.34 1.52
CA ASP F 256 14.89 5.45 2.55
C ASP F 256 13.99 6.30 3.43
N PRO F 257 12.67 6.04 3.50
CA PRO F 257 11.80 6.95 4.25
C PRO F 257 12.04 6.92 5.75
N ILE F 258 12.61 5.85 6.29
CA ILE F 258 12.87 5.82 7.73
C ILE F 258 14.04 6.74 8.05
N CYS F 259 15.11 6.70 7.22
CA CYS F 259 16.20 7.65 7.39
C CYS F 259 15.74 9.08 7.18
N ALA F 260 14.85 9.29 6.19
CA ALA F 260 14.31 10.61 5.96
C ALA F 260 13.52 11.10 7.17
N MET F 261 12.72 10.21 7.78
N MET F 261 12.73 10.21 7.79
CA MET F 261 11.98 10.57 9.00
CA MET F 261 11.98 10.61 8.98
C MET F 261 12.92 11.05 10.07
C MET F 261 12.94 11.08 10.08
N GLN F 262 14.05 10.36 10.24
CA GLN F 262 15.05 10.79 11.22
C GLN F 262 15.58 12.16 10.90
N ALA F 263 15.92 12.41 9.63
CA ALA F 263 16.42 13.75 9.29
C ALA F 263 15.41 14.87 9.63
N CYS F 264 14.13 14.65 9.32
CA CYS F 264 13.09 15.65 9.69
C CYS F 264 13.06 15.88 11.20
N MET F 265 13.02 14.79 11.97
CA MET F 265 13.01 14.89 13.43
C MET F 265 14.29 15.50 13.99
N ASP F 266 15.44 15.32 13.30
CA ASP F 266 16.69 15.95 13.71
C ASP F 266 16.77 17.41 13.30
N GLY F 267 15.74 17.94 12.65
CA GLY F 267 15.71 19.36 12.39
C GLY F 267 16.19 19.79 11.03
N PHE F 268 16.16 18.89 10.05
CA PHE F 268 16.56 19.16 8.67
C PHE F 268 15.32 19.12 7.77
N GLU F 269 15.39 19.92 6.72
CA GLU F 269 14.41 19.85 5.64
C GLU F 269 14.80 18.77 4.63
N VAL F 270 13.87 17.87 4.31
CA VAL F 270 14.20 16.76 3.40
C VAL F 270 13.72 17.12 1.98
N VAL F 271 14.66 17.14 1.01
CA VAL F 271 14.37 17.58 -0.34
C VAL F 271 14.93 16.54 -1.31
N SER F 272 14.42 16.56 -2.54
CA SER F 272 15.07 15.76 -3.60
C SER F 272 15.64 16.67 -4.67
N PRO F 273 16.81 16.32 -5.24
CA PRO F 273 17.31 17.06 -6.43
C PRO F 273 16.36 17.04 -7.61
N TYR F 274 15.42 16.10 -7.62
CA TYR F 274 14.50 15.91 -8.74
C TYR F 274 13.09 16.30 -8.33
N LYS F 275 12.33 16.79 -9.31
CA LYS F 275 10.95 17.15 -9.05
C LYS F 275 10.13 15.91 -8.64
N ASN F 276 9.49 16.02 -7.47
CA ASN F 276 8.73 14.93 -6.89
C ASN F 276 9.57 13.68 -6.68
N GLY F 277 10.88 13.85 -6.61
CA GLY F 277 11.75 12.71 -6.36
C GLY F 277 11.96 11.78 -7.55
N ILE F 278 11.47 12.14 -8.72
CA ILE F 278 11.51 11.25 -9.90
C ILE F 278 12.72 11.59 -10.80
N ASN F 279 13.73 10.73 -10.79
CA ASN F 279 14.98 10.88 -11.53
C ASN F 279 14.84 10.11 -12.87
N ASP F 280 14.27 10.77 -13.88
CA ASP F 280 14.11 10.12 -15.18
C ASP F 280 15.24 10.44 -16.19
N GLY F 281 16.35 11.04 -15.74
CA GLY F 281 17.47 11.39 -16.57
C GLY F 281 17.31 12.59 -17.50
N THR F 282 16.15 13.26 -17.49
CA THR F 282 15.95 14.49 -18.27
C THR F 282 16.43 15.71 -17.49
N GLU F 283 16.91 16.71 -18.21
CA GLU F 283 17.24 17.95 -17.53
C GLU F 283 15.99 18.61 -16.93
N ALA F 284 14.83 18.39 -17.54
CA ALA F 284 13.60 18.96 -16.97
C ALA F 284 13.30 18.41 -15.58
N SER F 285 13.79 17.19 -15.25
CA SER F 285 13.51 16.64 -13.92
C SER F 285 14.26 17.34 -12.77
N ILE F 286 15.30 18.11 -13.07
CA ILE F 286 16.11 18.72 -12.00
C ILE F 286 15.35 19.88 -11.38
N ASP F 287 15.30 19.93 -10.05
CA ASP F 287 14.80 21.12 -9.37
C ASP F 287 15.90 22.19 -9.40
N ALA F 288 15.86 23.02 -10.43
CA ALA F 288 16.94 23.97 -10.69
C ALA F 288 16.90 25.14 -9.71
N ALA F 289 15.70 25.49 -9.23
CA ALA F 289 15.59 26.50 -8.17
C ALA F 289 16.33 26.05 -6.91
N LEU F 290 16.09 24.81 -6.48
CA LEU F 290 16.78 24.29 -5.30
C LEU F 290 18.30 24.23 -5.53
N LEU F 291 18.73 23.60 -6.64
CA LEU F 291 20.18 23.39 -6.85
C LEU F 291 20.93 24.72 -7.07
N GLY F 292 20.26 25.72 -7.65
CA GLY F 292 20.87 27.02 -7.84
C GLY F 292 21.12 27.80 -6.54
N LYS F 293 20.61 27.32 -5.40
CA LYS F 293 20.92 27.99 -4.14
C LYS F 293 21.83 27.17 -3.22
N ILE F 294 22.39 26.05 -3.70
CA ILE F 294 23.21 25.18 -2.87
C ILE F 294 24.69 25.62 -3.01
N ASP F 295 25.36 25.93 -1.89
CA ASP F 295 26.78 26.29 -1.89
C ASP F 295 27.71 25.10 -1.71
N LEU F 296 27.18 23.98 -1.23
CA LEU F 296 28.01 22.82 -0.94
C LEU F 296 27.15 21.57 -1.02
N ILE F 297 27.60 20.59 -1.80
CA ILE F 297 26.93 19.29 -1.85
CA ILE F 297 26.94 19.28 -1.89
C ILE F 297 27.93 18.22 -1.43
N VAL F 298 27.45 17.29 -0.58
CA VAL F 298 28.25 16.18 -0.05
C VAL F 298 27.49 14.89 -0.33
N THR F 299 28.15 13.90 -0.98
CA THR F 299 27.52 12.60 -1.19
C THR F 299 27.98 11.59 -0.12
N THR F 300 27.01 10.78 0.42
CA THR F 300 27.31 9.90 1.54
C THR F 300 26.71 8.50 1.39
N THR F 301 26.40 8.08 0.16
CA THR F 301 25.42 6.99 -0.01
C THR F 301 26.04 5.60 -0.16
N GLY F 302 27.27 5.49 -0.70
CA GLY F 302 27.70 4.16 -1.14
C GLY F 302 27.05 3.74 -2.45
N ASN F 303 26.27 4.64 -3.10
CA ASN F 303 25.53 4.27 -4.29
C ASN F 303 26.23 4.92 -5.50
N VAL F 304 25.65 4.80 -6.69
CA VAL F 304 26.29 5.31 -7.91
C VAL F 304 25.55 6.53 -8.47
N ASN F 305 26.31 7.53 -8.87
CA ASN F 305 25.77 8.66 -9.62
C ASN F 305 24.61 9.36 -8.88
N VAL F 306 24.82 9.66 -7.61
CA VAL F 306 23.80 10.40 -6.84
C VAL F 306 24.04 11.91 -6.88
N CYS F 307 25.15 12.35 -7.44
CA CYS F 307 25.34 13.74 -7.81
C CYS F 307 25.67 13.70 -9.31
N ASP F 308 24.62 13.71 -10.15
CA ASP F 308 24.77 13.36 -11.56
C ASP F 308 25.07 14.59 -12.40
N ALA F 309 25.15 14.38 -13.71
CA ALA F 309 25.63 15.43 -14.60
C ALA F 309 24.65 16.61 -14.67
N ASN F 310 23.35 16.33 -14.74
CA ASN F 310 22.36 17.40 -14.76
C ASN F 310 22.35 18.15 -13.44
N MET F 311 22.68 17.47 -12.34
CA MET F 311 22.75 18.20 -11.07
C MET F 311 23.95 19.13 -11.07
N LEU F 312 25.09 18.64 -11.57
CA LEU F 312 26.30 19.46 -11.61
C LEU F 312 26.10 20.66 -12.52
N LYS F 313 25.28 20.51 -13.57
CA LYS F 313 25.00 21.63 -14.45
C LYS F 313 24.15 22.69 -13.75
N ALA F 314 23.26 22.27 -12.88
CA ALA F 314 22.32 23.17 -12.23
C ALA F 314 22.87 23.81 -10.96
N LEU F 315 23.98 23.33 -10.40
CA LEU F 315 24.48 23.84 -9.14
C LEU F 315 24.82 25.32 -9.23
N LYS F 316 24.54 26.04 -8.11
CA LYS F 316 24.97 27.42 -7.94
C LYS F 316 26.43 27.60 -8.33
N LYS F 317 26.73 28.72 -8.97
CA LYS F 317 28.11 29.07 -9.33
C LYS F 317 29.00 29.09 -8.09
N ARG F 318 30.19 28.49 -8.23
CA ARG F 318 31.23 28.42 -7.18
C ARG F 318 30.85 27.50 -6.02
N ALA F 319 29.87 26.64 -6.20
CA ALA F 319 29.56 25.64 -5.20
C ALA F 319 30.72 24.67 -5.02
N VAL F 320 30.86 24.13 -3.81
CA VAL F 320 31.83 23.07 -3.50
C VAL F 320 31.12 21.72 -3.59
N VAL F 321 31.80 20.76 -4.24
CA VAL F 321 31.29 19.42 -4.50
C VAL F 321 32.28 18.44 -3.90
N CYS F 322 31.80 17.51 -3.06
CA CYS F 322 32.67 16.47 -2.51
C CYS F 322 31.87 15.23 -2.17
N ASN F 323 32.62 14.15 -1.95
CA ASN F 323 32.09 12.85 -1.65
C ASN F 323 32.83 12.28 -0.43
N ILE F 324 32.08 11.73 0.52
CA ILE F 324 32.67 11.07 1.67
C ILE F 324 32.24 9.61 1.76
N GLY F 325 31.51 9.13 0.74
CA GLY F 325 31.34 7.69 0.55
C GLY F 325 32.66 7.04 0.07
N HIS F 326 32.67 5.71 0.04
CA HIS F 326 33.94 5.01 -0.19
C HIS F 326 34.53 5.25 -1.60
N PHE F 327 33.70 5.34 -2.64
CA PHE F 327 34.16 5.34 -4.02
C PHE F 327 33.72 6.62 -4.71
N ASP F 328 34.53 7.07 -5.70
CA ASP F 328 34.30 8.36 -6.33
C ASP F 328 33.18 8.35 -7.38
N ASN F 329 32.58 7.21 -7.72
CA ASN F 329 31.47 7.25 -8.69
C ASN F 329 30.14 7.73 -8.11
N GLU F 330 30.08 8.16 -6.82
CA GLU F 330 28.87 8.83 -6.32
C GLU F 330 28.63 10.12 -7.12
N ILE F 331 29.71 10.74 -7.59
CA ILE F 331 29.69 11.98 -8.36
C ILE F 331 30.09 11.59 -9.76
N ASP F 332 29.40 12.16 -10.75
CA ASP F 332 29.73 11.90 -12.16
C ASP F 332 30.90 12.80 -12.56
N THR F 333 32.05 12.53 -11.96
CA THR F 333 33.27 13.26 -12.33
C THR F 333 33.73 12.91 -13.74
N ALA F 334 33.35 11.73 -14.27
CA ALA F 334 33.68 11.44 -15.66
C ALA F 334 33.06 12.47 -16.60
N PHE F 335 31.78 12.83 -16.37
CA PHE F 335 31.16 13.86 -17.19
C PHE F 335 31.96 15.15 -17.14
N MET F 336 32.39 15.54 -15.94
CA MET F 336 33.15 16.78 -15.77
C MET F 336 34.49 16.73 -16.49
N ARG F 337 35.17 15.57 -16.47
CA ARG F 337 36.41 15.46 -17.23
C ARG F 337 36.17 15.53 -18.73
N LYS F 338 35.05 14.95 -19.18
CA LYS F 338 34.78 14.95 -20.63
C LYS F 338 34.43 16.34 -21.14
N ASN F 339 33.80 17.17 -20.30
CA ASN F 339 33.12 18.34 -20.82
C ASN F 339 33.69 19.67 -20.35
N TRP F 340 34.35 19.73 -19.20
CA TRP F 340 34.73 20.98 -18.56
C TRP F 340 36.24 21.06 -18.31
N ALA F 341 36.76 22.28 -18.10
CA ALA F 341 38.19 22.49 -17.93
C ALA F 341 38.56 22.47 -16.46
N TRP F 342 39.57 21.69 -16.10
CA TRP F 342 39.98 21.59 -14.69
C TRP F 342 41.19 22.47 -14.42
N GLU F 343 41.13 23.27 -13.37
CA GLU F 343 42.24 24.14 -12.94
C GLU F 343 42.65 23.70 -11.54
N GLU F 344 43.88 23.23 -11.37
CA GLU F 344 44.32 22.84 -10.02
C GLU F 344 44.57 24.10 -9.19
N VAL F 345 43.84 24.25 -8.07
CA VAL F 345 44.17 25.28 -7.09
C VAL F 345 45.44 24.90 -6.34
N LYS F 346 45.42 23.70 -5.77
CA LYS F 346 46.50 23.07 -5.03
C LYS F 346 46.16 21.59 -5.01
N PRO F 347 47.03 20.72 -4.47
CA PRO F 347 46.71 19.28 -4.56
C PRO F 347 45.36 18.93 -3.93
N GLN F 348 44.59 18.07 -4.63
CA GLN F 348 43.27 17.64 -4.21
C GLN F 348 42.26 18.78 -4.11
N VAL F 349 42.52 19.91 -4.79
CA VAL F 349 41.54 20.99 -4.93
C VAL F 349 41.54 21.48 -6.38
N HIS F 350 40.43 21.30 -7.10
CA HIS F 350 40.34 21.73 -8.49
C HIS F 350 39.15 22.64 -8.69
N LYS F 351 39.31 23.68 -9.49
CA LYS F 351 38.17 24.45 -9.99
C LYS F 351 37.78 23.84 -11.34
N ILE F 352 36.49 23.56 -11.52
CA ILE F 352 36.00 22.95 -12.76
C ILE F 352 35.19 24.04 -13.46
N HIS F 353 35.66 24.50 -14.60
CA HIS F 353 35.09 25.65 -15.27
C HIS F 353 33.97 25.19 -16.22
N ARG F 354 32.75 25.63 -15.97
CA ARG F 354 31.66 25.07 -16.77
C ARG F 354 31.53 25.74 -18.15
N THR F 355 32.47 26.59 -18.49
CA THR F 355 32.45 27.30 -19.77
C THR F 355 33.00 26.47 -20.93
N GLY F 356 33.38 25.20 -20.72
CA GLY F 356 33.90 24.40 -21.81
C GLY F 356 35.18 23.69 -21.40
N LYS F 357 35.73 22.91 -22.36
CA LYS F 357 36.83 22.02 -22.03
C LYS F 357 38.18 22.52 -22.51
N ASP F 358 38.21 23.39 -23.52
CA ASP F 358 39.45 23.89 -24.11
C ASP F 358 39.94 25.10 -23.33
N GLY F 359 40.68 24.84 -22.26
CA GLY F 359 41.22 25.93 -21.45
C GLY F 359 40.10 26.71 -20.78
N PHE F 360 40.52 27.75 -20.03
CA PHE F 360 39.62 28.55 -19.21
C PHE F 360 40.23 29.92 -19.02
N ASP F 361 39.37 30.88 -18.74
CA ASP F 361 39.78 32.21 -18.31
C ASP F 361 40.03 32.23 -16.80
N ALA F 362 41.18 32.77 -16.40
CA ALA F 362 41.59 32.71 -15.00
C ALA F 362 40.63 33.48 -14.09
N HIS F 363 39.77 34.31 -14.66
CA HIS F 363 38.84 35.07 -13.85
C HIS F 363 37.40 34.68 -14.12
N ASN F 364 37.19 33.54 -14.78
CA ASN F 364 35.83 32.99 -14.93
C ASN F 364 35.19 32.82 -13.56
N ASP F 365 33.95 33.24 -13.45
CA ASP F 365 33.22 33.03 -12.21
C ASP F 365 32.33 31.78 -12.24
N ASP F 366 32.18 31.13 -13.39
CA ASP F 366 31.26 30.02 -13.54
C ASP F 366 32.07 28.74 -13.40
N TYR F 367 32.38 28.39 -12.15
CA TYR F 367 33.14 27.17 -11.85
C TYR F 367 32.58 26.51 -10.60
N LEU F 368 32.94 25.24 -10.42
CA LEU F 368 32.65 24.50 -9.22
C LEU F 368 33.98 24.21 -8.58
N ILE F 369 34.02 24.06 -7.25
CA ILE F 369 35.22 23.52 -6.62
C ILE F 369 35.02 22.04 -6.23
N LEU F 370 35.86 21.17 -6.77
CA LEU F 370 35.80 19.74 -6.49
C LEU F 370 36.94 19.35 -5.54
N LEU F 371 36.62 18.67 -4.44
CA LEU F 371 37.67 18.26 -3.52
C LEU F 371 38.11 16.81 -3.78
N ALA F 372 39.42 16.57 -3.73
CA ALA F 372 39.99 15.21 -3.77
C ALA F 372 39.54 14.45 -5.02
N GLU F 373 39.24 15.21 -6.08
CA GLU F 373 38.79 14.64 -7.36
C GLU F 373 37.64 13.66 -7.14
N GLY F 374 36.82 13.93 -6.11
CA GLY F 374 35.68 13.10 -5.83
C GLY F 374 35.93 11.88 -4.96
N ARG F 375 37.19 11.58 -4.61
CA ARG F 375 37.52 10.51 -3.68
C ARG F 375 37.16 10.95 -2.24
N LEU F 376 37.12 9.97 -1.31
CA LEU F 376 36.80 10.20 0.10
C LEU F 376 37.41 11.51 0.58
N VAL F 377 36.56 12.50 0.91
CA VAL F 377 37.11 13.85 1.08
C VAL F 377 37.79 14.01 2.45
N ASN F 378 37.30 13.30 3.50
CA ASN F 378 37.90 13.48 4.84
C ASN F 378 39.35 12.98 4.85
N LEU F 379 39.61 11.89 4.15
CA LEU F 379 40.98 11.36 4.04
C LEU F 379 41.81 12.06 2.97
N GLY F 380 41.14 12.55 1.92
CA GLY F 380 41.89 13.12 0.82
C GLY F 380 42.34 14.56 1.07
N ASN F 381 41.52 15.34 1.79
CA ASN F 381 41.83 16.74 2.08
C ASN F 381 42.17 17.00 3.55
N ALA F 382 42.07 15.98 4.43
CA ALA F 382 42.53 16.20 5.80
C ALA F 382 43.18 14.88 6.25
N THR F 383 42.87 14.36 7.46
CA THR F 383 43.53 13.12 7.91
C THR F 383 42.50 12.04 8.28
N GLY F 384 41.30 12.09 7.73
CA GLY F 384 40.29 11.13 8.10
C GLY F 384 39.87 11.25 9.57
N HIS F 385 39.39 10.15 10.12
CA HIS F 385 38.88 10.22 11.49
C HIS F 385 40.04 10.36 12.47
N PRO F 386 39.78 10.92 13.65
CA PRO F 386 40.82 11.03 14.68
C PRO F 386 41.05 9.70 15.42
N SER F 387 42.24 9.60 15.96
CA SER F 387 42.69 8.38 16.66
C SER F 387 41.70 7.84 17.68
N ARG F 388 41.13 8.73 18.52
CA ARG F 388 40.29 8.23 19.60
C ARG F 388 38.99 7.62 19.07
N ILE F 389 38.55 8.01 17.88
CA ILE F 389 37.44 7.34 17.20
C ILE F 389 37.92 6.03 16.50
N MET F 390 39.02 6.08 15.76
CA MET F 390 39.52 4.87 15.08
C MET F 390 39.95 3.78 16.06
N ASP F 391 40.23 4.16 17.32
CA ASP F 391 40.47 3.18 18.38
C ASP F 391 39.37 2.11 18.42
N GLY F 392 38.10 2.51 18.34
CA GLY F 392 37.02 1.55 18.38
C GLY F 392 37.02 0.62 17.16
N SER F 393 37.06 1.20 15.96
CA SER F 393 37.11 0.40 14.75
C SER F 393 38.26 -0.59 14.80
N PHE F 394 39.44 -0.14 15.23
CA PHE F 394 40.61 -0.98 15.03
C PHE F 394 40.79 -1.99 16.14
N ALA F 395 40.23 -1.71 17.34
CA ALA F 395 40.15 -2.76 18.34
C ALA F 395 39.24 -3.90 17.85
N ASN F 396 38.13 -3.57 17.19
CA ASN F 396 37.31 -4.62 16.58
C ASN F 396 38.11 -5.38 15.52
N GLN F 397 38.89 -4.67 14.68
CA GLN F 397 39.68 -5.36 13.65
C GLN F 397 40.61 -6.39 14.29
N VAL F 398 41.32 -6.01 15.38
CA VAL F 398 42.23 -6.95 16.06
C VAL F 398 41.47 -8.17 16.58
N LEU F 399 40.34 -7.92 17.28
CA LEU F 399 39.57 -9.08 17.78
C LEU F 399 39.08 -9.98 16.63
N ALA F 400 38.62 -9.38 15.55
CA ALA F 400 38.16 -10.12 14.38
C ALA F 400 39.30 -10.95 13.80
N GLN F 401 40.50 -10.39 13.73
CA GLN F 401 41.63 -11.14 13.21
C GLN F 401 41.96 -12.31 14.12
N ILE F 402 42.01 -12.07 15.43
CA ILE F 402 42.24 -13.17 16.38
C ILE F 402 41.18 -14.26 16.18
N HIS F 403 39.90 -13.89 16.13
CA HIS F 403 38.82 -14.88 16.04
C HIS F 403 38.95 -15.76 14.78
N LEU F 404 39.10 -15.14 13.60
CA LEU F 404 39.17 -15.92 12.37
C LEU F 404 40.46 -16.72 12.27
N PHE F 405 41.57 -16.12 12.71
CA PHE F 405 42.83 -16.85 12.68
C PHE F 405 42.77 -18.12 13.56
N GLU F 406 42.16 -18.01 14.75
CA GLU F 406 42.10 -19.13 15.67
C GLU F 406 41.15 -20.21 15.16
N GLN F 407 40.18 -19.85 14.32
CA GLN F 407 39.21 -20.81 13.78
C GLN F 407 39.81 -21.67 12.65
N LYS F 408 40.87 -21.18 11.98
CA LYS F 408 41.65 -21.97 11.00
C LYS F 408 40.75 -22.60 9.92
N TYR F 409 39.84 -21.79 9.36
CA TYR F 409 38.94 -22.29 8.31
C TYR F 409 39.69 -23.03 7.21
N ALA F 410 40.86 -22.52 6.81
CA ALA F 410 41.50 -23.10 5.63
C ALA F 410 41.95 -24.55 5.89
N ASP F 411 42.09 -24.95 7.16
CA ASP F 411 42.50 -26.31 7.48
C ASP F 411 41.32 -27.24 7.71
N LEU F 412 40.10 -26.74 7.62
CA LEU F 412 38.95 -27.62 7.89
C LEU F 412 38.62 -28.51 6.69
N PRO F 413 37.97 -29.64 6.91
CA PRO F 413 37.44 -30.42 5.78
C PRO F 413 36.36 -29.65 5.02
N ALA F 414 36.18 -30.03 3.75
CA ALA F 414 35.19 -29.37 2.90
C ALA F 414 33.83 -29.30 3.59
N ALA F 415 33.39 -30.40 4.24
CA ALA F 415 32.04 -30.37 4.83
C ALA F 415 31.95 -29.37 5.98
N GLU F 416 33.05 -29.18 6.74
CA GLU F 416 33.03 -28.20 7.83
C GLU F 416 33.19 -26.78 7.31
N LYS F 417 34.00 -26.60 6.25
CA LYS F 417 34.05 -25.28 5.63
C LYS F 417 32.66 -24.83 5.22
N ALA F 418 31.88 -25.71 4.59
CA ALA F 418 30.52 -25.36 4.17
C ALA F 418 29.70 -24.82 5.32
N LYS F 419 29.85 -25.42 6.51
CA LYS F 419 29.08 -24.94 7.68
C LYS F 419 29.58 -23.62 8.21
N ARG F 420 30.80 -23.21 7.89
CA ARG F 420 31.38 -22.00 8.50
C ARG F 420 31.50 -20.85 7.51
N LEU F 421 31.09 -21.02 6.26
CA LEU F 421 31.32 -20.03 5.22
C LEU F 421 30.23 -18.99 5.35
N SER F 422 30.51 -17.87 6.04
CA SER F 422 29.49 -16.89 6.38
C SER F 422 30.15 -15.51 6.51
N VAL F 423 29.31 -14.47 6.58
CA VAL F 423 29.73 -13.14 6.92
C VAL F 423 29.08 -12.84 8.26
N GLU F 424 29.87 -12.68 9.32
CA GLU F 424 29.35 -12.55 10.68
C GLU F 424 29.90 -11.32 11.36
N VAL F 425 29.24 -10.90 12.46
CA VAL F 425 29.75 -9.81 13.31
C VAL F 425 30.33 -10.44 14.57
N LEU F 426 31.11 -9.63 15.29
CA LEU F 426 31.59 -10.08 16.58
C LEU F 426 30.47 -10.16 17.63
N PRO F 427 30.64 -10.99 18.65
CA PRO F 427 29.61 -11.06 19.71
C PRO F 427 29.49 -9.75 20.46
N LYS F 428 28.27 -9.49 20.96
CA LYS F 428 27.99 -8.21 21.64
C LYS F 428 28.92 -8.01 22.83
N LYS F 429 29.21 -9.09 23.57
CA LYS F 429 30.08 -8.96 24.72
C LYS F 429 31.42 -8.28 24.34
N LEU F 430 32.00 -8.61 23.19
CA LEU F 430 33.26 -7.93 22.86
C LEU F 430 33.04 -6.48 22.45
N ASP F 431 31.96 -6.21 21.71
CA ASP F 431 31.57 -4.83 21.37
C ASP F 431 31.50 -3.98 22.66
N GLU F 432 30.87 -4.52 23.71
CA GLU F 432 30.78 -3.81 24.98
C GLU F 432 32.17 -3.60 25.63
N GLU F 433 33.03 -4.63 25.60
CA GLU F 433 34.36 -4.49 26.20
C GLU F 433 35.16 -3.42 25.50
N VAL F 434 35.05 -3.33 24.17
CA VAL F 434 35.72 -2.22 23.46
C VAL F 434 35.15 -0.88 23.94
N ALA F 435 33.81 -0.77 23.96
CA ALA F 435 33.16 0.48 24.37
C ALA F 435 33.59 0.89 25.79
N LEU F 436 33.74 -0.07 26.70
CA LEU F 436 34.13 0.27 28.07
C LEU F 436 35.52 0.90 28.08
N GLU F 437 36.47 0.36 27.29
CA GLU F 437 37.78 0.98 27.27
C GLU F 437 37.69 2.36 26.64
N MET F 438 36.83 2.54 25.64
CA MET F 438 36.66 3.89 25.07
C MET F 438 36.12 4.87 26.14
N VAL F 439 35.10 4.45 26.88
CA VAL F 439 34.54 5.33 27.91
C VAL F 439 35.60 5.70 28.95
N LYS F 440 36.36 4.70 29.44
CA LYS F 440 37.41 5.02 30.40
C LYS F 440 38.44 6.02 29.84
N GLY F 441 38.69 5.97 28.53
CA GLY F 441 39.59 6.92 27.91
C GLY F 441 39.08 8.35 28.03
N PHE F 442 37.76 8.53 28.10
CA PHE F 442 37.24 9.87 28.37
C PHE F 442 37.21 10.22 29.87
N GLY F 443 37.62 9.32 30.75
CA GLY F 443 37.37 9.49 32.17
C GLY F 443 35.93 9.22 32.58
N GLY F 444 35.12 8.56 31.72
CA GLY F 444 33.76 8.20 32.10
C GLY F 444 33.76 7.07 33.12
N VAL F 445 32.70 7.01 33.94
CA VAL F 445 32.56 6.01 35.00
C VAL F 445 31.25 5.27 34.74
N VAL F 446 31.35 4.00 34.34
CA VAL F 446 30.17 3.18 34.12
C VAL F 446 29.69 2.63 35.47
N THR F 447 28.38 2.66 35.71
CA THR F 447 27.81 2.10 36.94
C THR F 447 27.68 0.59 36.81
N GLN F 448 27.83 -0.13 37.94
CA GLN F 448 27.66 -1.58 38.00
C GLN F 448 26.26 -1.89 38.54
N LEU F 449 25.49 -2.71 37.81
CA LEU F 449 24.19 -3.20 38.33
C LEU F 449 24.38 -3.96 39.64
N THR F 450 23.43 -3.79 40.57
CA THR F 450 23.34 -4.67 41.71
C THR F 450 22.75 -6.00 41.24
N PRO F 451 22.95 -7.08 42.00
CA PRO F 451 22.34 -8.35 41.58
C PRO F 451 20.83 -8.23 41.42
N LYS F 452 20.16 -7.48 42.31
CA LYS F 452 18.72 -7.29 42.19
C LYS F 452 18.35 -6.55 40.91
N GLN F 453 19.06 -5.46 40.57
CA GLN F 453 18.75 -4.74 39.34
C GLN F 453 19.00 -5.60 38.09
N ALA F 454 20.10 -6.36 38.08
CA ALA F 454 20.40 -7.24 36.94
C ALA F 454 19.31 -8.30 36.80
N GLU F 455 18.83 -8.85 37.91
CA GLU F 455 17.71 -9.79 37.84
C GLU F 455 16.45 -9.09 37.35
N TYR F 456 16.24 -7.85 37.79
CA TYR F 456 15.04 -7.11 37.44
C TYR F 456 14.96 -6.91 35.93
N ILE F 457 16.09 -6.61 35.27
CA ILE F 457 16.06 -6.39 33.82
C ILE F 457 16.52 -7.60 33.03
N GLY F 458 16.84 -8.71 33.69
CA GLY F 458 17.13 -9.97 33.01
C GLY F 458 18.50 -10.03 32.35
N VAL F 459 19.53 -9.45 32.97
CA VAL F 459 20.86 -9.54 32.40
C VAL F 459 21.83 -10.02 33.47
N SER F 460 22.96 -10.51 33.02
CA SER F 460 24.11 -10.69 33.89
C SER F 460 24.70 -9.35 34.30
N VAL F 461 25.25 -9.28 35.54
CA VAL F 461 25.92 -8.05 35.98
C VAL F 461 27.08 -7.70 35.04
N GLU F 462 27.71 -8.70 34.39
CA GLU F 462 28.82 -8.43 33.49
CA GLU F 462 28.83 -8.48 33.48
C GLU F 462 28.37 -8.17 32.06
N GLY F 463 27.07 -8.15 31.79
CA GLY F 463 26.61 -8.07 30.43
C GLY F 463 26.68 -9.43 29.72
N PRO F 464 26.26 -9.48 28.44
CA PRO F 464 25.77 -8.30 27.67
C PRO F 464 24.46 -7.66 28.17
N PHE F 465 24.30 -6.38 27.89
CA PHE F 465 23.21 -5.61 28.52
C PHE F 465 21.98 -5.49 27.62
N LYS F 466 22.08 -5.86 26.33
CA LYS F 466 20.99 -5.64 25.37
C LYS F 466 20.81 -6.90 24.53
N PRO F 467 19.61 -7.15 24.00
CA PRO F 467 19.43 -8.26 23.06
C PRO F 467 20.10 -7.91 21.74
N ASP F 468 20.45 -8.95 20.96
CA ASP F 468 21.15 -8.76 19.71
C ASP F 468 20.36 -7.89 18.74
N THR F 469 19.03 -7.77 18.90
CA THR F 469 18.22 -6.94 18.04
C THR F 469 18.27 -5.45 18.42
N TYR F 470 18.91 -5.09 19.52
CA TYR F 470 18.84 -3.68 19.96
C TYR F 470 19.55 -2.77 18.96
N ARG F 471 18.99 -1.56 18.71
CA ARG F 471 19.53 -0.70 17.66
C ARG F 471 20.36 0.48 18.19
N TYR F 472 20.35 0.76 19.51
CA TYR F 472 21.07 1.86 20.10
C TYR F 472 20.69 3.18 19.40
N GLY G 12 -28.91 7.56 26.06
CA GLY G 12 -28.85 6.92 27.37
C GLY G 12 -27.56 6.11 27.61
N PHE G 13 -26.46 6.57 27.06
CA PHE G 13 -25.20 5.87 27.25
C PHE G 13 -24.65 6.21 28.63
N THR G 14 -24.45 5.19 29.47
CA THR G 14 -23.87 5.41 30.79
C THR G 14 -22.64 4.52 31.08
N ASP G 15 -22.14 3.77 30.10
CA ASP G 15 -21.13 2.75 30.35
C ASP G 15 -19.74 3.37 30.22
N TYR G 16 -19.42 4.27 31.17
CA TYR G 16 -18.12 4.96 31.21
C TYR G 16 -17.94 5.58 32.61
N LYS G 17 -16.71 6.01 32.92
CA LYS G 17 -16.49 6.86 34.09
C LYS G 17 -15.34 7.81 33.77
N VAL G 18 -15.64 9.11 33.70
CA VAL G 18 -14.67 10.16 33.40
C VAL G 18 -14.82 11.28 34.43
N ALA G 19 -13.84 12.21 34.46
CA ALA G 19 -13.89 13.32 35.43
C ALA G 19 -15.11 14.21 35.19
N ASP G 20 -15.34 14.61 33.94
CA ASP G 20 -16.33 15.65 33.66
C ASP G 20 -16.70 15.56 32.18
N ILE G 21 -17.84 14.93 31.90
CA ILE G 21 -18.33 14.75 30.54
C ILE G 21 -18.49 16.07 29.83
N THR G 22 -18.65 17.17 30.56
CA THR G 22 -18.93 18.43 29.89
C THR G 22 -17.68 18.95 29.18
N LEU G 23 -16.52 18.31 29.40
CA LEU G 23 -15.32 18.65 28.66
C LEU G 23 -15.32 18.10 27.24
N ALA G 24 -16.41 17.47 26.82
CA ALA G 24 -16.38 16.67 25.59
C ALA G 24 -16.12 17.55 24.39
N ALA G 25 -16.85 18.68 24.28
CA ALA G 25 -16.69 19.56 23.13
C ALA G 25 -15.26 20.05 23.00
N TRP G 26 -14.63 20.34 24.14
CA TRP G 26 -13.24 20.79 24.08
C TRP G 26 -12.34 19.66 23.60
N GLY G 27 -12.55 18.44 24.11
CA GLY G 27 -11.79 17.30 23.61
C GLY G 27 -11.95 17.11 22.11
N ARG G 28 -13.17 17.28 21.61
CA ARG G 28 -13.41 17.06 20.17
C ARG G 28 -12.69 18.10 19.33
N ARG G 29 -12.68 19.37 19.77
CA ARG G 29 -11.91 20.38 19.05
C ARG G 29 -10.44 19.98 18.98
N GLU G 30 -9.88 19.45 20.09
CA GLU G 30 -8.48 19.07 20.04
C GLU G 30 -8.26 17.78 19.24
N LEU G 31 -9.26 16.88 19.23
CA LEU G 31 -9.15 15.68 18.39
C LEU G 31 -9.08 16.08 16.92
N ILE G 32 -9.91 17.07 16.53
CA ILE G 32 -9.94 17.53 15.14
C ILE G 32 -8.60 18.16 14.77
N ILE G 33 -7.99 18.88 15.69
CA ILE G 33 -6.65 19.39 15.42
C ILE G 33 -5.63 18.25 15.33
N ALA G 34 -5.68 17.29 16.28
CA ALA G 34 -4.71 16.16 16.28
C ALA G 34 -4.78 15.36 14.98
N GLU G 35 -5.99 15.17 14.44
CA GLU G 35 -6.15 14.45 13.17
C GLU G 35 -5.28 15.06 12.08
N SER G 36 -5.24 16.39 11.99
CA SER G 36 -4.40 17.04 10.98
C SER G 36 -2.90 16.90 11.27
N GLU G 37 -2.52 16.44 12.47
CA GLU G 37 -1.13 16.25 12.85
C GLU G 37 -0.70 14.79 12.78
N MET G 38 -1.61 13.88 12.36
CA MET G 38 -1.39 12.44 12.41
C MET G 38 -1.66 11.81 11.05
N PRO G 39 -0.86 12.15 10.03
CA PRO G 39 -1.14 11.67 8.66
C PRO G 39 -0.98 10.17 8.47
N ALA G 40 -0.09 9.51 9.18
CA ALA G 40 0.05 8.08 8.98
C ALA G 40 -1.17 7.37 9.50
N LEU G 41 -1.61 7.74 10.70
CA LEU G 41 -2.77 7.11 11.31
C LEU G 41 -4.03 7.43 10.53
N MET G 42 -4.18 8.69 10.10
N MET G 42 -4.20 8.68 10.08
CA MET G 42 -5.30 9.09 9.26
CA MET G 42 -5.39 9.01 9.29
C MET G 42 -5.30 8.33 7.93
C MET G 42 -5.32 8.42 7.87
N GLY G 43 -4.12 8.17 7.33
CA GLY G 43 -4.05 7.41 6.07
C GLY G 43 -4.51 5.98 6.23
N LEU G 44 -4.18 5.35 7.36
CA LEU G 44 -4.69 4.00 7.62
C LEU G 44 -6.21 4.00 7.75
N ARG G 45 -6.76 4.98 8.46
CA ARG G 45 -8.20 5.15 8.52
C ARG G 45 -8.78 5.18 7.12
N ARG G 46 -8.27 6.08 6.28
CA ARG G 46 -8.79 6.17 4.92
C ARG G 46 -8.63 4.85 4.15
N LYS G 47 -7.49 4.17 4.29
CA LYS G 47 -7.21 3.05 3.41
C LYS G 47 -7.95 1.79 3.81
N TYR G 48 -8.25 1.62 5.09
CA TYR G 48 -8.81 0.36 5.58
C TYR G 48 -10.29 0.43 5.95
N ALA G 49 -10.84 1.62 6.18
CA ALA G 49 -12.18 1.71 6.79
C ALA G 49 -13.22 0.97 5.95
N GLY G 50 -13.10 1.05 4.63
CA GLY G 50 -14.07 0.38 3.78
C GLY G 50 -14.08 -1.14 3.95
N GLN G 51 -12.93 -1.76 4.25
CA GLN G 51 -12.95 -3.22 4.33
C GLN G 51 -13.18 -3.72 5.75
N GLN G 52 -13.19 -2.83 6.74
CA GLN G 52 -13.54 -3.20 8.10
C GLN G 52 -12.71 -4.39 8.58
N PRO G 53 -11.36 -4.28 8.56
CA PRO G 53 -10.53 -5.45 8.96
C PRO G 53 -10.69 -5.83 10.46
N LEU G 54 -11.22 -4.94 11.31
CA LEU G 54 -11.44 -5.19 12.74
C LEU G 54 -12.91 -5.46 13.06
N LYS G 55 -13.75 -5.63 12.07
CA LYS G 55 -15.12 -6.05 12.30
C LYS G 55 -15.14 -7.37 13.09
N GLY G 56 -15.83 -7.38 14.22
CA GLY G 56 -15.82 -8.52 15.10
C GLY G 56 -14.75 -8.46 16.16
N ALA G 57 -13.80 -7.53 16.06
CA ALA G 57 -12.81 -7.42 17.11
C ALA G 57 -13.38 -6.66 18.31
N LYS G 58 -13.07 -7.17 19.51
CA LYS G 58 -13.49 -6.62 20.79
C LYS G 58 -12.19 -6.44 21.56
N ILE G 59 -11.73 -5.20 21.57
CA ILE G 59 -10.39 -4.86 22.04
C ILE G 59 -10.46 -4.27 23.46
N LEU G 60 -9.82 -4.95 24.41
CA LEU G 60 -9.46 -4.37 25.70
C LEU G 60 -8.22 -3.50 25.47
N GLY G 61 -8.36 -2.20 25.71
CA GLY G 61 -7.27 -1.26 25.58
C GLY G 61 -6.86 -0.59 26.88
N CYS G 62 -5.56 -0.50 27.13
CA CYS G 62 -5.04 0.10 28.34
C CYS G 62 -3.81 0.91 27.94
N ILE G 63 -4.03 2.20 27.73
CA ILE G 63 -2.92 3.10 27.37
C ILE G 63 -3.38 4.51 27.67
N HIS G 64 -2.46 5.31 28.23
CA HIS G 64 -2.66 6.74 28.57
C HIS G 64 -3.77 7.39 27.77
N MET G 65 -4.83 7.84 28.44
CA MET G 65 -6.03 8.32 27.75
C MET G 65 -5.87 9.81 27.41
N THR G 66 -5.03 10.04 26.40
CA THR G 66 -4.67 11.35 25.86
C THR G 66 -5.46 11.62 24.57
N ILE G 67 -5.34 12.87 24.07
CA ILE G 67 -5.90 13.19 22.77
C ILE G 67 -5.35 12.24 21.69
N GLN G 68 -4.07 11.90 21.80
CA GLN G 68 -3.50 11.06 20.76
C GLN G 68 -4.13 9.69 20.81
N THR G 69 -4.31 9.15 22.01
CA THR G 69 -4.98 7.85 22.14
C THR G 69 -6.41 7.91 21.62
N GLY G 70 -7.07 9.07 21.77
CA GLY G 70 -8.39 9.25 21.20
C GLY G 70 -8.43 9.04 19.70
N VAL G 71 -7.44 9.59 18.98
CA VAL G 71 -7.40 9.38 17.53
C VAL G 71 -7.14 7.90 17.22
N LEU G 72 -6.28 7.24 18.01
CA LEU G 72 -6.06 5.79 17.88
C LEU G 72 -7.37 5.04 18.12
N ILE G 73 -8.07 5.35 19.22
CA ILE G 73 -9.29 4.62 19.54
C ILE G 73 -10.30 4.75 18.42
N GLU G 74 -10.46 5.97 17.91
CA GLU G 74 -11.45 6.18 16.86
C GLU G 74 -10.98 5.62 15.52
N THR G 75 -9.69 5.38 15.37
CA THR G 75 -9.26 4.63 14.17
C THR G 75 -9.64 3.16 14.29
N LEU G 76 -9.41 2.54 15.45
CA LEU G 76 -9.78 1.13 15.62
C LEU G 76 -11.29 0.94 15.47
N VAL G 77 -12.07 1.91 15.98
CA VAL G 77 -13.52 1.81 15.85
C VAL G 77 -13.95 1.99 14.40
N ALA G 78 -13.40 3.02 13.72
CA ALA G 78 -13.72 3.23 12.31
C ALA G 78 -13.39 2.00 11.48
N LEU G 79 -12.43 1.19 11.90
CA LEU G 79 -12.14 -0.03 11.13
C LEU G 79 -13.02 -1.20 11.54
N GLY G 80 -14.00 -0.96 12.43
CA GLY G 80 -15.01 -1.95 12.78
C GLY G 80 -14.92 -2.50 14.19
N ALA G 81 -13.88 -2.16 14.96
CA ALA G 81 -13.76 -2.77 16.28
C ALA G 81 -14.76 -2.20 17.29
N GLU G 82 -15.02 -2.97 18.35
CA GLU G 82 -15.57 -2.46 19.60
C GLU G 82 -14.45 -2.46 20.62
N VAL G 83 -14.45 -1.46 21.52
CA VAL G 83 -13.39 -1.34 22.51
C VAL G 83 -13.96 -1.03 23.88
N ARG G 84 -13.21 -1.42 24.93
CA ARG G 84 -13.39 -0.92 26.28
C ARG G 84 -12.02 -0.45 26.77
N TRP G 85 -11.95 0.76 27.31
CA TRP G 85 -10.67 1.47 27.44
C TRP G 85 -10.39 1.93 28.86
N SER G 86 -9.12 1.87 29.25
CA SER G 86 -8.64 2.51 30.46
C SER G 86 -7.27 3.10 30.16
N SER G 87 -6.81 3.93 31.10
CA SER G 87 -5.44 4.45 31.03
C SER G 87 -4.49 3.47 31.69
N CYS G 88 -3.21 3.50 31.28
CA CYS G 88 -2.19 2.70 31.95
C CYS G 88 -1.36 3.51 32.96
N ASN G 89 -1.85 4.69 33.41
CA ASN G 89 -1.19 5.48 34.44
C ASN G 89 -2.19 6.40 35.12
N ILE G 90 -2.03 6.55 36.44
CA ILE G 90 -3.00 7.32 37.22
C ILE G 90 -3.01 8.81 36.91
N PHE G 91 -1.94 9.34 36.30
CA PHE G 91 -1.85 10.80 36.05
C PHE G 91 -1.82 11.16 34.57
N SER G 92 -1.87 10.18 33.68
CA SER G 92 -1.58 10.50 32.28
C SER G 92 -2.80 10.87 31.46
N THR G 93 -4.03 10.62 31.94
CA THR G 93 -5.25 10.98 31.20
C THR G 93 -5.32 12.50 30.99
N GLN G 94 -5.78 12.90 29.82
CA GLN G 94 -6.28 14.26 29.60
C GLN G 94 -7.80 14.19 29.71
N ASP G 95 -8.36 14.89 30.69
CA ASP G 95 -9.78 14.66 30.97
C ASP G 95 -10.68 15.04 29.78
N GLN G 96 -10.30 16.06 28.99
CA GLN G 96 -11.15 16.40 27.86
C GLN G 96 -11.13 15.29 26.80
N ALA G 97 -10.02 14.55 26.69
CA ALA G 97 -10.01 13.43 25.74
C ALA G 97 -10.89 12.25 26.21
N ALA G 98 -10.76 11.85 27.47
CA ALA G 98 -11.68 10.87 28.03
C ALA G 98 -13.13 11.27 27.83
N ALA G 99 -13.46 12.54 28.09
CA ALA G 99 -14.86 12.98 27.92
C ALA G 99 -15.31 12.84 26.46
N ALA G 100 -14.45 13.22 25.50
CA ALA G 100 -14.88 13.19 24.11
C ALA G 100 -15.10 11.74 23.69
N ILE G 101 -14.23 10.82 24.13
CA ILE G 101 -14.46 9.42 23.80
C ILE G 101 -15.75 8.90 24.46
N ALA G 102 -15.95 9.19 25.74
CA ALA G 102 -17.21 8.75 26.37
C ALA G 102 -18.41 9.32 25.63
N ALA G 103 -18.30 10.58 25.17
CA ALA G 103 -19.43 11.25 24.53
C ALA G 103 -19.76 10.64 23.18
N ALA G 104 -18.80 9.96 22.55
CA ALA G 104 -18.99 9.21 21.31
C ALA G 104 -19.61 7.84 21.54
N GLY G 105 -20.04 7.52 22.77
CA GLY G 105 -20.59 6.22 23.11
C GLY G 105 -19.57 5.09 23.16
N ILE G 106 -18.32 5.39 23.48
CA ILE G 106 -17.25 4.41 23.60
C ILE G 106 -16.96 4.22 25.08
N PRO G 107 -17.02 3.00 25.62
CA PRO G 107 -16.67 2.79 27.04
C PRO G 107 -15.22 3.15 27.36
N VAL G 108 -15.06 4.01 28.36
CA VAL G 108 -13.75 4.45 28.83
C VAL G 108 -13.88 4.76 30.32
N PHE G 109 -12.87 4.34 31.08
CA PHE G 109 -12.84 4.48 32.53
C PHE G 109 -11.49 5.09 32.84
N ALA G 110 -11.45 6.43 32.96
CA ALA G 110 -10.15 7.09 33.04
C ALA G 110 -10.32 8.55 33.45
N TRP G 111 -9.49 9.02 34.36
CA TRP G 111 -9.39 10.45 34.65
C TRP G 111 -8.00 10.73 35.18
N LYS G 112 -7.60 12.01 35.13
CA LYS G 112 -6.32 12.44 35.71
C LYS G 112 -6.40 12.52 37.24
N GLY G 113 -5.46 11.86 37.93
CA GLY G 113 -5.39 11.81 39.38
C GLY G 113 -6.14 10.65 40.03
N GLU G 114 -6.10 9.49 39.39
CA GLU G 114 -6.69 8.31 39.98
C GLU G 114 -5.91 7.87 41.22
N THR G 115 -6.59 7.21 42.14
CA THR G 115 -5.88 6.43 43.14
C THR G 115 -5.48 5.07 42.57
N GLU G 116 -4.59 4.37 43.28
CA GLU G 116 -4.21 3.02 42.85
C GLU G 116 -5.43 2.10 42.80
N GLU G 117 -6.33 2.25 43.77
CA GLU G 117 -7.54 1.45 43.80
C GLU G 117 -8.42 1.76 42.60
N GLU G 118 -8.63 3.04 42.33
CA GLU G 118 -9.39 3.44 41.15
C GLU G 118 -8.74 2.97 39.85
N TYR G 119 -7.40 2.95 39.80
CA TYR G 119 -6.72 2.50 38.60
C TYR G 119 -7.09 1.06 38.29
N GLU G 120 -7.07 0.21 39.32
CA GLU G 120 -7.38 -1.19 39.12
C GLU G 120 -8.85 -1.36 38.78
N TRP G 121 -9.70 -0.54 39.40
CA TRP G 121 -11.14 -0.57 39.14
C TRP G 121 -11.46 -0.25 37.68
N CYS G 122 -10.77 0.77 37.14
CA CYS G 122 -10.95 1.16 35.74
C CYS G 122 -10.57 0.00 34.81
N ILE G 123 -9.43 -0.65 35.05
CA ILE G 123 -9.07 -1.80 34.21
C ILE G 123 -10.13 -2.89 34.33
N GLU G 124 -10.58 -3.16 35.56
CA GLU G 124 -11.64 -4.14 35.81
C GLU G 124 -12.94 -3.77 35.07
N GLN G 125 -13.23 -2.46 34.91
CA GLN G 125 -14.45 -2.07 34.20
C GLN G 125 -14.34 -2.30 32.69
N THR G 126 -13.13 -2.27 32.13
CA THR G 126 -13.01 -2.69 30.73
C THR G 126 -13.20 -4.21 30.58
N ILE G 127 -12.63 -5.00 31.48
CA ILE G 127 -12.70 -6.47 31.41
C ILE G 127 -14.14 -6.97 31.61
N LEU G 128 -14.86 -6.41 32.58
CA LEU G 128 -16.19 -6.89 32.95
C LEU G 128 -17.25 -6.02 32.31
N LYS G 129 -18.24 -6.63 31.67
CA LYS G 129 -19.39 -5.86 31.18
C LYS G 129 -20.66 -6.40 31.82
N ASP G 130 -21.40 -5.52 32.50
CA ASP G 130 -22.59 -5.92 33.25
C ASP G 130 -22.29 -7.07 34.21
N GLY G 131 -21.23 -6.91 35.00
CA GLY G 131 -20.84 -7.88 36.00
C GLY G 131 -20.18 -9.15 35.48
N GLN G 132 -20.16 -9.36 34.16
CA GLN G 132 -19.59 -10.58 33.61
C GLN G 132 -18.42 -10.24 32.69
N PRO G 133 -17.46 -11.14 32.55
CA PRO G 133 -16.40 -10.94 31.54
C PRO G 133 -16.98 -10.59 30.19
N TRP G 134 -16.54 -9.45 29.64
CA TRP G 134 -16.80 -9.09 28.26
C TRP G 134 -16.29 -10.20 27.33
N ASP G 135 -16.86 -10.26 26.13
CA ASP G 135 -16.47 -11.27 25.15
C ASP G 135 -15.28 -10.71 24.36
N ALA G 136 -14.25 -10.30 25.08
CA ALA G 136 -13.08 -9.70 24.43
C ALA G 136 -12.35 -10.76 23.64
N ASN G 137 -11.73 -10.32 22.52
CA ASN G 137 -10.81 -11.17 21.75
C ASN G 137 -9.54 -10.48 21.27
N MET G 138 -9.25 -9.24 21.67
CA MET G 138 -7.96 -8.62 21.37
C MET G 138 -7.56 -7.79 22.57
N VAL G 139 -6.25 -7.56 22.71
CA VAL G 139 -5.70 -6.75 23.78
C VAL G 139 -4.74 -5.72 23.18
N LEU G 140 -4.89 -4.45 23.57
CA LEU G 140 -3.88 -3.44 23.23
C LEU G 140 -3.40 -2.88 24.55
N ASP G 141 -2.09 -2.90 24.81
CA ASP G 141 -1.56 -2.67 26.16
C ASP G 141 -0.29 -1.80 26.11
N ASP G 142 -0.09 -1.02 27.16
CA ASP G 142 1.10 -0.19 27.24
C ASP G 142 1.67 -0.36 28.65
N GLY G 143 2.72 -1.23 28.79
CA GLY G 143 3.33 -1.52 30.07
C GLY G 143 3.01 -2.90 30.67
N GLY G 144 2.04 -3.64 30.12
CA GLY G 144 1.75 -4.98 30.54
C GLY G 144 0.81 -5.14 31.73
N ASP G 145 0.22 -4.08 32.27
CA ASP G 145 -0.66 -4.24 33.42
C ASP G 145 -1.94 -5.01 33.07
N LEU G 146 -2.65 -4.57 32.02
CA LEU G 146 -3.84 -5.31 31.59
C LEU G 146 -3.47 -6.75 31.25
N THR G 147 -2.35 -6.96 30.54
CA THR G 147 -1.90 -8.31 30.20
C THR G 147 -1.72 -9.16 31.45
N GLU G 148 -1.10 -8.59 32.50
CA GLU G 148 -0.86 -9.40 33.69
C GLU G 148 -2.17 -9.77 34.37
N ILE G 149 -3.09 -8.81 34.47
CA ILE G 149 -4.37 -9.06 35.15
C ILE G 149 -5.14 -10.16 34.43
N LEU G 150 -5.11 -10.15 33.11
CA LEU G 150 -5.80 -11.20 32.37
C LEU G 150 -5.17 -12.55 32.65
N HIS G 151 -3.85 -12.64 32.62
CA HIS G 151 -3.21 -13.94 32.86
C HIS G 151 -3.40 -14.41 34.31
N LYS G 152 -3.42 -13.47 35.28
CA LYS G 152 -3.43 -13.84 36.69
C LYS G 152 -4.83 -14.13 37.20
N LYS G 153 -5.78 -13.29 36.78
CA LYS G 153 -7.11 -13.24 37.37
C LYS G 153 -8.22 -13.66 36.40
N TYR G 154 -8.06 -13.46 35.10
CA TYR G 154 -9.13 -13.85 34.18
C TYR G 154 -8.61 -14.80 33.12
N PRO G 155 -7.86 -15.84 33.49
CA PRO G 155 -7.15 -16.61 32.46
C PRO G 155 -8.08 -17.21 31.43
N GLN G 156 -9.31 -17.55 31.82
CA GLN G 156 -10.22 -18.17 30.87
C GLN G 156 -10.60 -17.21 29.73
N MET G 157 -10.58 -15.90 29.98
CA MET G 157 -10.81 -14.95 28.89
C MET G 157 -9.71 -15.02 27.82
N LEU G 158 -8.53 -15.48 28.19
CA LEU G 158 -7.46 -15.60 27.21
C LEU G 158 -7.75 -16.71 26.21
N GLU G 159 -8.66 -17.64 26.53
CA GLU G 159 -9.02 -18.68 25.57
C GLU G 159 -9.65 -18.12 24.31
N ARG G 160 -10.21 -16.92 24.37
CA ARG G 160 -10.87 -16.30 23.23
C ARG G 160 -10.10 -15.14 22.61
N ILE G 161 -8.94 -14.78 23.16
N ILE G 161 -8.89 -14.85 23.10
CA ILE G 161 -8.18 -13.63 22.70
CA ILE G 161 -8.15 -13.65 22.70
C ILE G 161 -7.21 -14.09 21.61
C ILE G 161 -7.11 -14.03 21.64
N HIS G 162 -7.16 -13.34 20.50
CA HIS G 162 -6.27 -13.68 19.40
C HIS G 162 -4.85 -13.14 19.58
N GLY G 163 -4.66 -12.09 20.38
CA GLY G 163 -3.31 -11.52 20.46
C GLY G 163 -3.27 -10.29 21.32
N ILE G 164 -2.04 -9.87 21.63
CA ILE G 164 -1.75 -8.66 22.39
C ILE G 164 -0.83 -7.79 21.54
N THR G 165 -1.13 -6.50 21.44
CA THR G 165 -0.21 -5.56 20.80
C THR G 165 0.31 -4.64 21.90
N GLU G 166 1.61 -4.71 22.17
CA GLU G 166 2.20 -4.05 23.35
C GLU G 166 3.04 -2.85 22.92
N GLU G 167 2.79 -1.69 23.59
CA GLU G 167 3.34 -0.39 23.17
C GLU G 167 4.80 -0.20 23.59
N THR G 168 5.21 -0.61 24.78
CA THR G 168 6.41 0.03 25.30
C THR G 168 7.44 -1.00 25.77
N THR G 169 8.65 -0.51 25.99
CA THR G 169 9.81 -1.37 26.26
C THR G 169 9.57 -2.23 27.49
N THR G 170 9.12 -1.60 28.59
CA THR G 170 8.84 -2.35 29.80
C THR G 170 7.83 -3.47 29.56
N GLY G 171 6.78 -3.18 28.80
CA GLY G 171 5.76 -4.20 28.55
C GLY G 171 6.31 -5.36 27.72
N VAL G 172 7.14 -5.05 26.73
CA VAL G 172 7.73 -6.13 25.95
C VAL G 172 8.60 -6.99 26.85
N HIS G 173 9.34 -6.36 27.78
CA HIS G 173 10.18 -7.15 28.67
C HIS G 173 9.35 -8.15 29.46
N ARG G 174 8.16 -7.71 29.90
CA ARG G 174 7.30 -8.62 30.65
C ARG G 174 6.76 -9.73 29.78
N LEU G 175 6.36 -9.41 28.54
CA LEU G 175 5.96 -10.47 27.60
C LEU G 175 7.07 -11.49 27.39
N LEU G 176 8.31 -11.03 27.22
CA LEU G 176 9.37 -11.98 26.93
C LEU G 176 9.67 -12.88 28.14
N ASP G 177 9.48 -12.37 29.36
CA ASP G 177 9.63 -13.23 30.55
C ASP G 177 8.58 -14.31 30.59
N MET G 178 7.34 -13.95 30.26
CA MET G 178 6.28 -14.94 30.24
C MET G 178 6.55 -15.96 29.14
N LEU G 179 7.03 -15.49 27.99
CA LEU G 179 7.30 -16.45 26.94
C LEU G 179 8.37 -17.43 27.41
N LYS G 180 9.41 -16.91 28.03
CA LYS G 180 10.49 -17.75 28.56
C LYS G 180 9.98 -18.72 29.61
N ASN G 181 9.04 -18.29 30.45
CA ASN G 181 8.49 -19.17 31.48
C ASN G 181 7.41 -20.10 30.96
N GLY G 182 7.02 -19.96 29.70
CA GLY G 182 5.91 -20.74 29.18
C GLY G 182 4.57 -20.35 29.73
N THR G 183 4.44 -19.12 30.22
CA THR G 183 3.21 -18.64 30.84
C THR G 183 2.41 -17.69 29.96
N LEU G 184 2.93 -17.28 28.82
CA LEU G 184 2.15 -16.43 27.94
C LEU G 184 1.12 -17.27 27.19
N LYS G 185 -0.10 -16.78 27.13
CA LYS G 185 -1.17 -17.62 26.61
C LYS G 185 -1.58 -17.27 25.20
N VAL G 186 -1.24 -16.10 24.69
CA VAL G 186 -1.62 -15.66 23.34
C VAL G 186 -0.41 -15.02 22.70
N PRO G 187 -0.35 -14.95 21.37
CA PRO G 187 0.81 -14.32 20.72
C PRO G 187 0.76 -12.80 20.87
N ALA G 188 1.91 -12.18 20.68
CA ALA G 188 1.98 -10.73 20.84
C ALA G 188 2.79 -10.12 19.69
N ILE G 189 2.51 -8.85 19.41
CA ILE G 189 3.36 -8.04 18.54
C ILE G 189 4.06 -7.00 19.40
N ASN G 190 5.37 -6.94 19.28
CA ASN G 190 6.22 -5.96 19.95
C ASN G 190 6.14 -4.72 19.08
N VAL G 191 5.23 -3.80 19.42
CA VAL G 191 5.11 -2.56 18.62
C VAL G 191 6.28 -1.61 18.92
N ASN G 192 6.80 -1.64 20.13
CA ASN G 192 7.86 -0.74 20.54
C ASN G 192 9.04 -0.72 19.52
N ASP G 193 9.47 -1.90 19.04
CA ASP G 193 10.69 -2.00 18.24
C ASP G 193 10.51 -1.81 16.75
N SER G 194 9.35 -1.32 16.28
CA SER G 194 9.37 -0.63 14.99
C SER G 194 10.31 0.56 15.08
N VAL G 195 11.01 0.89 13.98
CA VAL G 195 11.88 2.06 14.04
C VAL G 195 11.04 3.34 14.18
N THR G 196 9.89 3.37 13.49
CA THR G 196 8.99 4.54 13.58
C THR G 196 8.26 4.58 14.90
N LYS G 197 8.60 3.68 15.81
CA LYS G 197 8.14 3.75 17.19
C LYS G 197 9.37 4.05 18.05
N SER G 198 10.21 3.03 18.33
CA SER G 198 11.33 3.16 19.28
C SER G 198 12.16 4.42 19.02
N LYS G 199 12.54 4.67 17.76
CA LYS G 199 13.50 5.73 17.44
CA LYS G 199 13.50 5.74 17.45
C LYS G 199 12.80 6.99 17.05
N ASN G 200 11.52 7.12 17.38
CA ASN G 200 10.70 8.27 17.06
C ASN G 200 10.08 8.70 18.39
N ASP G 201 9.13 7.89 18.88
CA ASP G 201 8.44 8.05 20.16
C ASP G 201 9.43 8.09 21.32
N ASN G 202 10.17 6.99 21.55
CA ASN G 202 10.94 6.86 22.77
C ASN G 202 11.99 7.96 22.86
N LYS G 203 12.63 8.27 21.73
CA LYS G 203 13.68 9.31 21.72
C LYS G 203 13.13 10.73 21.48
N TYR G 204 12.63 10.99 20.27
CA TYR G 204 12.19 12.35 19.97
C TYR G 204 10.97 12.79 20.81
N GLY G 205 10.08 11.86 21.17
CA GLY G 205 8.94 12.21 22.00
C GLY G 205 9.41 12.81 23.33
N CYS G 206 10.40 12.18 23.97
CA CYS G 206 10.91 12.66 25.25
C CYS G 206 11.73 13.93 25.08
N ARG G 207 12.41 14.08 23.94
CA ARG G 207 13.05 15.37 23.67
C ARG G 207 12.04 16.52 23.72
N HIS G 208 10.89 16.34 23.06
CA HIS G 208 9.85 17.37 23.07
C HIS G 208 9.27 17.57 24.46
N SER G 209 8.99 16.44 25.17
CA SER G 209 8.03 16.55 26.28
C SER G 209 8.69 16.57 27.66
N LEU G 210 9.98 16.21 27.79
CA LEU G 210 10.60 16.31 29.12
C LEU G 210 10.74 17.76 29.57
N ASN G 211 11.45 18.62 28.79
CA ASN G 211 11.60 20.01 29.27
CA ASN G 211 11.59 20.00 29.25
C ASN G 211 10.23 20.67 29.35
N ASP G 212 9.27 20.25 28.51
CA ASP G 212 7.89 20.74 28.54
C ASP G 212 7.30 20.52 29.94
N ALA G 213 7.39 19.28 30.44
CA ALA G 213 6.78 18.96 31.74
C ALA G 213 7.50 19.67 32.87
N ILE G 214 8.85 19.77 32.82
CA ILE G 214 9.59 20.46 33.89
C ILE G 214 9.22 21.93 33.94
N LYS G 215 9.08 22.57 32.79
CA LYS G 215 8.63 23.97 32.79
C LYS G 215 7.22 24.13 33.35
N ARG G 216 6.26 23.31 32.91
CA ARG G 216 4.90 23.46 33.44
C ARG G 216 4.82 23.23 34.96
N GLY G 217 5.57 22.25 35.47
CA GLY G 217 5.50 21.94 36.90
C GLY G 217 6.19 22.98 37.77
N THR G 218 7.32 23.53 37.31
CA THR G 218 8.18 24.36 38.15
C THR G 218 8.44 25.75 37.60
N ASP G 219 8.32 25.94 36.27
CA ASP G 219 8.76 27.14 35.57
C ASP G 219 10.23 27.50 35.84
N HIS G 220 11.06 26.49 36.18
CA HIS G 220 12.47 26.75 36.47
C HIS G 220 13.22 27.07 35.17
N LEU G 221 14.05 28.08 35.22
CA LEU G 221 15.10 28.20 34.18
C LEU G 221 15.93 26.90 34.19
N LEU G 222 16.22 26.35 33.01
CA LEU G 222 17.11 25.19 32.92
C LEU G 222 18.49 25.59 32.47
N SER G 223 18.60 26.64 31.62
CA SER G 223 19.89 27.09 31.13
CA SER G 223 19.90 27.05 31.13
C SER G 223 20.87 27.30 32.29
N GLY G 224 22.10 26.78 32.13
CA GLY G 224 23.19 27.01 33.06
C GLY G 224 23.18 26.11 34.30
N LYS G 225 22.15 25.29 34.50
CA LYS G 225 22.06 24.44 35.70
C LYS G 225 22.57 23.05 35.36
N GLN G 226 22.79 22.24 36.41
CA GLN G 226 23.40 20.90 36.30
C GLN G 226 22.32 19.84 36.33
N ALA G 227 22.30 18.98 35.32
CA ALA G 227 21.41 17.82 35.32
C ALA G 227 22.19 16.50 35.33
N LEU G 228 21.55 15.48 35.93
CA LEU G 228 22.02 14.11 35.85
C LEU G 228 20.89 13.26 35.27
N VAL G 229 21.15 12.64 34.09
CA VAL G 229 20.21 11.74 33.46
C VAL G 229 20.71 10.32 33.74
N ILE G 230 19.88 9.51 34.37
CA ILE G 230 20.20 8.12 34.65
C ILE G 230 19.65 7.30 33.48
N GLY G 231 20.56 6.78 32.67
CA GLY G 231 20.14 5.98 31.51
C GLY G 231 20.44 6.75 30.21
N TYR G 232 20.87 5.99 29.17
CA TYR G 232 21.10 6.58 27.84
C TYR G 232 20.69 5.60 26.76
N GLY G 233 19.53 4.89 26.96
CA GLY G 233 18.81 4.17 25.92
C GLY G 233 18.04 5.18 25.09
N ASP G 234 16.97 4.75 24.42
CA ASP G 234 16.27 5.72 23.56
C ASP G 234 15.67 6.85 24.40
N VAL G 235 15.04 6.51 25.54
CA VAL G 235 14.45 7.56 26.39
C VAL G 235 15.54 8.48 26.98
N GLY G 236 16.65 7.89 27.46
CA GLY G 236 17.72 8.70 28.01
C GLY G 236 18.36 9.60 26.97
N LYS G 237 18.49 9.10 25.73
CA LYS G 237 19.03 9.97 24.68
C LYS G 237 18.12 11.17 24.46
N GLY G 238 16.83 10.91 24.29
CA GLY G 238 15.89 12.01 24.02
C GLY G 238 15.80 12.98 25.20
N SER G 239 15.85 12.44 26.41
CA SER G 239 15.74 13.25 27.62
C SER G 239 16.99 14.12 27.75
N SER G 240 18.17 13.52 27.55
CA SER G 240 19.40 14.32 27.65
C SER G 240 19.39 15.48 26.65
N GLN G 241 18.95 15.23 25.40
CA GLN G 241 18.87 16.29 24.38
C GLN G 241 17.84 17.35 24.79
N SER G 242 16.73 16.90 25.35
CA SER G 242 15.70 17.84 25.83
C SER G 242 16.32 18.87 26.77
N LEU G 243 17.23 18.43 27.62
CA LEU G 243 17.85 19.32 28.62
C LEU G 243 19.02 20.09 28.03
N ARG G 244 19.87 19.40 27.25
N ARG G 244 19.88 19.43 27.26
CA ARG G 244 21.03 20.09 26.69
CA ARG G 244 21.02 20.13 26.71
C ARG G 244 20.63 21.22 25.75
C ARG G 244 20.60 21.24 25.76
N GLN G 245 19.58 20.99 24.93
CA GLN G 245 19.16 22.02 23.99
C GLN G 245 18.65 23.28 24.72
N GLU G 246 18.21 23.11 25.97
CA GLU G 246 17.84 24.25 26.82
C GLU G 246 19.07 24.94 27.45
N GLY G 247 20.29 24.39 27.26
CA GLY G 247 21.48 24.93 27.91
C GLY G 247 21.85 24.35 29.25
N MET G 248 21.25 23.25 29.67
CA MET G 248 21.70 22.62 30.88
C MET G 248 23.08 21.98 30.62
N ILE G 249 23.86 21.89 31.69
CA ILE G 249 25.09 21.07 31.73
C ILE G 249 24.63 19.70 32.19
N VAL G 250 24.63 18.73 31.24
CA VAL G 250 24.03 17.42 31.46
C VAL G 250 25.15 16.42 31.68
N LYS G 251 25.05 15.65 32.77
CA LYS G 251 25.85 14.45 33.00
C LYS G 251 24.97 13.19 32.84
N VAL G 252 25.57 12.11 32.38
CA VAL G 252 24.85 10.88 32.06
C VAL G 252 25.43 9.71 32.87
N ALA G 253 24.55 8.88 33.47
CA ALA G 253 24.92 7.62 34.07
C ALA G 253 24.44 6.46 33.18
N GLU G 254 25.21 5.40 33.13
CA GLU G 254 24.80 4.19 32.38
C GLU G 254 25.44 2.94 32.97
N VAL G 255 24.77 1.78 32.84
CA VAL G 255 25.48 0.54 33.10
C VAL G 255 25.99 -0.09 31.78
N ASP G 256 25.51 0.41 30.61
CA ASP G 256 25.80 -0.20 29.31
C ASP G 256 26.95 0.59 28.68
N PRO G 257 28.13 0.01 28.59
CA PRO G 257 29.27 0.79 28.11
C PRO G 257 29.09 1.29 26.69
N ILE G 258 28.30 0.61 25.85
CA ILE G 258 28.06 1.07 24.48
C ILE G 258 27.21 2.33 24.48
N CYS G 259 26.11 2.33 25.28
CA CYS G 259 25.33 3.58 25.45
C CYS G 259 26.18 4.67 26.09
N ALA G 260 27.05 4.33 27.06
CA ALA G 260 27.90 5.37 27.66
C ALA G 260 28.84 5.95 26.60
N MET G 261 29.42 5.10 25.73
N MET G 261 29.43 5.09 25.73
CA MET G 261 30.27 5.61 24.67
CA MET G 261 30.27 5.59 24.66
C MET G 261 29.52 6.62 23.81
C MET G 261 29.52 6.62 23.81
N GLN G 262 28.25 6.31 23.47
CA GLN G 262 27.46 7.24 22.68
C GLN G 262 27.32 8.57 23.42
N ALA G 263 27.07 8.50 24.75
CA ALA G 263 26.88 9.73 25.51
C ALA G 263 28.16 10.57 25.46
N CYS G 264 29.34 9.92 25.60
CA CYS G 264 30.60 10.68 25.51
C CYS G 264 30.71 11.36 24.17
N MET G 265 30.51 10.59 23.08
CA MET G 265 30.64 11.15 21.72
C MET G 265 29.59 12.23 21.44
N ASP G 266 28.42 12.15 22.08
CA ASP G 266 27.39 13.18 21.96
C ASP G 266 27.70 14.42 22.79
N GLY G 267 28.79 14.42 23.55
CA GLY G 267 29.23 15.61 24.25
C GLY G 267 28.81 15.68 25.70
N PHE G 268 28.56 14.56 26.35
CA PHE G 268 28.18 14.50 27.76
C PHE G 268 29.30 13.86 28.57
N GLU G 269 29.42 14.30 29.79
CA GLU G 269 30.31 13.73 30.75
C GLU G 269 29.58 12.54 31.38
N VAL G 270 30.22 11.38 31.44
CA VAL G 270 29.58 10.17 31.95
C VAL G 270 30.04 9.91 33.40
N VAL G 271 29.07 9.86 34.33
CA VAL G 271 29.40 9.80 35.76
C VAL G 271 28.53 8.74 36.40
N SER G 272 28.94 8.32 37.60
CA SER G 272 28.13 7.39 38.38
C SER G 272 27.73 8.05 39.72
N PRO G 273 26.51 7.82 40.19
CA PRO G 273 26.17 8.23 41.57
C PRO G 273 27.09 7.61 42.62
N TYR G 274 27.74 6.48 42.29
CA TYR G 274 28.51 5.71 43.26
C TYR G 274 29.98 5.87 42.96
N LYS G 275 30.78 5.87 44.00
CA LYS G 275 32.22 5.93 43.84
C LYS G 275 32.70 4.72 43.03
N ASN G 276 33.39 4.99 41.90
CA ASN G 276 33.89 3.93 41.03
C ASN G 276 32.77 3.09 40.45
N GLY G 277 31.54 3.58 40.51
CA GLY G 277 30.38 2.89 39.98
C GLY G 277 29.88 1.75 40.83
N ILE G 278 30.39 1.55 42.05
CA ILE G 278 30.05 0.38 42.87
C ILE G 278 28.98 0.79 43.89
N ASN G 279 27.78 0.27 43.65
CA ASN G 279 26.57 0.49 44.46
C ASN G 279 26.63 -0.52 45.60
N ASP G 280 27.31 -0.11 46.69
CA ASP G 280 27.48 -0.85 47.97
C ASP G 280 26.20 -1.17 48.72
N GLY G 281 25.19 -0.33 48.62
CA GLY G 281 24.20 -0.26 49.68
C GLY G 281 24.55 0.68 50.84
N THR G 282 25.82 1.09 50.97
CA THR G 282 26.29 1.99 52.04
C THR G 282 26.22 3.45 51.63
N GLU G 283 25.96 4.33 52.60
CA GLU G 283 26.06 5.75 52.33
C GLU G 283 27.46 6.12 51.88
N ALA G 284 28.48 5.40 52.38
CA ALA G 284 29.85 5.69 52.02
C ALA G 284 30.07 5.57 50.52
N SER G 285 29.27 4.76 49.83
CA SER G 285 29.49 4.57 48.38
C SER G 285 28.98 5.74 47.52
N ILE G 286 28.16 6.63 48.09
CA ILE G 286 27.58 7.73 47.30
C ILE G 286 28.64 8.79 47.03
N ASP G 287 28.73 9.23 45.80
CA ASP G 287 29.57 10.38 45.48
C ASP G 287 28.84 11.65 45.90
N ALA G 288 28.98 12.00 47.17
CA ALA G 288 28.24 13.12 47.74
C ALA G 288 28.63 14.46 47.10
N ALA G 289 29.91 14.61 46.73
CA ALA G 289 30.32 15.83 46.07
C ALA G 289 29.57 15.98 44.74
N LEU G 290 29.42 14.89 43.98
CA LEU G 290 28.72 15.01 42.72
C LEU G 290 27.22 15.33 42.95
N LEU G 291 26.56 14.53 43.78
CA LEU G 291 25.12 14.72 43.92
C LEU G 291 24.79 16.07 44.57
N GLY G 292 25.68 16.58 45.42
CA GLY G 292 25.45 17.86 46.01
C GLY G 292 25.59 19.03 45.03
N LYS G 293 25.89 18.78 43.75
CA LYS G 293 25.90 19.87 42.77
C LYS G 293 24.87 19.68 41.68
N ILE G 294 23.98 18.66 41.80
CA ILE G 294 22.99 18.38 40.77
C ILE G 294 21.69 19.13 41.07
N ASP G 295 21.18 19.89 40.09
CA ASP G 295 19.90 20.61 40.20
C ASP G 295 18.70 19.82 39.74
N LEU G 296 18.92 18.77 38.95
CA LEU G 296 17.83 18.03 38.32
C LEU G 296 18.32 16.61 38.05
N ILE G 297 17.55 15.62 38.50
CA ILE G 297 17.85 14.22 38.19
C ILE G 297 16.62 13.63 37.50
N VAL G 298 16.84 13.01 36.33
CA VAL G 298 15.79 12.37 35.53
C VAL G 298 16.16 10.89 35.35
N THR G 299 15.22 9.97 35.66
CA THR G 299 15.47 8.54 35.53
C THR G 299 14.78 8.05 34.26
N THR G 300 15.50 7.20 33.47
CA THR G 300 15.05 6.84 32.14
C THR G 300 15.25 5.35 31.86
N THR G 301 15.41 4.50 32.90
CA THR G 301 16.02 3.18 32.70
C THR G 301 15.02 2.03 32.43
N GLY G 302 13.78 2.13 32.95
CA GLY G 302 12.99 0.90 33.05
C GLY G 302 13.49 -0.09 34.09
N ASN G 303 14.40 0.31 34.98
CA ASN G 303 15.02 -0.57 35.98
C ASN G 303 14.52 -0.11 37.38
N VAL G 304 14.95 -0.78 38.45
CA VAL G 304 14.38 -0.53 39.78
C VAL G 304 15.43 0.22 40.63
N ASN G 305 14.98 1.25 41.33
CA ASN G 305 15.78 1.92 42.36
C ASN G 305 17.10 2.46 41.81
N VAL G 306 17.01 3.23 40.72
CA VAL G 306 18.21 3.83 40.15
C VAL G 306 18.41 5.23 40.67
N CYS G 307 17.42 5.78 41.41
CA CYS G 307 17.65 6.99 42.20
C CYS G 307 17.22 6.61 43.60
N ASP G 308 18.17 6.08 44.39
CA ASP G 308 17.84 5.36 45.63
C ASP G 308 17.80 6.32 46.83
N ALA G 309 17.64 5.76 48.02
CA ALA G 309 17.39 6.57 49.22
C ALA G 309 18.64 7.36 49.58
N ASN G 310 19.82 6.75 49.40
CA ASN G 310 21.04 7.48 49.74
C ASN G 310 21.34 8.57 48.71
N MET G 311 21.00 8.38 47.42
CA MET G 311 21.14 9.50 46.48
C MET G 311 20.19 10.63 46.84
N LEU G 312 18.96 10.30 47.22
CA LEU G 312 17.98 11.35 47.57
C LEU G 312 18.44 12.16 48.79
N LYS G 313 19.11 11.51 49.75
CA LYS G 313 19.63 12.20 50.92
C LYS G 313 20.80 13.13 50.55
N ALA G 314 21.62 12.74 49.56
CA ALA G 314 22.80 13.52 49.20
C ALA G 314 22.52 14.62 48.18
N LEU G 315 21.39 14.57 47.46
CA LEU G 315 21.14 15.58 46.43
C LEU G 315 21.18 16.99 46.97
N LYS G 316 21.68 17.90 46.13
CA LYS G 316 21.60 19.32 46.40
C LYS G 316 20.21 19.77 46.91
N LYS G 317 20.21 20.67 47.90
CA LYS G 317 18.94 21.30 48.33
C LYS G 317 18.23 21.91 47.14
N ARG G 318 16.93 21.61 47.03
CA ARG G 318 15.98 22.18 46.07
C ARG G 318 16.14 21.61 44.67
N ALA G 319 16.89 20.50 44.54
CA ALA G 319 16.97 19.79 43.26
C ALA G 319 15.58 19.27 42.88
N VAL G 320 15.32 19.25 41.58
CA VAL G 320 14.13 18.61 41.02
C VAL G 320 14.43 17.15 40.74
N VAL G 321 13.47 16.26 41.07
CA VAL G 321 13.59 14.81 40.89
C VAL G 321 12.39 14.33 40.07
N CYS G 322 12.65 13.60 38.97
CA CYS G 322 11.52 13.06 38.20
C CYS G 322 11.95 11.80 37.45
N ASN G 323 10.92 11.07 37.02
CA ASN G 323 11.07 9.82 36.32
C ASN G 323 10.28 9.89 35.00
N ILE G 324 10.93 9.49 33.90
CA ILE G 324 10.25 9.41 32.62
C ILE G 324 10.24 7.98 32.05
N GLY G 325 10.77 6.99 32.79
CA GLY G 325 10.52 5.59 32.50
C GLY G 325 9.11 5.18 32.92
N HIS G 326 8.73 3.96 32.56
CA HIS G 326 7.29 3.59 32.66
C HIS G 326 6.73 3.54 34.10
N PHE G 327 7.52 3.07 35.10
CA PHE G 327 6.98 2.81 36.43
C PHE G 327 7.71 3.68 37.44
N ASP G 328 7.01 4.02 38.55
CA ASP G 328 7.63 4.92 39.51
C ASP G 328 8.69 4.27 40.38
N ASN G 329 8.87 2.95 40.36
CA ASN G 329 9.90 2.39 41.22
C ASN G 329 11.32 2.67 40.74
N GLU G 330 11.51 3.43 39.65
CA GLU G 330 12.86 3.95 39.35
C GLU G 330 13.40 4.79 40.48
N ILE G 331 12.51 5.49 41.21
CA ILE G 331 12.90 6.35 42.31
C ILE G 331 12.34 5.75 43.59
N ASP G 332 13.15 5.80 44.67
CA ASP G 332 12.67 5.29 45.95
C ASP G 332 11.74 6.33 46.59
N THR G 333 10.58 6.50 45.96
CA THR G 333 9.56 7.33 46.60
C THR G 333 8.97 6.68 47.86
N ALA G 334 9.00 5.35 47.98
CA ALA G 334 8.50 4.78 49.24
C ALA G 334 9.34 5.28 50.42
N PHE G 335 10.66 5.35 50.25
CA PHE G 335 11.51 5.89 51.31
C PHE G 335 11.06 7.31 51.69
N MET G 336 10.72 8.14 50.69
CA MET G 336 10.36 9.53 50.99
C MET G 336 9.02 9.61 51.67
N ARG G 337 8.08 8.73 51.29
CA ARG G 337 6.79 8.73 52.00
C ARG G 337 6.98 8.33 53.43
N LYS G 338 7.88 7.37 53.66
CA LYS G 338 8.10 6.86 55.00
C LYS G 338 8.74 7.90 55.91
N ASN G 339 9.57 8.80 55.39
CA ASN G 339 10.45 9.57 56.25
C ASN G 339 10.27 11.08 56.18
N TRP G 340 9.74 11.63 55.09
CA TRP G 340 9.84 13.05 54.79
C TRP G 340 8.45 13.66 54.57
N ALA G 341 8.31 14.96 54.83
CA ALA G 341 6.99 15.61 54.73
C ALA G 341 6.71 16.08 53.29
N TRP G 342 5.54 15.73 52.76
CA TRP G 342 5.22 16.08 51.38
C TRP G 342 4.33 17.32 51.36
N GLU G 343 4.80 18.42 50.72
CA GLU G 343 3.98 19.64 50.56
C GLU G 343 3.49 19.74 49.13
N GLU G 344 2.17 19.70 48.94
CA GLU G 344 1.66 19.85 47.57
C GLU G 344 1.75 21.31 47.12
N VAL G 345 2.56 21.57 46.10
CA VAL G 345 2.57 22.92 45.52
C VAL G 345 1.30 23.14 44.71
N LYS G 346 1.02 22.20 43.83
CA LYS G 346 -0.15 22.11 42.97
C LYS G 346 -0.20 20.68 42.47
N PRO G 347 -1.27 20.26 41.78
CA PRO G 347 -1.37 18.84 41.41
C PRO G 347 -0.10 18.35 40.69
N GLN G 348 0.40 17.21 41.12
CA GLN G 348 1.57 16.56 40.54
C GLN G 348 2.85 17.35 40.77
N VAL G 349 2.89 18.29 41.73
CA VAL G 349 4.14 18.99 42.10
C VAL G 349 4.22 18.98 43.62
N HIS G 350 5.19 18.24 44.16
CA HIS G 350 5.35 18.18 45.60
C HIS G 350 6.76 18.65 46.00
N LYS G 351 6.81 19.44 47.08
CA LYS G 351 8.09 19.64 47.76
C LYS G 351 8.21 18.59 48.85
N ILE G 352 9.37 17.92 48.90
CA ILE G 352 9.62 16.84 49.86
C ILE G 352 10.60 17.40 50.85
N HIS G 353 10.15 17.62 52.08
CA HIS G 353 10.96 18.28 53.09
C HIS G 353 11.74 17.24 53.89
N ARG G 354 13.07 17.36 53.82
CA ARG G 354 13.97 16.37 54.38
C ARG G 354 14.20 16.60 55.87
N THR G 355 13.39 17.42 56.51
CA THR G 355 13.62 17.80 57.89
C THR G 355 12.83 16.93 58.86
N GLY G 356 11.90 16.15 58.35
CA GLY G 356 11.05 15.35 59.20
C GLY G 356 9.79 14.91 58.46
N LYS G 357 8.98 14.11 59.17
CA LYS G 357 7.82 13.45 58.61
C LYS G 357 6.52 14.23 58.75
N ASP G 358 6.21 14.74 59.96
CA ASP G 358 4.85 15.14 60.27
C ASP G 358 4.65 16.67 60.30
N GLY G 359 5.63 17.41 59.78
CA GLY G 359 5.54 18.85 59.65
C GLY G 359 6.74 19.36 58.89
N PHE G 360 6.61 20.59 58.41
CA PHE G 360 7.73 21.30 57.75
C PHE G 360 7.50 22.78 57.93
N ASP G 361 8.59 23.53 58.05
CA ASP G 361 8.50 24.99 58.07
C ASP G 361 8.10 25.48 56.67
N ALA G 362 7.08 26.35 56.57
CA ALA G 362 6.67 26.82 55.22
C ALA G 362 7.85 27.46 54.46
N HIS G 363 8.83 27.99 55.18
CA HIS G 363 10.00 28.61 54.55
C HIS G 363 11.26 27.76 54.62
N ASN G 364 11.12 26.45 54.88
CA ASN G 364 12.26 25.53 54.92
C ASN G 364 12.99 25.62 53.59
N ASP G 365 14.34 25.60 53.61
CA ASP G 365 15.13 25.57 52.38
C ASP G 365 15.63 24.16 52.01
N ASP G 366 15.38 23.14 52.84
CA ASP G 366 15.94 21.80 52.62
C ASP G 366 14.82 20.86 52.17
N TYR G 367 14.51 20.95 50.88
CA TYR G 367 13.48 20.16 50.25
C TYR G 367 13.95 19.79 48.83
N LEU G 368 13.33 18.75 48.28
CA LEU G 368 13.46 18.39 46.88
C LEU G 368 12.13 18.67 46.21
N ILE G 369 12.12 18.93 44.93
CA ILE G 369 10.85 18.98 44.20
C ILE G 369 10.67 17.68 43.41
N LEU G 370 9.61 16.92 43.73
CA LEU G 370 9.25 15.67 43.03
C LEU G 370 8.10 15.99 42.06
N LEU G 371 8.23 15.59 40.81
CA LEU G 371 7.18 15.78 39.83
C LEU G 371 6.39 14.47 39.63
N ALA G 372 5.06 14.64 39.53
CA ALA G 372 4.11 13.55 39.28
C ALA G 372 4.28 12.38 40.25
N GLU G 373 4.72 12.65 41.50
CA GLU G 373 4.91 11.61 42.50
C GLU G 373 5.79 10.47 41.97
N GLY G 374 6.69 10.81 41.03
CA GLY G 374 7.60 9.82 40.48
C GLY G 374 7.07 9.02 39.32
N ARG G 375 5.82 9.23 38.91
CA ARG G 375 5.22 8.60 37.74
C ARG G 375 5.71 9.32 36.49
N LEU G 376 5.48 8.70 35.31
CA LEU G 376 5.95 9.27 34.03
C LEU G 376 5.73 10.77 33.90
N VAL G 377 6.81 11.55 33.94
CA VAL G 377 6.65 13.00 34.17
C VAL G 377 6.08 13.71 32.95
N ASN G 378 6.44 13.23 31.74
CA ASN G 378 5.99 13.97 30.55
C ASN G 378 4.48 13.91 30.45
N LEU G 379 3.88 12.75 30.81
CA LEU G 379 2.42 12.61 30.78
C LEU G 379 1.78 13.19 32.04
N GLY G 380 2.51 13.10 33.16
CA GLY G 380 1.90 13.57 34.43
C GLY G 380 1.84 15.08 34.58
N ASN G 381 2.88 15.77 34.15
CA ASN G 381 3.00 17.23 34.29
C ASN G 381 2.83 18.00 32.98
N ALA G 382 2.78 17.32 31.83
CA ALA G 382 2.39 17.98 30.59
C ALA G 382 1.41 17.11 29.84
N THR G 383 1.59 16.92 28.53
CA THR G 383 0.61 16.12 27.79
C THR G 383 1.30 14.96 27.06
N GLY G 384 2.45 14.51 27.57
CA GLY G 384 3.16 13.48 26.82
C GLY G 384 3.67 13.93 25.46
N HIS G 385 3.92 12.92 24.62
CA HIS G 385 4.42 13.18 23.29
C HIS G 385 3.38 13.94 22.46
N PRO G 386 3.84 14.71 21.48
CA PRO G 386 2.91 15.40 20.57
C PRO G 386 2.31 14.46 19.52
N SER G 387 1.15 14.89 18.99
CA SER G 387 0.40 14.11 17.98
C SER G 387 1.30 13.63 16.83
N ARG G 388 2.11 14.53 16.27
CA ARG G 388 2.84 14.13 15.06
C ARG G 388 3.92 13.08 15.32
N ILE G 389 4.36 12.93 16.56
CA ILE G 389 5.20 11.81 16.93
C ILE G 389 4.37 10.56 17.22
N MET G 390 3.28 10.71 17.99
CA MET G 390 2.48 9.54 18.35
C MET G 390 1.86 8.92 17.10
N ASP G 391 1.75 9.70 16.04
CA ASP G 391 1.30 9.21 14.74
C ASP G 391 2.03 7.93 14.34
N GLY G 392 3.35 7.88 14.53
CA GLY G 392 4.08 6.69 14.07
C GLY G 392 3.79 5.50 14.95
N SER G 393 3.82 5.73 16.27
CA SER G 393 3.54 4.67 17.23
C SER G 393 2.18 4.06 16.96
N PHE G 394 1.17 4.90 16.76
CA PHE G 394 -0.19 4.43 16.74
C PHE G 394 -0.57 3.88 15.38
N ALA G 395 0.04 4.35 14.31
CA ALA G 395 -0.13 3.67 13.03
C ALA G 395 0.41 2.22 13.10
N ASN G 396 1.51 2.02 13.81
CA ASN G 396 1.99 0.66 14.03
C ASN G 396 1.02 -0.16 14.88
N GLN G 397 0.50 0.44 15.96
CA GLN G 397 -0.53 -0.25 16.74
C GLN G 397 -1.67 -0.74 15.85
N VAL G 398 -2.19 0.13 14.97
CA VAL G 398 -3.32 -0.29 14.19
C VAL G 398 -2.92 -1.44 13.26
N LEU G 399 -1.77 -1.32 12.61
CA LEU G 399 -1.33 -2.40 11.74
C LEU G 399 -1.14 -3.72 12.51
N ALA G 400 -0.64 -3.63 13.73
CA ALA G 400 -0.44 -4.80 14.57
C ALA G 400 -1.77 -5.44 14.94
N GLN G 401 -2.78 -4.63 15.28
CA GLN G 401 -4.09 -5.19 15.61
C GLN G 401 -4.68 -5.88 14.41
N ILE G 402 -4.53 -5.29 13.24
CA ILE G 402 -5.04 -5.95 12.05
C ILE G 402 -4.34 -7.29 11.88
N HIS G 403 -3.02 -7.30 12.00
CA HIS G 403 -2.30 -8.54 11.74
C HIS G 403 -2.77 -9.66 12.69
N LEU G 404 -2.73 -9.41 14.00
CA LEU G 404 -3.06 -10.48 14.93
C LEU G 404 -4.52 -10.89 14.87
N PHE G 405 -5.43 -9.91 14.72
CA PHE G 405 -6.84 -10.23 14.66
C PHE G 405 -7.15 -11.17 13.49
N GLU G 406 -6.52 -10.94 12.34
CA GLU G 406 -6.79 -11.82 11.20
C GLU G 406 -6.08 -13.16 11.31
N GLN G 407 -4.96 -13.22 12.02
CA GLN G 407 -4.34 -14.52 12.23
C GLN G 407 -5.27 -15.46 13.02
N LYS G 408 -6.15 -14.92 13.87
CA LYS G 408 -7.20 -15.70 14.55
C LYS G 408 -6.62 -16.85 15.40
N TYR G 409 -5.57 -16.53 16.18
CA TYR G 409 -4.92 -17.55 17.01
C TYR G 409 -5.92 -18.36 17.85
N ALA G 410 -6.86 -17.70 18.52
CA ALA G 410 -7.75 -18.41 19.46
C ALA G 410 -8.65 -19.45 18.80
N ASP G 411 -8.85 -19.39 17.47
CA ASP G 411 -9.62 -20.39 16.75
C ASP G 411 -8.77 -21.54 16.23
N LEU G 412 -7.41 -21.49 16.37
CA LEU G 412 -6.58 -22.52 15.76
C LEU G 412 -6.61 -23.82 16.55
N PRO G 413 -6.39 -24.96 15.87
CA PRO G 413 -6.06 -26.20 16.60
C PRO G 413 -4.76 -26.01 17.40
N ALA G 414 -4.67 -26.76 18.51
CA ALA G 414 -3.54 -26.61 19.41
C ALA G 414 -2.21 -26.88 18.72
N ALA G 415 -2.23 -27.70 17.67
CA ALA G 415 -1.04 -27.94 16.89
C ALA G 415 -0.56 -26.65 16.23
N GLU G 416 -1.47 -25.93 15.58
CA GLU G 416 -1.08 -24.67 14.96
C GLU G 416 -0.83 -23.57 16.00
N LYS G 417 -1.40 -23.70 17.20
CA LYS G 417 -1.22 -22.67 18.23
C LYS G 417 0.21 -22.61 18.72
N ALA G 418 0.76 -23.76 19.16
CA ALA G 418 2.13 -23.80 19.65
C ALA G 418 3.12 -23.24 18.62
N LYS G 419 2.81 -23.41 17.32
CA LYS G 419 3.63 -22.89 16.24
C LYS G 419 3.59 -21.35 16.17
N ARG G 420 2.46 -20.74 16.52
CA ARG G 420 2.30 -19.30 16.36
C ARG G 420 2.37 -18.54 17.69
N LEU G 421 2.71 -19.22 18.78
CA LEU G 421 2.81 -18.56 20.09
C LEU G 421 4.18 -17.87 20.17
N SER G 422 4.23 -16.57 19.84
CA SER G 422 5.50 -15.88 19.70
C SER G 422 5.31 -14.40 20.04
N VAL G 423 6.42 -13.69 20.20
CA VAL G 423 6.42 -12.23 20.36
C VAL G 423 7.23 -11.71 19.19
N GLU G 424 6.59 -11.01 18.28
CA GLU G 424 7.22 -10.67 16.99
C GLU G 424 7.05 -9.20 16.72
N VAL G 425 7.89 -8.66 15.80
CA VAL G 425 7.77 -7.27 15.33
C VAL G 425 7.08 -7.25 13.96
N LEU G 426 6.62 -6.06 13.58
CA LEU G 426 6.09 -5.83 12.23
C LEU G 426 7.21 -5.89 11.19
N PRO G 427 6.92 -6.39 9.99
CA PRO G 427 7.93 -6.42 8.93
C PRO G 427 8.34 -5.00 8.50
N LYS G 428 9.57 -4.93 7.96
CA LYS G 428 10.21 -3.64 7.71
C LYS G 428 9.42 -2.82 6.67
N LYS G 429 8.80 -3.49 5.68
CA LYS G 429 8.02 -2.75 4.69
C LYS G 429 6.95 -1.87 5.37
N LEU G 430 6.28 -2.37 6.44
CA LEU G 430 5.25 -1.56 7.07
C LEU G 430 5.91 -0.37 7.78
N ASP G 431 7.08 -0.63 8.38
CA ASP G 431 7.84 0.44 9.05
C ASP G 431 8.18 1.55 8.05
N GLU G 432 8.63 1.18 6.84
CA GLU G 432 8.99 2.19 5.85
C GLU G 432 7.73 2.93 5.38
N GLU G 433 6.61 2.21 5.23
CA GLU G 433 5.39 2.84 4.75
C GLU G 433 4.89 3.88 5.75
N VAL G 434 4.93 3.53 7.04
CA VAL G 434 4.53 4.50 8.07
C VAL G 434 5.48 5.71 8.03
N ALA G 435 6.79 5.46 7.94
CA ALA G 435 7.77 6.56 7.86
C ALA G 435 7.48 7.47 6.68
N LEU G 436 7.14 6.90 5.54
CA LEU G 436 6.96 7.74 4.36
C LEU G 436 5.82 8.72 4.59
N GLU G 437 4.73 8.26 5.22
CA GLU G 437 3.63 9.19 5.47
C GLU G 437 4.04 10.29 6.46
N MET G 438 4.87 9.94 7.47
CA MET G 438 5.38 10.92 8.42
C MET G 438 6.24 11.96 7.69
N VAL G 439 7.10 11.52 6.74
CA VAL G 439 7.95 12.49 6.05
C VAL G 439 7.12 13.43 5.21
N LYS G 440 6.12 12.87 4.53
CA LYS G 440 5.26 13.73 3.74
C LYS G 440 4.50 14.71 4.65
N GLY G 441 4.21 14.34 5.87
CA GLY G 441 3.57 15.32 6.75
C GLY G 441 4.43 16.56 6.98
N PHE G 442 5.76 16.41 6.91
CA PHE G 442 6.67 17.55 7.06
C PHE G 442 6.86 18.29 5.75
N GLY G 443 6.24 17.84 4.68
CA GLY G 443 6.55 18.37 3.37
C GLY G 443 7.85 17.82 2.78
N GLY G 444 8.43 16.80 3.40
CA GLY G 444 9.65 16.19 2.87
C GLY G 444 9.36 15.41 1.59
N VAL G 445 10.39 15.23 0.76
CA VAL G 445 10.24 14.60 -0.58
C VAL G 445 11.31 13.52 -0.66
N VAL G 446 10.88 12.28 -0.69
CA VAL G 446 11.80 11.16 -0.71
C VAL G 446 12.17 10.95 -2.18
N THR G 447 13.45 10.77 -2.45
CA THR G 447 13.92 10.47 -3.81
C THR G 447 13.64 9.01 -4.17
N GLN G 448 13.33 8.78 -5.44
CA GLN G 448 13.13 7.42 -5.92
C GLN G 448 14.38 6.92 -6.63
N LEU G 449 14.85 5.74 -6.23
CA LEU G 449 15.99 5.12 -6.90
C LEU G 449 15.72 4.88 -8.40
N THR G 450 16.74 4.98 -9.22
CA THR G 450 16.63 4.47 -10.59
C THR G 450 16.76 2.97 -10.57
N PRO G 451 16.33 2.28 -11.61
CA PRO G 451 16.63 0.84 -11.70
C PRO G 451 18.14 0.51 -11.56
N LYS G 452 19.04 1.25 -12.21
CA LYS G 452 20.46 0.92 -12.08
C LYS G 452 20.96 1.15 -10.65
N GLN G 453 20.46 2.20 -9.97
CA GLN G 453 20.92 2.42 -8.60
C GLN G 453 20.43 1.33 -7.68
N ALA G 454 19.18 0.88 -7.92
CA ALA G 454 18.59 -0.14 -7.07
C ALA G 454 19.35 -1.45 -7.23
N GLU G 455 19.69 -1.80 -8.46
CA GLU G 455 20.60 -2.92 -8.73
C GLU G 455 21.96 -2.74 -8.04
N TYR G 456 22.52 -1.51 -8.11
CA TYR G 456 23.86 -1.27 -7.59
C TYR G 456 23.95 -1.56 -6.09
N ILE G 457 22.91 -1.20 -5.33
CA ILE G 457 22.99 -1.45 -3.91
C ILE G 457 22.19 -2.67 -3.49
N GLY G 458 21.59 -3.36 -4.44
CA GLY G 458 20.89 -4.64 -4.28
C GLY G 458 19.58 -4.50 -3.53
N VAL G 459 18.78 -3.48 -3.85
CA VAL G 459 17.46 -3.38 -3.25
C VAL G 459 16.44 -3.24 -4.36
N SER G 460 15.17 -3.44 -4.00
CA SER G 460 14.09 -3.07 -4.90
C SER G 460 13.86 -1.56 -4.86
N VAL G 461 13.43 -1.02 -5.99
CA VAL G 461 13.04 0.39 -6.02
C VAL G 461 11.96 0.68 -4.98
N GLU G 462 11.07 -0.29 -4.72
CA GLU G 462 10.03 -0.13 -3.72
C GLU G 462 10.47 -0.54 -2.33
N GLY G 463 11.72 -0.96 -2.15
CA GLY G 463 12.19 -1.29 -0.82
C GLY G 463 11.78 -2.71 -0.46
N PRO G 464 12.13 -3.19 0.75
CA PRO G 464 12.82 -2.48 1.80
C PRO G 464 14.25 -2.10 1.43
N PHE G 465 14.70 -0.99 2.04
CA PHE G 465 15.96 -0.38 1.63
C PHE G 465 17.13 -0.83 2.49
N LYS G 466 16.84 -1.49 3.61
CA LYS G 466 17.84 -1.91 4.59
C LYS G 466 17.62 -3.37 5.00
N PRO G 467 18.68 -4.11 5.29
CA PRO G 467 18.51 -5.46 5.87
C PRO G 467 17.93 -5.36 7.29
N ASP G 468 17.32 -6.47 7.73
CA ASP G 468 16.66 -6.50 9.04
C ASP G 468 17.63 -6.17 10.19
N THR G 469 18.94 -6.42 9.99
CA THR G 469 19.91 -6.12 11.03
C THR G 469 20.28 -4.63 11.10
N TYR G 470 19.83 -3.80 10.18
CA TYR G 470 20.26 -2.40 10.19
C TYR G 470 19.75 -1.61 11.41
N ARG G 471 20.63 -0.76 12.00
CA ARG G 471 20.30 -0.10 13.28
C ARG G 471 19.81 1.34 13.15
N TYR G 472 19.97 1.98 11.98
CA TYR G 472 19.60 3.38 11.78
C TYR G 472 20.33 4.29 12.82
N GLY H 12 -9.72 43.61 57.81
CA GLY H 12 -10.75 43.84 56.81
C GLY H 12 -10.27 44.57 55.56
N PHE H 13 -9.21 44.04 54.97
CA PHE H 13 -8.60 44.66 53.80
C PHE H 13 -9.46 44.40 52.56
N THR H 14 -9.91 45.49 51.88
CA THR H 14 -10.75 45.35 50.69
C THR H 14 -10.20 46.09 49.47
N ASP H 15 -9.03 46.70 49.58
CA ASP H 15 -8.55 47.64 48.57
C ASP H 15 -7.80 46.87 47.47
N TYR H 16 -8.53 46.05 46.71
CA TYR H 16 -7.93 45.21 45.66
C TYR H 16 -9.06 44.68 44.78
N LYS H 17 -8.68 44.16 43.61
CA LYS H 17 -9.58 43.34 42.78
C LYS H 17 -8.78 42.28 42.02
N VAL H 18 -9.03 41.00 42.32
CA VAL H 18 -8.33 39.89 41.68
C VAL H 18 -9.40 38.84 41.32
N ALA H 19 -9.00 37.83 40.54
CA ALA H 19 -9.95 36.83 40.09
C ALA H 19 -10.53 36.03 41.25
N ASP H 20 -9.70 35.64 42.20
CA ASP H 20 -10.13 34.63 43.17
C ASP H 20 -9.11 34.62 44.31
N ILE H 21 -9.49 35.30 45.38
CA ILE H 21 -8.63 35.46 46.54
C ILE H 21 -8.27 34.09 47.16
N THR H 22 -9.09 33.05 46.93
CA THR H 22 -8.81 31.75 47.53
C THR H 22 -7.58 31.09 46.89
N LEU H 23 -7.05 31.68 45.83
CA LEU H 23 -5.80 31.18 45.23
C LEU H 23 -4.55 31.64 45.98
N ALA H 24 -4.71 32.46 47.01
CA ALA H 24 -3.60 33.13 47.66
C ALA H 24 -2.58 32.13 48.18
N ALA H 25 -3.06 31.04 48.81
CA ALA H 25 -2.14 30.10 49.43
C ALA H 25 -1.24 29.44 48.39
N TRP H 26 -1.83 29.02 47.26
CA TRP H 26 -1.06 28.50 46.15
C TRP H 26 -0.05 29.54 45.68
N GLY H 27 -0.50 30.79 45.53
CA GLY H 27 0.42 31.83 45.10
C GLY H 27 1.57 32.02 46.07
N ARG H 28 1.29 31.97 47.38
CA ARG H 28 2.36 32.10 48.36
C ARG H 28 3.33 30.93 48.25
N ARG H 29 2.82 29.73 47.99
CA ARG H 29 3.73 28.60 47.78
C ARG H 29 4.70 28.87 46.64
N GLU H 30 4.21 29.44 45.53
CA GLU H 30 5.07 29.67 44.36
C GLU H 30 5.98 30.86 44.55
N LEU H 31 5.56 31.86 45.37
CA LEU H 31 6.47 32.96 45.75
C LEU H 31 7.65 32.42 46.55
N ILE H 32 7.39 31.47 47.48
CA ILE H 32 8.48 30.97 48.31
C ILE H 32 9.51 30.22 47.45
N ILE H 33 9.01 29.45 46.48
CA ILE H 33 9.92 28.80 45.52
C ILE H 33 10.67 29.87 44.72
N ALA H 34 9.95 30.90 44.20
CA ALA H 34 10.62 31.91 43.37
C ALA H 34 11.69 32.69 44.15
N GLU H 35 11.50 32.95 45.44
CA GLU H 35 12.58 33.59 46.21
C GLU H 35 13.90 32.80 46.10
N SER H 36 13.84 31.46 46.15
CA SER H 36 15.06 30.64 46.12
C SER H 36 15.68 30.67 44.73
N GLU H 37 14.92 31.18 43.76
CA GLU H 37 15.40 31.28 42.38
C GLU H 37 15.86 32.70 42.02
N MET H 38 15.83 33.66 42.96
CA MET H 38 16.09 35.07 42.66
C MET H 38 17.09 35.63 43.64
N PRO H 39 18.31 35.10 43.59
CA PRO H 39 19.34 35.52 44.56
C PRO H 39 19.70 37.02 44.49
N ALA H 40 19.74 37.64 43.32
CA ALA H 40 20.06 39.07 43.28
C ALA H 40 18.98 39.85 44.02
N LEU H 41 17.73 39.56 43.71
CA LEU H 41 16.68 40.33 44.35
C LEU H 41 16.64 40.04 45.86
N MET H 42 16.75 38.75 46.25
N MET H 42 16.78 38.77 46.27
CA MET H 42 16.81 38.42 47.68
CA MET H 42 16.77 38.48 47.70
C MET H 42 18.01 39.07 48.34
C MET H 42 18.02 39.01 48.38
N GLY H 43 19.15 39.08 47.66
CA GLY H 43 20.34 39.69 48.23
C GLY H 43 20.15 41.17 48.49
N LEU H 44 19.36 41.86 47.64
CA LEU H 44 19.00 43.27 47.94
C LEU H 44 18.12 43.36 49.19
N ARG H 45 17.13 42.47 49.32
CA ARG H 45 16.34 42.39 50.56
C ARG H 45 17.23 42.29 51.79
N ARG H 46 18.21 41.38 51.75
CA ARG H 46 19.08 41.20 52.90
C ARG H 46 20.01 42.38 53.09
N LYS H 47 20.56 42.93 52.02
CA LYS H 47 21.51 44.02 52.19
C LYS H 47 20.85 45.31 52.72
N TYR H 48 19.67 45.65 52.21
CA TYR H 48 19.06 46.96 52.47
C TYR H 48 17.97 46.97 53.53
N ALA H 49 17.60 45.82 54.08
CA ALA H 49 16.41 45.79 54.94
C ALA H 49 16.60 46.66 56.18
N GLY H 50 17.75 46.54 56.86
CA GLY H 50 18.00 47.38 58.01
C GLY H 50 18.00 48.86 57.66
N GLN H 51 18.46 49.20 56.48
CA GLN H 51 18.51 50.62 56.19
C GLN H 51 17.19 51.20 55.67
N GLN H 52 16.22 50.39 55.19
CA GLN H 52 14.93 50.92 54.76
C GLN H 52 15.05 52.09 53.78
N PRO H 53 15.77 51.89 52.67
CA PRO H 53 16.01 53.02 51.77
C PRO H 53 14.79 53.49 51.01
N LEU H 54 13.72 52.69 50.96
CA LEU H 54 12.48 53.14 50.33
C LEU H 54 11.41 53.54 51.37
N LYS H 55 11.82 53.73 52.62
CA LYS H 55 10.91 54.31 53.61
C LYS H 55 10.35 55.63 53.11
N GLY H 56 9.02 55.73 53.02
CA GLY H 56 8.41 56.95 52.50
C GLY H 56 8.14 56.90 51.01
N ALA H 57 8.70 55.93 50.30
CA ALA H 57 8.39 55.78 48.88
C ALA H 57 6.97 55.23 48.70
N LYS H 58 6.26 55.77 47.73
CA LYS H 58 4.90 55.35 47.43
C LYS H 58 4.88 55.11 45.93
N ILE H 59 4.86 53.84 45.51
CA ILE H 59 5.18 53.49 44.14
C ILE H 59 3.92 53.02 43.43
N LEU H 60 3.58 53.70 42.32
CA LEU H 60 2.61 53.17 41.37
C LEU H 60 3.36 52.20 40.46
N GLY H 61 2.95 50.94 40.46
CA GLY H 61 3.63 49.95 39.62
C GLY H 61 2.66 49.39 38.61
N CYS H 62 3.09 49.25 37.34
CA CYS H 62 2.25 48.69 36.27
C CYS H 62 3.15 47.71 35.50
N ILE H 63 3.11 46.43 35.86
CA ILE H 63 3.89 45.42 35.17
C ILE H 63 3.20 44.07 35.42
N HIS H 64 3.16 43.24 34.37
CA HIS H 64 2.70 41.84 34.43
C HIS H 64 2.66 41.23 35.82
N MET H 65 1.45 40.95 36.32
CA MET H 65 1.24 40.51 37.71
C MET H 65 1.48 39.00 37.82
N THR H 66 2.76 38.62 37.64
CA THR H 66 3.25 37.25 37.73
C THR H 66 3.83 36.97 39.11
N ILE H 67 4.17 35.69 39.33
CA ILE H 67 4.90 35.33 40.53
C ILE H 67 6.18 36.15 40.63
N GLN H 68 6.88 36.35 39.51
CA GLN H 68 8.14 37.07 39.57
C GLN H 68 7.92 38.52 40.00
N THR H 69 6.86 39.16 39.47
CA THR H 69 6.56 40.51 39.92
C THR H 69 6.18 40.52 41.39
N GLY H 70 5.57 39.42 41.87
CA GLY H 70 5.26 39.34 43.31
C GLY H 70 6.49 39.45 44.18
N VAL H 71 7.59 38.81 43.74
CA VAL H 71 8.80 38.90 44.58
C VAL H 71 9.40 40.29 44.49
N LEU H 72 9.30 40.92 43.32
CA LEU H 72 9.69 42.33 43.17
C LEU H 72 8.91 43.24 44.11
N ILE H 73 7.60 43.09 44.14
CA ILE H 73 6.75 43.96 44.98
C ILE H 73 7.12 43.77 46.43
N GLU H 74 7.22 42.49 46.86
CA GLU H 74 7.55 42.25 48.27
C GLU H 74 8.96 42.74 48.63
N THR H 75 9.88 42.71 47.68
CA THR H 75 11.18 43.34 47.94
C THR H 75 11.05 44.85 48.10
N LEU H 76 10.27 45.51 47.24
CA LEU H 76 10.07 46.95 47.42
C LEU H 76 9.46 47.27 48.80
N VAL H 77 8.45 46.49 49.19
CA VAL H 77 7.80 46.65 50.48
C VAL H 77 8.76 46.35 51.62
N ALA H 78 9.59 45.29 51.47
CA ALA H 78 10.53 44.95 52.54
C ALA H 78 11.53 46.08 52.77
N LEU H 79 11.85 46.84 51.71
CA LEU H 79 12.77 47.98 51.82
C LEU H 79 12.08 49.29 52.26
N GLY H 80 10.77 49.26 52.56
CA GLY H 80 10.07 50.40 53.17
C GLY H 80 8.99 51.00 52.30
N ALA H 81 8.87 50.61 51.03
CA ALA H 81 7.90 51.23 50.13
C ALA H 81 6.48 50.82 50.47
N GLU H 82 5.51 51.68 50.13
CA GLU H 82 4.15 51.21 49.91
C GLU H 82 3.90 51.23 48.40
N VAL H 83 3.04 50.33 47.90
CA VAL H 83 2.77 50.29 46.47
C VAL H 83 1.28 50.17 46.19
N ARG H 84 0.92 50.52 44.95
CA ARG H 84 -0.40 50.19 44.40
C ARG H 84 -0.14 49.65 42.99
N TRP H 85 -0.69 48.46 42.66
CA TRP H 85 -0.18 47.71 41.51
C TRP H 85 -1.28 47.36 40.51
N SER H 86 -0.89 47.26 39.23
CA SER H 86 -1.73 46.73 38.17
C SER H 86 -0.82 46.00 37.18
N SER H 87 -1.44 45.17 36.35
CA SER H 87 -0.70 44.47 35.28
C SER H 87 -0.59 45.40 34.08
N CYS H 88 0.48 45.22 33.25
CA CYS H 88 0.58 46.01 32.00
C CYS H 88 0.09 45.23 30.78
N ASN H 89 -0.61 44.10 30.99
CA ASN H 89 -1.22 43.40 29.88
C ASN H 89 -2.45 42.64 30.36
N ILE H 90 -3.48 42.58 29.49
CA ILE H 90 -4.75 41.94 29.83
C ILE H 90 -4.62 40.44 30.05
N PHE H 91 -3.58 39.77 29.52
CA PHE H 91 -3.50 38.31 29.64
C PHE H 91 -2.32 37.83 30.46
N SER H 92 -1.50 38.72 31.01
CA SER H 92 -0.26 38.26 31.59
C SER H 92 -0.33 37.94 33.08
N THR H 93 -1.36 38.39 33.79
CA THR H 93 -1.43 38.10 35.23
C THR H 93 -1.49 36.60 35.48
N GLN H 94 -0.78 36.14 36.49
CA GLN H 94 -1.09 34.85 37.08
C GLN H 94 -2.01 35.07 38.28
N ASP H 95 -3.23 34.50 38.25
CA ASP H 95 -4.21 34.88 39.27
C ASP H 95 -3.77 34.48 40.67
N GLN H 96 -3.01 33.37 40.83
CA GLN H 96 -2.50 33.01 42.15
C GLN H 96 -1.46 34.03 42.67
N ALA H 97 -0.67 34.63 41.78
CA ALA H 97 0.26 35.72 42.23
C ALA H 97 -0.51 36.93 42.71
N ALA H 98 -1.43 37.43 41.90
CA ALA H 98 -2.27 38.56 42.35
C ALA H 98 -2.98 38.25 43.69
N ALA H 99 -3.57 37.04 43.82
CA ALA H 99 -4.26 36.72 45.06
C ALA H 99 -3.30 36.76 46.26
N ALA H 100 -2.10 36.16 46.13
CA ALA H 100 -1.15 36.23 47.26
C ALA H 100 -0.79 37.68 47.61
N ILE H 101 -0.63 38.54 46.61
CA ILE H 101 -0.25 39.94 46.94
C ILE H 101 -1.41 40.63 47.64
N ALA H 102 -2.63 40.48 47.09
CA ALA H 102 -3.80 41.08 47.77
C ALA H 102 -3.97 40.51 49.19
N ALA H 103 -3.71 39.20 49.36
CA ALA H 103 -3.88 38.64 50.69
C ALA H 103 -2.82 39.16 51.66
N ALA H 104 -1.71 39.66 51.16
CA ALA H 104 -0.70 40.26 52.00
C ALA H 104 -1.07 41.71 52.38
N GLY H 105 -2.23 42.19 51.97
CA GLY H 105 -2.60 43.56 52.32
C GLY H 105 -2.03 44.63 51.40
N ILE H 106 -1.72 44.26 50.17
CA ILE H 106 -1.10 45.16 49.20
C ILE H 106 -2.11 45.45 48.10
N PRO H 107 -2.40 46.72 47.78
CA PRO H 107 -3.42 47.01 46.73
C PRO H 107 -2.94 46.55 45.35
N VAL H 108 -3.72 45.65 44.73
CA VAL H 108 -3.42 45.14 43.40
C VAL H 108 -4.73 44.92 42.66
N PHE H 109 -4.79 45.37 41.42
CA PHE H 109 -5.97 45.30 40.55
C PHE H 109 -5.52 44.66 39.26
N ALA H 110 -5.76 43.33 39.14
CA ALA H 110 -5.17 42.51 38.08
C ALA H 110 -5.80 41.10 38.03
N TRP H 111 -6.15 40.64 36.83
CA TRP H 111 -6.57 39.25 36.65
C TRP H 111 -6.29 38.88 35.22
N LYS H 112 -6.12 37.57 34.99
CA LYS H 112 -5.91 37.08 33.63
C LYS H 112 -7.22 37.18 32.84
N GLY H 113 -7.14 37.73 31.65
CA GLY H 113 -8.32 37.82 30.84
C GLY H 113 -9.15 39.07 31.06
N GLU H 114 -8.50 40.20 31.34
CA GLU H 114 -9.19 41.49 31.43
C GLU H 114 -9.73 41.93 30.07
N THR H 115 -10.84 42.67 30.09
CA THR H 115 -11.18 43.44 28.90
C THR H 115 -10.31 44.69 28.83
N GLU H 116 -10.33 45.38 27.67
CA GLU H 116 -9.60 46.64 27.54
C GLU H 116 -10.11 47.67 28.54
N GLU H 117 -11.44 47.74 28.70
CA GLU H 117 -11.98 48.69 29.68
C GLU H 117 -11.54 48.35 31.11
N GLU H 118 -11.57 47.06 31.47
CA GLU H 118 -11.09 46.65 32.80
C GLU H 118 -9.62 47.02 32.98
N TYR H 119 -8.81 46.77 31.96
CA TYR H 119 -7.40 47.13 32.00
C TYR H 119 -7.17 48.57 32.43
N GLU H 120 -7.91 49.51 31.82
CA GLU H 120 -7.77 50.93 32.15
C GLU H 120 -8.30 51.21 33.55
N TRP H 121 -9.42 50.58 33.91
CA TRP H 121 -9.93 50.73 35.27
C TRP H 121 -8.88 50.31 36.32
N CYS H 122 -8.17 49.18 36.09
CA CYS H 122 -7.20 48.71 37.08
C CYS H 122 -6.10 49.74 37.25
N ILE H 123 -5.60 50.31 36.17
CA ILE H 123 -4.53 51.31 36.32
C ILE H 123 -5.08 52.51 37.09
N GLU H 124 -6.31 52.89 36.80
CA GLU H 124 -6.90 54.03 37.52
C GLU H 124 -7.09 53.72 38.99
N GLN H 125 -7.36 52.45 39.34
CA GLN H 125 -7.48 52.10 40.75
C GLN H 125 -6.14 52.25 41.46
N THR H 126 -5.01 52.16 40.75
CA THR H 126 -3.76 52.39 41.46
C THR H 126 -3.55 53.90 41.64
N ILE H 127 -3.94 54.71 40.66
CA ILE H 127 -3.68 56.15 40.72
C ILE H 127 -4.56 56.83 41.78
N LEU H 128 -5.81 56.38 41.94
CA LEU H 128 -6.74 56.99 42.89
C LEU H 128 -6.89 56.10 44.12
N LYS H 129 -6.96 56.69 45.30
CA LYS H 129 -7.33 55.94 46.49
C LYS H 129 -8.49 56.68 47.12
N ASP H 130 -9.60 55.99 47.32
CA ASP H 130 -10.82 56.62 47.82
C ASP H 130 -11.22 57.80 46.95
N GLY H 131 -11.12 57.63 45.62
CA GLY H 131 -11.61 58.65 44.71
C GLY H 131 -10.73 59.89 44.52
N GLN H 132 -9.58 59.98 45.18
CA GLN H 132 -8.71 61.14 45.03
C GLN H 132 -7.33 60.62 44.69
N PRO H 133 -6.51 61.44 44.04
CA PRO H 133 -5.14 61.01 43.69
C PRO H 133 -4.40 60.47 44.91
N TRP H 134 -3.78 59.29 44.74
CA TRP H 134 -2.95 58.74 45.81
C TRP H 134 -1.72 59.64 46.01
N ASP H 135 -1.11 59.59 47.19
CA ASP H 135 0.11 60.41 47.40
C ASP H 135 1.35 59.67 46.86
N ALA H 136 1.31 59.32 45.57
CA ALA H 136 2.41 58.64 44.90
C ALA H 136 3.62 59.55 44.77
N ASN H 137 4.82 58.95 44.82
CA ASN H 137 6.01 59.75 44.55
C ASN H 137 7.03 58.99 43.68
N MET H 138 6.69 57.80 43.18
CA MET H 138 7.57 56.96 42.33
C MET H 138 6.68 56.20 41.36
N VAL H 139 7.24 55.83 40.20
CA VAL H 139 6.49 55.07 39.21
C VAL H 139 7.37 53.94 38.75
N LEU H 140 6.79 52.72 38.63
CA LEU H 140 7.49 51.59 38.04
C LEU H 140 6.60 51.12 36.90
N ASP H 141 7.14 51.12 35.66
CA ASP H 141 6.28 50.90 34.49
C ASP H 141 6.95 49.93 33.52
N ASP H 142 6.13 49.32 32.69
CA ASP H 142 6.59 48.28 31.76
C ASP H 142 5.76 48.56 30.50
N GLY H 143 6.30 49.36 29.60
CA GLY H 143 5.66 49.66 28.33
C GLY H 143 5.09 51.07 28.21
N GLY H 144 4.98 51.81 29.31
CA GLY H 144 4.66 53.22 29.27
C GLY H 144 3.20 53.59 29.37
N ASP H 145 2.28 52.62 29.51
CA ASP H 145 0.87 53.00 29.59
C ASP H 145 0.59 53.85 30.84
N LEU H 146 1.07 53.40 32.01
CA LEU H 146 0.84 54.18 33.23
C LEU H 146 1.49 55.56 33.14
N THR H 147 2.75 55.59 32.73
CA THR H 147 3.42 56.87 32.47
C THR H 147 2.57 57.76 31.59
N GLU H 148 1.98 57.16 30.53
CA GLU H 148 1.21 57.97 29.58
C GLU H 148 -0.03 58.55 30.26
N ILE H 149 -0.71 57.75 31.07
CA ILE H 149 -1.94 58.24 31.68
C ILE H 149 -1.64 59.37 32.67
N LEU H 150 -0.53 59.24 33.41
CA LEU H 150 -0.15 60.26 34.39
C LEU H 150 0.14 61.59 33.69
N HIS H 151 0.89 61.54 32.59
CA HIS H 151 1.22 62.76 31.82
C HIS H 151 0.00 63.39 31.16
N LYS H 152 -0.92 62.58 30.65
CA LYS H 152 -2.07 63.21 30.00
C LYS H 152 -3.14 63.63 30.99
N LYS H 153 -3.35 62.81 32.02
CA LYS H 153 -4.55 63.04 32.82
C LYS H 153 -4.25 63.51 34.24
N TYR H 154 -3.08 63.23 34.77
CA TYR H 154 -2.79 63.56 36.16
C TYR H 154 -1.49 64.35 36.31
N PRO H 155 -1.30 65.46 35.59
CA PRO H 155 0.00 66.16 35.71
C PRO H 155 0.27 66.76 37.10
N GLN H 156 -0.77 67.08 37.91
CA GLN H 156 -0.50 67.55 39.26
C GLN H 156 0.13 66.47 40.13
N MET H 157 -0.15 65.19 39.83
CA MET H 157 0.53 64.13 40.59
C MET H 157 2.01 64.04 40.22
N LEU H 158 2.34 64.25 38.94
CA LEU H 158 3.73 64.16 38.52
C LEU H 158 4.59 65.22 39.19
N GLU H 159 4.01 66.36 39.62
CA GLU H 159 4.79 67.36 40.34
C GLU H 159 5.46 66.78 41.57
N ARG H 160 4.84 65.76 42.19
CA ARG H 160 5.35 65.19 43.44
C ARG H 160 6.04 63.84 43.23
N ILE H 161 6.23 63.42 41.97
N ILE H 161 6.24 63.42 41.99
CA ILE H 161 6.88 62.17 41.62
CA ILE H 161 6.86 62.13 41.70
C ILE H 161 8.37 62.42 41.42
C ILE H 161 8.33 62.35 41.35
N HIS H 162 9.20 61.55 41.96
CA HIS H 162 10.66 61.72 41.85
C HIS H 162 11.23 61.04 40.61
N GLY H 163 10.56 60.03 40.06
CA GLY H 163 11.14 59.36 38.91
C GLY H 163 10.26 58.24 38.45
N ILE H 164 10.61 57.73 37.25
CA ILE H 164 10.01 56.57 36.60
C ILE H 164 11.13 55.56 36.37
N THR H 165 10.87 54.28 36.66
CA THR H 165 11.82 53.24 36.28
C THR H 165 11.13 52.34 35.27
N GLU H 166 11.60 52.39 34.03
CA GLU H 166 10.87 51.79 32.93
C GLU H 166 11.56 50.47 32.49
N GLU H 167 10.75 49.41 32.38
CA GLU H 167 11.22 48.03 32.22
C GLU H 167 11.66 47.69 30.79
N THR H 168 10.99 48.21 29.75
CA THR H 168 11.13 47.52 28.47
C THR H 168 11.39 48.47 27.31
N THR H 169 11.88 47.86 26.20
CA THR H 169 12.32 48.64 25.04
CA THR H 169 12.30 48.64 25.04
C THR H 169 11.22 49.58 24.55
N THR H 170 9.98 49.07 24.41
CA THR H 170 8.90 49.95 23.89
C THR H 170 8.65 51.15 24.83
N GLY H 171 8.64 50.89 26.12
CA GLY H 171 8.45 51.98 27.08
C GLY H 171 9.59 53.01 27.03
N VAL H 172 10.84 52.56 26.88
CA VAL H 172 11.93 53.53 26.81
C VAL H 172 11.77 54.40 25.57
N HIS H 173 11.44 53.77 24.44
CA HIS H 173 11.19 54.56 23.25
C HIS H 173 10.14 55.65 23.52
N ARG H 174 9.10 55.32 24.27
CA ARG H 174 8.07 56.34 24.50
C ARG H 174 8.63 57.44 25.40
N LEU H 175 9.46 57.07 26.38
CA LEU H 175 10.08 58.08 27.24
C LEU H 175 10.97 59.02 26.43
N LEU H 176 11.77 58.46 25.50
CA LEU H 176 12.69 59.30 24.74
C LEU H 176 11.92 60.24 23.79
N ASP H 177 10.76 59.79 23.29
CA ASP H 177 9.96 60.69 22.46
C ASP H 177 9.45 61.87 23.28
N MET H 178 9.04 61.61 24.52
CA MET H 178 8.61 62.73 25.37
C MET H 178 9.79 63.64 25.71
N LEU H 179 10.96 63.05 26.00
CA LEU H 179 12.12 63.86 26.27
C LEU H 179 12.41 64.79 25.10
N LYS H 180 12.42 64.22 23.88
CA LYS H 180 12.63 64.99 22.67
C LYS H 180 11.61 66.12 22.53
N ASN H 181 10.35 65.85 22.83
CA ASN H 181 9.34 66.88 22.63
C ASN H 181 9.21 67.84 23.81
N GLY H 182 10.04 67.72 24.85
CA GLY H 182 9.89 68.55 26.04
C GLY H 182 8.69 68.25 26.88
N THR H 183 8.04 67.09 26.71
CA THR H 183 6.85 66.80 27.48
C THR H 183 7.11 65.84 28.63
N LEU H 184 8.34 65.35 28.78
CA LEU H 184 8.58 64.47 29.93
C LEU H 184 8.68 65.31 31.21
N LYS H 185 7.94 64.92 32.29
CA LYS H 185 7.84 65.78 33.50
C LYS H 185 8.73 65.32 34.66
N VAL H 186 9.20 64.07 34.67
CA VAL H 186 10.07 63.56 35.73
C VAL H 186 11.16 62.70 35.11
N PRO H 187 12.30 62.57 35.78
CA PRO H 187 13.42 61.85 35.17
C PRO H 187 13.13 60.35 35.22
N ALA H 188 13.89 59.57 34.41
CA ALA H 188 13.57 58.15 34.30
C ALA H 188 14.87 57.35 34.29
N ILE H 189 14.83 56.13 34.81
CA ILE H 189 15.93 55.18 34.57
C ILE H 189 15.42 54.15 33.58
N ASN H 190 16.19 54.00 32.49
CA ASN H 190 16.03 52.99 31.47
C ASN H 190 16.58 51.72 32.08
N VAL H 191 15.69 50.91 32.68
CA VAL H 191 16.12 49.65 33.24
C VAL H 191 16.41 48.68 32.10
N ASN H 192 15.72 48.82 30.98
CA ASN H 192 15.87 47.85 29.89
C ASN H 192 17.34 47.67 29.51
N ASP H 193 18.11 48.76 29.49
CA ASP H 193 19.43 48.64 28.89
C ASP H 193 20.55 48.41 29.90
N SER H 194 20.25 48.05 31.14
CA SER H 194 21.25 47.25 31.86
C SER H 194 21.57 45.96 31.07
N VAL H 195 22.87 45.56 31.00
CA VAL H 195 23.18 44.32 30.29
C VAL H 195 22.49 43.15 30.98
N THR H 196 22.40 43.22 32.32
CA THR H 196 21.71 42.14 33.04
C THR H 196 20.20 42.24 32.92
N LYS H 197 19.70 43.16 32.09
CA LYS H 197 18.31 43.15 31.69
C LYS H 197 18.24 42.82 30.20
N SER H 198 18.63 43.73 29.32
CA SER H 198 18.42 43.54 27.88
C SER H 198 19.03 42.24 27.34
N LYS H 199 20.24 41.88 27.78
CA LYS H 199 20.91 40.73 27.19
C LYS H 199 20.76 39.51 28.05
N ASN H 200 19.81 39.54 28.98
CA ASN H 200 19.44 38.46 29.86
C ASN H 200 17.94 38.18 29.62
N ASP H 201 17.10 39.11 30.10
CA ASP H 201 15.64 39.01 29.98
C ASP H 201 15.19 38.97 28.52
N ASN H 202 15.53 39.99 27.73
CA ASN H 202 14.94 40.12 26.41
C ASN H 202 15.33 38.94 25.54
N LYS H 203 16.57 38.49 25.68
CA LYS H 203 17.10 37.39 24.85
C LYS H 203 16.83 36.01 25.47
N TYR H 204 17.52 35.69 26.58
CA TYR H 204 17.39 34.34 27.14
C TYR H 204 15.99 34.08 27.69
N GLY H 205 15.30 35.12 28.14
CA GLY H 205 13.95 34.90 28.69
C GLY H 205 13.01 34.45 27.59
N CYS H 206 13.13 35.05 26.41
CA CYS H 206 12.35 34.59 25.27
C CYS H 206 12.78 33.23 24.76
N ARG H 207 14.06 32.92 24.89
CA ARG H 207 14.51 31.58 24.52
C ARG H 207 13.80 30.52 25.37
N HIS H 208 13.70 30.78 26.68
CA HIS H 208 13.01 29.87 27.59
C HIS H 208 11.51 29.82 27.29
N SER H 209 10.89 30.99 27.06
CA SER H 209 9.43 31.01 27.22
C SER H 209 8.65 30.98 25.91
N LEU H 210 9.28 31.24 24.76
CA LEU H 210 8.51 31.18 23.51
C LEU H 210 8.08 29.75 23.19
N ASN H 211 9.04 28.81 23.08
CA ASN H 211 8.61 27.45 22.77
CA ASN H 211 8.64 27.44 22.78
C ASN H 211 7.71 26.91 23.88
N ASP H 212 7.92 27.35 25.12
CA ASP H 212 7.05 26.97 26.24
C ASP H 212 5.58 27.32 25.93
N ALA H 213 5.33 28.58 25.59
CA ALA H 213 3.98 29.07 25.29
C ALA H 213 3.37 28.34 24.09
N ILE H 214 4.16 28.05 23.05
CA ILE H 214 3.58 27.40 21.88
C ILE H 214 3.19 25.95 22.22
N LYS H 215 4.06 25.25 22.95
CA LYS H 215 3.73 23.92 23.43
C LYS H 215 2.44 23.93 24.30
N ARG H 216 2.34 24.86 25.24
CA ARG H 216 1.16 24.86 26.10
C ARG H 216 -0.09 25.12 25.29
N GLY H 217 0.01 26.06 24.34
CA GLY H 217 -1.17 26.43 23.59
C GLY H 217 -1.63 25.39 22.58
N THR H 218 -0.68 24.69 21.88
CA THR H 218 -1.02 23.83 20.76
C THR H 218 -0.58 22.38 20.94
N ASP H 219 0.42 22.14 21.77
CA ASP H 219 1.08 20.85 21.91
C ASP H 219 1.59 20.36 20.57
N HIS H 220 1.90 21.28 19.67
CA HIS H 220 2.51 20.89 18.39
C HIS H 220 3.97 20.48 18.53
N LEU H 221 4.32 19.39 17.85
CA LEU H 221 5.71 19.11 17.50
C LEU H 221 6.27 20.28 16.72
N LEU H 222 7.43 20.77 17.12
CA LEU H 222 8.10 21.84 16.41
C LEU H 222 9.25 21.32 15.56
N SER H 223 9.94 20.27 16.00
CA SER H 223 11.06 19.70 15.25
CA SER H 223 11.07 19.76 15.23
C SER H 223 10.64 19.45 13.79
N GLY H 224 11.50 19.85 12.85
CA GLY H 224 11.31 19.54 11.43
C GLY H 224 10.32 20.46 10.70
N LYS H 225 9.68 21.37 11.41
CA LYS H 225 8.72 22.30 10.82
C LYS H 225 9.40 23.64 10.53
N GLN H 226 8.76 24.49 9.70
CA GLN H 226 9.34 25.74 9.20
CA GLN H 226 9.36 25.74 9.23
C GLN H 226 8.84 26.95 10.00
N ALA H 227 9.76 27.81 10.45
CA ALA H 227 9.35 28.99 11.20
C ALA H 227 9.92 30.24 10.54
N LEU H 228 9.16 31.35 10.62
CA LEU H 228 9.60 32.67 10.19
C LEU H 228 9.55 33.61 11.40
N VAL H 229 10.72 34.09 11.83
CA VAL H 229 10.82 35.03 12.96
C VAL H 229 11.02 36.42 12.35
N ILE H 230 10.06 37.31 12.59
CA ILE H 230 10.17 38.69 12.09
C ILE H 230 10.96 39.48 13.14
N GLY H 231 12.18 39.83 12.81
CA GLY H 231 12.99 40.65 13.68
C GLY H 231 14.13 39.84 14.31
N TYR H 232 15.25 40.53 14.58
CA TYR H 232 16.44 39.85 15.13
C TYR H 232 17.19 40.79 16.04
N GLY H 233 16.47 41.59 16.86
CA GLY H 233 17.06 42.26 17.99
C GLY H 233 17.19 41.27 19.12
N ASP H 234 17.12 41.78 20.36
CA ASP H 234 17.32 40.88 21.48
C ASP H 234 16.22 39.84 21.56
N VAL H 235 14.95 40.27 21.43
CA VAL H 235 13.82 39.34 21.50
C VAL H 235 13.86 38.38 20.32
N GLY H 236 14.12 38.91 19.13
CA GLY H 236 14.18 38.05 17.95
C GLY H 236 15.32 37.06 18.02
N LYS H 237 16.47 37.48 18.59
CA LYS H 237 17.56 36.52 18.77
C LYS H 237 17.14 35.39 19.68
N GLY H 238 16.53 35.73 20.80
CA GLY H 238 16.20 34.66 21.74
C GLY H 238 15.06 33.79 21.24
N SER H 239 14.09 34.40 20.55
CA SER H 239 12.98 33.65 19.92
C SER H 239 13.49 32.69 18.86
N SER H 240 14.40 33.17 18.01
CA SER H 240 14.96 32.28 16.98
C SER H 240 15.64 31.06 17.60
N GLN H 241 16.36 31.27 18.69
CA GLN H 241 17.04 30.18 19.35
C GLN H 241 16.01 29.25 20.01
N SER H 242 14.96 29.83 20.62
CA SER H 242 13.91 28.99 21.25
C SER H 242 13.39 27.95 20.25
N LEU H 243 13.25 28.39 18.99
CA LEU H 243 12.66 27.50 18.00
C LEU H 243 13.72 26.61 17.36
N ARG H 244 14.89 27.17 17.06
N ARG H 244 14.90 27.14 17.07
CA ARG H 244 15.96 26.36 16.44
CA ARG H 244 15.93 26.29 16.45
C ARG H 244 16.44 25.22 17.36
C ARG H 244 16.38 25.17 17.38
N GLN H 245 16.55 25.45 18.68
CA GLN H 245 17.02 24.39 19.59
C GLN H 245 16.00 23.24 19.68
N GLU H 246 14.70 23.50 19.35
CA GLU H 246 13.69 22.46 19.23
C GLU H 246 13.77 21.73 17.90
N GLY H 247 14.66 22.14 16.99
CA GLY H 247 14.73 21.52 15.68
C GLY H 247 13.88 22.15 14.60
N MET H 248 13.36 23.38 14.82
CA MET H 248 12.67 24.04 13.70
C MET H 248 13.70 24.49 12.68
N ILE H 249 13.31 24.53 11.42
CA ILE H 249 14.02 25.21 10.36
C ILE H 249 13.58 26.67 10.37
N VAL H 250 14.42 27.55 10.89
CA VAL H 250 14.08 28.94 11.20
C VAL H 250 14.63 29.87 10.12
N LYS H 251 13.76 30.68 9.53
CA LYS H 251 14.17 31.80 8.70
C LYS H 251 13.91 33.13 9.44
N VAL H 252 14.75 34.14 9.18
CA VAL H 252 14.72 35.41 9.92
C VAL H 252 14.50 36.58 8.93
N ALA H 253 13.58 37.48 9.27
CA ALA H 253 13.41 38.75 8.57
C ALA H 253 13.95 39.91 9.40
N GLU H 254 14.51 40.92 8.71
CA GLU H 254 15.03 42.08 9.44
C GLU H 254 15.04 43.29 8.52
N VAL H 255 14.90 44.49 9.12
CA VAL H 255 15.18 45.72 8.37
C VAL H 255 16.59 46.23 8.62
N ASP H 256 17.26 45.75 9.65
CA ASP H 256 18.55 46.28 10.06
C ASP H 256 19.65 45.31 9.57
N PRO H 257 20.52 45.74 8.66
CA PRO H 257 21.43 44.79 8.03
C PRO H 257 22.48 44.28 8.99
N ILE H 258 22.79 45.02 10.07
CA ILE H 258 23.70 44.49 11.08
C ILE H 258 23.04 43.31 11.81
N CYS H 259 21.81 43.50 12.29
CA CYS H 259 21.11 42.38 12.90
C CYS H 259 20.93 41.23 11.92
N ALA H 260 20.67 41.53 10.63
CA ALA H 260 20.58 40.45 9.63
C ALA H 260 21.92 39.72 9.47
N MET H 261 23.03 40.46 9.51
N MET H 261 23.03 40.46 9.52
CA MET H 261 24.34 39.84 9.42
CA MET H 261 24.33 39.82 9.41
C MET H 261 24.55 38.86 10.56
C MET H 261 24.54 38.86 10.56
N GLN H 262 24.11 39.24 11.77
CA GLN H 262 24.21 38.31 12.88
C GLN H 262 23.40 37.06 12.62
N ALA H 263 22.20 37.22 12.07
CA ALA H 263 21.34 36.06 11.86
C ALA H 263 22.04 35.10 10.87
N CYS H 264 22.61 35.66 9.79
CA CYS H 264 23.38 34.83 8.85
C CYS H 264 24.49 34.09 9.58
N MET H 265 25.38 34.84 10.26
CA MET H 265 26.49 34.18 10.97
C MET H 265 25.98 33.19 12.03
N ASP H 266 24.80 33.43 12.63
CA ASP H 266 24.26 32.47 13.58
C ASP H 266 23.64 31.26 12.91
N GLY H 267 23.65 31.17 11.58
CA GLY H 267 23.18 29.99 10.90
C GLY H 267 21.74 30.01 10.42
N PHE H 268 21.17 31.18 10.23
CA PHE H 268 19.80 31.35 9.76
C PHE H 268 19.82 31.94 8.37
N GLU H 269 18.86 31.50 7.56
CA GLU H 269 18.60 32.09 6.26
C GLU H 269 17.75 33.36 6.48
N VAL H 270 18.15 34.47 5.84
CA VAL H 270 17.47 35.75 6.07
C VAL H 270 16.61 36.00 4.83
N VAL H 271 15.31 36.19 5.03
CA VAL H 271 14.33 36.31 3.96
C VAL H 271 13.39 37.49 4.28
N SER H 272 12.67 37.95 3.26
CA SER H 272 11.66 38.95 3.45
C SER H 272 10.28 38.42 3.06
N PRO H 273 9.21 38.80 3.78
CA PRO H 273 7.86 38.45 3.32
C PRO H 273 7.55 39.03 1.96
N TYR H 274 8.28 40.05 1.54
CA TYR H 274 7.97 40.80 0.32
C TYR H 274 9.06 40.53 -0.70
N LYS H 275 8.68 40.45 -1.96
CA LYS H 275 9.62 40.28 -3.06
C LYS H 275 10.65 41.41 -3.06
N ASN H 276 11.93 41.03 -3.02
CA ASN H 276 13.05 41.97 -2.90
C ASN H 276 12.92 42.87 -1.67
N GLY H 277 12.19 42.44 -0.66
CA GLY H 277 12.03 43.26 0.52
C GLY H 277 11.13 44.49 0.41
N ILE H 278 10.36 44.66 -0.65
CA ILE H 278 9.68 45.94 -0.86
C ILE H 278 8.20 45.81 -0.57
N ASN H 279 7.75 46.51 0.47
CA ASN H 279 6.43 46.36 1.10
C ASN H 279 5.56 47.47 0.51
N ASP H 280 4.95 47.22 -0.66
CA ASP H 280 4.21 48.26 -1.38
C ASP H 280 2.68 48.19 -1.20
N GLY H 281 2.17 47.44 -0.23
CA GLY H 281 0.76 47.35 0.06
C GLY H 281 -0.03 46.44 -0.85
N THR H 282 0.56 45.96 -1.95
CA THR H 282 -0.14 45.14 -2.93
C THR H 282 -0.03 43.66 -2.58
N GLU H 283 -1.00 42.89 -3.05
CA GLU H 283 -0.92 41.45 -2.85
C GLU H 283 0.21 40.85 -3.67
N ALA H 284 0.52 41.50 -4.80
CA ALA H 284 1.58 41.01 -5.67
C ALA H 284 2.93 41.07 -4.98
N SER H 285 3.10 41.94 -3.99
CA SER H 285 4.42 42.03 -3.37
C SER H 285 4.71 40.88 -2.41
N ILE H 286 3.71 40.07 -2.06
CA ILE H 286 3.90 39.01 -1.08
C ILE H 286 4.66 37.86 -1.72
N ASP H 287 5.77 37.44 -1.12
CA ASP H 287 6.36 36.18 -1.56
C ASP H 287 5.47 35.01 -1.14
N ALA H 288 4.50 34.67 -2.00
CA ALA H 288 3.50 33.66 -1.68
C ALA H 288 4.12 32.28 -1.52
N ALA H 289 5.14 31.98 -2.32
CA ALA H 289 5.80 30.68 -2.25
C ALA H 289 6.44 30.47 -0.90
N LEU H 290 7.14 31.51 -0.41
CA LEU H 290 7.77 31.46 0.90
C LEU H 290 6.74 31.31 2.00
N LEU H 291 5.72 32.19 2.01
CA LEU H 291 4.81 32.16 3.15
C LEU H 291 3.97 30.88 3.15
N GLY H 292 3.75 30.29 1.97
CA GLY H 292 2.95 29.08 1.89
C GLY H 292 3.66 27.84 2.44
N LYS H 293 4.91 27.97 2.84
CA LYS H 293 5.67 26.87 3.44
C LYS H 293 5.83 27.04 4.94
N ILE H 294 5.31 28.13 5.53
CA ILE H 294 5.63 28.48 6.90
C ILE H 294 4.59 27.88 7.84
N ASP H 295 5.07 27.16 8.85
CA ASP H 295 4.19 26.53 9.85
C ASP H 295 3.97 27.41 11.05
N LEU H 296 4.83 28.41 11.26
CA LEU H 296 4.82 29.24 12.47
C LEU H 296 5.48 30.58 12.17
N ILE H 297 4.78 31.69 12.46
CA ILE H 297 5.37 33.01 12.35
C ILE H 297 5.32 33.68 13.73
N VAL H 298 6.42 34.29 14.11
CA VAL H 298 6.54 34.98 15.39
C VAL H 298 7.02 36.42 15.12
N THR H 299 6.32 37.42 15.70
CA THR H 299 6.75 38.81 15.56
C THR H 299 7.47 39.25 16.85
N THR H 300 8.59 39.96 16.68
CA THR H 300 9.48 40.31 17.79
C THR H 300 9.97 41.76 17.68
N THR H 301 9.28 42.64 16.92
CA THR H 301 9.89 43.89 16.50
C THR H 301 9.63 45.09 17.44
N GLY H 302 8.52 45.15 18.16
CA GLY H 302 8.15 46.46 18.73
C GLY H 302 7.68 47.46 17.69
N ASN H 303 7.47 47.04 16.44
CA ASN H 303 7.03 47.92 15.35
C ASN H 303 5.57 47.62 15.01
N VAL H 304 5.04 48.26 13.96
CA VAL H 304 3.62 48.15 13.64
C VAL H 304 3.41 47.33 12.35
N ASN H 305 2.43 46.41 12.39
CA ASN H 305 1.94 45.72 11.19
CA ASN H 305 1.94 45.73 11.19
C ASN H 305 3.09 45.06 10.43
N VAL H 306 3.92 44.32 11.17
CA VAL H 306 4.97 43.58 10.46
C VAL H 306 4.52 42.15 10.08
N CYS H 307 3.35 41.70 10.53
CA CYS H 307 2.68 40.51 9.97
C CYS H 307 1.32 40.98 9.50
N ASP H 308 1.22 41.35 8.23
CA ASP H 308 0.06 42.12 7.77
C ASP H 308 -1.01 41.19 7.18
N ALA H 309 -2.12 41.83 6.76
CA ALA H 309 -3.28 41.12 6.20
C ALA H 309 -2.88 40.25 5.00
N ASN H 310 -2.05 40.79 4.08
CA ASN H 310 -1.68 40.00 2.90
C ASN H 310 -0.78 38.84 3.28
N MET H 311 0.12 39.02 4.24
CA MET H 311 0.91 37.89 4.72
C MET H 311 0.00 36.85 5.35
N LEU H 312 -1.00 37.29 6.15
CA LEU H 312 -1.90 36.34 6.80
C LEU H 312 -2.70 35.53 5.77
N LYS H 313 -3.11 36.17 4.68
CA LYS H 313 -3.86 35.46 3.62
C LYS H 313 -3.00 34.42 2.91
N ALA H 314 -1.70 34.66 2.83
CA ALA H 314 -0.83 33.79 2.08
C ALA H 314 -0.21 32.68 2.93
N LEU H 315 -0.33 32.73 4.26
CA LEU H 315 0.25 31.68 5.09
C LEU H 315 -0.28 30.29 4.75
N LYS H 316 0.61 29.30 4.90
CA LYS H 316 0.25 27.89 4.84
C LYS H 316 -0.97 27.59 5.71
N LYS H 317 -1.88 26.72 5.21
CA LYS H 317 -2.99 26.29 6.04
C LYS H 317 -2.49 25.69 7.36
N ARG H 318 -3.19 26.04 8.46
CA ARG H 318 -2.95 25.57 9.83
C ARG H 318 -1.64 26.07 10.44
N ALA H 319 -1.06 27.12 9.87
CA ALA H 319 0.09 27.75 10.53
C ALA H 319 -0.35 28.40 11.83
N VAL H 320 0.60 28.46 12.80
CA VAL H 320 0.43 29.20 14.04
C VAL H 320 0.99 30.61 13.87
N VAL H 321 0.26 31.57 14.41
CA VAL H 321 0.65 32.99 14.35
C VAL H 321 0.73 33.51 15.79
N CYS H 322 1.88 34.10 16.16
CA CYS H 322 1.95 34.74 17.48
C CYS H 322 2.91 35.92 17.48
N ASN H 323 2.82 36.67 18.56
CA ASN H 323 3.57 37.89 18.77
C ASN H 323 4.21 37.84 20.16
N ILE H 324 5.49 38.18 20.25
CA ILE H 324 6.16 38.27 21.54
C ILE H 324 6.74 39.68 21.78
N GLY H 325 6.44 40.64 20.88
CA GLY H 325 6.72 42.03 21.16
C GLY H 325 5.71 42.58 22.18
N HIS H 326 5.93 43.80 22.67
CA HIS H 326 5.10 44.33 23.78
C HIS H 326 3.62 44.51 23.38
N PHE H 327 3.32 45.00 22.16
CA PHE H 327 1.94 45.31 21.80
C PHE H 327 1.41 44.49 20.63
N ASP H 328 0.07 44.36 20.58
CA ASP H 328 -0.51 43.39 19.66
C ASP H 328 -0.65 43.94 18.26
N ASN H 329 -0.37 45.21 18.03
CA ASN H 329 -0.44 45.70 16.66
C ASN H 329 0.73 45.26 15.80
N GLU H 330 1.65 44.38 16.26
CA GLU H 330 2.61 43.81 15.29
C GLU H 330 1.89 43.00 14.22
N ILE H 331 0.74 42.44 14.56
CA ILE H 331 -0.03 41.58 13.66
C ILE H 331 -1.34 42.29 13.37
N ASP H 332 -1.83 42.19 12.14
CA ASP H 332 -3.10 42.83 11.84
C ASP H 332 -4.25 41.92 12.31
N THR H 333 -4.43 41.87 13.62
CA THR H 333 -5.53 41.05 14.10
C THR H 333 -6.88 41.72 13.85
N ALA H 334 -6.90 43.06 13.73
CA ALA H 334 -8.15 43.75 13.37
C ALA H 334 -8.73 43.18 12.08
N PHE H 335 -7.88 43.04 11.05
CA PHE H 335 -8.28 42.44 9.78
C PHE H 335 -8.97 41.08 10.02
N MET H 336 -8.36 40.23 10.84
CA MET H 336 -8.88 38.89 11.06
C MET H 336 -10.20 38.91 11.84
N ARG H 337 -10.35 39.85 12.79
CA ARG H 337 -11.60 39.99 13.52
C ARG H 337 -12.71 40.41 12.58
N LYS H 338 -12.37 41.30 11.65
CA LYS H 338 -13.38 41.80 10.72
C LYS H 338 -13.84 40.70 9.78
N ASN H 339 -12.89 39.95 9.21
CA ASN H 339 -13.16 39.14 8.01
C ASN H 339 -13.27 37.63 8.20
N TRP H 340 -12.77 37.08 9.29
CA TRP H 340 -12.69 35.64 9.42
C TRP H 340 -13.38 35.22 10.70
N ALA H 341 -14.00 34.05 10.68
CA ALA H 341 -14.66 33.50 11.87
C ALA H 341 -13.64 32.94 12.86
N TRP H 342 -13.77 33.31 14.15
CA TRP H 342 -12.88 32.78 15.18
C TRP H 342 -13.56 31.66 15.96
N GLU H 343 -12.86 30.53 16.08
CA GLU H 343 -13.30 29.41 16.90
C GLU H 343 -12.35 29.28 18.08
N GLU H 344 -12.86 29.51 19.30
CA GLU H 344 -12.02 29.32 20.47
C GLU H 344 -11.76 27.82 20.69
N VAL H 345 -10.49 27.44 20.68
CA VAL H 345 -10.11 26.08 21.05
C VAL H 345 -10.16 25.91 22.54
N LYS H 346 -9.51 26.85 23.23
CA LYS H 346 -9.45 27.00 24.67
C LYS H 346 -8.95 28.41 24.93
N PRO H 347 -8.91 28.86 26.18
CA PRO H 347 -8.53 30.27 26.40
C PRO H 347 -7.19 30.61 25.79
N GLN H 348 -7.14 31.77 25.13
CA GLN H 348 -5.94 32.28 24.47
C GLN H 348 -5.47 31.39 23.31
N VAL H 349 -6.36 30.62 22.71
CA VAL H 349 -6.02 29.82 21.52
C VAL H 349 -7.25 29.82 20.62
N HIS H 350 -7.12 30.41 19.44
CA HIS H 350 -8.26 30.53 18.54
C HIS H 350 -7.89 30.00 17.17
N LYS H 351 -8.80 29.25 16.51
CA LYS H 351 -8.63 28.93 15.10
C LYS H 351 -9.30 30.06 14.34
N ILE H 352 -8.62 30.57 13.31
CA ILE H 352 -9.15 31.68 12.51
C ILE H 352 -9.46 31.09 11.16
N HIS H 353 -10.76 30.96 10.85
CA HIS H 353 -11.19 30.23 9.66
C HIS H 353 -11.23 31.21 8.47
N ARG H 354 -10.31 31.04 7.53
CA ARG H 354 -10.19 31.89 6.36
C ARG H 354 -11.29 31.64 5.32
N THR H 355 -12.23 30.71 5.57
CA THR H 355 -13.37 30.55 4.68
C THR H 355 -14.40 31.69 4.75
N GLY H 356 -14.35 32.55 5.76
CA GLY H 356 -15.31 33.65 5.80
C GLY H 356 -15.64 34.03 7.22
N LYS H 357 -16.53 35.02 7.35
CA LYS H 357 -16.92 35.57 8.65
C LYS H 357 -18.13 34.85 9.26
N ASP H 358 -19.08 34.40 8.45
CA ASP H 358 -20.38 33.99 8.96
C ASP H 358 -20.43 32.49 9.29
N GLY H 359 -19.87 32.13 10.46
CA GLY H 359 -19.81 30.75 10.87
C GLY H 359 -18.67 30.03 10.16
N PHE H 360 -18.46 28.78 10.53
CA PHE H 360 -17.38 27.98 9.96
C PHE H 360 -17.82 26.52 10.05
N ASP H 361 -17.23 25.70 9.19
CA ASP H 361 -17.36 24.25 9.27
C ASP H 361 -16.38 23.75 10.36
N ALA H 362 -16.90 22.97 11.33
CA ALA H 362 -16.06 22.46 12.41
C ALA H 362 -14.90 21.63 11.89
N HIS H 363 -15.03 21.02 10.70
CA HIS H 363 -13.98 20.25 10.05
C HIS H 363 -13.30 21.01 8.92
N ASN H 364 -13.43 22.34 8.88
CA ASN H 364 -12.70 23.14 7.90
C ASN H 364 -11.18 22.98 8.09
N ASP H 365 -10.45 22.84 6.96
CA ASP H 365 -8.99 22.64 7.03
C ASP H 365 -8.23 23.95 6.85
N ASP H 366 -8.89 24.99 6.36
CA ASP H 366 -8.25 26.24 6.03
C ASP H 366 -8.41 27.25 7.18
N TYR H 367 -7.59 27.07 8.20
CA TYR H 367 -7.58 28.00 9.32
C TYR H 367 -6.14 28.30 9.73
N LEU H 368 -5.98 29.40 10.47
CA LEU H 368 -4.74 29.66 11.19
C LEU H 368 -5.00 29.47 12.69
N ILE H 369 -3.93 29.27 13.46
CA ILE H 369 -4.05 29.28 14.91
C ILE H 369 -3.37 30.54 15.44
N LEU H 370 -4.15 31.38 16.12
CA LEU H 370 -3.63 32.60 16.73
C LEU H 370 -3.54 32.35 18.25
N LEU H 371 -2.38 32.71 18.84
CA LEU H 371 -2.18 32.56 20.29
C LEU H 371 -2.32 33.90 21.01
N ALA H 372 -3.03 33.89 22.17
CA ALA H 372 -3.18 35.06 23.03
C ALA H 372 -3.77 36.25 22.28
N GLU H 373 -4.57 35.98 21.23
CA GLU H 373 -5.21 37.04 20.43
C GLU H 373 -4.17 38.07 19.96
N GLY H 374 -2.94 37.63 19.73
CA GLY H 374 -1.91 38.56 19.30
C GLY H 374 -1.18 39.28 20.41
N ARG H 375 -1.55 39.05 21.66
CA ARG H 375 -0.81 39.68 22.79
C ARG H 375 0.46 38.88 23.11
N LEU H 376 1.39 39.45 23.87
CA LEU H 376 2.68 38.77 24.17
C LEU H 376 2.41 37.30 24.50
N VAL H 377 2.90 36.40 23.64
CA VAL H 377 2.53 34.97 23.77
C VAL H 377 3.16 34.30 24.98
N ASN H 378 4.37 34.71 25.36
CA ASN H 378 5.03 33.95 26.44
C ASN H 378 4.26 34.14 27.73
N LEU H 379 3.75 35.34 27.94
CA LEU H 379 2.96 35.66 29.13
C LEU H 379 1.49 35.25 28.97
N GLY H 380 0.99 35.24 27.73
CA GLY H 380 -0.43 34.99 27.50
C GLY H 380 -0.75 33.50 27.58
N ASN H 381 0.16 32.64 27.04
CA ASN H 381 -0.07 31.21 26.93
C ASN H 381 0.84 30.42 27.85
N ALA H 382 1.75 31.09 28.55
CA ALA H 382 2.57 30.37 29.51
C ALA H 382 2.76 31.32 30.70
N THR H 383 3.94 31.37 31.32
CA THR H 383 4.10 32.22 32.49
C THR H 383 5.19 33.29 32.25
N GLY H 384 5.52 33.60 31.00
CA GLY H 384 6.62 34.57 30.77
C GLY H 384 7.95 33.99 31.20
N HIS H 385 8.89 34.90 31.48
CA HIS H 385 10.26 34.50 31.78
C HIS H 385 10.30 33.79 33.13
N PRO H 386 11.29 32.94 33.34
CA PRO H 386 11.42 32.22 34.61
C PRO H 386 12.06 33.12 35.66
N SER H 387 11.78 32.75 36.92
CA SER H 387 12.23 33.58 38.03
C SER H 387 13.73 33.88 37.97
N ARG H 388 14.57 32.86 37.65
CA ARG H 388 16.02 33.15 37.75
C ARG H 388 16.50 34.15 36.68
N ILE H 389 15.77 34.31 35.59
CA ILE H 389 16.09 35.36 34.64
C ILE H 389 15.51 36.72 35.06
N MET H 390 14.24 36.75 35.47
CA MET H 390 13.63 38.00 35.97
C MET H 390 14.38 38.57 37.18
N ASP H 391 15.08 37.70 37.92
CA ASP H 391 15.95 38.14 39.02
C ASP H 391 16.83 39.32 38.59
N GLY H 392 17.48 39.21 37.41
CA GLY H 392 18.35 40.29 36.97
C GLY H 392 17.55 41.56 36.67
N SER H 393 16.44 41.42 35.91
CA SER H 393 15.67 42.63 35.54
C SER H 393 15.20 43.34 36.80
N PHE H 394 14.72 42.58 37.76
CA PHE H 394 14.04 43.17 38.91
C PHE H 394 15.01 43.59 39.99
N ALA H 395 16.20 42.96 40.07
CA ALA H 395 17.26 43.62 40.88
C ALA H 395 17.58 45.01 40.31
N ASN H 396 17.71 45.14 38.98
CA ASN H 396 17.92 46.49 38.45
C ASN H 396 16.77 47.43 38.84
N GLN H 397 15.51 47.01 38.64
CA GLN H 397 14.37 47.84 39.05
C GLN H 397 14.51 48.32 40.50
N VAL H 398 14.87 47.42 41.44
CA VAL H 398 14.94 47.88 42.83
C VAL H 398 16.05 48.93 42.99
N LEU H 399 17.22 48.67 42.40
CA LEU H 399 18.30 49.66 42.45
C LEU H 399 17.88 50.97 41.83
N ALA H 400 17.16 50.92 40.70
CA ALA H 400 16.74 52.14 40.02
C ALA H 400 15.75 52.93 40.88
N GLN H 401 14.78 52.22 41.50
CA GLN H 401 13.86 52.88 42.45
C GLN H 401 14.62 53.56 43.59
N ILE H 402 15.62 52.85 44.17
CA ILE H 402 16.41 53.43 45.24
C ILE H 402 17.11 54.69 44.77
N HIS H 403 17.78 54.62 43.59
CA HIS H 403 18.51 55.78 43.07
C HIS H 403 17.60 57.01 42.89
N LEU H 404 16.51 56.86 42.12
CA LEU H 404 15.66 58.04 41.85
C LEU H 404 14.95 58.50 43.12
N PHE H 405 14.56 57.57 44.00
CA PHE H 405 13.87 58.04 45.20
C PHE H 405 14.81 58.86 46.09
N GLU H 406 16.09 58.42 46.19
CA GLU H 406 17.06 59.13 47.01
C GLU H 406 17.46 60.47 46.40
N GLN H 407 17.36 60.61 45.07
CA GLN H 407 17.68 61.87 44.42
C GLN H 407 16.61 62.93 44.74
N LYS H 408 15.38 62.52 44.97
CA LYS H 408 14.33 63.45 45.41
C LYS H 408 14.04 64.57 44.37
N TYR H 409 13.95 64.22 43.07
CA TYR H 409 13.80 65.25 42.04
C TYR H 409 12.61 66.19 42.32
N ALA H 410 11.49 65.64 42.83
CA ALA H 410 10.30 66.47 43.04
C ALA H 410 10.54 67.59 44.03
N ASP H 411 11.54 67.44 44.91
CA ASP H 411 11.84 68.42 45.95
C ASP H 411 12.94 69.39 45.55
N LEU H 412 13.53 69.21 44.41
CA LEU H 412 14.63 70.06 43.99
C LEU H 412 14.10 71.42 43.50
N PRO H 413 14.89 72.46 43.61
CA PRO H 413 14.50 73.73 42.95
C PRO H 413 14.47 73.53 41.44
N ALA H 414 13.78 74.48 40.78
CA ALA H 414 13.52 74.32 39.36
C ALA H 414 14.82 74.30 38.55
N ALA H 415 15.80 75.14 38.91
CA ALA H 415 17.09 75.16 38.20
C ALA H 415 17.86 73.84 38.31
N GLU H 416 17.76 73.14 39.46
CA GLU H 416 18.33 71.82 39.65
C GLU H 416 17.54 70.75 38.91
N LYS H 417 16.20 70.82 38.99
CA LYS H 417 15.38 69.92 38.16
C LYS H 417 15.89 69.91 36.71
N ALA H 418 16.10 71.11 36.15
CA ALA H 418 16.45 71.21 34.74
C ALA H 418 17.75 70.47 34.44
N LYS H 419 18.70 70.49 35.37
CA LYS H 419 19.90 69.71 35.16
C LYS H 419 19.71 68.21 35.34
N ARG H 420 18.63 67.75 35.97
CA ARG H 420 18.48 66.32 36.20
C ARG H 420 17.37 65.65 35.38
N LEU H 421 16.70 66.37 34.48
CA LEU H 421 15.55 65.78 33.76
C LEU H 421 16.15 65.01 32.58
N SER H 422 16.26 63.70 32.71
CA SER H 422 16.98 62.92 31.71
C SER H 422 16.43 61.50 31.76
N VAL H 423 16.86 60.68 30.79
CA VAL H 423 16.57 59.25 30.76
C VAL H 423 17.93 58.57 30.77
N GLU H 424 18.27 57.90 31.88
CA GLU H 424 19.64 57.42 32.09
C GLU H 424 19.61 55.93 32.37
N VAL H 425 20.77 55.28 32.29
CA VAL H 425 20.89 53.91 32.71
C VAL H 425 21.59 53.89 34.06
N LEU H 426 21.50 52.74 34.75
CA LEU H 426 22.28 52.58 35.96
C LEU H 426 23.77 52.54 35.62
N PRO H 427 24.64 52.90 36.56
CA PRO H 427 26.07 52.70 36.34
C PRO H 427 26.49 51.23 36.17
N LYS H 428 27.54 51.04 35.38
CA LYS H 428 28.00 49.70 35.04
C LYS H 428 28.44 48.93 36.29
N LYS H 429 28.97 49.63 37.31
CA LYS H 429 29.34 48.97 38.56
C LYS H 429 28.16 48.22 39.16
N LEU H 430 26.95 48.80 39.09
CA LEU H 430 25.81 48.10 39.65
C LEU H 430 25.32 46.98 38.75
N ASP H 431 25.34 47.18 37.42
CA ASP H 431 25.06 46.11 36.47
C ASP H 431 25.96 44.88 36.77
N GLU H 432 27.26 45.13 37.02
CA GLU H 432 28.20 44.05 37.37
C GLU H 432 27.84 43.37 38.69
N GLU H 433 27.39 44.16 39.68
CA GLU H 433 27.05 43.59 40.97
C GLU H 433 25.83 42.73 40.87
N VAL H 434 24.84 43.14 40.07
CA VAL H 434 23.70 42.26 39.79
C VAL H 434 24.18 40.97 39.14
N ALA H 435 25.00 41.11 38.08
CA ALA H 435 25.53 39.92 37.40
C ALA H 435 26.24 38.96 38.36
N LEU H 436 27.05 39.47 39.26
CA LEU H 436 27.82 38.59 40.13
C LEU H 436 26.85 37.72 40.95
N GLU H 437 25.79 38.33 41.46
CA GLU H 437 24.85 37.57 42.27
C GLU H 437 24.16 36.52 41.42
N MET H 438 23.87 36.86 40.15
CA MET H 438 23.30 35.86 39.26
C MET H 438 24.26 34.68 39.08
N VAL H 439 25.54 34.98 38.84
CA VAL H 439 26.54 33.92 38.59
C VAL H 439 26.65 33.02 39.81
N LYS H 440 26.72 33.62 40.99
CA LYS H 440 26.75 32.84 42.22
C LYS H 440 25.52 31.96 42.35
N GLY H 441 24.37 32.44 41.87
CA GLY H 441 23.18 31.59 41.92
C GLY H 441 23.30 30.29 41.13
N PHE H 442 24.14 30.27 40.09
CA PHE H 442 24.42 29.05 39.32
C PHE H 442 25.54 28.24 39.94
N GLY H 443 26.14 28.74 41.00
CA GLY H 443 27.32 28.11 41.52
C GLY H 443 28.60 28.49 40.79
N GLY H 444 28.54 29.48 39.90
CA GLY H 444 29.75 29.93 39.18
C GLY H 444 30.71 30.71 40.07
N VAL H 445 31.99 30.66 39.72
CA VAL H 445 33.03 31.27 40.54
C VAL H 445 33.76 32.24 39.63
N VAL H 446 33.65 33.51 39.94
CA VAL H 446 34.33 34.55 39.16
C VAL H 446 35.74 34.72 39.72
N THR H 447 36.73 34.79 38.84
CA THR H 447 38.13 35.00 39.22
C THR H 447 38.37 36.47 39.56
N GLN H 448 39.24 36.69 40.53
CA GLN H 448 39.71 38.03 40.91
C GLN H 448 41.03 38.36 40.23
N LEU H 449 41.08 39.50 39.53
CA LEU H 449 42.35 39.96 38.96
C LEU H 449 43.42 40.16 40.05
N THR H 450 44.67 39.82 39.74
CA THR H 450 45.77 40.28 40.57
C THR H 450 45.99 41.77 40.33
N PRO H 451 46.64 42.45 41.27
CA PRO H 451 46.98 43.87 41.02
C PRO H 451 47.73 44.08 39.71
N LYS H 452 48.70 43.22 39.40
CA LYS H 452 49.46 43.40 38.17
C LYS H 452 48.55 43.24 36.94
N GLN H 453 47.71 42.21 36.95
CA GLN H 453 46.76 42.04 35.85
C GLN H 453 45.82 43.25 35.74
N ALA H 454 45.33 43.75 36.87
CA ALA H 454 44.38 44.86 36.76
C ALA H 454 45.07 46.09 36.17
N GLU H 455 46.30 46.33 36.57
CA GLU H 455 47.06 47.42 35.99
C GLU H 455 47.29 47.19 34.50
N TYR H 456 47.60 45.96 34.12
CA TYR H 456 47.94 45.65 32.72
C TYR H 456 46.78 45.99 31.78
N ILE H 457 45.53 45.76 32.21
CA ILE H 457 44.38 46.04 31.36
C ILE H 457 43.70 47.36 31.72
N GLY H 458 44.22 48.08 32.71
CA GLY H 458 43.76 49.44 33.05
C GLY H 458 42.41 49.51 33.75
N VAL H 459 42.11 48.57 34.65
CA VAL H 459 40.87 48.58 35.42
C VAL H 459 41.22 48.41 36.89
N SER H 460 40.26 48.76 37.75
CA SER H 460 40.38 48.43 39.15
C SER H 460 40.02 46.95 39.40
N VAL H 461 40.66 46.35 40.40
CA VAL H 461 40.35 44.94 40.76
C VAL H 461 38.87 44.74 41.07
N GLU H 462 38.19 45.76 41.65
CA GLU H 462 36.76 45.63 41.89
CA GLU H 462 36.75 45.70 41.91
C GLU H 462 35.91 46.00 40.68
N GLY H 463 36.52 46.34 39.55
CA GLY H 463 35.77 46.80 38.41
C GLY H 463 35.35 48.27 38.54
N PRO H 464 34.61 48.82 37.56
CA PRO H 464 34.07 48.11 36.38
C PRO H 464 35.16 47.63 35.44
N PHE H 465 34.82 46.60 34.69
CA PHE H 465 35.82 45.89 33.88
C PHE H 465 35.80 46.31 32.41
N LYS H 466 34.78 47.07 31.99
CA LYS H 466 34.68 47.45 30.60
C LYS H 466 34.38 48.94 30.50
N PRO H 467 34.75 49.58 29.41
CA PRO H 467 34.27 50.95 29.16
C PRO H 467 32.78 50.94 28.86
N ASP H 468 32.17 52.12 29.06
CA ASP H 468 30.73 52.23 28.86
C ASP H 468 30.33 51.89 27.42
N THR H 469 31.23 52.04 26.47
CA THR H 469 30.95 51.72 25.07
C THR H 469 30.86 50.22 24.80
N TYR H 470 31.25 49.37 25.75
CA TYR H 470 31.39 47.94 25.45
C TYR H 470 30.03 47.29 25.18
N ARG H 471 29.97 46.38 24.20
CA ARG H 471 28.71 45.85 23.71
C ARG H 471 28.41 44.45 24.22
N TYR H 472 29.39 43.74 24.78
CA TYR H 472 29.16 42.37 25.26
C TYR H 472 28.60 41.46 24.15
#